data_3HK7
#
_entry.id   3HK7
#
_cell.length_a   274.823
_cell.length_b   156.516
_cell.length_c   185.959
_cell.angle_alpha   90.00
_cell.angle_beta   116.20
_cell.angle_gamma   90.00
#
_symmetry.space_group_name_H-M   'C 1 2 1'
#
loop_
_entity.id
_entity.type
_entity.pdbx_description
1 polymer 'Uronate isomerase'
2 non-polymer 'D-arabinaric acid'
3 non-polymer 'CARBONATE ION'
4 non-polymer 'ZINC ION'
5 non-polymer 'SODIUM ION'
6 non-polymer 'CHLORIDE ION'
7 water water
#
_entity_poly.entity_id   1
_entity_poly.type   'polypeptide(L)'
_entity_poly.pdbx_seq_one_letter_code
;MSINSREVLAEKVKNAVNNQPVTDMHTHLFSPNFGEILLWDIDELLTYHYLVAEVMRWTDVSIEAFWAMSKREQADLIWE
ELFIKRSPVSEACRGVLTCLQGLGLDPATRDLQVYREYFAKKTSEEQVDTVLQLANVSDVVMTNDPFDDNERISWLEGKQ
PDSRFHAALRLDPLLNEYEQTKHRLRDWGYKVNDEWNEGSIQEVKRFLTDWIERMDPVYMAVSLPPTFSFPEESNRGRII
RDCLLPVAEKHNIPFAMMIGVKKRVHPALGDAGDFVGKASMDGVEHLLREYPNNKFLVTMLSRENQHELVVLARKFSNLM
IFGCWWFMNNPEIINEMTRMRMEMLGTSFIPQHSDARVLEQLIYKWHHSKSIIAEVLIDKYDDILQAGWEVTEEEIKRDV
ADLFSRNFWRFVGRNDHVTSVKVEQQT
;
_entity_poly.pdbx_strand_id   A,B,C,D,E,F,G,H,I,J,K,L
#
loop_
_chem_comp.id
_chem_comp.type
_chem_comp.name
_chem_comp.formula
CL non-polymer 'CHLORIDE ION' 'Cl -1'
CO3 non-polymer 'CARBONATE ION' 'C O3 -2'
NA non-polymer 'SODIUM ION' 'Na 1'
RAT D-saccharide 'D-arabinaric acid' 'C5 H8 O7'
ZN non-polymer 'ZINC ION' 'Zn 2'
#
# COMPACT_ATOMS: atom_id res chain seq x y z
N SER A 2 30.32 -51.81 -4.00
CA SER A 2 30.40 -52.00 -5.48
C SER A 2 30.20 -50.65 -6.16
N ILE A 3 30.80 -50.47 -7.33
CA ILE A 3 30.66 -49.22 -8.06
C ILE A 3 29.32 -49.31 -8.78
N ASN A 4 28.28 -48.71 -8.21
CA ASN A 4 26.97 -48.80 -8.82
C ASN A 4 26.28 -47.49 -9.14
N SER A 5 27.06 -46.42 -9.30
CA SER A 5 26.49 -45.12 -9.67
C SER A 5 27.60 -44.22 -10.19
N ARG A 6 27.20 -43.21 -10.99
CA ARG A 6 28.17 -42.28 -11.54
C ARG A 6 28.91 -41.57 -10.40
N GLU A 7 28.18 -41.27 -9.32
CA GLU A 7 28.74 -40.61 -8.16
C GLU A 7 29.90 -41.41 -7.55
N VAL A 8 29.71 -42.71 -7.38
CA VAL A 8 30.76 -43.55 -6.81
C VAL A 8 31.88 -43.68 -7.84
N LEU A 9 31.49 -43.78 -9.10
CA LEU A 9 32.44 -43.91 -10.18
C LEU A 9 33.35 -42.69 -10.26
N ALA A 10 32.77 -41.49 -10.14
CA ALA A 10 33.55 -40.26 -10.19
C ALA A 10 34.65 -40.31 -9.13
N GLU A 11 34.27 -40.78 -7.95
CA GLU A 11 35.20 -40.90 -6.83
C GLU A 11 36.35 -41.86 -7.15
N LYS A 12 36.01 -43.09 -7.53
CA LYS A 12 37.02 -44.10 -7.83
C LYS A 12 37.92 -43.69 -8.99
N VAL A 13 37.33 -43.10 -10.04
CA VAL A 13 38.11 -42.67 -11.18
C VAL A 13 39.06 -41.54 -10.82
N LYS A 14 38.54 -40.52 -10.17
CA LYS A 14 39.36 -39.38 -9.77
C LYS A 14 40.51 -39.89 -8.90
N ASN A 15 40.21 -40.75 -7.93
CA ASN A 15 41.25 -41.31 -7.06
C ASN A 15 42.30 -42.08 -7.88
N ALA A 16 41.85 -42.98 -8.74
CA ALA A 16 42.77 -43.77 -9.55
C ALA A 16 43.69 -42.89 -10.37
N VAL A 17 43.10 -41.94 -11.12
CA VAL A 17 43.88 -41.05 -11.97
C VAL A 17 44.90 -40.23 -11.18
N ASN A 18 44.48 -39.74 -10.01
CA ASN A 18 45.36 -38.95 -9.16
C ASN A 18 46.54 -39.77 -8.65
N ASN A 19 46.28 -41.04 -8.34
CA ASN A 19 47.31 -41.91 -7.80
C ASN A 19 48.17 -42.65 -8.81
N GLN A 20 47.74 -42.70 -10.06
CA GLN A 20 48.51 -43.39 -11.09
C GLN A 20 49.80 -42.64 -11.42
N PRO A 21 50.96 -43.28 -11.24
CA PRO A 21 52.24 -42.61 -11.55
C PRO A 21 52.35 -42.42 -13.07
N VAL A 22 52.70 -41.21 -13.47
CA VAL A 22 52.80 -40.87 -14.88
C VAL A 22 54.15 -41.06 -15.58
N THR A 23 54.10 -41.63 -16.78
CA THR A 23 55.29 -41.77 -17.61
C THR A 23 55.05 -40.72 -18.68
N ASP A 24 55.90 -39.69 -18.69
CA ASP A 24 55.79 -38.60 -19.65
C ASP A 24 56.66 -38.97 -20.85
N MET A 25 56.04 -39.53 -21.89
CA MET A 25 56.80 -39.96 -23.05
C MET A 25 57.36 -38.90 -24.01
N HIS A 26 57.20 -37.62 -23.67
CA HIS A 26 57.78 -36.54 -24.47
C HIS A 26 57.89 -35.24 -23.69
N THR A 27 59.12 -34.85 -23.41
CA THR A 27 59.39 -33.61 -22.67
C THR A 27 60.70 -33.03 -23.17
N HIS A 28 61.00 -31.83 -22.71
CA HIS A 28 62.24 -31.15 -23.04
C HIS A 28 62.99 -30.92 -21.74
N LEU A 29 62.89 -31.91 -20.86
CA LEU A 29 63.55 -31.90 -19.56
C LEU A 29 64.80 -32.77 -19.68
N PHE A 30 65.73 -32.60 -18.74
CA PHE A 30 66.94 -33.39 -18.76
C PHE A 30 67.28 -33.88 -17.37
N SER A 31 67.88 -35.07 -17.30
CA SER A 31 68.30 -35.65 -16.03
C SER A 31 69.08 -34.55 -15.34
N PRO A 32 68.88 -34.36 -14.03
CA PRO A 32 69.58 -33.31 -13.29
C PRO A 32 71.11 -33.28 -13.44
N ASN A 33 71.73 -34.46 -13.60
CA ASN A 33 73.18 -34.55 -13.73
C ASN A 33 73.71 -34.01 -15.07
N PHE A 34 72.86 -33.31 -15.81
CA PHE A 34 73.28 -32.72 -17.09
C PHE A 34 73.48 -31.23 -16.86
N GLY A 35 73.11 -30.77 -15.66
CA GLY A 35 73.27 -29.39 -15.29
C GLY A 35 72.38 -28.33 -15.94
N GLU A 36 72.98 -27.17 -16.16
CA GLU A 36 72.34 -26.01 -16.76
C GLU A 36 71.15 -26.27 -17.68
N ILE A 37 71.34 -27.15 -18.66
CA ILE A 37 70.32 -27.47 -19.64
C ILE A 37 68.92 -27.73 -19.06
N LEU A 38 68.85 -28.30 -17.87
CA LEU A 38 67.57 -28.56 -17.21
C LEU A 38 67.11 -27.24 -16.60
N LEU A 39 66.06 -26.66 -17.16
CA LEU A 39 65.54 -25.39 -16.67
C LEU A 39 64.51 -25.58 -15.55
N TRP A 40 64.49 -24.63 -14.61
CA TRP A 40 63.54 -24.68 -13.50
C TRP A 40 63.52 -23.37 -12.71
N ASP A 41 62.48 -23.21 -11.88
CA ASP A 41 62.23 -22.04 -11.04
C ASP A 41 61.17 -21.12 -11.65
N ILE A 42 60.62 -20.22 -10.84
CA ILE A 42 59.57 -19.31 -11.28
C ILE A 42 59.94 -18.36 -12.42
N ASP A 43 61.21 -17.97 -12.51
CA ASP A 43 61.62 -17.07 -13.58
C ASP A 43 61.61 -17.80 -14.92
N GLU A 44 61.99 -19.07 -14.89
CA GLU A 44 62.00 -19.88 -16.10
C GLU A 44 60.56 -20.19 -16.53
N LEU A 45 59.69 -20.38 -15.56
CA LEU A 45 58.28 -20.66 -15.84
C LEU A 45 57.66 -19.47 -16.53
N LEU A 46 57.92 -18.29 -16.00
CA LEU A 46 57.37 -17.06 -16.55
C LEU A 46 57.92 -16.73 -17.94
N THR A 47 59.10 -17.25 -18.28
CA THR A 47 59.69 -16.97 -19.59
C THR A 47 59.56 -18.10 -20.60
N TYR A 48 58.67 -19.04 -20.30
CA TYR A 48 58.35 -20.17 -21.18
C TYR A 48 57.97 -19.47 -22.49
N HIS A 49 58.42 -19.96 -23.63
CA HIS A 49 58.10 -19.24 -24.87
C HIS A 49 56.61 -19.06 -25.12
N TYR A 50 55.77 -19.93 -24.56
CA TYR A 50 54.34 -19.80 -24.73
C TYR A 50 53.90 -18.45 -24.14
N LEU A 51 54.49 -18.07 -23.01
CA LEU A 51 54.11 -16.79 -22.38
C LEU A 51 54.76 -15.60 -23.10
N VAL A 52 55.86 -15.85 -23.81
CA VAL A 52 56.52 -14.78 -24.55
C VAL A 52 55.57 -14.30 -25.65
N ALA A 53 55.06 -15.25 -26.43
CA ALA A 53 54.14 -14.91 -27.51
C ALA A 53 52.96 -14.14 -26.95
N GLU A 54 52.47 -14.54 -25.78
CA GLU A 54 51.33 -13.88 -25.16
C GLU A 54 51.63 -12.47 -24.67
N VAL A 55 52.82 -12.24 -24.11
CA VAL A 55 53.15 -10.90 -23.63
C VAL A 55 53.33 -9.96 -24.81
N MET A 56 53.91 -10.46 -25.91
CA MET A 56 54.13 -9.63 -27.09
C MET A 56 52.83 -9.14 -27.72
N ARG A 57 51.70 -9.70 -27.29
CA ARG A 57 50.40 -9.26 -27.82
C ARG A 57 49.93 -8.06 -27.01
N TRP A 58 50.60 -7.83 -25.87
CA TRP A 58 50.23 -6.74 -24.98
C TRP A 58 51.29 -5.65 -24.82
N THR A 59 52.44 -6.02 -24.27
CA THR A 59 53.54 -5.09 -23.99
C THR A 59 54.05 -4.29 -25.19
N ASP A 60 54.22 -2.99 -24.99
CA ASP A 60 54.72 -2.13 -26.06
C ASP A 60 56.24 -2.22 -26.12
N VAL A 61 56.80 -3.13 -25.34
CA VAL A 61 58.25 -3.35 -25.31
C VAL A 61 58.62 -4.14 -26.56
N SER A 62 59.53 -3.59 -27.36
CA SER A 62 59.98 -4.24 -28.60
C SER A 62 60.55 -5.62 -28.33
N ILE A 63 60.42 -6.51 -29.32
CA ILE A 63 60.93 -7.86 -29.17
C ILE A 63 62.44 -7.84 -28.99
N GLU A 64 63.10 -6.89 -29.65
CA GLU A 64 64.55 -6.78 -29.52
C GLU A 64 64.88 -6.42 -28.08
N ALA A 65 64.19 -5.42 -27.55
CA ALA A 65 64.41 -4.99 -26.17
C ALA A 65 64.17 -6.16 -25.23
N PHE A 66 63.10 -6.90 -25.49
CA PHE A 66 62.75 -8.05 -24.64
C PHE A 66 63.92 -9.01 -24.52
N TRP A 67 64.46 -9.44 -25.66
CA TRP A 67 65.57 -10.38 -25.68
C TRP A 67 66.81 -9.79 -25.03
N ALA A 68 66.93 -8.46 -25.12
CA ALA A 68 68.06 -7.75 -24.57
C ALA A 68 68.12 -7.81 -23.05
N MET A 69 66.96 -7.75 -22.40
CA MET A 69 66.93 -7.78 -20.95
C MET A 69 67.22 -9.14 -20.32
N SER A 70 67.43 -9.13 -19.01
CA SER A 70 67.75 -10.34 -18.26
C SER A 70 66.53 -11.21 -18.00
N LYS A 71 66.81 -12.46 -17.64
CA LYS A 71 65.77 -13.43 -17.34
C LYS A 71 64.78 -12.84 -16.35
N ARG A 72 65.30 -12.31 -15.24
CA ARG A 72 64.45 -11.73 -14.22
C ARG A 72 63.67 -10.52 -14.73
N GLU A 73 64.29 -9.74 -15.60
CA GLU A 73 63.63 -8.56 -16.14
C GLU A 73 62.44 -8.97 -17.00
N GLN A 74 62.64 -10.00 -17.83
CA GLN A 74 61.59 -10.50 -18.70
C GLN A 74 60.46 -11.08 -17.84
N ALA A 75 60.83 -11.89 -16.86
CA ALA A 75 59.88 -12.50 -15.95
C ALA A 75 59.02 -11.43 -15.30
N ASP A 76 59.66 -10.34 -14.87
CA ASP A 76 58.94 -9.23 -14.24
C ASP A 76 57.95 -8.58 -15.20
N LEU A 77 58.36 -8.40 -16.45
CA LEU A 77 57.51 -7.79 -17.45
C LEU A 77 56.27 -8.64 -17.73
N ILE A 78 56.50 -9.91 -18.00
CA ILE A 78 55.42 -10.86 -18.28
C ILE A 78 54.44 -10.93 -17.11
N TRP A 79 54.98 -11.07 -15.90
CA TRP A 79 54.15 -11.14 -14.71
C TRP A 79 53.28 -9.89 -14.61
N GLU A 80 53.87 -8.75 -14.93
CA GLU A 80 53.17 -7.47 -14.88
C GLU A 80 52.13 -7.34 -15.97
N GLU A 81 52.51 -7.72 -17.20
CA GLU A 81 51.63 -7.63 -18.36
C GLU A 81 50.51 -8.67 -18.44
N LEU A 82 50.81 -9.91 -18.03
CA LEU A 82 49.82 -10.99 -18.11
C LEU A 82 49.13 -11.38 -16.79
N PHE A 83 49.71 -11.04 -15.65
CA PHE A 83 49.11 -11.40 -14.38
C PHE A 83 48.50 -10.21 -13.63
N ILE A 84 49.13 -9.05 -13.78
CA ILE A 84 48.65 -7.84 -13.10
C ILE A 84 47.79 -6.95 -14.01
N LYS A 85 48.31 -6.66 -15.20
CA LYS A 85 47.59 -5.82 -16.17
C LYS A 85 46.27 -6.44 -16.59
N ARG A 86 46.26 -7.75 -16.77
CA ARG A 86 45.06 -8.48 -17.15
C ARG A 86 45.05 -9.77 -16.33
N SER A 87 43.87 -10.29 -16.04
CA SER A 87 43.80 -11.54 -15.26
C SER A 87 44.48 -12.65 -16.07
N PRO A 88 45.29 -13.49 -15.39
CA PRO A 88 46.00 -14.58 -16.07
C PRO A 88 45.11 -15.78 -16.39
N VAL A 89 44.07 -15.55 -17.20
CA VAL A 89 43.14 -16.62 -17.58
C VAL A 89 43.56 -17.59 -18.67
N SER A 90 44.65 -17.31 -19.39
CA SER A 90 45.09 -18.20 -20.45
C SER A 90 45.61 -19.51 -19.85
N GLU A 91 45.63 -20.57 -20.65
CA GLU A 91 46.10 -21.87 -20.18
C GLU A 91 47.54 -21.83 -19.67
N ALA A 92 48.42 -21.15 -20.40
CA ALA A 92 49.82 -21.03 -20.03
C ALA A 92 50.02 -20.24 -18.72
N CYS A 93 49.23 -19.20 -18.53
CA CYS A 93 49.31 -18.40 -17.31
C CYS A 93 48.73 -19.19 -16.14
N ARG A 94 47.59 -19.84 -16.40
CA ARG A 94 46.93 -20.66 -15.40
C ARG A 94 47.97 -21.64 -14.90
N GLY A 95 48.68 -22.26 -15.84
CA GLY A 95 49.70 -23.23 -15.49
C GLY A 95 50.72 -22.72 -14.49
N VAL A 96 51.18 -21.50 -14.71
CA VAL A 96 52.15 -20.90 -13.81
C VAL A 96 51.58 -20.90 -12.38
N LEU A 97 50.35 -20.41 -12.24
CA LEU A 97 49.69 -20.37 -10.95
C LEU A 97 49.56 -21.75 -10.34
N THR A 98 49.17 -22.75 -11.14
CA THR A 98 49.01 -24.10 -10.65
C THR A 98 50.32 -24.66 -10.08
N CYS A 99 51.44 -24.37 -10.75
CA CYS A 99 52.75 -24.85 -10.29
C CYS A 99 53.07 -24.25 -8.93
N LEU A 100 52.81 -22.96 -8.79
CA LEU A 100 53.07 -22.26 -7.53
C LEU A 100 52.30 -22.95 -6.41
N GLN A 101 50.98 -22.99 -6.53
CA GLN A 101 50.14 -23.62 -5.51
C GLN A 101 50.65 -25.02 -5.18
N GLY A 102 50.93 -25.80 -6.22
CA GLY A 102 51.41 -27.16 -6.01
C GLY A 102 52.69 -27.23 -5.18
N LEU A 103 53.48 -26.16 -5.24
CA LEU A 103 54.73 -26.10 -4.49
C LEU A 103 54.55 -25.59 -3.06
N GLY A 104 53.40 -25.00 -2.78
CA GLY A 104 53.14 -24.48 -1.46
C GLY A 104 53.09 -22.97 -1.43
N LEU A 105 53.46 -22.35 -2.55
CA LEU A 105 53.44 -20.89 -2.67
C LEU A 105 51.99 -20.49 -2.86
N ASP A 106 51.64 -19.27 -2.45
CA ASP A 106 50.25 -18.83 -2.56
C ASP A 106 50.00 -17.69 -3.54
N PRO A 107 49.38 -18.00 -4.69
CA PRO A 107 49.07 -17.02 -5.74
C PRO A 107 48.14 -15.91 -5.26
N ALA A 108 47.50 -16.11 -4.12
CA ALA A 108 46.60 -15.10 -3.59
C ALA A 108 47.40 -13.85 -3.24
N THR A 109 48.62 -14.06 -2.75
CA THR A 109 49.49 -12.96 -2.36
C THR A 109 50.14 -12.24 -3.53
N ARG A 110 50.34 -12.94 -4.64
CA ARG A 110 50.97 -12.34 -5.82
C ARG A 110 52.35 -11.83 -5.45
N ASP A 111 52.93 -12.41 -4.40
CA ASP A 111 54.24 -12.03 -3.91
C ASP A 111 55.34 -12.75 -4.70
N LEU A 112 55.63 -12.25 -5.90
CA LEU A 112 56.64 -12.84 -6.76
C LEU A 112 57.97 -13.00 -6.02
N GLN A 113 58.36 -11.96 -5.31
CA GLN A 113 59.62 -11.98 -4.55
C GLN A 113 59.72 -13.18 -3.64
N VAL A 114 58.67 -13.44 -2.87
CA VAL A 114 58.65 -14.58 -1.96
C VAL A 114 58.72 -15.90 -2.73
N TYR A 115 58.01 -16.00 -3.84
CA TYR A 115 58.04 -17.23 -4.62
C TYR A 115 59.48 -17.53 -5.02
N ARG A 116 60.20 -16.48 -5.43
CA ARG A 116 61.58 -16.63 -5.86
C ARG A 116 62.52 -17.14 -4.76
N GLU A 117 62.24 -16.76 -3.51
CA GLU A 117 63.07 -17.20 -2.40
C GLU A 117 63.00 -18.72 -2.26
N TYR A 118 61.86 -19.29 -2.62
CA TYR A 118 61.66 -20.73 -2.53
C TYR A 118 62.71 -21.47 -3.37
N PHE A 119 62.84 -21.06 -4.62
CA PHE A 119 63.79 -21.69 -5.54
C PHE A 119 65.25 -21.39 -5.24
N ALA A 120 65.54 -20.14 -4.88
CA ALA A 120 66.90 -19.72 -4.58
C ALA A 120 67.61 -20.65 -3.59
N LYS A 121 66.91 -21.04 -2.53
CA LYS A 121 67.48 -21.89 -1.52
C LYS A 121 67.22 -23.38 -1.76
N LYS A 122 67.64 -23.88 -2.91
CA LYS A 122 67.42 -25.28 -3.23
C LYS A 122 68.27 -25.70 -4.42
N THR A 123 68.69 -26.96 -4.45
CA THR A 123 69.50 -27.45 -5.56
C THR A 123 68.62 -27.99 -6.67
N SER A 124 69.25 -28.47 -7.75
CA SER A 124 68.50 -29.01 -8.87
C SER A 124 68.00 -30.40 -8.51
N GLU A 125 68.89 -31.21 -7.95
CA GLU A 125 68.54 -32.56 -7.54
C GLU A 125 67.33 -32.55 -6.60
N GLU A 126 67.26 -31.57 -5.72
CA GLU A 126 66.16 -31.47 -4.79
C GLU A 126 64.86 -31.07 -5.46
N GLN A 127 64.92 -30.11 -6.38
CA GLN A 127 63.73 -29.67 -7.08
C GLN A 127 63.10 -30.73 -7.97
N VAL A 128 63.91 -31.57 -8.61
CA VAL A 128 63.36 -32.61 -9.45
C VAL A 128 62.63 -33.61 -8.57
N ASP A 129 63.26 -33.95 -7.44
CA ASP A 129 62.66 -34.89 -6.49
C ASP A 129 61.34 -34.34 -5.99
N THR A 130 61.31 -33.05 -5.71
CA THR A 130 60.11 -32.38 -5.23
C THR A 130 59.02 -32.39 -6.31
N VAL A 131 59.39 -32.00 -7.53
CA VAL A 131 58.45 -31.95 -8.64
C VAL A 131 57.93 -33.31 -9.06
N LEU A 132 58.83 -34.28 -9.24
CA LEU A 132 58.39 -35.61 -9.66
C LEU A 132 57.44 -36.23 -8.65
N GLN A 133 57.57 -35.81 -7.40
CA GLN A 133 56.71 -36.32 -6.34
C GLN A 133 55.36 -35.62 -6.42
N LEU A 134 55.38 -34.30 -6.47
CA LEU A 134 54.16 -33.51 -6.55
C LEU A 134 53.35 -33.80 -7.80
N ALA A 135 54.04 -34.05 -8.91
CA ALA A 135 53.36 -34.33 -10.17
C ALA A 135 53.14 -35.82 -10.37
N ASN A 136 53.60 -36.62 -9.42
CA ASN A 136 53.44 -38.06 -9.48
C ASN A 136 53.94 -38.65 -10.82
N VAL A 137 55.11 -38.20 -11.25
CA VAL A 137 55.71 -38.65 -12.49
C VAL A 137 56.86 -39.61 -12.20
N SER A 138 56.73 -40.86 -12.65
CA SER A 138 57.77 -41.85 -12.40
C SER A 138 58.86 -41.85 -13.47
N ASP A 139 58.50 -41.58 -14.73
CA ASP A 139 59.47 -41.59 -15.82
C ASP A 139 59.32 -40.39 -16.75
N VAL A 140 60.46 -39.81 -17.13
CA VAL A 140 60.50 -38.64 -18.01
C VAL A 140 61.34 -38.90 -19.25
N VAL A 141 60.71 -38.91 -20.42
CA VAL A 141 61.43 -39.11 -21.68
C VAL A 141 61.89 -37.74 -22.15
N MET A 142 63.18 -37.60 -22.44
CA MET A 142 63.72 -36.32 -22.87
C MET A 142 63.77 -36.29 -24.38
N THR A 143 64.23 -35.16 -24.90
CA THR A 143 64.42 -34.97 -26.33
C THR A 143 65.91 -34.74 -26.45
N ASN A 144 66.64 -35.73 -26.96
CA ASN A 144 68.08 -35.60 -27.08
C ASN A 144 68.54 -35.39 -28.51
N ASP A 145 68.94 -34.16 -28.79
CA ASP A 145 69.38 -33.72 -30.09
C ASP A 145 70.91 -33.67 -30.20
N PRO A 146 71.51 -34.70 -30.81
CA PRO A 146 72.97 -34.80 -30.99
C PRO A 146 73.57 -33.73 -31.89
N PHE A 147 72.71 -32.93 -32.52
CA PHE A 147 73.17 -31.88 -33.42
C PHE A 147 73.36 -30.56 -32.67
N ASP A 148 73.00 -30.55 -31.40
CA ASP A 148 73.19 -29.36 -30.57
C ASP A 148 74.55 -29.57 -29.93
N ASP A 149 75.48 -28.65 -30.17
CA ASP A 149 76.83 -28.77 -29.61
C ASP A 149 76.86 -29.09 -28.12
N ASN A 150 76.13 -28.31 -27.32
CA ASN A 150 76.09 -28.51 -25.89
C ASN A 150 75.58 -29.88 -25.45
N GLU A 151 74.52 -30.37 -26.09
CA GLU A 151 73.98 -31.68 -25.72
C GLU A 151 74.91 -32.80 -26.16
N ARG A 152 75.34 -32.74 -27.42
CA ARG A 152 76.23 -33.75 -27.99
C ARG A 152 77.50 -33.98 -27.19
N ILE A 153 78.16 -32.89 -26.81
CA ILE A 153 79.39 -33.02 -26.05
C ILE A 153 79.14 -33.70 -24.71
N SER A 154 77.96 -33.46 -24.12
CA SER A 154 77.63 -34.08 -22.84
C SER A 154 77.54 -35.59 -22.99
N TRP A 155 76.88 -36.07 -24.04
CA TRP A 155 76.77 -37.51 -24.24
C TRP A 155 78.14 -38.08 -24.56
N LEU A 156 78.89 -37.38 -25.41
CA LEU A 156 80.22 -37.82 -25.81
C LEU A 156 81.18 -37.93 -24.63
N GLU A 157 81.01 -37.08 -23.63
CA GLU A 157 81.88 -37.10 -22.47
C GLU A 157 81.46 -38.12 -21.42
N GLY A 158 80.34 -38.80 -21.66
CA GLY A 158 79.89 -39.82 -20.72
C GLY A 158 78.70 -39.54 -19.83
N LYS A 159 78.05 -38.39 -20.01
CA LYS A 159 76.89 -38.05 -19.18
C LYS A 159 75.78 -39.08 -19.40
N GLN A 160 75.30 -39.68 -18.31
CA GLN A 160 74.23 -40.67 -18.38
C GLN A 160 73.07 -40.19 -17.50
N PRO A 161 71.83 -40.33 -17.97
CA PRO A 161 70.69 -39.88 -17.18
C PRO A 161 70.38 -40.89 -16.07
N ASP A 162 69.77 -40.44 -14.98
CA ASP A 162 69.46 -41.37 -13.90
C ASP A 162 68.27 -42.25 -14.28
N SER A 163 67.95 -43.20 -13.42
CA SER A 163 66.86 -44.15 -13.65
C SER A 163 65.52 -43.57 -14.08
N ARG A 164 65.26 -42.33 -13.69
CA ARG A 164 63.98 -41.68 -14.00
C ARG A 164 63.88 -40.97 -15.36
N PHE A 165 65.01 -40.76 -16.04
CA PHE A 165 65.02 -40.07 -17.32
C PHE A 165 65.44 -40.96 -18.48
N HIS A 166 64.66 -40.94 -19.56
CA HIS A 166 64.95 -41.75 -20.73
C HIS A 166 65.25 -40.89 -21.94
N ALA A 167 66.09 -41.41 -22.82
CA ALA A 167 66.49 -40.69 -24.01
C ALA A 167 65.60 -40.94 -25.22
N ALA A 168 65.53 -39.93 -26.07
CA ALA A 168 64.79 -39.96 -27.31
C ALA A 168 65.69 -39.26 -28.34
N LEU A 169 66.12 -40.00 -29.35
CA LEU A 169 67.01 -39.45 -30.37
C LEU A 169 66.32 -38.56 -31.42
N ARG A 170 66.31 -37.26 -31.16
CA ARG A 170 65.69 -36.28 -32.05
C ARG A 170 66.57 -36.07 -33.29
N LEU A 171 65.98 -36.22 -34.48
CA LEU A 171 66.73 -36.10 -35.73
C LEU A 171 66.33 -34.98 -36.71
N ASP A 172 65.67 -33.93 -36.23
CA ASP A 172 65.24 -32.85 -37.12
C ASP A 172 66.29 -32.33 -38.12
N PRO A 173 67.51 -32.04 -37.65
CA PRO A 173 68.55 -31.53 -38.56
C PRO A 173 68.90 -32.51 -39.68
N LEU A 174 69.04 -33.78 -39.31
CA LEU A 174 69.39 -34.80 -40.28
C LEU A 174 68.34 -35.01 -41.37
N LEU A 175 67.08 -35.11 -40.95
CA LEU A 175 65.98 -35.36 -41.90
C LEU A 175 65.42 -34.14 -42.63
N ASN A 176 65.42 -32.98 -41.99
CA ASN A 176 64.88 -31.78 -42.62
C ASN A 176 65.91 -30.79 -43.16
N GLU A 177 67.18 -31.00 -42.82
CA GLU A 177 68.24 -30.10 -43.28
C GLU A 177 69.47 -30.90 -43.67
N TYR A 178 69.28 -32.01 -44.37
CA TYR A 178 70.40 -32.85 -44.76
C TYR A 178 71.48 -32.12 -45.56
N GLU A 179 71.09 -31.09 -46.30
CA GLU A 179 72.07 -30.34 -47.10
C GLU A 179 73.13 -29.67 -46.23
N GLN A 180 72.72 -29.07 -45.12
CA GLN A 180 73.66 -28.40 -44.23
C GLN A 180 74.25 -29.41 -43.27
N THR A 181 73.42 -30.37 -42.85
CA THR A 181 73.82 -31.38 -41.89
C THR A 181 74.84 -32.40 -42.38
N LYS A 182 74.77 -32.78 -43.65
CA LYS A 182 75.72 -33.76 -44.18
C LYS A 182 77.17 -33.31 -43.97
N HIS A 183 77.39 -32.01 -43.98
CA HIS A 183 78.72 -31.44 -43.79
C HIS A 183 79.23 -31.67 -42.37
N ARG A 184 78.30 -31.76 -41.42
CA ARG A 184 78.67 -31.97 -40.03
C ARG A 184 78.86 -33.45 -39.78
N LEU A 185 78.19 -34.29 -40.55
CA LEU A 185 78.32 -35.73 -40.41
C LEU A 185 79.73 -36.14 -40.82
N ARG A 186 80.25 -35.50 -41.87
CA ARG A 186 81.59 -35.80 -42.34
C ARG A 186 82.63 -35.31 -41.32
N ASP A 187 82.37 -34.15 -40.72
CA ASP A 187 83.28 -33.62 -39.71
C ASP A 187 83.39 -34.63 -38.56
N TRP A 188 82.35 -35.42 -38.36
CA TRP A 188 82.32 -36.40 -37.29
C TRP A 188 82.75 -37.80 -37.74
N GLY A 189 83.30 -37.90 -38.95
CA GLY A 189 83.74 -39.19 -39.43
C GLY A 189 82.81 -39.92 -40.37
N TYR A 190 81.57 -39.46 -40.46
CA TYR A 190 80.61 -40.13 -41.33
C TYR A 190 80.79 -39.68 -42.78
N LYS A 191 81.36 -40.58 -43.57
CA LYS A 191 81.67 -40.34 -44.97
C LYS A 191 80.49 -40.30 -45.93
N VAL A 192 79.51 -39.46 -45.63
CA VAL A 192 78.37 -39.35 -46.53
C VAL A 192 78.90 -38.67 -47.80
N ASN A 193 78.56 -39.21 -48.95
CA ASN A 193 79.03 -38.66 -50.22
C ASN A 193 78.13 -37.55 -50.75
N ASP A 194 78.43 -37.07 -51.95
CA ASP A 194 77.64 -36.01 -52.56
C ASP A 194 76.34 -36.57 -53.11
N GLU A 195 76.40 -37.77 -53.67
CA GLU A 195 75.21 -38.41 -54.22
C GLU A 195 74.72 -39.48 -53.25
N TRP A 196 73.42 -39.72 -53.26
CA TRP A 196 72.85 -40.72 -52.37
C TRP A 196 73.12 -42.12 -52.92
N ASN A 197 74.26 -42.67 -52.51
CA ASN A 197 74.66 -44.01 -52.94
C ASN A 197 74.84 -44.90 -51.73
N GLU A 198 75.19 -46.16 -51.99
CA GLU A 198 75.39 -47.14 -50.93
C GLU A 198 76.24 -46.59 -49.79
N GLY A 199 77.30 -45.88 -50.15
CA GLY A 199 78.20 -45.31 -49.15
C GLY A 199 77.52 -44.31 -48.23
N SER A 200 76.74 -43.40 -48.81
CA SER A 200 76.03 -42.40 -48.03
C SER A 200 75.00 -43.08 -47.13
N ILE A 201 74.29 -44.03 -47.69
CA ILE A 201 73.27 -44.77 -46.97
C ILE A 201 73.88 -45.49 -45.77
N GLN A 202 74.98 -46.19 -45.99
CA GLN A 202 75.64 -46.92 -44.92
C GLN A 202 76.17 -46.02 -43.82
N GLU A 203 76.74 -44.87 -44.18
CA GLU A 203 77.27 -43.97 -43.17
C GLU A 203 76.16 -43.33 -42.35
N VAL A 204 75.06 -42.96 -43.00
CA VAL A 204 73.96 -42.35 -42.27
C VAL A 204 73.42 -43.39 -41.27
N LYS A 205 73.36 -44.65 -41.70
CA LYS A 205 72.91 -45.72 -40.81
C LYS A 205 73.85 -45.84 -39.63
N ARG A 206 75.15 -45.85 -39.92
CA ARG A 206 76.16 -45.94 -38.87
C ARG A 206 75.92 -44.85 -37.84
N PHE A 207 75.64 -43.65 -38.33
CA PHE A 207 75.38 -42.50 -37.46
C PHE A 207 74.24 -42.78 -36.49
N LEU A 208 73.15 -43.33 -37.03
CA LEU A 208 71.98 -43.64 -36.21
C LEU A 208 72.29 -44.77 -35.24
N THR A 209 72.94 -45.81 -35.74
CA THR A 209 73.28 -46.95 -34.89
C THR A 209 74.22 -46.56 -33.76
N ASP A 210 75.23 -45.74 -34.04
CA ASP A 210 76.16 -45.32 -33.00
C ASP A 210 75.43 -44.57 -31.89
N TRP A 211 74.52 -43.68 -32.29
CA TRP A 211 73.78 -42.91 -31.31
C TRP A 211 72.73 -43.72 -30.58
N ILE A 212 72.28 -44.82 -31.19
CA ILE A 212 71.29 -45.68 -30.54
C ILE A 212 72.01 -46.44 -29.44
N GLU A 213 73.27 -46.80 -29.68
CA GLU A 213 74.06 -47.51 -28.68
C GLU A 213 74.39 -46.56 -27.54
N ARG A 214 74.77 -45.34 -27.90
CA ARG A 214 75.15 -44.33 -26.92
C ARG A 214 74.02 -43.80 -26.05
N MET A 215 72.85 -43.61 -26.63
CA MET A 215 71.71 -43.10 -25.88
C MET A 215 70.75 -44.18 -25.41
N ASP A 216 70.65 -45.25 -26.18
CA ASP A 216 69.71 -46.32 -25.86
C ASP A 216 68.34 -45.65 -25.73
N PRO A 217 67.95 -44.87 -26.76
CA PRO A 217 66.68 -44.14 -26.78
C PRO A 217 65.45 -45.04 -26.85
N VAL A 218 64.33 -44.57 -26.31
CA VAL A 218 63.09 -45.34 -26.34
C VAL A 218 62.48 -45.25 -27.74
N TYR A 219 62.87 -44.22 -28.48
CA TYR A 219 62.40 -44.04 -29.86
C TYR A 219 63.15 -42.90 -30.55
N MET A 220 63.14 -42.92 -31.88
CA MET A 220 63.78 -41.86 -32.67
C MET A 220 62.65 -40.91 -33.05
N ALA A 221 62.92 -39.60 -33.02
CA ALA A 221 61.87 -38.63 -33.32
C ALA A 221 62.25 -37.50 -34.26
N VAL A 222 61.22 -36.81 -34.75
CA VAL A 222 61.39 -35.69 -35.67
C VAL A 222 60.08 -34.92 -35.79
N SER A 223 60.17 -33.59 -35.85
CA SER A 223 58.98 -32.76 -36.02
C SER A 223 58.95 -32.47 -37.52
N LEU A 224 57.75 -32.56 -38.11
CA LEU A 224 57.59 -32.37 -39.55
C LEU A 224 56.60 -31.27 -39.91
N PRO A 225 56.73 -30.71 -41.13
CA PRO A 225 55.85 -29.63 -41.60
C PRO A 225 54.52 -30.13 -42.17
N PRO A 226 53.55 -29.23 -42.33
CA PRO A 226 52.22 -29.56 -42.88
C PRO A 226 52.33 -30.21 -44.25
N THR A 227 53.40 -29.87 -44.97
CA THR A 227 53.62 -30.38 -46.32
C THR A 227 54.34 -31.71 -46.41
N PHE A 228 54.56 -32.38 -45.27
CA PHE A 228 55.25 -33.66 -45.26
C PHE A 228 54.60 -34.72 -46.16
N SER A 229 55.42 -35.45 -46.91
CA SER A 229 54.93 -36.49 -47.80
C SER A 229 55.90 -37.66 -47.84
N PHE A 230 55.37 -38.82 -48.18
CA PHE A 230 56.15 -40.04 -48.29
C PHE A 230 55.32 -41.07 -49.05
N PRO A 231 55.93 -41.75 -50.04
CA PRO A 231 57.32 -41.61 -50.48
C PRO A 231 57.60 -40.21 -51.03
N GLU A 232 58.87 -39.88 -51.18
CA GLU A 232 59.25 -38.58 -51.70
C GLU A 232 60.72 -38.58 -52.13
N GLU A 233 60.99 -38.01 -53.30
CA GLU A 233 62.36 -37.92 -53.79
C GLU A 233 63.00 -36.66 -53.24
N SER A 234 63.43 -36.75 -52.00
CA SER A 234 64.07 -35.67 -51.28
C SER A 234 65.04 -36.36 -50.32
N ASN A 235 65.85 -35.57 -49.63
CA ASN A 235 66.78 -36.16 -48.70
C ASN A 235 66.02 -36.79 -47.54
N ARG A 236 64.93 -36.13 -47.12
CA ARG A 236 64.13 -36.66 -46.02
C ARG A 236 63.57 -38.00 -46.43
N GLY A 237 62.91 -38.02 -47.58
CA GLY A 237 62.32 -39.26 -48.08
C GLY A 237 63.27 -40.41 -48.28
N ARG A 238 64.48 -40.11 -48.74
CA ARG A 238 65.47 -41.16 -48.98
C ARG A 238 66.11 -41.60 -47.66
N ILE A 239 66.34 -40.65 -46.77
CA ILE A 239 66.94 -40.97 -45.48
C ILE A 239 66.00 -41.85 -44.68
N ILE A 240 64.71 -41.51 -44.67
CA ILE A 240 63.72 -42.30 -43.94
C ILE A 240 63.58 -43.69 -44.55
N ARG A 241 63.48 -43.74 -45.88
CA ARG A 241 63.33 -45.01 -46.59
C ARG A 241 64.55 -45.92 -46.55
N ASP A 242 65.73 -45.36 -46.78
CA ASP A 242 66.94 -46.16 -46.82
C ASP A 242 67.68 -46.30 -45.50
N CYS A 243 67.53 -45.32 -44.61
CA CYS A 243 68.26 -45.38 -43.36
C CYS A 243 67.46 -45.52 -42.08
N LEU A 244 66.58 -44.57 -41.80
CA LEU A 244 65.78 -44.58 -40.59
C LEU A 244 64.94 -45.85 -40.38
N LEU A 245 64.06 -46.16 -41.32
CA LEU A 245 63.20 -47.33 -41.19
C LEU A 245 63.92 -48.66 -40.98
N PRO A 246 64.90 -48.99 -41.84
CA PRO A 246 65.61 -50.26 -41.66
C PRO A 246 66.27 -50.38 -40.28
N VAL A 247 66.90 -49.29 -39.83
CA VAL A 247 67.55 -49.27 -38.53
C VAL A 247 66.51 -49.37 -37.41
N ALA A 248 65.41 -48.63 -37.56
CA ALA A 248 64.36 -48.65 -36.55
C ALA A 248 63.80 -50.06 -36.41
N GLU A 249 63.66 -50.77 -37.53
CA GLU A 249 63.13 -52.13 -37.51
C GLU A 249 64.10 -53.11 -36.86
N LYS A 250 65.39 -52.99 -37.18
CA LYS A 250 66.39 -53.90 -36.62
C LYS A 250 66.45 -53.81 -35.11
N HIS A 251 66.53 -52.59 -34.58
CA HIS A 251 66.59 -52.40 -33.15
C HIS A 251 65.21 -52.36 -32.52
N ASN A 252 64.19 -52.61 -33.33
CA ASN A 252 62.80 -52.60 -32.88
C ASN A 252 62.48 -51.29 -32.17
N ILE A 253 63.01 -50.19 -32.67
CA ILE A 253 62.78 -48.88 -32.09
C ILE A 253 61.71 -48.15 -32.88
N PRO A 254 60.64 -47.70 -32.21
CA PRO A 254 59.57 -47.00 -32.92
C PRO A 254 60.02 -45.61 -33.42
N PHE A 255 59.37 -45.15 -34.48
CA PHE A 255 59.66 -43.85 -35.08
C PHE A 255 58.56 -42.87 -34.66
N ALA A 256 58.94 -41.79 -33.99
CA ALA A 256 57.97 -40.81 -33.53
C ALA A 256 57.90 -39.62 -34.48
N MET A 257 56.72 -39.42 -35.07
CA MET A 257 56.53 -38.31 -36.01
C MET A 257 55.60 -37.26 -35.43
N MET A 258 56.10 -36.04 -35.27
CA MET A 258 55.30 -34.96 -34.74
C MET A 258 55.07 -34.01 -35.92
N ILE A 259 53.92 -34.22 -36.57
CA ILE A 259 53.53 -33.50 -37.77
C ILE A 259 52.63 -32.29 -37.69
N GLY A 260 52.97 -31.24 -38.45
CA GLY A 260 52.15 -30.04 -38.49
C GLY A 260 52.78 -28.70 -38.17
N VAL A 261 54.04 -28.70 -37.75
CA VAL A 261 54.70 -27.45 -37.39
C VAL A 261 55.33 -26.71 -38.57
N LYS A 262 55.04 -25.42 -38.68
CA LYS A 262 55.63 -24.59 -39.74
C LYS A 262 56.63 -23.73 -39.01
N LYS A 263 57.90 -24.07 -39.18
CA LYS A 263 58.97 -23.37 -38.49
C LYS A 263 59.26 -21.93 -38.91
N ARG A 264 59.56 -21.11 -37.92
CA ARG A 264 59.95 -19.71 -38.11
C ARG A 264 59.10 -18.79 -38.97
N VAL A 265 57.80 -18.76 -38.76
CA VAL A 265 56.97 -17.86 -39.55
C VAL A 265 57.15 -16.46 -39.00
N HIS A 266 57.86 -16.38 -37.89
CA HIS A 266 58.17 -15.12 -37.23
C HIS A 266 59.47 -15.35 -36.47
N PRO A 267 60.60 -15.38 -37.20
CA PRO A 267 61.95 -15.61 -36.67
C PRO A 267 62.36 -14.79 -35.46
N ALA A 268 61.87 -13.56 -35.34
CA ALA A 268 62.21 -12.71 -34.21
C ALA A 268 61.76 -13.27 -32.86
N LEU A 269 60.65 -13.99 -32.86
CA LEU A 269 60.10 -14.56 -31.63
C LEU A 269 60.90 -15.76 -31.12
N GLY A 270 61.82 -16.27 -31.93
CA GLY A 270 62.61 -17.41 -31.51
C GLY A 270 61.75 -18.67 -31.40
N ASP A 271 61.90 -19.40 -30.30
CA ASP A 271 61.13 -20.61 -30.08
C ASP A 271 59.63 -20.37 -30.13
N ALA A 272 59.22 -19.12 -29.96
CA ALA A 272 57.80 -18.76 -30.00
C ALA A 272 57.33 -18.36 -31.39
N GLY A 273 58.18 -18.56 -32.40
CA GLY A 273 57.81 -18.16 -33.75
C GLY A 273 57.37 -19.23 -34.73
N ASP A 274 56.92 -20.39 -34.22
CA ASP A 274 56.47 -21.47 -35.09
C ASP A 274 54.94 -21.44 -35.25
N PHE A 275 54.47 -21.80 -36.44
CA PHE A 275 53.05 -21.79 -36.75
C PHE A 275 52.56 -23.22 -37.02
N VAL A 276 51.30 -23.36 -37.42
CA VAL A 276 50.73 -24.69 -37.68
C VAL A 276 49.96 -24.75 -39.01
N GLY A 277 49.85 -25.96 -39.55
CA GLY A 277 49.13 -26.17 -40.80
C GLY A 277 48.62 -27.60 -40.89
N LYS A 278 47.47 -27.79 -41.53
CA LYS A 278 46.90 -29.13 -41.67
C LYS A 278 47.75 -29.93 -42.67
N ALA A 279 47.99 -31.20 -42.35
CA ALA A 279 48.78 -32.02 -43.24
C ALA A 279 47.92 -33.09 -43.91
N SER A 280 48.46 -33.68 -44.97
CA SER A 280 47.77 -34.76 -45.66
C SER A 280 48.11 -36.01 -44.85
N MET A 281 47.19 -36.97 -44.81
CA MET A 281 47.45 -38.19 -44.07
C MET A 281 48.11 -39.22 -44.98
N ASP A 282 48.20 -38.90 -46.27
CA ASP A 282 48.78 -39.80 -47.26
C ASP A 282 50.14 -40.39 -46.88
N GLY A 283 51.05 -39.53 -46.43
CA GLY A 283 52.38 -40.00 -46.05
C GLY A 283 52.34 -40.96 -44.88
N VAL A 284 51.56 -40.64 -43.86
CA VAL A 284 51.46 -41.51 -42.69
C VAL A 284 50.79 -42.82 -43.08
N GLU A 285 49.75 -42.72 -43.92
CA GLU A 285 49.02 -43.90 -44.38
C GLU A 285 49.97 -44.86 -45.08
N HIS A 286 50.83 -44.31 -45.93
CA HIS A 286 51.79 -45.11 -46.68
C HIS A 286 52.79 -45.78 -45.75
N LEU A 287 53.41 -44.99 -44.87
CA LEU A 287 54.38 -45.53 -43.92
C LEU A 287 53.82 -46.72 -43.15
N LEU A 288 52.62 -46.56 -42.60
CA LEU A 288 52.00 -47.63 -41.81
C LEU A 288 51.70 -48.90 -42.59
N ARG A 289 51.14 -48.74 -43.79
CA ARG A 289 50.81 -49.90 -44.60
C ARG A 289 52.02 -50.61 -45.18
N GLU A 290 52.93 -49.85 -45.77
CA GLU A 290 54.10 -50.43 -46.42
C GLU A 290 55.23 -50.90 -45.49
N TYR A 291 55.21 -50.46 -44.24
CA TYR A 291 56.24 -50.85 -43.27
C TYR A 291 55.60 -51.44 -42.03
N PRO A 292 54.90 -52.58 -42.17
CA PRO A 292 54.20 -53.28 -41.09
C PRO A 292 55.10 -53.76 -39.96
N ASN A 293 56.39 -53.87 -40.22
CA ASN A 293 57.34 -54.31 -39.20
C ASN A 293 57.95 -53.13 -38.45
N ASN A 294 57.50 -51.93 -38.78
CA ASN A 294 57.97 -50.73 -38.10
C ASN A 294 56.86 -50.16 -37.22
N LYS A 295 57.24 -49.57 -36.10
CA LYS A 295 56.28 -48.99 -35.17
C LYS A 295 56.36 -47.48 -35.26
N PHE A 296 55.20 -46.83 -35.27
CA PHE A 296 55.15 -45.37 -35.37
C PHE A 296 54.37 -44.72 -34.25
N LEU A 297 54.94 -43.67 -33.68
CA LEU A 297 54.29 -42.89 -32.65
C LEU A 297 53.97 -41.58 -33.36
N VAL A 298 52.69 -41.19 -33.37
CA VAL A 298 52.34 -39.97 -34.06
C VAL A 298 51.45 -39.06 -33.24
N THR A 299 51.67 -37.76 -33.43
CA THR A 299 50.86 -36.73 -32.80
C THR A 299 50.87 -35.64 -33.88
N MET A 300 49.76 -34.94 -34.06
CA MET A 300 49.72 -33.91 -35.09
C MET A 300 49.34 -32.56 -34.49
N LEU A 301 49.83 -31.48 -35.10
CA LEU A 301 49.61 -30.14 -34.57
C LEU A 301 48.29 -29.45 -34.93
N SER A 302 47.73 -29.77 -36.09
CA SER A 302 46.48 -29.13 -36.53
C SER A 302 45.22 -29.74 -35.94
N ARG A 303 44.31 -28.90 -35.46
CA ARG A 303 43.04 -29.38 -34.91
C ARG A 303 42.28 -30.20 -35.96
N GLU A 304 42.37 -29.77 -37.21
CA GLU A 304 41.68 -30.42 -38.32
C GLU A 304 42.20 -31.80 -38.72
N ASN A 305 43.33 -32.21 -38.15
CA ASN A 305 43.92 -33.52 -38.44
C ASN A 305 43.54 -34.56 -37.39
N GLN A 306 43.14 -34.09 -36.21
CA GLN A 306 42.83 -34.97 -35.10
C GLN A 306 41.84 -36.13 -35.33
N HIS A 307 40.68 -35.84 -35.91
CA HIS A 307 39.71 -36.91 -36.11
C HIS A 307 40.19 -37.98 -37.10
N GLU A 308 40.72 -37.56 -38.24
CA GLU A 308 41.19 -38.53 -39.24
C GLU A 308 42.40 -39.32 -38.74
N LEU A 309 43.15 -38.77 -37.79
CA LEU A 309 44.31 -39.46 -37.24
C LEU A 309 43.81 -40.65 -36.41
N VAL A 310 42.70 -40.45 -35.72
CA VAL A 310 42.11 -41.51 -34.91
C VAL A 310 41.62 -42.62 -35.84
N VAL A 311 40.92 -42.24 -36.90
CA VAL A 311 40.44 -43.24 -37.85
C VAL A 311 41.62 -44.02 -38.40
N LEU A 312 42.73 -43.33 -38.63
CA LEU A 312 43.92 -44.00 -39.17
C LEU A 312 44.42 -45.00 -38.16
N ALA A 313 44.32 -44.66 -36.89
CA ALA A 313 44.76 -45.56 -35.83
C ALA A 313 43.88 -46.81 -35.84
N ARG A 314 42.63 -46.66 -36.26
CA ARG A 314 41.69 -47.78 -36.34
C ARG A 314 42.13 -48.76 -37.43
N LYS A 315 42.82 -48.25 -38.44
CA LYS A 315 43.28 -49.09 -39.56
C LYS A 315 44.59 -49.82 -39.30
N PHE A 316 45.51 -49.20 -38.55
CA PHE A 316 46.83 -49.80 -38.34
C PHE A 316 47.28 -49.94 -36.91
N SER A 317 47.52 -51.18 -36.49
CA SER A 317 47.96 -51.43 -35.13
C SER A 317 49.43 -51.05 -34.89
N ASN A 318 50.17 -50.78 -35.97
CA ASN A 318 51.55 -50.38 -35.79
C ASN A 318 51.61 -48.87 -35.60
N LEU A 319 50.42 -48.26 -35.50
CA LEU A 319 50.32 -46.83 -35.25
C LEU A 319 49.81 -46.63 -33.83
N MET A 320 50.53 -45.83 -33.05
CA MET A 320 50.13 -45.52 -31.69
C MET A 320 50.12 -44.01 -31.65
N ILE A 321 48.95 -43.42 -31.42
CA ILE A 321 48.90 -41.96 -31.38
C ILE A 321 49.06 -41.50 -29.94
N PHE A 322 49.62 -40.31 -29.77
CA PHE A 322 49.86 -39.82 -28.44
C PHE A 322 49.75 -38.31 -28.31
N GLY A 323 49.34 -37.89 -27.11
CA GLY A 323 49.22 -36.48 -26.77
C GLY A 323 48.36 -35.49 -27.54
N CYS A 324 48.25 -34.32 -26.92
CA CYS A 324 47.53 -33.17 -27.45
C CYS A 324 48.67 -32.16 -27.47
N TRP A 325 49.43 -32.23 -28.55
CA TRP A 325 50.62 -31.44 -28.77
C TRP A 325 50.52 -29.94 -29.00
N TRP A 326 51.33 -29.21 -28.24
CA TRP A 326 51.48 -27.76 -28.41
C TRP A 326 50.19 -26.95 -28.47
N PHE A 327 49.84 -26.50 -29.68
CA PHE A 327 48.62 -25.71 -29.86
C PHE A 327 47.37 -26.54 -29.60
N MET A 328 47.55 -27.87 -29.51
CA MET A 328 46.45 -28.78 -29.20
C MET A 328 46.33 -28.93 -27.67
N ASN A 329 47.39 -28.55 -26.96
CA ASN A 329 47.43 -28.70 -25.51
C ASN A 329 46.67 -27.65 -24.71
N ASN A 330 45.40 -27.48 -25.05
CA ASN A 330 44.48 -26.56 -24.40
C ASN A 330 43.18 -27.33 -24.05
N PRO A 331 42.59 -27.06 -22.89
CA PRO A 331 41.37 -27.73 -22.43
C PRO A 331 40.31 -28.05 -23.49
N GLU A 332 39.84 -27.03 -24.18
CA GLU A 332 38.82 -27.23 -25.23
C GLU A 332 39.21 -28.33 -26.21
N ILE A 333 40.47 -28.34 -26.63
CA ILE A 333 40.98 -29.31 -27.60
C ILE A 333 41.32 -30.65 -26.95
N ILE A 334 41.95 -30.60 -25.78
CA ILE A 334 42.29 -31.82 -25.07
C ILE A 334 41.01 -32.64 -24.88
N ASN A 335 39.95 -31.95 -24.43
CA ASN A 335 38.68 -32.60 -24.21
C ASN A 335 38.09 -33.26 -25.45
N GLU A 336 37.93 -32.51 -26.54
CA GLU A 336 37.36 -33.09 -27.74
C GLU A 336 38.23 -34.21 -28.30
N MET A 337 39.55 -34.04 -28.22
CA MET A 337 40.47 -35.05 -28.73
C MET A 337 40.41 -36.36 -27.94
N THR A 338 40.43 -36.25 -26.62
CA THR A 338 40.40 -37.44 -25.78
C THR A 338 39.09 -38.21 -25.96
N ARG A 339 37.97 -37.49 -26.07
CA ARG A 339 36.68 -38.15 -26.26
C ARG A 339 36.57 -38.84 -27.62
N MET A 340 37.09 -38.22 -28.68
CA MET A 340 37.05 -38.83 -30.02
C MET A 340 37.92 -40.08 -30.03
N ARG A 341 39.07 -39.98 -29.38
CA ARG A 341 40.00 -41.09 -29.32
C ARG A 341 39.40 -42.27 -28.57
N MET A 342 38.89 -42.01 -27.36
CA MET A 342 38.32 -43.09 -26.55
C MET A 342 37.13 -43.76 -27.22
N GLU A 343 36.27 -42.96 -27.85
CA GLU A 343 35.09 -43.49 -28.51
C GLU A 343 35.39 -44.42 -29.67
N MET A 344 36.48 -44.14 -30.40
CA MET A 344 36.88 -44.96 -31.53
C MET A 344 38.05 -45.89 -31.28
N LEU A 345 38.73 -45.74 -30.15
CA LEU A 345 39.88 -46.58 -29.86
C LEU A 345 39.83 -47.24 -28.49
N GLY A 346 38.85 -46.87 -27.68
CA GLY A 346 38.77 -47.44 -26.33
C GLY A 346 39.96 -46.93 -25.56
N THR A 347 40.81 -47.84 -25.08
CA THR A 347 41.98 -47.41 -24.33
C THR A 347 43.31 -47.67 -25.06
N SER A 348 43.23 -47.93 -26.37
CA SER A 348 44.44 -48.22 -27.13
C SER A 348 45.15 -46.97 -27.67
N PHE A 349 45.41 -46.01 -26.78
CA PHE A 349 46.11 -44.79 -27.17
C PHE A 349 46.74 -44.13 -25.95
N ILE A 350 47.63 -43.18 -26.19
CA ILE A 350 48.29 -42.45 -25.11
C ILE A 350 47.71 -41.04 -25.18
N PRO A 351 46.79 -40.73 -24.27
CA PRO A 351 46.14 -39.42 -24.22
C PRO A 351 46.99 -38.18 -24.05
N GLN A 352 48.11 -38.27 -23.35
CA GLN A 352 48.87 -37.05 -23.15
C GLN A 352 50.36 -37.17 -22.81
N HIS A 353 51.06 -36.05 -23.05
CA HIS A 353 52.48 -35.87 -22.74
C HIS A 353 52.56 -34.38 -22.35
N SER A 354 53.53 -34.01 -21.51
CA SER A 354 53.61 -32.63 -21.07
C SER A 354 54.36 -31.66 -21.98
N ASP A 355 55.39 -32.15 -22.66
CA ASP A 355 56.19 -31.30 -23.53
C ASP A 355 56.87 -30.23 -22.65
N ALA A 356 57.09 -30.56 -21.39
CA ALA A 356 57.69 -29.61 -20.45
C ALA A 356 59.10 -29.16 -20.83
N ARG A 357 59.30 -27.85 -20.84
CA ARG A 357 60.59 -27.25 -21.13
C ARG A 357 61.19 -26.83 -19.79
N VAL A 358 60.31 -26.51 -18.83
CA VAL A 358 60.74 -26.11 -17.49
C VAL A 358 60.20 -27.11 -16.47
N LEU A 359 61.11 -27.73 -15.72
CA LEU A 359 60.78 -28.75 -14.71
C LEU A 359 59.43 -28.65 -13.99
N GLU A 360 59.16 -27.51 -13.36
CA GLU A 360 57.92 -27.31 -12.61
C GLU A 360 56.65 -27.53 -13.43
N GLN A 361 56.73 -27.26 -14.73
CA GLN A 361 55.57 -27.41 -15.60
C GLN A 361 54.94 -28.80 -15.44
N LEU A 362 55.74 -29.79 -15.07
CA LEU A 362 55.21 -31.12 -14.89
C LEU A 362 54.01 -31.08 -13.96
N ILE A 363 54.03 -30.15 -13.01
CA ILE A 363 52.93 -30.05 -12.07
C ILE A 363 51.61 -29.66 -12.72
N TYR A 364 51.60 -28.53 -13.43
CA TYR A 364 50.37 -28.07 -14.06
C TYR A 364 49.94 -28.84 -15.30
N LYS A 365 50.90 -29.29 -16.09
CA LYS A 365 50.58 -30.03 -17.31
C LYS A 365 49.77 -31.28 -16.97
N TRP A 366 50.25 -32.05 -15.98
CA TRP A 366 49.56 -33.26 -15.60
C TRP A 366 48.34 -33.04 -14.72
N HIS A 367 48.32 -31.96 -13.95
CA HIS A 367 47.15 -31.69 -13.12
C HIS A 367 45.98 -31.24 -13.98
N HIS A 368 46.24 -30.30 -14.91
CA HIS A 368 45.21 -29.80 -15.81
C HIS A 368 44.71 -30.91 -16.73
N SER A 369 45.63 -31.72 -17.25
CA SER A 369 45.27 -32.80 -18.16
C SER A 369 44.56 -33.96 -17.47
N LYS A 370 45.05 -34.36 -16.31
CA LYS A 370 44.42 -35.47 -15.59
C LYS A 370 42.97 -35.18 -15.21
N SER A 371 42.67 -33.93 -14.88
CA SER A 371 41.30 -33.59 -14.50
C SER A 371 40.35 -33.79 -15.69
N ILE A 372 40.82 -33.42 -16.88
CA ILE A 372 40.01 -33.57 -18.09
C ILE A 372 39.88 -35.05 -18.44
N ILE A 373 40.99 -35.77 -18.43
CA ILE A 373 40.99 -37.20 -18.76
C ILE A 373 40.12 -37.97 -17.78
N ALA A 374 40.16 -37.59 -16.51
CA ALA A 374 39.35 -38.27 -15.50
C ALA A 374 37.86 -38.09 -15.83
N GLU A 375 37.47 -36.87 -16.16
CA GLU A 375 36.07 -36.60 -16.49
C GLU A 375 35.61 -37.41 -17.71
N VAL A 376 36.48 -37.55 -18.71
CA VAL A 376 36.14 -38.33 -19.89
C VAL A 376 35.90 -39.79 -19.47
N LEU A 377 36.80 -40.31 -18.64
CA LEU A 377 36.71 -41.67 -18.14
C LEU A 377 35.41 -41.89 -17.38
N ILE A 378 35.05 -40.94 -16.53
CA ILE A 378 33.82 -41.05 -15.75
C ILE A 378 32.63 -41.21 -16.71
N ASP A 379 32.55 -40.36 -17.72
CA ASP A 379 31.46 -40.46 -18.68
C ASP A 379 31.43 -41.81 -19.38
N LYS A 380 32.59 -42.28 -19.84
CA LYS A 380 32.64 -43.54 -20.57
C LYS A 380 32.35 -44.75 -19.68
N TYR A 381 32.84 -44.74 -18.45
CA TYR A 381 32.58 -45.84 -17.53
C TYR A 381 31.11 -45.80 -17.16
N ASP A 382 30.58 -44.59 -16.92
CA ASP A 382 29.17 -44.50 -16.56
C ASP A 382 28.27 -45.02 -17.67
N ASP A 383 28.63 -44.75 -18.93
CA ASP A 383 27.80 -45.24 -20.02
C ASP A 383 27.68 -46.76 -20.02
N ILE A 384 28.76 -47.47 -19.75
CA ILE A 384 28.66 -48.93 -19.73
C ILE A 384 28.09 -49.45 -18.42
N LEU A 385 28.26 -48.68 -17.34
CA LEU A 385 27.70 -49.10 -16.06
C LEU A 385 26.19 -49.07 -16.21
N GLN A 386 25.67 -47.97 -16.76
CA GLN A 386 24.22 -47.86 -16.93
C GLN A 386 23.71 -48.92 -17.89
N ALA A 387 24.57 -49.39 -18.78
CA ALA A 387 24.19 -50.43 -19.75
C ALA A 387 24.22 -51.81 -19.09
N GLY A 388 24.57 -51.86 -17.81
CA GLY A 388 24.57 -53.13 -17.09
C GLY A 388 25.91 -53.78 -16.83
N TRP A 389 26.99 -53.12 -17.24
CA TRP A 389 28.33 -53.67 -17.06
C TRP A 389 28.88 -53.44 -15.66
N GLU A 390 29.60 -54.44 -15.16
CA GLU A 390 30.21 -54.34 -13.84
C GLU A 390 31.61 -53.76 -14.02
N VAL A 391 31.86 -52.63 -13.37
CA VAL A 391 33.18 -52.00 -13.44
C VAL A 391 33.82 -52.14 -12.07
N THR A 392 34.97 -52.80 -12.00
CA THR A 392 35.63 -52.96 -10.71
C THR A 392 36.72 -51.91 -10.58
N GLU A 393 37.05 -51.58 -9.33
CA GLU A 393 38.07 -50.59 -9.07
C GLU A 393 39.41 -51.08 -9.58
N GLU A 394 39.58 -52.40 -9.60
CA GLU A 394 40.83 -52.96 -10.08
C GLU A 394 40.94 -52.81 -11.60
N GLU A 395 39.81 -52.88 -12.29
CA GLU A 395 39.83 -52.73 -13.74
C GLU A 395 40.10 -51.26 -14.10
N ILE A 396 39.54 -50.34 -13.31
CA ILE A 396 39.76 -48.92 -13.55
C ILE A 396 41.26 -48.62 -13.38
N LYS A 397 41.84 -49.11 -12.30
CA LYS A 397 43.27 -48.88 -12.06
C LYS A 397 44.09 -49.45 -13.22
N ARG A 398 43.65 -50.58 -13.74
CA ARG A 398 44.32 -51.23 -14.87
C ARG A 398 44.27 -50.35 -16.12
N ASP A 399 43.07 -49.89 -16.45
CA ASP A 399 42.91 -49.05 -17.63
C ASP A 399 43.68 -47.75 -17.46
N VAL A 400 43.53 -47.12 -16.29
CA VAL A 400 44.21 -45.86 -16.03
C VAL A 400 45.71 -46.04 -16.17
N ALA A 401 46.23 -47.15 -15.66
CA ALA A 401 47.65 -47.43 -15.73
C ALA A 401 48.08 -47.59 -17.19
N ASP A 402 47.20 -48.14 -18.03
CA ASP A 402 47.50 -48.33 -19.45
C ASP A 402 47.69 -46.97 -20.12
N LEU A 403 46.68 -46.13 -19.95
CA LEU A 403 46.66 -44.80 -20.55
C LEU A 403 47.85 -43.91 -20.19
N PHE A 404 48.14 -43.82 -18.90
CA PHE A 404 49.20 -42.95 -18.42
C PHE A 404 50.61 -43.53 -18.40
N SER A 405 50.75 -44.84 -18.64
CA SER A 405 52.08 -45.41 -18.58
C SER A 405 52.33 -46.71 -19.37
N ARG A 406 51.54 -47.73 -19.11
CA ARG A 406 51.72 -49.03 -19.78
C ARG A 406 51.65 -49.08 -21.31
N ASN A 407 50.67 -48.39 -21.91
CA ASN A 407 50.57 -48.43 -23.37
C ASN A 407 51.89 -48.00 -23.99
N PHE A 408 52.51 -46.97 -23.44
CA PHE A 408 53.78 -46.50 -23.99
C PHE A 408 54.86 -47.57 -23.90
N TRP A 409 55.17 -48.01 -22.68
CA TRP A 409 56.21 -49.02 -22.50
C TRP A 409 55.92 -50.28 -23.29
N ARG A 410 54.64 -50.61 -23.40
CA ARG A 410 54.23 -51.78 -24.15
C ARG A 410 54.57 -51.59 -25.63
N PHE A 411 54.31 -50.40 -26.15
CA PHE A 411 54.56 -50.12 -27.55
C PHE A 411 56.04 -50.08 -27.90
N VAL A 412 56.84 -49.40 -27.08
CA VAL A 412 58.27 -49.29 -27.33
C VAL A 412 59.02 -50.59 -27.10
N GLY A 413 58.37 -51.57 -26.48
CA GLY A 413 59.01 -52.85 -26.23
C GLY A 413 60.02 -52.79 -25.10
N ARG A 414 59.73 -51.96 -24.10
CA ARG A 414 60.60 -51.80 -22.94
C ARG A 414 59.84 -52.03 -21.63
N SER B 2 38.28 -9.79 -1.99
CA SER B 2 38.44 -10.72 -3.16
C SER B 2 37.34 -11.78 -3.18
N ILE B 3 37.05 -12.29 -4.38
CA ILE B 3 36.03 -13.32 -4.55
C ILE B 3 36.65 -14.68 -4.27
N ASN B 4 35.99 -15.46 -3.40
CA ASN B 4 36.51 -16.77 -3.03
C ASN B 4 35.54 -17.94 -3.25
N SER B 5 34.53 -17.74 -4.08
CA SER B 5 33.57 -18.80 -4.36
C SER B 5 33.08 -18.67 -5.79
N ARG B 6 32.81 -19.80 -6.43
CA ARG B 6 32.34 -19.78 -7.81
C ARG B 6 30.99 -19.08 -7.87
N GLU B 7 30.21 -19.21 -6.80
CA GLU B 7 28.89 -18.59 -6.73
C GLU B 7 29.00 -17.07 -6.84
N VAL B 8 29.84 -16.46 -6.01
CA VAL B 8 30.01 -15.01 -6.05
C VAL B 8 30.70 -14.59 -7.33
N LEU B 9 31.65 -15.41 -7.78
CA LEU B 9 32.39 -15.14 -9.00
C LEU B 9 31.42 -15.06 -10.18
N ALA B 10 30.53 -16.04 -10.29
CA ALA B 10 29.54 -16.07 -11.36
C ALA B 10 28.61 -14.87 -11.29
N GLU B 11 28.30 -14.45 -10.07
CA GLU B 11 27.44 -13.29 -9.85
C GLU B 11 28.10 -12.04 -10.42
N LYS B 12 29.33 -11.79 -10.03
CA LYS B 12 30.08 -10.62 -10.48
C LYS B 12 30.38 -10.62 -11.97
N VAL B 13 30.77 -11.77 -12.51
CA VAL B 13 31.07 -11.85 -13.92
C VAL B 13 29.82 -11.52 -14.74
N LYS B 14 28.73 -12.23 -14.50
CA LYS B 14 27.50 -11.96 -15.23
C LYS B 14 27.11 -10.49 -15.11
N ASN B 15 27.29 -9.93 -13.92
CA ASN B 15 26.94 -8.53 -13.71
C ASN B 15 27.81 -7.61 -14.55
N ALA B 16 29.13 -7.81 -14.47
CA ALA B 16 30.07 -7.00 -15.23
C ALA B 16 29.77 -7.09 -16.72
N VAL B 17 29.54 -8.31 -17.21
CA VAL B 17 29.25 -8.56 -18.61
C VAL B 17 27.96 -7.92 -19.12
N ASN B 18 26.90 -7.97 -18.32
CA ASN B 18 25.65 -7.37 -18.75
C ASN B 18 25.61 -5.87 -18.52
N ASN B 19 26.51 -5.35 -17.68
CA ASN B 19 26.55 -3.92 -17.43
C ASN B 19 27.51 -3.23 -18.39
N GLN B 20 28.52 -3.97 -18.85
CA GLN B 20 29.52 -3.42 -19.76
C GLN B 20 28.94 -2.87 -21.06
N PRO B 21 29.17 -1.57 -21.33
CA PRO B 21 28.69 -0.89 -22.54
C PRO B 21 29.35 -1.53 -23.75
N VAL B 22 28.56 -1.96 -24.72
CA VAL B 22 29.12 -2.63 -25.87
C VAL B 22 29.43 -1.78 -27.11
N THR B 23 30.57 -2.08 -27.71
CA THR B 23 30.98 -1.42 -28.94
C THR B 23 30.94 -2.52 -29.98
N ASP B 24 29.94 -2.45 -30.85
CA ASP B 24 29.73 -3.42 -31.92
C ASP B 24 30.61 -2.98 -33.10
N MET B 25 31.85 -3.45 -33.14
CA MET B 25 32.76 -3.02 -34.19
C MET B 25 32.55 -3.50 -35.63
N HIS B 26 31.32 -3.85 -35.95
CA HIS B 26 30.94 -4.26 -37.29
C HIS B 26 29.46 -4.62 -37.38
N THR B 27 28.71 -3.80 -38.10
CA THR B 27 27.29 -3.99 -38.28
C THR B 27 26.91 -3.50 -39.67
N HIS B 28 25.62 -3.60 -39.99
CA HIS B 28 25.11 -3.15 -41.27
C HIS B 28 23.99 -2.19 -40.97
N LEU B 29 24.14 -1.48 -39.86
CA LEU B 29 23.17 -0.50 -39.42
C LEU B 29 23.73 0.87 -39.80
N PHE B 30 22.90 1.89 -39.76
CA PHE B 30 23.32 3.24 -40.11
C PHE B 30 22.71 4.22 -39.12
N SER B 31 23.43 5.32 -38.84
CA SER B 31 22.88 6.34 -37.94
C SER B 31 21.50 6.65 -38.52
N PRO B 32 20.49 6.85 -37.67
CA PRO B 32 19.13 7.14 -38.14
C PRO B 32 18.93 8.37 -39.01
N ASN B 33 19.85 9.32 -38.96
CA ASN B 33 19.71 10.54 -39.77
C ASN B 33 19.92 10.21 -41.25
N PHE B 34 20.52 9.06 -41.53
CA PHE B 34 20.77 8.65 -42.89
C PHE B 34 19.48 8.21 -43.59
N GLY B 35 18.41 8.05 -42.81
CA GLY B 35 17.14 7.67 -43.40
C GLY B 35 16.77 6.20 -43.43
N GLU B 36 16.09 5.82 -44.50
CA GLU B 36 15.61 4.46 -44.69
C GLU B 36 16.63 3.33 -44.78
N ILE B 37 17.88 3.63 -45.12
CA ILE B 37 18.87 2.56 -45.20
C ILE B 37 18.88 1.78 -43.90
N LEU B 38 18.54 2.46 -42.80
CA LEU B 38 18.50 1.81 -41.49
C LEU B 38 17.21 1.01 -41.41
N LEU B 39 17.32 -0.31 -41.45
CA LEU B 39 16.12 -1.16 -41.37
C LEU B 39 15.75 -1.48 -39.93
N TRP B 40 14.45 -1.63 -39.67
CA TRP B 40 13.97 -1.94 -38.33
C TRP B 40 12.47 -2.25 -38.31
N ASP B 41 12.07 -3.02 -37.29
CA ASP B 41 10.69 -3.45 -37.04
C ASP B 41 10.57 -4.98 -37.21
N ILE B 42 9.47 -5.54 -36.75
CA ILE B 42 9.28 -6.98 -36.82
C ILE B 42 9.27 -7.60 -38.22
N ASP B 43 8.81 -6.85 -39.20
CA ASP B 43 8.78 -7.38 -40.57
C ASP B 43 10.19 -7.48 -41.13
N GLU B 44 11.05 -6.53 -40.77
CA GLU B 44 12.43 -6.54 -41.22
C GLU B 44 13.17 -7.71 -40.56
N LEU B 45 12.86 -7.97 -39.30
CA LEU B 45 13.48 -9.08 -38.56
C LEU B 45 13.13 -10.41 -39.19
N LEU B 46 11.85 -10.59 -39.51
CA LEU B 46 11.39 -11.83 -40.11
C LEU B 46 11.88 -12.05 -41.54
N THR B 47 12.17 -10.97 -42.27
CA THR B 47 12.63 -11.10 -43.64
C THR B 47 14.16 -11.02 -43.78
N TYR B 48 14.84 -11.06 -42.63
CA TYR B 48 16.30 -11.08 -42.58
C TYR B 48 16.67 -12.26 -43.50
N HIS B 49 17.72 -12.14 -44.31
CA HIS B 49 18.03 -13.23 -45.23
C HIS B 49 18.35 -14.56 -44.56
N TYR B 50 18.79 -14.51 -43.30
CA TYR B 50 19.09 -15.75 -42.56
C TYR B 50 17.79 -16.56 -42.52
N LEU B 51 16.68 -15.86 -42.32
CA LEU B 51 15.38 -16.51 -42.26
C LEU B 51 14.81 -16.82 -43.64
N VAL B 52 15.31 -16.13 -44.67
CA VAL B 52 14.84 -16.40 -46.02
C VAL B 52 15.37 -17.76 -46.45
N ALA B 53 16.67 -17.99 -46.19
CA ALA B 53 17.28 -19.25 -46.55
C ALA B 53 16.54 -20.39 -45.85
N GLU B 54 16.22 -20.19 -44.58
CA GLU B 54 15.52 -21.21 -43.79
C GLU B 54 14.10 -21.52 -44.24
N VAL B 55 13.34 -20.49 -44.58
CA VAL B 55 11.96 -20.75 -45.00
C VAL B 55 11.92 -21.51 -46.33
N MET B 56 12.89 -21.25 -47.20
CA MET B 56 12.94 -21.92 -48.50
C MET B 56 13.13 -23.43 -48.38
N ARG B 57 13.66 -23.89 -47.25
CA ARG B 57 13.85 -25.32 -47.07
C ARG B 57 12.51 -25.98 -46.75
N TRP B 58 11.55 -25.17 -46.29
CA TRP B 58 10.23 -25.68 -45.92
C TRP B 58 9.06 -25.34 -46.84
N THR B 59 8.96 -24.07 -47.21
CA THR B 59 7.86 -23.59 -48.02
C THR B 59 7.72 -24.13 -49.43
N ASP B 60 6.47 -24.25 -49.88
CA ASP B 60 6.15 -24.72 -51.22
C ASP B 60 6.21 -23.53 -52.17
N VAL B 61 6.17 -22.33 -51.60
CA VAL B 61 6.23 -21.09 -52.37
C VAL B 61 7.55 -21.03 -53.11
N SER B 62 7.49 -20.71 -54.41
CA SER B 62 8.71 -20.61 -55.21
C SER B 62 9.47 -19.35 -54.82
N ILE B 63 10.79 -19.39 -54.92
CA ILE B 63 11.58 -18.23 -54.58
C ILE B 63 11.11 -17.03 -55.40
N GLU B 64 10.67 -17.28 -56.64
CA GLU B 64 10.17 -16.21 -57.50
C GLU B 64 8.97 -15.55 -56.84
N ALA B 65 7.98 -16.37 -56.52
CA ALA B 65 6.76 -15.89 -55.88
C ALA B 65 7.09 -15.20 -54.55
N PHE B 66 8.10 -15.68 -53.84
CA PHE B 66 8.47 -15.07 -52.57
C PHE B 66 8.94 -13.64 -52.79
N TRP B 67 9.86 -13.47 -53.73
CA TRP B 67 10.40 -12.15 -54.03
C TRP B 67 9.29 -11.23 -54.55
N ALA B 68 8.28 -11.84 -55.14
CA ALA B 68 7.15 -11.12 -55.69
C ALA B 68 6.23 -10.59 -54.59
N MET B 69 6.16 -11.33 -53.48
CA MET B 69 5.32 -10.93 -52.35
C MET B 69 5.79 -9.61 -51.75
N SER B 70 4.90 -8.99 -50.98
CA SER B 70 5.22 -7.74 -50.32
C SER B 70 5.99 -8.09 -49.05
N LYS B 71 6.61 -7.09 -48.43
CA LYS B 71 7.38 -7.30 -47.20
C LYS B 71 6.49 -8.02 -46.19
N ARG B 72 5.31 -7.45 -45.95
CA ARG B 72 4.36 -8.01 -45.00
C ARG B 72 4.04 -9.46 -45.32
N GLU B 73 3.70 -9.73 -46.58
CA GLU B 73 3.36 -11.08 -47.02
C GLU B 73 4.48 -12.09 -46.80
N GLN B 74 5.72 -11.65 -47.00
CA GLN B 74 6.88 -12.51 -46.81
C GLN B 74 7.04 -12.85 -45.33
N ALA B 75 6.92 -11.83 -44.48
CA ALA B 75 7.04 -11.99 -43.03
C ALA B 75 6.00 -12.98 -42.53
N ASP B 76 4.77 -12.83 -43.00
CA ASP B 76 3.69 -13.71 -42.59
C ASP B 76 3.97 -15.14 -43.01
N LEU B 77 4.61 -15.31 -44.17
CA LEU B 77 4.95 -16.64 -44.67
C LEU B 77 6.01 -17.25 -43.78
N ILE B 78 7.05 -16.47 -43.48
CA ILE B 78 8.14 -16.93 -42.65
C ILE B 78 7.66 -17.26 -41.24
N TRP B 79 6.85 -16.39 -40.67
CA TRP B 79 6.33 -16.60 -39.32
C TRP B 79 5.52 -17.90 -39.27
N GLU B 80 4.73 -18.13 -40.31
CA GLU B 80 3.89 -19.33 -40.38
C GLU B 80 4.71 -20.61 -40.63
N GLU B 81 5.64 -20.53 -41.57
CA GLU B 81 6.46 -21.68 -41.92
C GLU B 81 7.50 -22.07 -40.88
N LEU B 82 8.17 -21.07 -40.29
CA LEU B 82 9.23 -21.34 -39.31
C LEU B 82 8.87 -21.25 -37.82
N PHE B 83 7.76 -20.60 -37.50
CA PHE B 83 7.35 -20.45 -36.10
C PHE B 83 6.11 -21.23 -35.69
N ILE B 84 5.15 -21.37 -36.60
CA ILE B 84 3.90 -22.06 -36.29
C ILE B 84 3.87 -23.52 -36.73
N LYS B 85 4.29 -23.79 -37.97
CA LYS B 85 4.29 -25.16 -38.48
C LYS B 85 5.45 -25.99 -37.93
N ARG B 86 6.48 -25.32 -37.43
CA ARG B 86 7.63 -25.97 -36.81
C ARG B 86 8.11 -25.06 -35.70
N SER B 87 8.62 -25.63 -34.62
CA SER B 87 9.10 -24.82 -33.52
C SER B 87 10.28 -23.97 -33.97
N PRO B 88 10.27 -22.68 -33.60
CA PRO B 88 11.34 -21.74 -33.96
C PRO B 88 12.63 -21.96 -33.16
N VAL B 89 13.21 -23.15 -33.31
CA VAL B 89 14.41 -23.51 -32.58
C VAL B 89 15.76 -23.09 -33.18
N SER B 90 15.80 -22.74 -34.46
CA SER B 90 17.09 -22.33 -35.05
C SER B 90 17.54 -21.04 -34.36
N GLU B 91 18.84 -20.75 -34.42
CA GLU B 91 19.38 -19.56 -33.79
C GLU B 91 18.75 -18.28 -34.32
N ALA B 92 18.49 -18.23 -35.62
CA ALA B 92 17.92 -17.05 -36.24
C ALA B 92 16.48 -16.81 -35.79
N CYS B 93 15.70 -17.88 -35.70
CA CYS B 93 14.31 -17.76 -35.27
C CYS B 93 14.24 -17.44 -33.77
N ARG B 94 15.16 -18.02 -33.00
CA ARG B 94 15.21 -17.77 -31.56
C ARG B 94 15.53 -16.30 -31.36
N GLY B 95 16.38 -15.77 -32.24
CA GLY B 95 16.78 -14.37 -32.17
C GLY B 95 15.61 -13.41 -32.31
N VAL B 96 14.67 -13.72 -33.19
CA VAL B 96 13.51 -12.87 -33.37
C VAL B 96 12.71 -12.83 -32.07
N LEU B 97 12.46 -14.00 -31.49
CA LEU B 97 11.70 -14.08 -30.24
C LEU B 97 12.39 -13.28 -29.13
N THR B 98 13.72 -13.41 -29.04
CA THR B 98 14.50 -12.67 -28.04
C THR B 98 14.31 -11.18 -28.22
N CYS B 99 14.29 -10.73 -29.47
CA CYS B 99 14.09 -9.31 -29.76
C CYS B 99 12.73 -8.82 -29.28
N LEU B 100 11.66 -9.53 -29.64
CA LEU B 100 10.33 -9.15 -29.21
C LEU B 100 10.25 -9.09 -27.69
N GLN B 101 10.63 -10.18 -27.02
CA GLN B 101 10.59 -10.21 -25.56
C GLN B 101 11.36 -9.02 -24.99
N GLY B 102 12.49 -8.69 -25.60
CA GLY B 102 13.30 -7.58 -25.13
C GLY B 102 12.57 -6.25 -25.18
N LEU B 103 11.72 -6.06 -26.19
CA LEU B 103 10.98 -4.81 -26.35
C LEU B 103 9.71 -4.78 -25.51
N GLY B 104 9.48 -5.83 -24.73
CA GLY B 104 8.29 -5.85 -23.90
C GLY B 104 7.13 -6.59 -24.53
N LEU B 105 7.30 -7.05 -25.77
CA LEU B 105 6.24 -7.81 -26.42
C LEU B 105 6.21 -9.22 -25.83
N ASP B 106 5.09 -9.91 -25.98
CA ASP B 106 4.98 -11.25 -25.42
C ASP B 106 4.80 -12.36 -26.46
N PRO B 107 5.89 -13.07 -26.77
CA PRO B 107 5.91 -14.18 -27.73
C PRO B 107 4.90 -15.27 -27.42
N ALA B 108 4.54 -15.40 -26.15
CA ALA B 108 3.60 -16.43 -25.72
C ALA B 108 2.26 -16.32 -26.46
N THR B 109 1.87 -15.11 -26.83
CA THR B 109 0.61 -14.90 -27.53
C THR B 109 0.69 -15.21 -29.01
N ARG B 110 1.88 -15.05 -29.59
CA ARG B 110 2.09 -15.28 -31.01
C ARG B 110 1.23 -14.32 -31.83
N ASP B 111 0.91 -13.18 -31.23
CA ASP B 111 0.07 -12.18 -31.90
C ASP B 111 0.94 -11.25 -32.76
N LEU B 112 1.25 -11.71 -33.96
CA LEU B 112 2.07 -10.96 -34.88
C LEU B 112 1.52 -9.55 -35.15
N GLN B 113 0.19 -9.44 -35.19
CA GLN B 113 -0.43 -8.14 -35.44
C GLN B 113 -0.08 -7.16 -34.32
N VAL B 114 -0.28 -7.58 -33.08
CA VAL B 114 0.02 -6.73 -31.95
C VAL B 114 1.50 -6.34 -31.97
N TYR B 115 2.37 -7.29 -32.31
CA TYR B 115 3.79 -6.97 -32.34
C TYR B 115 4.03 -5.87 -33.38
N ARG B 116 3.34 -5.98 -34.51
CA ARG B 116 3.47 -5.00 -35.59
C ARG B 116 3.08 -3.60 -35.15
N GLU B 117 2.00 -3.49 -34.37
CA GLU B 117 1.51 -2.19 -33.90
C GLU B 117 2.54 -1.43 -33.07
N TYR B 118 3.30 -2.14 -32.25
CA TYR B 118 4.31 -1.52 -31.40
C TYR B 118 5.26 -0.64 -32.20
N PHE B 119 5.70 -1.15 -33.35
CA PHE B 119 6.65 -0.42 -34.20
C PHE B 119 6.00 0.73 -34.96
N ALA B 120 4.77 0.53 -35.41
CA ALA B 120 4.05 1.54 -36.16
C ALA B 120 3.98 2.86 -35.40
N LYS B 121 3.48 2.80 -34.17
CA LYS B 121 3.34 4.00 -33.37
C LYS B 121 4.65 4.52 -32.79
N LYS B 122 5.74 4.36 -33.55
CA LYS B 122 7.05 4.81 -33.10
C LYS B 122 7.89 5.31 -34.28
N THR B 123 8.94 6.07 -33.99
CA THR B 123 9.82 6.61 -35.03
C THR B 123 11.20 5.99 -35.00
N SER B 124 11.93 6.13 -36.10
CA SER B 124 13.27 5.58 -36.21
C SER B 124 14.18 6.10 -35.11
N GLU B 125 14.20 7.42 -34.94
CA GLU B 125 15.03 8.04 -33.92
C GLU B 125 14.76 7.41 -32.56
N GLU B 126 13.47 7.20 -32.29
CA GLU B 126 13.03 6.60 -31.03
C GLU B 126 13.54 5.17 -30.86
N GLN B 127 13.11 4.30 -31.77
CA GLN B 127 13.49 2.89 -31.73
C GLN B 127 14.99 2.66 -31.58
N VAL B 128 15.79 3.60 -32.09
CA VAL B 128 17.24 3.49 -31.98
C VAL B 128 17.65 3.72 -30.53
N ASP B 129 17.01 4.70 -29.90
CA ASP B 129 17.31 4.99 -28.50
C ASP B 129 16.87 3.81 -27.64
N THR B 130 15.71 3.26 -27.97
CA THR B 130 15.17 2.11 -27.25
C THR B 130 16.13 0.92 -27.39
N VAL B 131 16.37 0.49 -28.63
CA VAL B 131 17.25 -0.64 -28.89
C VAL B 131 18.65 -0.49 -28.30
N LEU B 132 19.29 0.65 -28.51
CA LEU B 132 20.63 0.85 -27.97
C LEU B 132 20.61 0.80 -26.46
N GLN B 133 19.47 1.15 -25.87
CA GLN B 133 19.32 1.13 -24.43
C GLN B 133 19.20 -0.32 -23.97
N LEU B 134 18.32 -1.07 -24.61
CA LEU B 134 18.11 -2.47 -24.27
C LEU B 134 19.35 -3.34 -24.48
N ALA B 135 19.97 -3.22 -25.65
CA ALA B 135 21.16 -4.02 -25.95
C ALA B 135 22.39 -3.46 -25.25
N ASN B 136 22.23 -2.31 -24.62
CA ASN B 136 23.33 -1.67 -23.92
C ASN B 136 24.58 -1.53 -24.81
N VAL B 137 24.37 -1.02 -26.01
CA VAL B 137 25.46 -0.80 -26.95
C VAL B 137 25.74 0.70 -26.99
N SER B 138 26.98 1.08 -26.71
CA SER B 138 27.34 2.50 -26.71
C SER B 138 27.81 3.00 -28.08
N ASP B 139 28.47 2.14 -28.83
CA ASP B 139 28.98 2.51 -30.15
C ASP B 139 28.73 1.45 -31.23
N VAL B 140 28.27 1.91 -32.40
CA VAL B 140 27.98 1.04 -33.53
C VAL B 140 28.82 1.38 -34.76
N VAL B 141 29.66 0.45 -35.20
CA VAL B 141 30.48 0.68 -36.39
C VAL B 141 29.70 0.20 -37.59
N MET B 142 29.42 1.13 -38.50
CA MET B 142 28.67 0.85 -39.72
C MET B 142 29.58 0.23 -40.78
N THR B 143 28.98 -0.13 -41.91
CA THR B 143 29.71 -0.67 -43.06
C THR B 143 29.32 0.35 -44.13
N ASN B 144 30.26 1.24 -44.46
CA ASN B 144 29.96 2.27 -45.42
C ASN B 144 30.62 2.09 -46.78
N ASP B 145 29.79 1.72 -47.75
CA ASP B 145 30.22 1.47 -49.12
C ASP B 145 30.03 2.68 -50.04
N PRO B 146 31.12 3.39 -50.35
CA PRO B 146 31.05 4.56 -51.22
C PRO B 146 30.61 4.20 -52.64
N PHE B 147 30.58 2.90 -52.94
CA PHE B 147 30.19 2.44 -54.26
C PHE B 147 28.69 2.27 -54.41
N ASP B 148 27.95 2.48 -53.33
CA ASP B 148 26.49 2.38 -53.37
C ASP B 148 26.00 3.78 -53.67
N ASP B 149 25.12 3.91 -54.67
CA ASP B 149 24.59 5.22 -55.05
C ASP B 149 23.98 5.99 -53.87
N ASN B 150 22.86 5.49 -53.37
CA ASN B 150 22.16 6.12 -52.26
C ASN B 150 23.09 6.51 -51.13
N GLU B 151 23.90 5.55 -50.68
CA GLU B 151 24.82 5.78 -49.58
C GLU B 151 25.87 6.83 -49.95
N ARG B 152 26.39 6.75 -51.16
CA ARG B 152 27.40 7.68 -51.65
C ARG B 152 26.91 9.12 -51.64
N ILE B 153 25.77 9.36 -52.28
CA ILE B 153 25.19 10.69 -52.35
C ILE B 153 25.01 11.27 -50.95
N SER B 154 24.70 10.39 -50.00
CA SER B 154 24.48 10.81 -48.61
C SER B 154 25.72 11.50 -48.05
N TRP B 155 26.87 10.83 -48.12
CA TRP B 155 28.10 11.41 -47.60
C TRP B 155 28.49 12.66 -48.38
N LEU B 156 28.17 12.67 -49.67
CA LEU B 156 28.47 13.82 -50.52
C LEU B 156 27.71 15.05 -50.03
N GLU B 157 26.44 14.86 -49.67
CA GLU B 157 25.63 15.96 -49.19
C GLU B 157 25.92 16.36 -47.76
N GLY B 158 27.06 15.89 -47.23
CA GLY B 158 27.45 16.25 -45.88
C GLY B 158 26.82 15.48 -44.72
N LYS B 159 25.86 14.61 -45.01
CA LYS B 159 25.21 13.83 -43.96
C LYS B 159 26.23 13.20 -43.02
N GLN B 160 26.23 13.63 -41.77
CA GLN B 160 27.16 13.09 -40.79
C GLN B 160 26.41 12.15 -39.83
N PRO B 161 27.01 10.99 -39.52
CA PRO B 161 26.37 10.04 -38.61
C PRO B 161 26.45 10.47 -37.15
N ASP B 162 25.45 10.04 -36.38
CA ASP B 162 25.36 10.32 -34.96
C ASP B 162 26.70 9.98 -34.29
N SER B 163 27.02 10.64 -33.18
CA SER B 163 28.29 10.39 -32.48
C SER B 163 28.41 8.97 -31.89
N ARG B 164 27.30 8.23 -31.91
CA ARG B 164 27.33 6.87 -31.38
C ARG B 164 27.53 5.87 -32.54
N PHE B 165 27.41 6.35 -33.76
CA PHE B 165 27.59 5.53 -34.96
C PHE B 165 28.91 5.90 -35.64
N HIS B 166 29.74 4.91 -35.93
CA HIS B 166 31.03 5.16 -36.57
C HIS B 166 31.07 4.61 -37.98
N ALA B 167 31.98 5.15 -38.79
CA ALA B 167 32.11 4.73 -40.17
C ALA B 167 33.23 3.72 -40.43
N ALA B 168 32.98 2.86 -41.40
CA ALA B 168 33.95 1.85 -41.80
C ALA B 168 33.92 1.89 -43.33
N LEU B 169 35.10 2.10 -43.92
CA LEU B 169 35.23 2.18 -45.36
C LEU B 169 35.31 0.79 -45.99
N ARG B 170 34.19 0.34 -46.58
CA ARG B 170 34.08 -0.95 -47.24
C ARG B 170 34.55 -0.81 -48.69
N LEU B 171 35.47 -1.69 -49.13
CA LEU B 171 36.03 -1.60 -50.47
C LEU B 171 35.91 -2.84 -51.37
N ASP B 172 34.92 -3.69 -51.11
CA ASP B 172 34.74 -4.90 -51.91
C ASP B 172 34.76 -4.67 -53.44
N PRO B 173 33.95 -3.73 -53.94
CA PRO B 173 33.93 -3.47 -55.38
C PRO B 173 35.29 -3.08 -55.95
N LEU B 174 36.00 -2.23 -55.22
CA LEU B 174 37.33 -1.77 -55.63
C LEU B 174 38.38 -2.88 -55.65
N LEU B 175 38.38 -3.73 -54.62
CA LEU B 175 39.36 -4.80 -54.54
C LEU B 175 38.98 -6.09 -55.24
N ASN B 176 37.69 -6.37 -55.33
CA ASN B 176 37.24 -7.60 -55.96
C ASN B 176 36.71 -7.45 -57.38
N GLU B 177 36.34 -6.22 -57.75
CA GLU B 177 35.82 -5.99 -59.10
C GLU B 177 36.44 -4.74 -59.72
N TYR B 178 37.74 -4.55 -59.50
CA TYR B 178 38.44 -3.38 -60.02
C TYR B 178 38.21 -3.14 -61.51
N GLU B 179 38.22 -4.22 -62.29
CA GLU B 179 38.03 -4.09 -63.73
C GLU B 179 36.73 -3.37 -64.10
N GLN B 180 35.65 -3.69 -63.41
CA GLN B 180 34.37 -3.05 -63.69
C GLN B 180 34.25 -1.76 -62.89
N THR B 181 34.99 -1.68 -61.80
CA THR B 181 34.95 -0.52 -60.93
C THR B 181 35.80 0.65 -61.43
N LYS B 182 36.96 0.35 -62.01
CA LYS B 182 37.86 1.38 -62.51
C LYS B 182 37.14 2.38 -63.43
N HIS B 183 36.12 1.92 -64.13
CA HIS B 183 35.37 2.79 -65.02
C HIS B 183 34.57 3.81 -64.23
N ARG B 184 34.09 3.42 -63.07
CA ARG B 184 33.32 4.32 -62.22
C ARG B 184 34.30 5.29 -61.54
N LEU B 185 35.52 4.81 -61.31
CA LEU B 185 36.54 5.64 -60.70
C LEU B 185 36.86 6.78 -61.66
N ARG B 186 36.82 6.49 -62.96
CA ARG B 186 37.09 7.50 -63.99
C ARG B 186 36.04 8.60 -63.86
N ASP B 187 34.78 8.19 -63.90
CA ASP B 187 33.65 9.11 -63.81
C ASP B 187 33.72 10.02 -62.59
N TRP B 188 34.43 9.58 -61.55
CA TRP B 188 34.55 10.37 -60.34
C TRP B 188 35.82 11.22 -60.31
N GLY B 189 36.43 11.40 -61.48
CA GLY B 189 37.63 12.21 -61.54
C GLY B 189 38.91 11.46 -61.19
N TYR B 190 38.81 10.18 -60.92
CA TYR B 190 39.98 9.38 -60.58
C TYR B 190 40.50 8.75 -61.85
N LYS B 191 41.52 9.40 -62.42
CA LYS B 191 42.12 8.98 -63.67
C LYS B 191 43.00 7.73 -63.57
N VAL B 192 42.36 6.58 -63.48
CA VAL B 192 43.11 5.33 -63.41
C VAL B 192 43.43 4.90 -64.84
N ASN B 193 44.62 4.36 -65.05
CA ASN B 193 45.05 3.94 -66.38
C ASN B 193 44.76 2.47 -66.64
N ASP B 194 44.72 2.12 -67.93
CA ASP B 194 44.46 0.74 -68.34
C ASP B 194 45.52 -0.18 -67.77
N GLU B 195 46.72 0.36 -67.56
CA GLU B 195 47.84 -0.41 -67.02
C GLU B 195 48.13 0.04 -65.59
N TRP B 196 48.80 -0.81 -64.83
CA TRP B 196 49.13 -0.48 -63.45
C TRP B 196 50.46 0.26 -63.33
N ASN B 197 50.43 1.54 -63.62
CA ASN B 197 51.60 2.40 -63.56
C ASN B 197 51.51 3.32 -62.35
N GLU B 198 52.45 4.25 -62.24
CA GLU B 198 52.47 5.18 -61.12
C GLU B 198 51.24 6.07 -61.14
N GLY B 199 50.70 6.29 -62.34
CA GLY B 199 49.52 7.12 -62.47
C GLY B 199 48.30 6.48 -61.82
N SER B 200 48.08 5.21 -62.14
CA SER B 200 46.96 4.47 -61.59
C SER B 200 47.12 4.31 -60.07
N ILE B 201 48.32 3.92 -59.67
CA ILE B 201 48.62 3.71 -58.25
C ILE B 201 48.26 4.95 -57.42
N GLN B 202 48.72 6.11 -57.86
CA GLN B 202 48.46 7.35 -57.13
C GLN B 202 47.00 7.80 -57.14
N GLU B 203 46.25 7.49 -58.19
CA GLU B 203 44.85 7.88 -58.25
C GLU B 203 43.98 7.02 -57.33
N VAL B 204 44.32 5.74 -57.24
CA VAL B 204 43.59 4.83 -56.37
C VAL B 204 43.81 5.33 -54.95
N LYS B 205 45.04 5.75 -54.66
CA LYS B 205 45.36 6.27 -53.33
C LYS B 205 44.54 7.52 -53.04
N ARG B 206 44.37 8.37 -54.05
CA ARG B 206 43.59 9.60 -53.88
C ARG B 206 42.18 9.22 -53.52
N PHE B 207 41.63 8.25 -54.24
CA PHE B 207 40.28 7.77 -53.98
C PHE B 207 40.15 7.35 -52.52
N LEU B 208 41.12 6.54 -52.07
CA LEU B 208 41.12 6.05 -50.69
C LEU B 208 41.28 7.20 -49.70
N THR B 209 42.30 8.02 -49.92
CA THR B 209 42.55 9.15 -49.03
C THR B 209 41.36 10.10 -48.98
N ASP B 210 40.72 10.32 -50.13
CA ASP B 210 39.56 11.20 -50.17
C ASP B 210 38.44 10.72 -49.25
N TRP B 211 38.07 9.44 -49.38
CA TRP B 211 37.00 8.90 -48.56
C TRP B 211 37.39 8.80 -47.09
N ILE B 212 38.66 8.54 -46.82
CA ILE B 212 39.11 8.45 -45.45
C ILE B 212 38.83 9.80 -44.80
N GLU B 213 38.98 10.87 -45.58
CA GLU B 213 38.74 12.23 -45.07
C GLU B 213 37.25 12.49 -44.88
N ARG B 214 36.45 12.06 -45.84
CA ARG B 214 35.01 12.27 -45.82
C ARG B 214 34.28 11.41 -44.77
N MET B 215 34.76 10.19 -44.56
CA MET B 215 34.14 9.28 -43.59
C MET B 215 34.84 9.21 -42.23
N ASP B 216 36.15 9.45 -42.21
CA ASP B 216 36.92 9.37 -40.97
C ASP B 216 36.63 7.98 -40.38
N PRO B 217 36.72 6.93 -41.22
CA PRO B 217 36.46 5.56 -40.78
C PRO B 217 37.46 5.02 -39.76
N VAL B 218 36.98 4.11 -38.92
CA VAL B 218 37.82 3.50 -37.89
C VAL B 218 38.69 2.42 -38.53
N TYR B 219 38.35 2.05 -39.76
CA TYR B 219 39.12 1.06 -40.50
C TYR B 219 38.56 0.86 -41.90
N MET B 220 39.37 0.25 -42.76
CA MET B 220 38.96 -0.06 -44.12
C MET B 220 38.71 -1.56 -44.11
N ALA B 221 37.60 -1.99 -44.72
CA ALA B 221 37.26 -3.41 -44.72
C ALA B 221 36.97 -4.00 -46.09
N VAL B 222 37.06 -5.33 -46.16
CA VAL B 222 36.80 -6.07 -47.38
C VAL B 222 36.51 -7.52 -47.02
N SER B 223 35.58 -8.13 -47.75
CA SER B 223 35.26 -9.53 -47.52
C SER B 223 35.98 -10.23 -48.66
N LEU B 224 36.63 -11.34 -48.35
CA LEU B 224 37.39 -12.08 -49.35
C LEU B 224 36.92 -13.53 -49.47
N PRO B 225 37.24 -14.17 -50.61
CA PRO B 225 36.86 -15.55 -50.89
C PRO B 225 37.81 -16.57 -50.27
N PRO B 226 37.40 -17.84 -50.26
CA PRO B 226 38.27 -18.88 -49.69
C PRO B 226 39.61 -18.97 -50.41
N THR B 227 39.62 -18.60 -51.69
CA THR B 227 40.84 -18.64 -52.50
C THR B 227 41.74 -17.42 -52.36
N PHE B 228 41.43 -16.54 -51.42
CA PHE B 228 42.24 -15.33 -51.23
C PHE B 228 43.72 -15.64 -51.09
N SER B 229 44.54 -14.94 -51.87
CA SER B 229 45.98 -15.14 -51.83
C SER B 229 46.72 -13.81 -51.82
N PHE B 230 47.94 -13.83 -51.29
CA PHE B 230 48.77 -12.64 -51.23
C PHE B 230 50.20 -12.99 -50.84
N PRO B 231 51.18 -12.48 -51.57
CA PRO B 231 51.03 -11.60 -52.74
C PRO B 231 50.26 -12.26 -53.87
N GLU B 232 49.87 -11.47 -54.87
CA GLU B 232 49.14 -12.01 -56.01
C GLU B 232 49.12 -11.01 -57.17
N GLU B 233 49.57 -11.45 -58.34
CA GLU B 233 49.57 -10.59 -59.50
C GLU B 233 48.16 -10.46 -60.05
N SER B 234 47.37 -9.66 -59.33
CA SER B 234 45.99 -9.41 -59.70
C SER B 234 45.72 -7.97 -59.27
N ASN B 235 44.57 -7.44 -59.65
CA ASN B 235 44.26 -6.08 -59.26
C ASN B 235 44.19 -5.98 -57.74
N ARG B 236 43.53 -6.95 -57.10
CA ARG B 236 43.42 -6.95 -55.65
C ARG B 236 44.80 -6.99 -55.02
N GLY B 237 45.64 -7.91 -55.52
CA GLY B 237 46.99 -8.03 -54.99
C GLY B 237 47.78 -6.74 -55.14
N ARG B 238 47.68 -6.13 -56.31
CA ARG B 238 48.38 -4.88 -56.60
C ARG B 238 47.81 -3.70 -55.83
N ILE B 239 46.49 -3.54 -55.87
CA ILE B 239 45.82 -2.44 -55.17
C ILE B 239 46.13 -2.49 -53.67
N ILE B 240 46.14 -3.70 -53.11
CA ILE B 240 46.44 -3.87 -51.69
C ILE B 240 47.89 -3.51 -51.40
N ARG B 241 48.79 -4.06 -52.21
CA ARG B 241 50.23 -3.82 -52.04
C ARG B 241 50.67 -2.38 -52.28
N ASP B 242 50.26 -1.79 -53.41
CA ASP B 242 50.67 -0.43 -53.76
C ASP B 242 49.80 0.71 -53.26
N CYS B 243 48.53 0.45 -52.96
CA CYS B 243 47.64 1.51 -52.50
C CYS B 243 47.18 1.36 -51.05
N LEU B 244 46.27 0.41 -50.82
CA LEU B 244 45.69 0.16 -49.49
C LEU B 244 46.67 0.12 -48.33
N LEU B 245 47.68 -0.76 -48.40
CA LEU B 245 48.64 -0.90 -47.33
C LEU B 245 49.41 0.38 -46.98
N PRO B 246 50.11 0.98 -47.95
CA PRO B 246 50.85 2.20 -47.65
C PRO B 246 49.95 3.31 -47.10
N VAL B 247 48.76 3.44 -47.65
CA VAL B 247 47.81 4.45 -47.19
C VAL B 247 47.40 4.15 -45.75
N ALA B 248 46.98 2.91 -45.52
CA ALA B 248 46.54 2.47 -44.20
C ALA B 248 47.59 2.81 -43.14
N GLU B 249 48.85 2.53 -43.46
CA GLU B 249 49.95 2.80 -42.54
C GLU B 249 50.13 4.29 -42.28
N LYS B 250 49.89 5.10 -43.30
CA LYS B 250 50.03 6.55 -43.16
C LYS B 250 49.03 7.09 -42.15
N HIS B 251 47.75 6.85 -42.39
CA HIS B 251 46.71 7.32 -41.48
C HIS B 251 46.61 6.44 -40.24
N ASN B 252 47.49 5.44 -40.15
CA ASN B 252 47.49 4.52 -39.02
C ASN B 252 46.10 3.93 -38.85
N ILE B 253 45.53 3.45 -39.95
CA ILE B 253 44.19 2.87 -39.93
C ILE B 253 44.30 1.36 -40.21
N PRO B 254 43.61 0.54 -39.41
CA PRO B 254 43.64 -0.91 -39.61
C PRO B 254 42.89 -1.40 -40.84
N PHE B 255 43.31 -2.54 -41.36
CA PHE B 255 42.69 -3.15 -42.53
C PHE B 255 41.93 -4.40 -42.05
N ALA B 256 40.61 -4.37 -42.20
CA ALA B 256 39.77 -5.50 -41.79
C ALA B 256 39.50 -6.46 -42.94
N MET B 257 39.95 -7.69 -42.79
CA MET B 257 39.76 -8.73 -43.80
C MET B 257 38.80 -9.82 -43.28
N MET B 258 37.65 -9.95 -43.92
CA MET B 258 36.66 -10.95 -43.55
C MET B 258 36.76 -12.01 -44.65
N ILE B 259 37.54 -13.05 -44.37
CA ILE B 259 37.82 -14.12 -45.32
C ILE B 259 36.99 -15.40 -45.25
N GLY B 260 36.67 -15.97 -46.42
CA GLY B 260 35.93 -17.22 -46.47
C GLY B 260 34.60 -17.29 -47.20
N VAL B 261 34.08 -16.17 -47.66
CA VAL B 261 32.79 -16.18 -48.34
C VAL B 261 32.86 -16.44 -49.85
N LYS B 262 31.99 -17.33 -50.33
CA LYS B 262 31.91 -17.63 -51.75
C LYS B 262 30.57 -17.02 -52.17
N LYS B 263 30.65 -15.94 -52.95
CA LYS B 263 29.46 -15.22 -53.37
C LYS B 263 28.60 -15.87 -54.43
N ARG B 264 27.31 -15.62 -54.31
CA ARG B 264 26.34 -16.08 -55.31
C ARG B 264 26.36 -17.55 -55.73
N VAL B 265 26.49 -18.48 -54.80
CA VAL B 265 26.46 -19.88 -55.21
C VAL B 265 25.02 -20.20 -55.60
N HIS B 266 24.09 -19.40 -55.10
CA HIS B 266 22.68 -19.57 -55.42
C HIS B 266 22.06 -18.19 -55.66
N PRO B 267 22.36 -17.57 -56.81
CA PRO B 267 21.91 -16.25 -57.26
C PRO B 267 20.47 -15.85 -56.91
N ALA B 268 19.52 -16.75 -57.16
CA ALA B 268 18.13 -16.45 -56.89
C ALA B 268 17.81 -16.10 -55.43
N LEU B 269 18.63 -16.59 -54.50
CA LEU B 269 18.41 -16.30 -53.08
C LEU B 269 18.84 -14.91 -52.67
N GLY B 270 19.50 -14.19 -53.57
CA GLY B 270 19.95 -12.85 -53.24
C GLY B 270 20.96 -12.86 -52.11
N ASP B 271 20.76 -11.99 -51.13
CA ASP B 271 21.69 -11.93 -49.99
C ASP B 271 21.82 -13.26 -49.26
N ALA B 272 20.86 -14.16 -49.45
CA ALA B 272 20.90 -15.45 -48.79
C ALA B 272 21.55 -16.51 -49.68
N GLY B 273 22.24 -16.06 -50.72
CA GLY B 273 22.88 -17.01 -51.64
C GLY B 273 24.37 -17.22 -51.54
N ASP B 274 25.01 -16.69 -50.49
CA ASP B 274 26.46 -16.85 -50.33
C ASP B 274 26.80 -18.14 -49.56
N PHE B 275 27.93 -18.75 -49.91
CA PHE B 275 28.37 -20.00 -49.29
C PHE B 275 29.70 -19.75 -48.56
N VAL B 276 30.35 -20.82 -48.12
CA VAL B 276 31.61 -20.69 -47.39
C VAL B 276 32.66 -21.71 -47.80
N GLY B 277 33.92 -21.37 -47.58
CA GLY B 277 35.02 -22.27 -47.89
C GLY B 277 36.21 -21.99 -46.98
N LYS B 278 37.04 -23.01 -46.73
CA LYS B 278 38.21 -22.83 -45.88
C LYS B 278 39.33 -22.12 -46.65
N ALA B 279 39.99 -21.16 -46.02
CA ALA B 279 41.06 -20.42 -46.70
C ALA B 279 42.45 -20.84 -46.24
N SER B 280 43.44 -20.52 -47.06
CA SER B 280 44.83 -20.80 -46.72
C SER B 280 45.24 -19.63 -45.81
N MET B 281 46.12 -19.89 -44.85
CA MET B 281 46.57 -18.84 -43.95
C MET B 281 47.80 -18.12 -44.52
N ASP B 282 48.35 -18.65 -45.62
CA ASP B 282 49.54 -18.09 -46.25
C ASP B 282 49.50 -16.57 -46.47
N GLY B 283 48.43 -16.11 -47.12
CA GLY B 283 48.27 -14.70 -47.38
C GLY B 283 48.27 -13.85 -46.12
N VAL B 284 47.46 -14.22 -45.14
CA VAL B 284 47.39 -13.47 -43.89
C VAL B 284 48.73 -13.52 -43.17
N GLU B 285 49.39 -14.66 -43.24
CA GLU B 285 50.69 -14.83 -42.60
C GLU B 285 51.68 -13.84 -43.22
N HIS B 286 51.68 -13.80 -44.55
CA HIS B 286 52.57 -12.92 -45.30
C HIS B 286 52.34 -11.46 -44.92
N LEU B 287 51.09 -11.02 -45.04
CA LEU B 287 50.73 -9.65 -44.73
C LEU B 287 51.20 -9.21 -43.35
N LEU B 288 50.90 -10.00 -42.34
CA LEU B 288 51.29 -9.69 -40.96
C LEU B 288 52.79 -9.58 -40.77
N ARG B 289 53.53 -10.49 -41.38
CA ARG B 289 54.99 -10.50 -41.26
C ARG B 289 55.67 -9.41 -42.07
N GLU B 290 55.37 -9.35 -43.36
CA GLU B 290 55.99 -8.37 -44.25
C GLU B 290 55.59 -6.91 -44.04
N TYR B 291 54.43 -6.68 -43.41
CA TYR B 291 53.95 -5.33 -43.16
C TYR B 291 53.69 -5.09 -41.68
N PRO B 292 54.75 -5.11 -40.85
CA PRO B 292 54.65 -4.90 -39.40
C PRO B 292 54.07 -3.56 -38.95
N ASN B 293 54.13 -2.54 -39.81
CA ASN B 293 53.61 -1.24 -39.43
C ASN B 293 52.14 -1.07 -39.78
N ASN B 294 51.52 -2.13 -40.30
CA ASN B 294 50.11 -2.08 -40.62
C ASN B 294 49.33 -2.88 -39.60
N LYS B 295 48.11 -2.44 -39.29
CA LYS B 295 47.27 -3.13 -38.33
C LYS B 295 46.17 -3.90 -39.05
N PHE B 296 46.04 -5.19 -38.72
CA PHE B 296 45.06 -6.06 -39.35
C PHE B 296 43.97 -6.64 -38.44
N LEU B 297 42.70 -6.40 -38.80
CA LEU B 297 41.58 -6.95 -38.05
C LEU B 297 41.08 -8.12 -38.91
N VAL B 298 41.09 -9.32 -38.36
CA VAL B 298 40.66 -10.48 -39.13
C VAL B 298 39.56 -11.31 -38.50
N THR B 299 38.72 -11.89 -39.35
CA THR B 299 37.66 -12.77 -38.93
C THR B 299 37.47 -13.70 -40.13
N MET B 300 37.21 -14.98 -39.87
CA MET B 300 37.03 -15.94 -40.95
C MET B 300 35.70 -16.67 -40.87
N LEU B 301 35.23 -17.12 -42.02
CA LEU B 301 33.93 -17.78 -42.13
C LEU B 301 33.91 -19.30 -41.94
N SER B 302 35.04 -19.94 -42.20
CA SER B 302 35.12 -21.40 -42.07
C SER B 302 35.44 -21.86 -40.66
N ARG B 303 34.66 -22.83 -40.19
CA ARG B 303 34.87 -23.39 -38.86
C ARG B 303 36.29 -23.94 -38.79
N GLU B 304 36.74 -24.53 -39.88
CA GLU B 304 38.05 -25.13 -39.96
C GLU B 304 39.25 -24.18 -39.98
N ASN B 305 39.00 -22.88 -40.08
CA ASN B 305 40.07 -21.87 -40.10
C ASN B 305 40.28 -21.29 -38.68
N GLN B 306 39.27 -21.39 -37.84
CA GLN B 306 39.31 -20.81 -36.50
C GLN B 306 40.50 -21.12 -35.57
N HIS B 307 40.90 -22.38 -35.44
CA HIS B 307 42.01 -22.67 -34.55
C HIS B 307 43.35 -22.11 -35.03
N GLU B 308 43.65 -22.29 -36.31
CA GLU B 308 44.92 -21.79 -36.84
C GLU B 308 44.98 -20.27 -36.83
N LEU B 309 43.83 -19.61 -36.92
CA LEU B 309 43.79 -18.15 -36.88
C LEU B 309 44.21 -17.70 -35.48
N VAL B 310 43.79 -18.44 -34.47
CA VAL B 310 44.15 -18.11 -33.10
C VAL B 310 45.65 -18.28 -32.96
N VAL B 311 46.17 -19.35 -33.55
CA VAL B 311 47.59 -19.60 -33.47
C VAL B 311 48.35 -18.50 -34.18
N LEU B 312 47.80 -18.01 -35.30
CA LEU B 312 48.46 -16.96 -36.05
C LEU B 312 48.50 -15.69 -35.22
N ALA B 313 47.46 -15.47 -34.42
CA ALA B 313 47.38 -14.28 -33.57
C ALA B 313 48.44 -14.38 -32.46
N ARG B 314 48.87 -15.60 -32.14
CA ARG B 314 49.89 -15.79 -31.13
C ARG B 314 51.24 -15.34 -31.71
N LYS B 315 51.37 -15.48 -33.03
CA LYS B 315 52.60 -15.11 -33.71
C LYS B 315 52.79 -13.61 -33.93
N PHE B 316 51.74 -12.94 -34.41
CA PHE B 316 51.82 -11.52 -34.73
C PHE B 316 50.90 -10.60 -33.95
N SER B 317 51.49 -9.68 -33.18
CA SER B 317 50.73 -8.73 -32.40
C SER B 317 50.00 -7.71 -33.27
N ASN B 318 50.42 -7.57 -34.52
CA ASN B 318 49.75 -6.63 -35.41
C ASN B 318 48.47 -7.23 -35.96
N LEU B 319 48.11 -8.40 -35.42
CA LEU B 319 46.88 -9.09 -35.81
C LEU B 319 45.92 -9.08 -34.63
N MET B 320 44.70 -8.61 -34.90
CA MET B 320 43.66 -8.57 -33.89
C MET B 320 42.48 -9.33 -34.48
N ILE B 321 42.19 -10.51 -33.95
CA ILE B 321 41.08 -11.29 -34.46
C ILE B 321 39.78 -10.87 -33.77
N PHE B 322 38.69 -10.89 -34.51
CA PHE B 322 37.42 -10.47 -33.95
C PHE B 322 36.20 -11.28 -34.38
N GLY B 323 35.26 -11.40 -33.44
CA GLY B 323 33.99 -12.06 -33.66
C GLY B 323 33.86 -13.47 -34.21
N CYS B 324 32.61 -13.90 -34.25
CA CYS B 324 32.19 -15.20 -34.76
C CYS B 324 31.27 -14.79 -35.91
N TRP B 325 31.85 -14.73 -37.09
CA TRP B 325 31.16 -14.25 -38.26
C TRP B 325 30.16 -15.11 -39.03
N TRP B 326 28.95 -14.56 -39.19
CA TRP B 326 27.93 -15.19 -40.02
C TRP B 326 27.58 -16.64 -39.67
N PHE B 327 28.09 -17.57 -40.46
CA PHE B 327 27.85 -19.00 -40.25
C PHE B 327 28.57 -19.49 -38.98
N MET B 328 29.40 -18.63 -38.40
CA MET B 328 30.12 -18.96 -37.18
C MET B 328 29.33 -18.42 -35.99
N ASN B 329 28.36 -17.56 -36.29
CA ASN B 329 27.56 -16.92 -35.26
C ASN B 329 26.43 -17.80 -34.71
N ASN B 330 26.80 -19.00 -34.29
CA ASN B 330 25.85 -19.96 -33.72
C ASN B 330 26.46 -20.42 -32.39
N PRO B 331 25.62 -20.57 -31.35
CA PRO B 331 26.08 -20.99 -30.03
C PRO B 331 27.15 -22.08 -29.99
N GLU B 332 26.95 -23.16 -30.75
CA GLU B 332 27.94 -24.25 -30.76
C GLU B 332 29.32 -23.77 -31.19
N ILE B 333 29.36 -22.94 -32.23
CA ILE B 333 30.62 -22.43 -32.72
C ILE B 333 31.13 -21.28 -31.86
N ILE B 334 30.23 -20.39 -31.45
CA ILE B 334 30.65 -19.26 -30.60
C ILE B 334 31.35 -19.77 -29.35
N ASN B 335 30.80 -20.83 -28.75
CA ASN B 335 31.39 -21.40 -27.57
C ASN B 335 32.78 -21.96 -27.79
N GLU B 336 32.94 -22.86 -28.77
CA GLU B 336 34.25 -23.45 -29.02
C GLU B 336 35.25 -22.38 -29.46
N MET B 337 34.82 -21.45 -30.30
CA MET B 337 35.70 -20.40 -30.77
C MET B 337 36.23 -19.56 -29.62
N THR B 338 35.31 -19.02 -28.82
CA THR B 338 35.67 -18.18 -27.69
C THR B 338 36.58 -18.91 -26.68
N ARG B 339 36.31 -20.18 -26.42
CA ARG B 339 37.14 -20.94 -25.48
C ARG B 339 38.56 -21.17 -26.02
N MET B 340 38.69 -21.54 -27.29
CA MET B 340 40.02 -21.74 -27.89
C MET B 340 40.79 -20.43 -27.84
N ARG B 341 40.11 -19.34 -28.17
CA ARG B 341 40.71 -18.02 -28.18
C ARG B 341 41.24 -17.58 -26.80
N MET B 342 40.40 -17.67 -25.77
CA MET B 342 40.82 -17.26 -24.44
C MET B 342 41.92 -18.14 -23.86
N GLU B 343 41.90 -19.41 -24.24
CA GLU B 343 42.89 -20.35 -23.76
C GLU B 343 44.27 -20.08 -24.34
N MET B 344 44.32 -19.55 -25.56
CA MET B 344 45.59 -19.25 -26.21
C MET B 344 45.94 -17.77 -26.35
N LEU B 345 44.98 -16.89 -26.07
CA LEU B 345 45.19 -15.45 -26.19
C LEU B 345 44.85 -14.65 -24.93
N GLY B 346 44.32 -15.32 -23.91
CA GLY B 346 43.94 -14.59 -22.72
C GLY B 346 42.79 -13.66 -23.07
N THR B 347 43.00 -12.36 -22.88
CA THR B 347 41.96 -11.38 -23.19
C THR B 347 42.34 -10.48 -24.37
N SER B 348 43.38 -10.86 -25.10
CA SER B 348 43.85 -10.06 -26.23
C SER B 348 43.18 -10.32 -27.58
N PHE B 349 41.86 -10.31 -27.59
CA PHE B 349 41.11 -10.53 -28.82
C PHE B 349 39.74 -9.89 -28.63
N ILE B 350 38.96 -9.82 -29.71
CA ILE B 350 37.61 -9.25 -29.66
C ILE B 350 36.64 -10.40 -29.91
N PRO B 351 36.03 -10.92 -28.84
CA PRO B 351 35.08 -12.04 -28.94
C PRO B 351 33.93 -11.93 -29.93
N GLN B 352 33.25 -10.80 -29.98
CA GLN B 352 32.10 -10.71 -30.86
C GLN B 352 31.73 -9.35 -31.46
N HIS B 353 30.91 -9.43 -32.51
CA HIS B 353 30.34 -8.28 -33.22
C HIS B 353 28.97 -8.83 -33.65
N SER B 354 27.98 -7.97 -33.85
CA SER B 354 26.64 -8.44 -34.20
C SER B 354 26.33 -8.67 -35.66
N ASP B 355 26.92 -7.86 -36.54
CA ASP B 355 26.65 -7.97 -37.97
C ASP B 355 25.19 -7.63 -38.23
N ALA B 356 24.58 -6.87 -37.34
CA ALA B 356 23.17 -6.51 -37.48
C ALA B 356 22.83 -5.79 -38.79
N ARG B 357 21.79 -6.26 -39.45
CA ARG B 357 21.29 -5.70 -40.69
C ARG B 357 19.98 -4.99 -40.37
N VAL B 358 19.41 -5.38 -39.23
CA VAL B 358 18.16 -4.82 -38.74
C VAL B 358 18.40 -4.39 -37.31
N LEU B 359 18.14 -3.11 -37.04
CA LEU B 359 18.34 -2.49 -35.73
C LEU B 359 18.07 -3.35 -34.48
N GLU B 360 16.84 -3.86 -34.35
CA GLU B 360 16.48 -4.66 -33.18
C GLU B 360 17.38 -5.87 -32.94
N GLN B 361 17.96 -6.41 -34.01
CA GLN B 361 18.84 -7.57 -33.88
C GLN B 361 19.91 -7.37 -32.82
N LEU B 362 20.25 -6.13 -32.53
CA LEU B 362 21.25 -5.85 -31.51
C LEU B 362 20.84 -6.49 -30.18
N ILE B 363 19.54 -6.57 -29.93
CA ILE B 363 19.06 -7.15 -28.69
C ILE B 363 19.44 -8.62 -28.58
N TYR B 364 19.01 -9.44 -29.54
CA TYR B 364 19.32 -10.87 -29.48
C TYR B 364 20.78 -11.20 -29.73
N LYS B 365 21.39 -10.51 -30.69
CA LYS B 365 22.79 -10.76 -31.01
C LYS B 365 23.67 -10.64 -29.77
N TRP B 366 23.57 -9.53 -29.04
CA TRP B 366 24.39 -9.36 -27.86
C TRP B 366 23.92 -10.16 -26.65
N HIS B 367 22.62 -10.38 -26.55
CA HIS B 367 22.09 -11.15 -25.44
C HIS B 367 22.56 -12.60 -25.54
N HIS B 368 22.41 -13.22 -26.71
CA HIS B 368 22.84 -14.59 -26.91
C HIS B 368 24.36 -14.73 -26.74
N SER B 369 25.11 -13.79 -27.30
CA SER B 369 26.56 -13.84 -27.20
C SER B 369 27.10 -13.57 -25.80
N LYS B 370 26.56 -12.56 -25.13
CA LYS B 370 27.01 -12.25 -23.77
C LYS B 370 26.85 -13.44 -22.83
N SER B 371 25.70 -14.12 -22.90
CA SER B 371 25.47 -15.25 -22.01
C SER B 371 26.53 -16.33 -22.22
N ILE B 372 26.97 -16.53 -23.46
CA ILE B 372 28.00 -17.52 -23.74
C ILE B 372 29.36 -17.03 -23.26
N ILE B 373 29.65 -15.76 -23.51
CA ILE B 373 30.93 -15.17 -23.12
C ILE B 373 31.10 -15.16 -21.61
N ALA B 374 30.00 -14.90 -20.89
CA ALA B 374 30.05 -14.87 -19.43
C ALA B 374 30.39 -16.27 -18.91
N GLU B 375 29.75 -17.30 -19.46
CA GLU B 375 30.00 -18.68 -19.06
C GLU B 375 31.46 -19.01 -19.25
N VAL B 376 32.02 -18.64 -20.39
CA VAL B 376 33.43 -18.90 -20.66
C VAL B 376 34.31 -18.18 -19.64
N LEU B 377 33.98 -16.93 -19.34
CA LEU B 377 34.74 -16.15 -18.35
C LEU B 377 34.65 -16.82 -16.98
N ILE B 378 33.45 -17.20 -16.58
CA ILE B 378 33.28 -17.85 -15.29
C ILE B 378 34.17 -19.08 -15.15
N ASP B 379 34.18 -19.94 -16.17
CA ASP B 379 35.02 -21.13 -16.13
C ASP B 379 36.50 -20.79 -16.03
N LYS B 380 36.98 -19.85 -16.85
CA LYS B 380 38.39 -19.48 -16.82
C LYS B 380 38.78 -18.81 -15.50
N TYR B 381 37.92 -17.95 -14.96
CA TYR B 381 38.22 -17.32 -13.69
C TYR B 381 38.22 -18.37 -12.60
N ASP B 382 37.21 -19.25 -12.63
CA ASP B 382 37.11 -20.29 -11.62
C ASP B 382 38.32 -21.20 -11.65
N ASP B 383 38.90 -21.40 -12.83
CA ASP B 383 40.07 -22.27 -12.92
C ASP B 383 41.31 -21.70 -12.24
N ILE B 384 41.48 -20.39 -12.32
CA ILE B 384 42.63 -19.78 -11.67
C ILE B 384 42.29 -19.57 -10.20
N LEU B 385 41.00 -19.46 -9.91
CA LEU B 385 40.55 -19.28 -8.55
C LEU B 385 40.95 -20.54 -7.78
N GLN B 386 40.76 -21.70 -8.42
CA GLN B 386 41.10 -22.97 -7.80
C GLN B 386 42.60 -23.16 -7.66
N ALA B 387 43.37 -22.40 -8.43
CA ALA B 387 44.82 -22.49 -8.35
C ALA B 387 45.32 -21.57 -7.25
N GLY B 388 44.40 -20.88 -6.58
CA GLY B 388 44.77 -19.99 -5.50
C GLY B 388 44.70 -18.50 -5.82
N TRP B 389 44.67 -18.17 -7.11
CA TRP B 389 44.61 -16.77 -7.51
C TRP B 389 43.29 -16.12 -7.11
N GLU B 390 43.37 -14.88 -6.63
CA GLU B 390 42.19 -14.14 -6.22
C GLU B 390 41.93 -13.03 -7.24
N VAL B 391 40.68 -12.92 -7.70
CA VAL B 391 40.35 -11.88 -8.66
C VAL B 391 39.37 -10.90 -8.02
N THR B 392 39.59 -9.62 -8.23
CA THR B 392 38.71 -8.60 -7.67
C THR B 392 37.66 -8.23 -8.69
N GLU B 393 36.55 -7.66 -8.23
CA GLU B 393 35.48 -7.26 -9.12
C GLU B 393 35.99 -6.24 -10.13
N GLU B 394 36.92 -5.39 -9.69
CA GLU B 394 37.48 -4.37 -10.55
C GLU B 394 38.25 -4.98 -11.71
N GLU B 395 39.05 -6.00 -11.42
CA GLU B 395 39.83 -6.67 -12.46
C GLU B 395 38.87 -7.33 -13.45
N ILE B 396 37.72 -7.79 -12.94
CA ILE B 396 36.72 -8.41 -13.79
C ILE B 396 36.12 -7.39 -14.75
N LYS B 397 35.76 -6.22 -14.23
CA LYS B 397 35.18 -5.18 -15.07
C LYS B 397 36.22 -4.68 -16.09
N ARG B 398 37.48 -4.66 -15.67
CA ARG B 398 38.56 -4.25 -16.55
C ARG B 398 38.59 -5.23 -17.73
N ASP B 399 38.76 -6.51 -17.43
CA ASP B 399 38.81 -7.55 -18.45
C ASP B 399 37.61 -7.50 -19.38
N VAL B 400 36.42 -7.40 -18.79
CA VAL B 400 35.19 -7.34 -19.58
C VAL B 400 35.21 -6.12 -20.49
N ALA B 401 35.79 -5.04 -19.98
CA ALA B 401 35.90 -3.79 -20.72
C ALA B 401 36.78 -3.99 -21.96
N ASP B 402 37.89 -4.69 -21.79
CA ASP B 402 38.79 -4.94 -22.91
C ASP B 402 38.13 -5.75 -24.01
N LEU B 403 37.44 -6.82 -23.63
CA LEU B 403 36.79 -7.70 -24.59
C LEU B 403 35.65 -7.08 -25.38
N PHE B 404 34.80 -6.31 -24.70
CA PHE B 404 33.63 -5.70 -25.35
C PHE B 404 33.81 -4.29 -25.89
N SER B 405 34.97 -3.69 -25.69
CA SER B 405 35.15 -2.32 -26.18
C SER B 405 36.57 -1.78 -26.27
N ARG B 406 37.32 -1.91 -25.18
CA ARG B 406 38.67 -1.37 -25.14
C ARG B 406 39.71 -1.95 -26.11
N ASN B 407 39.73 -3.25 -26.30
CA ASN B 407 40.72 -3.82 -27.21
C ASN B 407 40.57 -3.24 -28.62
N PHE B 408 39.32 -3.01 -29.04
CA PHE B 408 39.04 -2.47 -30.36
C PHE B 408 39.52 -1.03 -30.51
N TRP B 409 39.11 -0.15 -29.60
CA TRP B 409 39.52 1.24 -29.65
C TRP B 409 41.03 1.38 -29.51
N ARG B 410 41.62 0.54 -28.67
CA ARG B 410 43.07 0.59 -28.49
C ARG B 410 43.74 0.15 -29.79
N PHE B 411 43.18 -0.87 -30.44
CA PHE B 411 43.77 -1.37 -31.67
C PHE B 411 43.71 -0.36 -32.81
N VAL B 412 42.54 0.22 -33.04
CA VAL B 412 42.38 1.21 -34.11
C VAL B 412 43.13 2.49 -33.77
N GLY B 413 43.43 2.68 -32.49
CA GLY B 413 44.14 3.87 -32.06
C GLY B 413 43.23 5.08 -31.95
N ARG B 414 42.24 4.99 -31.08
CA ARG B 414 41.29 6.08 -30.88
C ARG B 414 40.77 6.10 -29.44
N SER C 2 1.27 -24.91 -19.80
CA SER C 2 2.62 -24.54 -20.29
C SER C 2 3.69 -25.41 -19.65
N ILE C 3 4.92 -25.30 -20.14
CA ILE C 3 6.06 -26.07 -19.62
C ILE C 3 6.78 -25.07 -18.74
N ASN C 4 6.53 -25.14 -17.43
CA ASN C 4 7.11 -24.21 -16.46
C ASN C 4 8.56 -24.40 -16.06
N SER C 5 9.16 -25.55 -16.34
CA SER C 5 10.55 -25.74 -15.95
C SER C 5 11.30 -26.64 -16.91
N ARG C 6 12.62 -26.46 -16.95
CA ARG C 6 13.46 -27.26 -17.82
C ARG C 6 13.35 -28.73 -17.43
N GLU C 7 13.22 -29.00 -16.13
CA GLU C 7 13.12 -30.37 -15.67
C GLU C 7 11.87 -31.07 -16.23
N VAL C 8 10.76 -30.34 -16.32
CA VAL C 8 9.54 -30.93 -16.87
C VAL C 8 9.69 -31.03 -18.38
N LEU C 9 10.33 -30.03 -18.98
CA LEU C 9 10.57 -30.04 -20.42
C LEU C 9 11.42 -31.27 -20.77
N ALA C 10 12.48 -31.49 -20.00
CA ALA C 10 13.36 -32.62 -20.26
C ALA C 10 12.60 -33.94 -20.27
N GLU C 11 11.77 -34.15 -19.25
CA GLU C 11 11.00 -35.39 -19.17
C GLU C 11 10.06 -35.54 -20.36
N LYS C 12 9.42 -34.44 -20.74
CA LYS C 12 8.49 -34.45 -21.87
C LYS C 12 9.21 -34.70 -23.21
N VAL C 13 10.35 -34.04 -23.42
CA VAL C 13 11.09 -34.23 -24.65
C VAL C 13 11.60 -35.67 -24.71
N LYS C 14 12.16 -36.15 -23.60
CA LYS C 14 12.68 -37.51 -23.57
C LYS C 14 11.58 -38.53 -23.89
N ASN C 15 10.38 -38.30 -23.37
CA ASN C 15 9.28 -39.21 -23.63
C ASN C 15 8.88 -39.17 -25.10
N ALA C 16 8.79 -37.96 -25.66
CA ALA C 16 8.42 -37.82 -27.06
C ALA C 16 9.45 -38.57 -27.92
N VAL C 17 10.71 -38.24 -27.75
CA VAL C 17 11.76 -38.91 -28.51
C VAL C 17 11.74 -40.43 -28.36
N ASN C 18 11.63 -40.91 -27.14
CA ASN C 18 11.60 -42.35 -26.89
C ASN C 18 10.37 -43.05 -27.49
N ASN C 19 9.21 -42.40 -27.44
CA ASN C 19 7.99 -42.99 -27.97
C ASN C 19 7.85 -42.92 -29.48
N GLN C 20 8.55 -42.00 -30.11
CA GLN C 20 8.46 -41.83 -31.56
C GLN C 20 9.05 -42.99 -32.37
N PRO C 21 8.20 -43.69 -33.14
CA PRO C 21 8.64 -44.81 -33.97
C PRO C 21 9.63 -44.27 -35.01
N VAL C 22 10.74 -44.96 -35.15
CA VAL C 22 11.79 -44.52 -36.06
C VAL C 22 11.78 -45.12 -37.46
N THR C 23 12.12 -44.30 -38.45
CA THR C 23 12.31 -44.78 -39.80
C THR C 23 13.83 -44.66 -39.94
N ASP C 24 14.50 -45.79 -40.08
CA ASP C 24 15.95 -45.84 -40.21
C ASP C 24 16.22 -45.80 -41.72
N MET C 25 16.49 -44.62 -42.26
CA MET C 25 16.67 -44.49 -43.71
C MET C 25 17.94 -45.02 -44.38
N HIS C 26 18.78 -45.70 -43.62
CA HIS C 26 19.97 -46.33 -44.18
C HIS C 26 20.55 -47.40 -43.26
N THR C 27 20.43 -48.65 -43.66
CA THR C 27 20.95 -49.77 -42.88
C THR C 27 21.47 -50.82 -43.83
N HIS C 28 22.10 -51.84 -43.27
CA HIS C 28 22.59 -52.96 -44.07
C HIS C 28 21.85 -54.19 -43.58
N LEU C 29 20.57 -54.00 -43.24
CA LEU C 29 19.71 -55.08 -42.78
C LEU C 29 18.80 -55.50 -43.94
N PHE C 30 18.22 -56.69 -43.84
CA PHE C 30 17.34 -57.18 -44.90
C PHE C 30 16.08 -57.78 -44.29
N SER C 31 14.99 -57.75 -45.06
CA SER C 31 13.73 -58.35 -44.60
C SER C 31 14.11 -59.80 -44.27
N PRO C 32 13.63 -60.33 -43.14
CA PRO C 32 13.95 -61.71 -42.74
C PRO C 32 13.73 -62.82 -43.78
N ASN C 33 12.74 -62.67 -44.66
CA ASN C 33 12.47 -63.68 -45.66
C ASN C 33 13.60 -63.84 -46.69
N PHE C 34 14.54 -62.89 -46.71
CA PHE C 34 15.67 -62.95 -47.64
C PHE C 34 16.66 -64.01 -47.19
N GLY C 35 16.51 -64.48 -45.96
CA GLY C 35 17.39 -65.51 -45.45
C GLY C 35 18.59 -65.08 -44.63
N GLU C 36 19.61 -65.92 -44.67
CA GLU C 36 20.84 -65.72 -43.92
C GLU C 36 21.57 -64.40 -44.14
N ILE C 37 21.23 -63.67 -45.19
CA ILE C 37 21.93 -62.41 -45.42
C ILE C 37 21.66 -61.42 -44.27
N LEU C 38 20.50 -61.56 -43.64
CA LEU C 38 20.16 -60.72 -42.49
C LEU C 38 20.96 -61.31 -41.33
N LEU C 39 21.95 -60.57 -40.86
CA LEU C 39 22.80 -61.05 -39.77
C LEU C 39 22.22 -60.71 -38.40
N TRP C 40 22.39 -61.64 -37.44
CA TRP C 40 21.92 -61.41 -36.08
C TRP C 40 22.46 -62.40 -35.06
N ASP C 41 22.42 -61.96 -33.80
CA ASP C 41 22.87 -62.68 -32.61
C ASP C 41 24.16 -62.11 -32.03
N ILE C 42 24.47 -62.47 -30.78
CA ILE C 42 25.65 -61.97 -30.11
C ILE C 42 26.99 -62.18 -30.84
N ASP C 43 27.16 -63.34 -31.47
CA ASP C 43 28.41 -63.60 -32.21
C ASP C 43 28.57 -62.66 -33.40
N GLU C 44 27.46 -62.26 -34.02
CA GLU C 44 27.51 -61.34 -35.15
C GLU C 44 27.82 -59.93 -34.62
N LEU C 45 27.22 -59.57 -33.50
CA LEU C 45 27.46 -58.26 -32.90
C LEU C 45 28.93 -58.10 -32.55
N LEU C 46 29.50 -59.11 -31.92
CA LEU C 46 30.89 -59.07 -31.53
C LEU C 46 31.86 -59.11 -32.72
N THR C 47 31.42 -59.64 -33.86
CA THR C 47 32.30 -59.71 -35.02
C THR C 47 32.06 -58.57 -36.01
N TYR C 48 31.27 -57.59 -35.59
CA TYR C 48 30.99 -56.39 -36.39
C TYR C 48 32.37 -55.88 -36.78
N HIS C 49 32.55 -55.46 -38.03
CA HIS C 49 33.89 -55.00 -38.44
C HIS C 49 34.42 -53.83 -37.62
N TYR C 50 33.54 -53.02 -37.04
CA TYR C 50 34.00 -51.91 -36.19
C TYR C 50 34.84 -52.48 -35.05
N LEU C 51 34.43 -53.64 -34.53
CA LEU C 51 35.14 -54.29 -33.43
C LEU C 51 36.35 -55.08 -33.91
N VAL C 52 36.35 -55.46 -35.18
CA VAL C 52 37.49 -56.18 -35.73
C VAL C 52 38.67 -55.22 -35.78
N ALA C 53 38.42 -54.00 -36.24
CA ALA C 53 39.51 -53.01 -36.31
C ALA C 53 40.04 -52.76 -34.90
N GLU C 54 39.14 -52.63 -33.94
CA GLU C 54 39.55 -52.37 -32.57
C GLU C 54 40.32 -53.51 -31.94
N VAL C 55 39.90 -54.74 -32.18
CA VAL C 55 40.60 -55.86 -31.57
C VAL C 55 42.00 -55.99 -32.15
N MET C 56 42.15 -55.69 -33.44
CA MET C 56 43.45 -55.81 -34.07
C MET C 56 44.48 -54.86 -33.48
N ARG C 57 44.03 -53.87 -32.72
CA ARG C 57 44.94 -52.94 -32.07
C ARG C 57 45.48 -53.51 -30.76
N TRP C 58 44.84 -54.56 -30.24
CA TRP C 58 45.26 -55.18 -28.98
C TRP C 58 45.84 -56.60 -29.04
N THR C 59 45.17 -57.48 -29.78
CA THR C 59 45.56 -58.89 -29.88
C THR C 59 46.87 -59.22 -30.62
N ASP C 60 47.45 -60.37 -30.25
CA ASP C 60 48.68 -60.85 -30.88
C ASP C 60 48.30 -61.71 -32.07
N VAL C 61 47.04 -62.09 -32.13
CA VAL C 61 46.55 -62.91 -33.23
C VAL C 61 46.67 -62.13 -34.52
N SER C 62 47.36 -62.71 -35.50
CA SER C 62 47.54 -62.05 -36.79
C SER C 62 46.19 -61.97 -37.50
N ILE C 63 46.07 -61.02 -38.42
CA ILE C 63 44.84 -60.83 -39.17
C ILE C 63 44.49 -62.10 -39.93
N GLU C 64 45.51 -62.78 -40.48
CA GLU C 64 45.28 -64.02 -41.23
C GLU C 64 44.66 -65.05 -40.30
N ALA C 65 45.28 -65.22 -39.14
CA ALA C 65 44.79 -66.19 -38.15
C ALA C 65 43.35 -65.85 -37.77
N PHE C 66 43.09 -64.56 -37.57
CA PHE C 66 41.75 -64.11 -37.20
C PHE C 66 40.69 -64.57 -38.19
N TRP C 67 40.88 -64.28 -39.47
CA TRP C 67 39.91 -64.67 -40.48
C TRP C 67 39.76 -66.19 -40.61
N ALA C 68 40.80 -66.92 -40.26
CA ALA C 68 40.77 -68.39 -40.32
C ALA C 68 39.95 -68.97 -39.18
N MET C 69 39.84 -68.24 -38.08
CA MET C 69 39.05 -68.73 -36.94
C MET C 69 37.58 -68.77 -37.32
N SER C 70 36.81 -69.55 -36.56
CA SER C 70 35.38 -69.65 -36.78
C SER C 70 34.71 -68.38 -36.25
N LYS C 71 33.45 -68.17 -36.59
CA LYS C 71 32.72 -67.01 -36.13
C LYS C 71 32.71 -67.00 -34.59
N ARG C 72 32.51 -68.17 -34.01
CA ARG C 72 32.47 -68.31 -32.56
C ARG C 72 33.84 -68.00 -31.93
N GLU C 73 34.91 -68.46 -32.58
CA GLU C 73 36.25 -68.21 -32.06
C GLU C 73 36.60 -66.73 -32.14
N GLN C 74 36.16 -66.08 -33.21
CA GLN C 74 36.43 -64.67 -33.40
C GLN C 74 35.74 -63.87 -32.30
N ALA C 75 34.48 -64.22 -32.06
CA ALA C 75 33.67 -63.56 -31.05
C ALA C 75 34.33 -63.74 -29.68
N ASP C 76 34.79 -64.95 -29.39
CA ASP C 76 35.44 -65.21 -28.13
C ASP C 76 36.67 -64.33 -27.98
N LEU C 77 37.47 -64.21 -29.05
CA LEU C 77 38.69 -63.41 -29.00
C LEU C 77 38.41 -61.94 -28.71
N ILE C 78 37.45 -61.38 -29.42
CA ILE C 78 37.08 -59.98 -29.27
C ILE C 78 36.48 -59.71 -27.88
N TRP C 79 35.68 -60.66 -27.38
CA TRP C 79 35.09 -60.50 -26.07
C TRP C 79 36.20 -60.41 -25.03
N GLU C 80 37.15 -61.32 -25.13
CA GLU C 80 38.27 -61.39 -24.23
C GLU C 80 39.20 -60.18 -24.32
N GLU C 81 39.55 -59.80 -25.54
CA GLU C 81 40.46 -58.69 -25.77
C GLU C 81 39.88 -57.31 -25.48
N LEU C 82 38.64 -57.08 -25.87
CA LEU C 82 38.01 -55.78 -25.70
C LEU C 82 37.09 -55.58 -24.50
N PHE C 83 36.64 -56.67 -23.89
CA PHE C 83 35.73 -56.59 -22.74
C PHE C 83 36.34 -57.06 -21.42
N ILE C 84 37.12 -58.12 -21.48
CA ILE C 84 37.73 -58.68 -20.29
C ILE C 84 39.09 -58.06 -19.96
N LYS C 85 40.00 -58.06 -20.92
CA LYS C 85 41.34 -57.51 -20.72
C LYS C 85 41.39 -55.99 -20.59
N ARG C 86 40.39 -55.31 -21.14
CA ARG C 86 40.28 -53.86 -21.04
C ARG C 86 38.80 -53.55 -20.93
N SER C 87 38.45 -52.49 -20.23
CA SER C 87 37.05 -52.13 -20.08
C SER C 87 36.50 -51.75 -21.46
N PRO C 88 35.31 -52.26 -21.79
CA PRO C 88 34.68 -51.98 -23.08
C PRO C 88 34.10 -50.57 -23.18
N VAL C 89 34.95 -49.56 -23.03
CA VAL C 89 34.51 -48.17 -23.07
C VAL C 89 34.26 -47.52 -24.43
N SER C 90 34.77 -48.11 -25.51
CA SER C 90 34.56 -47.52 -26.84
C SER C 90 33.08 -47.52 -27.21
N GLU C 91 32.71 -46.71 -28.20
CA GLU C 91 31.33 -46.63 -28.62
C GLU C 91 30.78 -47.97 -29.12
N ALA C 92 31.56 -48.67 -29.94
CA ALA C 92 31.12 -49.95 -30.48
C ALA C 92 30.96 -51.03 -29.41
N CYS C 93 31.87 -51.06 -28.44
CA CYS C 93 31.79 -52.07 -27.38
C CYS C 93 30.61 -51.76 -26.47
N ARG C 94 30.45 -50.47 -26.16
CA ARG C 94 29.35 -50.02 -25.32
C ARG C 94 28.04 -50.46 -25.99
N GLY C 95 27.98 -50.33 -27.32
CA GLY C 95 26.79 -50.70 -28.06
C GLY C 95 26.37 -52.16 -27.88
N VAL C 96 27.35 -53.05 -27.89
CA VAL C 96 27.09 -54.46 -27.70
C VAL C 96 26.36 -54.63 -26.35
N LEU C 97 26.89 -53.97 -25.33
CA LEU C 97 26.29 -54.05 -24.01
C LEU C 97 24.87 -53.48 -23.98
N THR C 98 24.65 -52.37 -24.67
CA THR C 98 23.32 -51.77 -24.69
C THR C 98 22.30 -52.74 -25.31
N CYS C 99 22.74 -53.51 -26.30
CA CYS C 99 21.88 -54.50 -26.97
C CYS C 99 21.51 -55.62 -26.01
N LEU C 100 22.54 -56.19 -25.37
CA LEU C 100 22.33 -57.27 -24.43
C LEU C 100 21.32 -56.86 -23.36
N GLN C 101 21.54 -55.69 -22.76
CA GLN C 101 20.67 -55.19 -21.72
C GLN C 101 19.24 -55.01 -22.22
N GLY C 102 19.11 -54.49 -23.44
CA GLY C 102 17.80 -54.27 -24.01
C GLY C 102 17.04 -55.57 -24.29
N LEU C 103 17.77 -56.64 -24.56
CA LEU C 103 17.13 -57.92 -24.84
C LEU C 103 16.75 -58.65 -23.54
N GLY C 104 17.10 -58.04 -22.41
CA GLY C 104 16.78 -58.65 -21.13
C GLY C 104 17.93 -59.46 -20.57
N LEU C 105 19.06 -59.47 -21.27
CA LEU C 105 20.22 -60.22 -20.80
C LEU C 105 20.93 -59.38 -19.75
N ASP C 106 21.83 -59.99 -18.99
CA ASP C 106 22.54 -59.31 -17.92
C ASP C 106 24.04 -59.20 -18.16
N PRO C 107 24.52 -58.02 -18.60
CA PRO C 107 25.93 -57.78 -18.88
C PRO C 107 26.81 -57.94 -17.65
N ALA C 108 26.20 -57.82 -16.48
CA ALA C 108 26.94 -57.94 -15.23
C ALA C 108 27.57 -59.31 -15.03
N THR C 109 26.92 -60.37 -15.50
CA THR C 109 27.46 -61.72 -15.35
C THR C 109 28.60 -62.03 -16.30
N ARG C 110 28.62 -61.35 -17.45
CA ARG C 110 29.64 -61.58 -18.47
C ARG C 110 29.55 -63.04 -18.92
N ASP C 111 28.38 -63.64 -18.76
CA ASP C 111 28.16 -65.03 -19.13
C ASP C 111 27.83 -65.14 -20.62
N LEU C 112 28.87 -65.12 -21.45
CA LEU C 112 28.71 -65.17 -22.89
C LEU C 112 27.94 -66.40 -23.36
N GLN C 113 28.17 -67.55 -22.74
CA GLN C 113 27.45 -68.76 -23.14
C GLN C 113 25.95 -68.58 -22.90
N VAL C 114 25.59 -67.96 -21.78
CA VAL C 114 24.17 -67.74 -21.50
C VAL C 114 23.55 -66.78 -22.52
N TYR C 115 24.29 -65.75 -22.94
CA TYR C 115 23.75 -64.81 -23.93
C TYR C 115 23.49 -65.58 -25.24
N ARG C 116 24.44 -66.41 -25.64
CA ARG C 116 24.29 -67.18 -26.87
C ARG C 116 23.05 -68.07 -26.84
N GLU C 117 22.76 -68.66 -25.69
CA GLU C 117 21.58 -69.52 -25.56
C GLU C 117 20.29 -68.77 -25.86
N TYR C 118 20.24 -67.48 -25.53
CA TYR C 118 19.06 -66.66 -25.79
C TYR C 118 18.73 -66.64 -27.29
N PHE C 119 19.76 -66.50 -28.11
CA PHE C 119 19.59 -66.43 -29.55
C PHE C 119 19.34 -67.79 -30.18
N ALA C 120 20.00 -68.81 -29.67
CA ALA C 120 19.86 -70.16 -30.20
C ALA C 120 18.44 -70.69 -30.21
N LYS C 121 17.54 -70.05 -29.45
CA LYS C 121 16.17 -70.52 -29.40
C LYS C 121 15.10 -69.60 -29.99
N LYS C 122 15.47 -68.84 -31.01
CA LYS C 122 14.52 -67.94 -31.67
C LYS C 122 14.72 -68.04 -33.17
N THR C 123 13.69 -67.66 -33.93
CA THR C 123 13.78 -67.66 -35.37
C THR C 123 14.12 -66.24 -35.78
N SER C 124 14.49 -66.05 -37.04
CA SER C 124 14.83 -64.72 -37.54
C SER C 124 13.60 -63.83 -37.50
N GLU C 125 12.46 -64.41 -37.84
CA GLU C 125 11.20 -63.68 -37.83
C GLU C 125 10.89 -63.20 -36.41
N GLU C 126 11.17 -64.06 -35.44
CA GLU C 126 10.93 -63.70 -34.03
C GLU C 126 11.88 -62.63 -33.55
N GLN C 127 13.15 -62.74 -33.89
CA GLN C 127 14.13 -61.75 -33.44
C GLN C 127 13.90 -60.39 -34.07
N VAL C 128 13.40 -60.36 -35.30
CA VAL C 128 13.13 -59.09 -35.96
C VAL C 128 11.94 -58.44 -35.27
N ASP C 129 10.96 -59.25 -34.88
CA ASP C 129 9.80 -58.69 -34.18
C ASP C 129 10.24 -58.11 -32.85
N THR C 130 11.05 -58.87 -32.13
CA THR C 130 11.57 -58.47 -30.82
C THR C 130 12.37 -57.17 -30.91
N VAL C 131 13.35 -57.15 -31.81
CA VAL C 131 14.21 -55.99 -31.97
C VAL C 131 13.49 -54.73 -32.45
N LEU C 132 12.69 -54.85 -33.50
CA LEU C 132 11.95 -53.69 -34.00
C LEU C 132 11.06 -53.09 -32.93
N GLN C 133 10.56 -53.93 -32.03
CA GLN C 133 9.73 -53.45 -30.93
C GLN C 133 10.61 -52.79 -29.86
N LEU C 134 11.71 -53.43 -29.51
CA LEU C 134 12.63 -52.87 -28.52
C LEU C 134 13.22 -51.54 -28.97
N ALA C 135 13.69 -51.48 -30.21
CA ALA C 135 14.30 -50.26 -30.74
C ALA C 135 13.24 -49.26 -31.23
N ASN C 136 11.98 -49.69 -31.20
CA ASN C 136 10.88 -48.85 -31.65
C ASN C 136 11.12 -48.35 -33.08
N VAL C 137 11.56 -49.26 -33.94
CA VAL C 137 11.84 -48.96 -35.33
C VAL C 137 10.66 -49.48 -36.17
N SER C 138 9.96 -48.59 -36.85
CA SER C 138 8.81 -49.01 -37.65
C SER C 138 9.18 -49.37 -39.09
N ASP C 139 10.15 -48.64 -39.65
CA ASP C 139 10.58 -48.86 -41.02
C ASP C 139 12.10 -48.87 -41.17
N VAL C 140 12.59 -49.89 -41.87
CA VAL C 140 14.01 -50.07 -42.11
C VAL C 140 14.33 -49.97 -43.60
N VAL C 141 15.20 -49.03 -43.97
CA VAL C 141 15.58 -48.93 -45.38
C VAL C 141 16.84 -49.78 -45.52
N MET C 142 16.81 -50.70 -46.48
CA MET C 142 17.95 -51.58 -46.71
C MET C 142 18.91 -50.96 -47.70
N THR C 143 20.01 -51.68 -47.94
CA THR C 143 20.99 -51.30 -48.94
C THR C 143 21.00 -52.52 -49.86
N ASN C 144 20.46 -52.35 -51.06
CA ASN C 144 20.40 -53.47 -51.99
C ASN C 144 21.28 -53.26 -53.22
N ASP C 145 22.37 -54.04 -53.25
CA ASP C 145 23.35 -53.98 -54.33
C ASP C 145 23.13 -55.11 -55.35
N PRO C 146 22.50 -54.79 -56.48
CA PRO C 146 22.24 -55.79 -57.52
C PRO C 146 23.51 -56.41 -58.11
N PHE C 147 24.64 -55.76 -57.87
CA PHE C 147 25.90 -56.28 -58.39
C PHE C 147 26.43 -57.42 -57.54
N ASP C 148 25.86 -57.60 -56.35
CA ASP C 148 26.28 -58.71 -55.49
C ASP C 148 25.52 -59.92 -56.01
N ASP C 149 26.24 -61.00 -56.33
CA ASP C 149 25.58 -62.18 -56.86
C ASP C 149 24.50 -62.75 -55.95
N ASN C 150 24.78 -62.84 -54.65
CA ASN C 150 23.80 -63.38 -53.74
C ASN C 150 22.56 -62.51 -53.62
N GLU C 151 22.73 -61.20 -53.55
CA GLU C 151 21.59 -60.31 -53.45
C GLU C 151 20.77 -60.32 -54.73
N ARG C 152 21.46 -60.27 -55.86
CA ARG C 152 20.79 -60.23 -57.16
C ARG C 152 19.90 -61.46 -57.40
N ILE C 153 20.44 -62.65 -57.10
CA ILE C 153 19.68 -63.88 -57.32
C ILE C 153 18.39 -63.91 -56.52
N SER C 154 18.43 -63.39 -55.28
CA SER C 154 17.25 -63.37 -54.45
C SER C 154 16.16 -62.53 -55.11
N TRP C 155 16.53 -61.35 -55.60
CA TRP C 155 15.56 -60.47 -56.24
C TRP C 155 15.06 -61.07 -57.55
N LEU C 156 15.96 -61.64 -58.33
CA LEU C 156 15.60 -62.22 -59.61
C LEU C 156 14.68 -63.40 -59.42
N GLU C 157 14.84 -64.11 -58.30
CA GLU C 157 14.01 -65.26 -58.00
C GLU C 157 12.80 -64.93 -57.13
N GLY C 158 12.26 -63.73 -57.31
CA GLY C 158 11.07 -63.31 -56.59
C GLY C 158 11.08 -62.84 -55.16
N LYS C 159 12.24 -62.79 -54.50
CA LYS C 159 12.25 -62.33 -53.12
C LYS C 159 11.85 -60.86 -53.01
N GLN C 160 10.88 -60.60 -52.14
CA GLN C 160 10.37 -59.25 -51.89
C GLN C 160 10.32 -59.04 -50.37
N PRO C 161 10.64 -57.84 -49.89
CA PRO C 161 10.64 -57.53 -48.45
C PRO C 161 9.24 -57.29 -47.89
N ASP C 162 9.04 -57.57 -46.60
CA ASP C 162 7.72 -57.31 -46.03
C ASP C 162 7.64 -55.79 -45.85
N SER C 163 6.43 -55.30 -45.61
CA SER C 163 6.15 -53.87 -45.47
C SER C 163 6.99 -53.02 -44.52
N ARG C 164 7.76 -53.66 -43.63
CA ARG C 164 8.59 -52.91 -42.68
C ARG C 164 9.95 -52.58 -43.30
N PHE C 165 10.30 -53.29 -44.37
CA PHE C 165 11.59 -53.10 -45.04
C PHE C 165 11.47 -52.45 -46.41
N HIS C 166 12.26 -51.40 -46.64
CA HIS C 166 12.23 -50.70 -47.90
C HIS C 166 13.56 -50.83 -48.63
N ALA C 167 13.51 -50.91 -49.95
CA ALA C 167 14.72 -51.05 -50.75
C ALA C 167 15.33 -49.72 -51.16
N ALA C 168 16.63 -49.77 -51.43
CA ALA C 168 17.39 -48.61 -51.86
C ALA C 168 18.42 -49.17 -52.84
N LEU C 169 18.40 -48.66 -54.07
CA LEU C 169 19.28 -49.12 -55.12
C LEU C 169 20.71 -48.59 -54.96
N ARG C 170 21.60 -49.47 -54.50
CA ARG C 170 23.00 -49.11 -54.26
C ARG C 170 23.79 -49.32 -55.56
N LEU C 171 24.40 -48.25 -56.06
CA LEU C 171 25.11 -48.30 -57.34
C LEU C 171 26.63 -48.13 -57.37
N ASP C 172 27.31 -48.41 -56.25
CA ASP C 172 28.76 -48.26 -56.19
C ASP C 172 29.56 -48.86 -57.37
N PRO C 173 29.31 -50.14 -57.71
CA PRO C 173 30.04 -50.79 -58.82
C PRO C 173 29.85 -50.11 -60.19
N LEU C 174 28.61 -49.73 -60.48
CA LEU C 174 28.29 -49.07 -61.73
C LEU C 174 28.96 -47.70 -61.86
N LEU C 175 28.81 -46.89 -60.81
CA LEU C 175 29.36 -45.54 -60.80
C LEU C 175 30.86 -45.39 -60.52
N ASN C 176 31.44 -46.30 -59.76
CA ASN C 176 32.86 -46.18 -59.43
C ASN C 176 33.79 -47.17 -60.12
N GLU C 177 33.23 -48.24 -60.67
CA GLU C 177 34.06 -49.25 -61.33
C GLU C 177 33.46 -49.60 -62.68
N TYR C 178 32.96 -48.61 -63.40
CA TYR C 178 32.34 -48.86 -64.69
C TYR C 178 33.21 -49.67 -65.65
N GLU C 179 34.51 -49.38 -65.69
CA GLU C 179 35.38 -50.10 -66.61
C GLU C 179 35.24 -51.61 -66.46
N GLN C 180 35.03 -52.07 -65.23
CA GLN C 180 34.86 -53.49 -64.98
C GLN C 180 33.39 -53.88 -65.10
N THR C 181 32.53 -53.09 -64.47
CA THR C 181 31.09 -53.35 -64.46
C THR C 181 30.38 -53.35 -65.81
N LYS C 182 30.91 -52.63 -66.80
CA LYS C 182 30.28 -52.61 -68.11
C LYS C 182 30.21 -54.01 -68.72
N HIS C 183 31.20 -54.84 -68.42
CA HIS C 183 31.23 -56.19 -68.94
C HIS C 183 30.07 -57.02 -68.40
N ARG C 184 29.80 -56.85 -67.11
CA ARG C 184 28.72 -57.58 -66.47
C ARG C 184 27.37 -57.10 -67.00
N LEU C 185 27.26 -55.81 -67.32
CA LEU C 185 26.02 -55.29 -67.85
C LEU C 185 25.73 -56.00 -69.17
N ARG C 186 26.78 -56.21 -69.97
CA ARG C 186 26.63 -56.87 -71.25
C ARG C 186 26.19 -58.32 -71.03
N ASP C 187 26.80 -58.98 -70.04
CA ASP C 187 26.43 -60.35 -69.74
C ASP C 187 24.97 -60.42 -69.33
N TRP C 188 24.41 -59.30 -68.88
CA TRP C 188 23.01 -59.26 -68.46
C TRP C 188 22.11 -58.71 -69.56
N GLY C 189 22.64 -58.53 -70.76
CA GLY C 189 21.83 -58.04 -71.86
C GLY C 189 21.74 -56.53 -72.09
N TYR C 190 22.52 -55.76 -71.34
CA TYR C 190 22.53 -54.30 -71.51
C TYR C 190 23.68 -54.00 -72.48
N LYS C 191 23.31 -53.70 -73.71
CA LYS C 191 24.30 -53.45 -74.76
C LYS C 191 25.07 -52.15 -74.68
N VAL C 192 25.82 -51.96 -73.60
CA VAL C 192 26.61 -50.74 -73.46
C VAL C 192 27.82 -50.86 -74.40
N ASN C 193 28.13 -49.78 -75.10
CA ASN C 193 29.23 -49.76 -76.05
C ASN C 193 30.49 -49.17 -75.42
N ASP C 194 31.65 -49.40 -76.07
CA ASP C 194 32.90 -48.86 -75.56
C ASP C 194 32.97 -47.35 -75.74
N GLU C 195 32.02 -46.79 -76.48
CA GLU C 195 31.96 -45.36 -76.69
C GLU C 195 30.70 -44.87 -76.00
N TRP C 196 30.79 -43.76 -75.28
CA TRP C 196 29.65 -43.22 -74.57
C TRP C 196 28.68 -42.58 -75.56
N ASN C 197 27.96 -43.42 -76.30
CA ASN C 197 26.99 -42.95 -77.28
C ASN C 197 25.57 -43.08 -76.76
N GLU C 198 24.61 -42.72 -77.61
CA GLU C 198 23.21 -42.79 -77.22
C GLU C 198 22.84 -44.21 -76.81
N GLY C 199 23.40 -45.20 -77.50
CA GLY C 199 23.10 -46.58 -77.17
C GLY C 199 23.53 -46.95 -75.76
N SER C 200 24.74 -46.56 -75.39
CA SER C 200 25.24 -46.83 -74.06
C SER C 200 24.39 -46.13 -73.00
N ILE C 201 24.04 -44.88 -73.27
CA ILE C 201 23.22 -44.10 -72.34
C ILE C 201 21.87 -44.75 -72.11
N GLN C 202 21.20 -45.14 -73.19
CA GLN C 202 19.90 -45.77 -73.09
C GLN C 202 19.95 -47.11 -72.37
N GLU C 203 21.02 -47.87 -72.55
CA GLU C 203 21.13 -49.18 -71.90
C GLU C 203 21.42 -49.05 -70.41
N VAL C 204 22.22 -48.05 -70.03
CA VAL C 204 22.50 -47.84 -68.60
C VAL C 204 21.19 -47.40 -67.97
N LYS C 205 20.45 -46.53 -68.66
CA LYS C 205 19.16 -46.07 -68.16
C LYS C 205 18.22 -47.26 -67.99
N ARG C 206 18.23 -48.16 -68.98
CA ARG C 206 17.39 -49.35 -68.93
C ARG C 206 17.71 -50.12 -67.67
N PHE C 207 19.00 -50.33 -67.41
CA PHE C 207 19.45 -51.05 -66.23
C PHE C 207 18.85 -50.41 -64.96
N LEU C 208 19.01 -49.10 -64.83
CA LEU C 208 18.48 -48.38 -63.68
C LEU C 208 16.96 -48.55 -63.58
N THR C 209 16.27 -48.35 -64.70
CA THR C 209 14.83 -48.49 -64.73
C THR C 209 14.39 -49.91 -64.39
N ASP C 210 15.09 -50.91 -64.93
CA ASP C 210 14.72 -52.29 -64.63
C ASP C 210 14.77 -52.54 -63.12
N TRP C 211 15.86 -52.11 -62.48
CA TRP C 211 16.00 -52.32 -61.05
C TRP C 211 15.08 -51.47 -60.21
N ILE C 212 14.73 -50.29 -60.70
CA ILE C 212 13.80 -49.44 -59.99
C ILE C 212 12.46 -50.18 -59.98
N GLU C 213 12.08 -50.75 -61.12
CA GLU C 213 10.84 -51.49 -61.23
C GLU C 213 10.83 -52.72 -60.33
N ARG C 214 11.93 -53.45 -60.29
CA ARG C 214 12.02 -54.65 -59.48
C ARG C 214 12.18 -54.39 -57.97
N MET C 215 12.79 -53.28 -57.60
CA MET C 215 13.01 -52.97 -56.19
C MET C 215 12.07 -51.93 -55.60
N ASP C 216 11.56 -51.04 -56.44
CA ASP C 216 10.68 -49.96 -55.98
C ASP C 216 11.44 -49.29 -54.84
N PRO C 217 12.67 -48.84 -55.11
CA PRO C 217 13.55 -48.17 -54.15
C PRO C 217 13.07 -46.80 -53.72
N VAL C 218 13.37 -46.44 -52.46
CA VAL C 218 12.99 -45.12 -51.96
C VAL C 218 14.00 -44.09 -52.45
N TYR C 219 15.17 -44.58 -52.90
CA TYR C 219 16.23 -43.72 -53.45
C TYR C 219 17.38 -44.52 -54.04
N MET C 220 18.17 -43.87 -54.89
CA MET C 220 19.35 -44.53 -55.47
C MET C 220 20.52 -43.99 -54.66
N ALA C 221 21.49 -44.85 -54.37
CA ALA C 221 22.62 -44.44 -53.55
C ALA C 221 23.98 -44.88 -54.04
N VAL C 222 25.00 -44.22 -53.51
CA VAL C 222 26.38 -44.50 -53.84
C VAL C 222 27.30 -43.86 -52.80
N SER C 223 28.40 -44.54 -52.48
CA SER C 223 29.36 -43.96 -51.55
C SER C 223 30.47 -43.46 -52.47
N LEU C 224 30.98 -42.27 -52.17
CA LEU C 224 32.01 -41.64 -53.01
C LEU C 224 33.29 -41.31 -52.25
N PRO C 225 34.42 -41.23 -52.97
CA PRO C 225 35.71 -40.92 -52.35
C PRO C 225 35.86 -39.44 -52.05
N PRO C 226 36.83 -39.08 -51.20
CA PRO C 226 36.99 -37.66 -50.89
C PRO C 226 37.40 -36.83 -52.10
N THR C 227 37.85 -37.49 -53.16
CA THR C 227 38.25 -36.81 -54.39
C THR C 227 37.07 -36.62 -55.35
N PHE C 228 35.86 -36.87 -54.87
CA PHE C 228 34.67 -36.73 -55.72
C PHE C 228 34.50 -35.32 -56.27
N SER C 229 34.32 -35.22 -57.58
CA SER C 229 34.10 -33.93 -58.20
C SER C 229 33.07 -34.08 -59.32
N PHE C 230 32.43 -32.99 -59.69
CA PHE C 230 31.41 -33.01 -60.73
C PHE C 230 31.14 -31.57 -61.13
N PRO C 231 31.03 -31.29 -62.45
CA PRO C 231 31.15 -32.22 -63.57
C PRO C 231 32.51 -32.88 -63.66
N GLU C 232 32.58 -33.95 -64.44
CA GLU C 232 33.84 -34.67 -64.62
C GLU C 232 33.80 -35.59 -65.81
N GLU C 233 34.84 -35.54 -66.63
CA GLU C 233 34.90 -36.41 -67.79
C GLU C 233 35.49 -37.75 -67.35
N SER C 234 34.60 -38.58 -66.84
CA SER C 234 34.94 -39.91 -66.35
C SER C 234 33.65 -40.68 -66.48
N ASN C 235 33.71 -41.99 -66.31
CA ASN C 235 32.50 -42.79 -66.42
C ASN C 235 31.50 -42.31 -65.37
N ARG C 236 31.97 -42.09 -64.14
CA ARG C 236 31.09 -41.63 -63.07
C ARG C 236 30.42 -40.32 -63.43
N GLY C 237 31.21 -39.37 -63.92
CA GLY C 237 30.66 -38.07 -64.28
C GLY C 237 29.62 -38.17 -65.39
N ARG C 238 29.89 -39.01 -66.38
CA ARG C 238 28.97 -39.16 -67.50
C ARG C 238 27.71 -39.95 -67.13
N ILE C 239 27.88 -41.02 -66.36
CA ILE C 239 26.73 -41.85 -65.96
C ILE C 239 25.76 -41.08 -65.08
N ILE C 240 26.33 -40.29 -64.16
CA ILE C 240 25.51 -39.48 -63.26
C ILE C 240 24.76 -38.45 -64.08
N ARG C 241 25.49 -37.72 -64.92
CA ARG C 241 24.90 -36.67 -65.74
C ARG C 241 23.90 -37.16 -66.79
N ASP C 242 24.29 -38.16 -67.59
CA ASP C 242 23.42 -38.62 -68.66
C ASP C 242 22.40 -39.70 -68.33
N CYS C 243 22.63 -40.48 -67.28
CA CYS C 243 21.73 -41.56 -66.92
C CYS C 243 21.01 -41.43 -65.57
N LEU C 244 21.79 -41.46 -64.50
CA LEU C 244 21.26 -41.40 -63.13
C LEU C 244 20.29 -40.24 -62.86
N LEU C 245 20.76 -39.00 -63.01
CA LEU C 245 19.93 -37.84 -62.74
C LEU C 245 18.62 -37.81 -63.52
N PRO C 246 18.67 -37.93 -64.85
CA PRO C 246 17.42 -37.91 -65.61
C PRO C 246 16.47 -39.04 -65.21
N VAL C 247 17.00 -40.24 -64.96
CA VAL C 247 16.14 -41.33 -64.53
C VAL C 247 15.54 -40.98 -63.17
N ALA C 248 16.38 -40.47 -62.28
CA ALA C 248 15.95 -40.07 -60.94
C ALA C 248 14.90 -38.97 -61.00
N GLU C 249 15.08 -38.02 -61.91
CA GLU C 249 14.13 -36.92 -62.03
C GLU C 249 12.79 -37.45 -62.50
N LYS C 250 12.83 -38.30 -63.52
CA LYS C 250 11.63 -38.89 -64.09
C LYS C 250 10.80 -39.61 -63.04
N HIS C 251 11.42 -40.50 -62.27
CA HIS C 251 10.69 -41.24 -61.26
C HIS C 251 10.57 -40.47 -59.94
N ASN C 252 11.13 -39.27 -59.92
CA ASN C 252 11.08 -38.43 -58.73
C ASN C 252 11.75 -39.15 -57.56
N ILE C 253 12.84 -39.85 -57.84
CA ILE C 253 13.55 -40.58 -56.80
C ILE C 253 14.82 -39.83 -56.42
N PRO C 254 15.00 -39.53 -55.13
CA PRO C 254 16.20 -38.81 -54.71
C PRO C 254 17.48 -39.63 -54.90
N PHE C 255 18.60 -38.91 -55.02
CA PHE C 255 19.92 -39.51 -55.21
C PHE C 255 20.70 -39.34 -53.91
N ALA C 256 21.07 -40.46 -53.30
CA ALA C 256 21.81 -40.41 -52.04
C ALA C 256 23.31 -40.54 -52.26
N MET C 257 24.06 -39.56 -51.79
CA MET C 257 25.51 -39.57 -51.94
C MET C 257 26.18 -39.58 -50.56
N MET C 258 26.96 -40.61 -50.29
CA MET C 258 27.69 -40.71 -49.03
C MET C 258 29.14 -40.52 -49.42
N ILE C 259 29.60 -39.29 -49.20
CA ILE C 259 30.92 -38.83 -49.59
C ILE C 259 32.02 -38.80 -48.53
N GLY C 260 33.21 -39.26 -48.90
CA GLY C 260 34.34 -39.22 -47.98
C GLY C 260 35.08 -40.50 -47.68
N VAL C 261 34.58 -41.63 -48.15
CA VAL C 261 35.23 -42.90 -47.87
C VAL C 261 36.39 -43.22 -48.83
N LYS C 262 37.55 -43.54 -48.26
CA LYS C 262 38.70 -43.90 -49.06
C LYS C 262 38.80 -45.42 -48.88
N LYS C 263 38.38 -46.14 -49.91
CA LYS C 263 38.34 -47.59 -49.88
C LYS C 263 39.65 -48.36 -49.80
N ARG C 264 39.64 -49.42 -49.01
CA ARG C 264 40.78 -50.33 -48.89
C ARG C 264 42.18 -49.80 -48.58
N VAL C 265 42.34 -48.90 -47.60
CA VAL C 265 43.68 -48.45 -47.28
C VAL C 265 44.43 -49.60 -46.60
N HIS C 266 43.67 -50.52 -46.00
CA HIS C 266 44.24 -51.69 -45.36
C HIS C 266 43.44 -52.91 -45.80
N PRO C 267 43.74 -53.44 -47.00
CA PRO C 267 43.08 -54.61 -47.61
C PRO C 267 42.84 -55.79 -46.69
N ALA C 268 43.86 -56.19 -45.94
CA ALA C 268 43.73 -57.34 -45.07
C ALA C 268 42.55 -57.24 -44.11
N LEU C 269 42.23 -56.01 -43.67
CA LEU C 269 41.12 -55.83 -42.73
C LEU C 269 39.73 -56.01 -43.33
N GLY C 270 39.64 -56.15 -44.65
CA GLY C 270 38.34 -56.33 -45.27
C GLY C 270 37.43 -55.12 -45.10
N ASP C 271 36.20 -55.35 -44.67
CA ASP C 271 35.25 -54.25 -44.48
C ASP C 271 35.73 -53.26 -43.44
N ALA C 272 36.73 -53.66 -42.64
CA ALA C 272 37.28 -52.76 -41.63
C ALA C 272 38.48 -51.98 -42.18
N GLY C 273 38.76 -52.15 -43.47
CA GLY C 273 39.91 -51.48 -44.05
C GLY C 273 39.73 -50.13 -44.73
N ASP C 274 38.56 -49.50 -44.60
CA ASP C 274 38.34 -48.22 -45.25
C ASP C 274 38.73 -47.03 -44.38
N PHE C 275 39.13 -45.94 -45.03
CA PHE C 275 39.59 -44.74 -44.35
C PHE C 275 38.73 -43.53 -44.74
N VAL C 276 39.10 -42.34 -44.28
CA VAL C 276 38.32 -41.14 -44.55
C VAL C 276 39.17 -39.98 -45.05
N GLY C 277 38.51 -39.02 -45.72
CA GLY C 277 39.19 -37.84 -46.23
C GLY C 277 38.18 -36.72 -46.44
N LYS C 278 38.63 -35.48 -46.26
CA LYS C 278 37.76 -34.32 -46.44
C LYS C 278 37.54 -34.14 -47.94
N ALA C 279 36.32 -33.82 -48.34
CA ALA C 279 36.03 -33.63 -49.75
C ALA C 279 35.74 -32.16 -50.06
N SER C 280 35.80 -31.80 -51.35
CA SER C 280 35.48 -30.45 -51.78
C SER C 280 33.96 -30.42 -51.88
N MET C 281 33.36 -29.26 -51.62
CA MET C 281 31.91 -29.14 -51.71
C MET C 281 31.48 -28.74 -53.12
N ASP C 282 32.45 -28.43 -53.98
CA ASP C 282 32.16 -28.00 -55.35
C ASP C 282 31.23 -28.93 -56.13
N GLY C 283 31.57 -30.21 -56.17
CA GLY C 283 30.75 -31.16 -56.88
C GLY C 283 29.32 -31.17 -56.36
N VAL C 284 29.17 -31.15 -55.04
CA VAL C 284 27.84 -31.15 -54.42
C VAL C 284 27.11 -29.85 -54.73
N GLU C 285 27.84 -28.75 -54.64
CA GLU C 285 27.27 -27.44 -54.91
C GLU C 285 26.73 -27.40 -56.34
N HIS C 286 27.56 -27.81 -57.29
CA HIS C 286 27.17 -27.81 -58.70
C HIS C 286 25.90 -28.64 -58.91
N LEU C 287 25.88 -29.86 -58.39
CA LEU C 287 24.72 -30.73 -58.55
C LEU C 287 23.42 -30.10 -58.05
N LEU C 288 23.45 -29.52 -56.86
CA LEU C 288 22.26 -28.91 -56.29
C LEU C 288 21.77 -27.71 -57.11
N ARG C 289 22.69 -26.82 -57.47
CA ARG C 289 22.32 -25.65 -58.25
C ARG C 289 21.88 -25.98 -59.67
N GLU C 290 22.66 -26.79 -60.38
CA GLU C 290 22.37 -27.14 -61.77
C GLU C 290 21.24 -28.14 -61.99
N TYR C 291 20.86 -28.90 -60.97
CA TYR C 291 19.79 -29.87 -61.14
C TYR C 291 18.73 -29.66 -60.08
N PRO C 292 18.02 -28.52 -60.17
CA PRO C 292 16.96 -28.16 -59.22
C PRO C 292 15.79 -29.13 -59.16
N ASN C 293 15.57 -29.91 -60.21
CA ASN C 293 14.45 -30.85 -60.22
C ASN C 293 14.84 -32.22 -59.70
N ASN C 294 16.06 -32.32 -59.19
CA ASN C 294 16.53 -33.58 -58.62
C ASN C 294 16.66 -33.41 -57.11
N LYS C 295 16.40 -34.49 -56.38
CA LYS C 295 16.51 -34.48 -54.93
C LYS C 295 17.78 -35.22 -54.51
N PHE C 296 18.51 -34.64 -53.58
CA PHE C 296 19.76 -35.22 -53.11
C PHE C 296 19.78 -35.40 -51.60
N LEU C 297 20.10 -36.62 -51.17
CA LEU C 297 20.25 -36.94 -49.76
C LEU C 297 21.76 -37.07 -49.62
N VAL C 298 22.35 -36.30 -48.73
CA VAL C 298 23.80 -36.35 -48.56
C VAL C 298 24.28 -36.48 -47.12
N THR C 299 25.28 -37.34 -46.94
CA THR C 299 25.93 -37.53 -45.64
C THR C 299 27.43 -37.61 -45.96
N MET C 300 28.26 -36.97 -45.14
CA MET C 300 29.70 -36.96 -45.36
C MET C 300 30.49 -37.59 -44.21
N LEU C 301 31.61 -38.21 -44.56
CA LEU C 301 32.45 -38.93 -43.60
C LEU C 301 33.46 -38.13 -42.78
N SER C 302 33.96 -37.03 -43.34
CA SER C 302 34.95 -36.23 -42.63
C SER C 302 34.34 -35.26 -41.62
N ARG C 303 34.98 -35.12 -40.47
CA ARG C 303 34.49 -34.21 -39.46
C ARG C 303 34.57 -32.77 -39.98
N GLU C 304 35.61 -32.52 -40.78
CA GLU C 304 35.86 -31.19 -41.35
C GLU C 304 34.91 -30.73 -42.46
N ASN C 305 34.05 -31.62 -42.94
CA ASN C 305 33.08 -31.30 -43.99
C ASN C 305 31.72 -30.95 -43.36
N GLN C 306 31.51 -31.35 -42.11
CA GLN C 306 30.21 -31.17 -41.48
C GLN C 306 29.58 -29.79 -41.44
N HIS C 307 30.31 -28.78 -40.96
CA HIS C 307 29.75 -27.44 -40.88
C HIS C 307 29.36 -26.87 -42.24
N GLU C 308 30.28 -26.92 -43.20
CA GLU C 308 29.98 -26.38 -44.53
C GLU C 308 28.83 -27.15 -45.20
N LEU C 309 28.66 -28.43 -44.88
CA LEU C 309 27.56 -29.20 -45.46
C LEU C 309 26.25 -28.61 -44.96
N VAL C 310 26.27 -28.12 -43.73
CA VAL C 310 25.09 -27.51 -43.13
C VAL C 310 24.79 -26.20 -43.85
N VAL C 311 25.84 -25.41 -44.09
CA VAL C 311 25.67 -24.14 -44.77
C VAL C 311 25.13 -24.36 -46.18
N LEU C 312 25.63 -25.40 -46.86
CA LEU C 312 25.18 -25.70 -48.20
C LEU C 312 23.70 -26.07 -48.18
N ALA C 313 23.26 -26.65 -47.08
CA ALA C 313 21.86 -27.04 -46.92
C ALA C 313 21.01 -25.78 -46.78
N ARG C 314 21.60 -24.72 -46.25
CA ARG C 314 20.88 -23.45 -46.10
C ARG C 314 20.69 -22.85 -47.50
N LYS C 315 21.59 -23.22 -48.42
CA LYS C 315 21.54 -22.69 -49.79
C LYS C 315 20.53 -23.36 -50.71
N PHE C 316 20.37 -24.68 -50.59
CA PHE C 316 19.48 -25.40 -51.50
C PHE C 316 18.45 -26.31 -50.84
N SER C 317 17.18 -26.10 -51.17
CA SER C 317 16.10 -26.90 -50.60
C SER C 317 16.05 -28.31 -51.18
N ASN C 318 16.71 -28.53 -52.31
CA ASN C 318 16.72 -29.86 -52.88
C ASN C 318 17.83 -30.70 -52.23
N LEU C 319 18.41 -30.17 -51.17
CA LEU C 319 19.43 -30.89 -50.41
C LEU C 319 18.88 -31.26 -49.04
N MET C 320 18.83 -32.56 -48.75
CA MET C 320 18.40 -33.01 -47.44
C MET C 320 19.59 -33.74 -46.82
N ILE C 321 20.17 -33.17 -45.77
CA ILE C 321 21.32 -33.83 -45.18
C ILE C 321 20.84 -34.84 -44.15
N PHE C 322 21.53 -35.96 -44.04
CA PHE C 322 21.13 -36.99 -43.11
C PHE C 322 22.25 -37.68 -42.37
N GLY C 323 21.94 -38.09 -41.15
CA GLY C 323 22.84 -38.84 -40.30
C GLY C 323 24.22 -38.39 -39.94
N CYS C 324 24.81 -39.19 -39.04
CA CYS C 324 26.16 -39.00 -38.53
C CYS C 324 26.77 -40.34 -38.91
N TRP C 325 27.30 -40.36 -40.12
CA TRP C 325 27.86 -41.53 -40.76
C TRP C 325 29.18 -42.16 -40.32
N TRP C 326 29.12 -43.46 -40.04
CA TRP C 326 30.34 -44.24 -39.75
C TRP C 326 31.27 -43.66 -38.69
N PHE C 327 32.37 -43.05 -39.15
CA PHE C 327 33.37 -42.45 -38.27
C PHE C 327 32.82 -41.21 -37.56
N MET C 328 31.66 -40.73 -38.01
CA MET C 328 31.03 -39.58 -37.36
C MET C 328 30.07 -40.11 -36.29
N ASN C 329 29.72 -41.39 -36.38
CA ASN C 329 28.75 -42.00 -35.47
C ASN C 329 29.29 -42.30 -34.07
N ASN C 330 29.80 -41.26 -33.42
CA ASN C 330 30.35 -41.34 -32.08
C ASN C 330 29.77 -40.14 -31.33
N PRO C 331 29.39 -40.32 -30.06
CA PRO C 331 28.81 -39.25 -29.23
C PRO C 331 29.40 -37.84 -29.37
N GLU C 332 30.71 -37.71 -29.28
CA GLU C 332 31.34 -36.39 -29.41
C GLU C 332 31.00 -35.71 -30.74
N ILE C 333 30.98 -36.48 -31.82
CA ILE C 333 30.68 -35.94 -33.14
C ILE C 333 29.17 -35.76 -33.37
N ILE C 334 28.39 -36.79 -33.00
CA ILE C 334 26.94 -36.75 -33.12
C ILE C 334 26.40 -35.49 -32.44
N ASN C 335 26.95 -35.18 -31.26
CA ASN C 335 26.51 -34.02 -30.52
C ASN C 335 26.81 -32.70 -31.23
N GLU C 336 28.06 -32.49 -31.63
CA GLU C 336 28.40 -31.23 -32.29
C GLU C 336 27.68 -31.10 -33.63
N MET C 337 27.57 -32.20 -34.38
CA MET C 337 26.89 -32.16 -35.67
C MET C 337 25.42 -31.78 -35.51
N THR C 338 24.72 -32.47 -34.61
CA THR C 338 23.30 -32.20 -34.40
C THR C 338 23.04 -30.76 -33.94
N ARG C 339 23.94 -30.22 -33.14
CA ARG C 339 23.79 -28.84 -32.67
C ARG C 339 24.00 -27.81 -33.79
N MET C 340 25.05 -27.98 -34.61
CA MET C 340 25.29 -27.06 -35.71
C MET C 340 24.13 -27.15 -36.69
N ARG C 341 23.67 -28.37 -36.94
CA ARG C 341 22.56 -28.57 -37.85
C ARG C 341 21.28 -27.89 -37.40
N MET C 342 20.89 -28.10 -36.15
CA MET C 342 19.66 -27.50 -35.65
C MET C 342 19.76 -25.98 -35.53
N GLU C 343 20.95 -25.48 -35.21
CA GLU C 343 21.17 -24.05 -35.07
C GLU C 343 21.07 -23.31 -36.42
N MET C 344 21.43 -23.99 -37.50
CA MET C 344 21.37 -23.38 -38.82
C MET C 344 20.23 -23.88 -39.71
N LEU C 345 19.58 -24.97 -39.31
CA LEU C 345 18.48 -25.53 -40.11
C LEU C 345 17.19 -25.76 -39.34
N GLY C 346 17.18 -25.46 -38.04
CA GLY C 346 15.97 -25.70 -37.27
C GLY C 346 15.72 -27.20 -37.30
N THR C 347 14.55 -27.62 -37.78
CA THR C 347 14.23 -29.03 -37.84
C THR C 347 14.23 -29.61 -39.27
N SER C 348 14.72 -28.84 -40.23
CA SER C 348 14.73 -29.29 -41.63
C SER C 348 15.88 -30.21 -42.05
N PHE C 349 16.09 -31.28 -41.29
CA PHE C 349 17.12 -32.26 -41.62
C PHE C 349 16.78 -33.59 -40.94
N ILE C 350 17.55 -34.62 -41.29
CA ILE C 350 17.36 -35.95 -40.72
C ILE C 350 18.62 -36.21 -39.89
N PRO C 351 18.51 -36.05 -38.56
CA PRO C 351 19.63 -36.27 -37.65
C PRO C 351 20.39 -37.58 -37.67
N GLN C 352 19.70 -38.69 -37.88
CA GLN C 352 20.42 -39.94 -37.79
C GLN C 352 19.85 -41.13 -38.57
N HIS C 353 20.72 -42.13 -38.78
CA HIS C 353 20.39 -43.42 -39.39
C HIS C 353 21.32 -44.38 -38.62
N SER C 354 21.02 -45.68 -38.61
CA SER C 354 21.86 -46.61 -37.84
C SER C 354 23.00 -47.29 -38.60
N ASP C 355 22.81 -47.51 -39.89
CA ASP C 355 23.83 -48.19 -40.67
C ASP C 355 24.01 -49.60 -40.10
N ALA C 356 23.00 -50.10 -39.42
CA ALA C 356 23.07 -51.41 -38.81
C ALA C 356 23.40 -52.54 -39.80
N ARG C 357 24.45 -53.29 -39.50
CA ARG C 357 24.86 -54.44 -40.31
C ARG C 357 24.34 -55.71 -39.63
N VAL C 358 24.08 -55.60 -38.33
CA VAL C 358 23.58 -56.70 -37.51
C VAL C 358 22.28 -56.24 -36.85
N LEU C 359 21.22 -57.03 -37.02
CA LEU C 359 19.88 -56.72 -36.49
C LEU C 359 19.79 -56.04 -35.13
N GLU C 360 20.35 -56.68 -34.10
CA GLU C 360 20.29 -56.14 -32.75
C GLU C 360 20.83 -54.71 -32.60
N GLN C 361 21.79 -54.33 -33.44
CA GLN C 361 22.39 -52.98 -33.38
C GLN C 361 21.33 -51.88 -33.40
N LEU C 362 20.16 -52.16 -33.98
CA LEU C 362 19.10 -51.15 -34.01
C LEU C 362 18.83 -50.68 -32.59
N ILE C 363 19.01 -51.57 -31.62
CA ILE C 363 18.78 -51.23 -30.23
C ILE C 363 19.74 -50.16 -29.72
N TYR C 364 21.04 -50.41 -29.83
CA TYR C 364 22.00 -49.42 -29.32
C TYR C 364 22.16 -48.19 -30.20
N LYS C 365 22.15 -48.37 -31.52
CA LYS C 365 22.29 -47.23 -32.41
C LYS C 365 21.26 -46.17 -32.10
N TRP C 366 19.99 -46.58 -32.00
CA TRP C 366 18.92 -45.64 -31.71
C TRP C 366 18.86 -45.20 -30.25
N HIS C 367 19.24 -46.07 -29.33
CA HIS C 367 19.22 -45.70 -27.92
C HIS C 367 20.28 -44.65 -27.64
N HIS C 368 21.49 -44.89 -28.16
CA HIS C 368 22.60 -43.95 -27.95
C HIS C 368 22.37 -42.60 -28.63
N SER C 369 21.83 -42.62 -29.85
CA SER C 369 21.60 -41.39 -30.57
C SER C 369 20.37 -40.63 -30.07
N LYS C 370 19.30 -41.36 -29.75
CA LYS C 370 18.11 -40.71 -29.24
C LYS C 370 18.40 -39.93 -27.97
N SER C 371 19.26 -40.44 -27.10
CA SER C 371 19.55 -39.73 -25.86
C SER C 371 20.32 -38.43 -26.17
N ILE C 372 21.19 -38.45 -27.17
CA ILE C 372 21.93 -37.24 -27.52
C ILE C 372 21.00 -36.22 -28.19
N ILE C 373 20.23 -36.67 -29.17
CA ILE C 373 19.31 -35.78 -29.87
C ILE C 373 18.30 -35.16 -28.89
N ALA C 374 17.88 -35.94 -27.90
CA ALA C 374 16.95 -35.44 -26.90
C ALA C 374 17.58 -34.28 -26.12
N GLU C 375 18.84 -34.44 -25.71
CA GLU C 375 19.54 -33.40 -24.97
C GLU C 375 19.67 -32.13 -25.81
N VAL C 376 19.86 -32.27 -27.11
CA VAL C 376 19.99 -31.09 -27.97
C VAL C 376 18.64 -30.38 -28.01
N LEU C 377 17.58 -31.15 -28.28
CA LEU C 377 16.24 -30.58 -28.33
C LEU C 377 15.88 -29.84 -27.04
N ILE C 378 16.18 -30.46 -25.88
CA ILE C 378 15.89 -29.85 -24.59
C ILE C 378 16.57 -28.49 -24.48
N ASP C 379 17.81 -28.38 -24.93
CA ASP C 379 18.52 -27.10 -24.91
C ASP C 379 17.86 -26.09 -25.84
N LYS C 380 17.53 -26.53 -27.05
CA LYS C 380 16.91 -25.63 -28.02
C LYS C 380 15.54 -25.17 -27.57
N TYR C 381 14.73 -26.09 -27.05
CA TYR C 381 13.41 -25.72 -26.57
C TYR C 381 13.54 -24.80 -25.36
N ASP C 382 14.47 -25.11 -24.46
CA ASP C 382 14.65 -24.29 -23.27
C ASP C 382 15.06 -22.88 -23.66
N ASP C 383 15.88 -22.78 -24.70
CA ASP C 383 16.31 -21.47 -25.16
C ASP C 383 15.14 -20.61 -25.64
N ILE C 384 14.20 -21.19 -26.38
CA ILE C 384 13.10 -20.34 -26.80
C ILE C 384 12.09 -20.13 -25.68
N LEU C 385 11.99 -21.08 -24.74
CA LEU C 385 11.09 -20.89 -23.60
C LEU C 385 11.57 -19.66 -22.83
N GLN C 386 12.88 -19.51 -22.72
CA GLN C 386 13.49 -18.36 -22.04
C GLN C 386 13.24 -17.06 -22.81
N ALA C 387 13.11 -17.18 -24.13
CA ALA C 387 12.87 -16.00 -24.96
C ALA C 387 11.37 -15.66 -24.94
N GLY C 388 10.61 -16.40 -24.14
CA GLY C 388 9.19 -16.14 -24.02
C GLY C 388 8.25 -16.98 -24.86
N TRP C 389 8.79 -17.87 -25.68
CA TRP C 389 7.95 -18.72 -26.52
C TRP C 389 7.26 -19.78 -25.67
N GLU C 390 6.04 -20.13 -26.04
CA GLU C 390 5.32 -21.14 -25.28
C GLU C 390 5.16 -22.38 -26.13
N VAL C 391 6.11 -23.31 -25.99
CA VAL C 391 6.05 -24.56 -26.75
C VAL C 391 5.16 -25.58 -26.07
N THR C 392 4.35 -26.27 -26.86
CA THR C 392 3.42 -27.27 -26.35
C THR C 392 3.96 -28.68 -26.58
N GLU C 393 3.42 -29.63 -25.83
CA GLU C 393 3.82 -31.03 -25.93
C GLU C 393 3.52 -31.56 -27.33
N GLU C 394 2.37 -31.17 -27.88
CA GLU C 394 2.01 -31.61 -29.22
C GLU C 394 2.99 -31.11 -30.27
N GLU C 395 3.45 -29.88 -30.11
CA GLU C 395 4.42 -29.32 -31.06
C GLU C 395 5.72 -30.10 -30.92
N ILE C 396 6.06 -30.46 -29.69
CA ILE C 396 7.26 -31.23 -29.45
C ILE C 396 7.14 -32.59 -30.15
N LYS C 397 6.03 -33.28 -29.93
CA LYS C 397 5.81 -34.58 -30.56
C LYS C 397 5.90 -34.43 -32.08
N ARG C 398 5.38 -33.32 -32.59
CA ARG C 398 5.40 -33.04 -34.01
C ARG C 398 6.83 -32.88 -34.54
N ASP C 399 7.61 -32.02 -33.90
CA ASP C 399 8.98 -31.80 -34.31
C ASP C 399 9.75 -33.13 -34.27
N VAL C 400 9.55 -33.89 -33.20
CA VAL C 400 10.22 -35.17 -33.06
C VAL C 400 9.83 -36.13 -34.19
N ALA C 401 8.55 -36.11 -34.57
CA ALA C 401 8.09 -36.98 -35.65
C ALA C 401 8.79 -36.62 -36.96
N ASP C 402 8.96 -35.33 -37.21
CA ASP C 402 9.64 -34.86 -38.42
C ASP C 402 11.07 -35.35 -38.47
N LEU C 403 11.81 -35.15 -37.38
CA LEU C 403 13.21 -35.54 -37.29
C LEU C 403 13.49 -37.02 -37.52
N PHE C 404 12.77 -37.87 -36.78
CA PHE C 404 12.97 -39.31 -36.85
C PHE C 404 12.24 -40.10 -37.93
N SER C 405 11.31 -39.46 -38.64
CA SER C 405 10.57 -40.18 -39.66
C SER C 405 9.97 -39.36 -40.81
N ARG C 406 9.12 -38.39 -40.47
CA ARG C 406 8.45 -37.58 -41.48
C ARG C 406 9.31 -36.84 -42.49
N ASN C 407 10.41 -36.24 -42.06
CA ASN C 407 11.24 -35.51 -43.02
C ASN C 407 11.73 -36.41 -44.15
N PHE C 408 12.05 -37.65 -43.84
CA PHE C 408 12.52 -38.58 -44.86
C PHE C 408 11.42 -38.93 -45.85
N TRP C 409 10.29 -39.42 -45.35
CA TRP C 409 9.18 -39.78 -46.23
C TRP C 409 8.71 -38.58 -47.02
N ARG C 410 8.69 -37.42 -46.39
CA ARG C 410 8.28 -36.19 -47.05
C ARG C 410 9.24 -35.92 -48.21
N PHE C 411 10.54 -36.14 -47.96
CA PHE C 411 11.54 -35.89 -48.99
C PHE C 411 11.54 -36.88 -50.15
N VAL C 412 11.45 -38.17 -49.85
CA VAL C 412 11.41 -39.16 -50.92
C VAL C 412 10.09 -39.09 -51.68
N GLY C 413 9.22 -38.18 -51.26
CA GLY C 413 7.94 -38.00 -51.92
C GLY C 413 7.06 -39.23 -51.89
N ARG C 414 6.92 -39.83 -50.71
CA ARG C 414 6.12 -41.05 -50.57
C ARG C 414 5.51 -41.19 -49.18
N SER D 2 -20.02 11.82 14.35
CA SER D 2 -20.00 11.67 12.87
C SER D 2 -20.27 13.01 12.19
N ILE D 3 -19.69 13.19 11.01
CA ILE D 3 -19.88 14.42 10.27
C ILE D 3 -21.23 14.33 9.57
N ASN D 4 -22.25 14.95 10.16
CA ASN D 4 -23.58 14.88 9.57
C ASN D 4 -24.27 16.21 9.28
N SER D 5 -23.51 17.28 9.10
CA SER D 5 -24.09 18.59 8.75
C SER D 5 -23.00 19.48 8.18
N ARG D 6 -23.41 20.49 7.42
CA ARG D 6 -22.43 21.40 6.84
C ARG D 6 -21.67 22.07 7.99
N GLU D 7 -22.37 22.30 9.08
CA GLU D 7 -21.79 22.94 10.25
C GLU D 7 -20.62 22.14 10.83
N VAL D 8 -20.82 20.84 11.05
CA VAL D 8 -19.75 19.99 11.60
C VAL D 8 -18.65 19.87 10.56
N LEU D 9 -19.07 19.78 9.32
CA LEU D 9 -18.16 19.67 8.20
C LEU D 9 -17.24 20.89 8.15
N ALA D 10 -17.83 22.08 8.24
CA ALA D 10 -17.06 23.32 8.21
C ALA D 10 -15.95 23.27 9.26
N GLU D 11 -16.30 22.77 10.44
CA GLU D 11 -15.36 22.68 11.55
C GLU D 11 -14.21 21.71 11.25
N LYS D 12 -14.56 20.49 10.83
CA LYS D 12 -13.57 19.48 10.54
C LYS D 12 -12.67 19.89 9.38
N VAL D 13 -13.28 20.37 8.30
CA VAL D 13 -12.49 20.80 7.16
C VAL D 13 -11.52 21.91 7.52
N LYS D 14 -12.02 22.97 8.17
CA LYS D 14 -11.16 24.07 8.55
C LYS D 14 -9.99 23.63 9.44
N ASN D 15 -10.27 22.74 10.39
CA ASN D 15 -9.22 22.24 11.28
C ASN D 15 -8.21 21.41 10.52
N ALA D 16 -8.69 20.53 9.65
CA ALA D 16 -7.80 19.70 8.86
C ALA D 16 -6.90 20.56 7.98
N VAL D 17 -7.50 21.52 7.28
CA VAL D 17 -6.75 22.41 6.43
C VAL D 17 -5.73 23.21 7.24
N ASN D 18 -6.17 23.76 8.36
CA ASN D 18 -5.29 24.53 9.22
C ASN D 18 -4.11 23.73 9.76
N ASN D 19 -4.34 22.45 10.06
CA ASN D 19 -3.28 21.61 10.60
C ASN D 19 -2.42 20.85 9.61
N GLN D 20 -2.79 20.86 8.34
CA GLN D 20 -2.02 20.15 7.34
C GLN D 20 -0.70 20.86 7.00
N PRO D 21 0.44 20.19 7.23
CA PRO D 21 1.72 20.82 6.92
C PRO D 21 1.79 21.02 5.40
N VAL D 22 2.24 22.19 4.98
CA VAL D 22 2.31 22.51 3.57
C VAL D 22 3.65 22.31 2.88
N THR D 23 3.59 21.79 1.66
CA THR D 23 4.78 21.66 0.84
C THR D 23 4.54 22.76 -0.20
N ASP D 24 5.37 23.79 -0.14
CA ASP D 24 5.26 24.92 -1.06
C ASP D 24 6.11 24.57 -2.28
N MET D 25 5.48 24.05 -3.34
CA MET D 25 6.26 23.63 -4.49
C MET D 25 6.84 24.64 -5.49
N HIS D 26 6.68 25.94 -5.20
CA HIS D 26 7.29 26.99 -6.02
C HIS D 26 7.40 28.28 -5.24
N THR D 27 8.64 28.70 -4.97
CA THR D 27 8.88 29.93 -4.22
C THR D 27 10.19 30.53 -4.69
N HIS D 28 10.48 31.73 -4.20
CA HIS D 28 11.73 32.41 -4.51
C HIS D 28 12.49 32.62 -3.21
N LEU D 29 12.40 31.61 -2.35
CA LEU D 29 13.07 31.61 -1.06
C LEU D 29 14.29 30.71 -1.17
N PHE D 30 15.22 30.86 -0.25
CA PHE D 30 16.43 30.05 -0.25
C PHE D 30 16.72 29.53 1.16
N SER D 31 17.35 28.36 1.24
CA SER D 31 17.74 27.79 2.53
C SER D 31 18.53 28.94 3.19
N PRO D 32 18.35 29.15 4.50
CA PRO D 32 19.07 30.24 5.17
C PRO D 32 20.60 30.22 5.06
N ASN D 33 21.19 29.05 4.89
CA ASN D 33 22.65 28.96 4.78
C ASN D 33 23.19 29.56 3.47
N PHE D 34 22.30 29.99 2.58
CA PHE D 34 22.74 30.59 1.31
C PHE D 34 23.07 32.06 1.53
N GLY D 35 22.64 32.60 2.67
CA GLY D 35 22.95 33.98 2.98
C GLY D 35 21.89 35.02 2.72
N GLU D 36 22.35 36.25 2.46
CA GLU D 36 21.48 37.38 2.20
C GLU D 36 20.53 37.24 1.02
N ILE D 37 20.74 36.25 0.16
CA ILE D 37 19.85 36.07 -0.97
C ILE D 37 18.46 35.72 -0.45
N LEU D 38 18.40 35.26 0.80
CA LEU D 38 17.11 34.95 1.43
C LEU D 38 16.65 36.27 2.01
N LEU D 39 15.60 36.84 1.42
CA LEU D 39 15.09 38.12 1.88
C LEU D 39 14.08 37.94 3.01
N TRP D 40 14.07 38.89 3.95
CA TRP D 40 13.12 38.85 5.06
C TRP D 40 13.11 40.13 5.87
N ASP D 41 12.01 40.34 6.58
CA ASP D 41 11.72 41.47 7.46
C ASP D 41 10.67 42.38 6.84
N ILE D 42 10.11 43.27 7.66
CA ILE D 42 9.06 44.16 7.21
C ILE D 42 9.44 45.09 6.04
N ASP D 43 10.68 45.57 6.01
CA ASP D 43 11.08 46.45 4.92
C ASP D 43 11.08 45.71 3.59
N GLU D 44 11.47 44.44 3.62
CA GLU D 44 11.49 43.63 2.41
C GLU D 44 10.05 43.31 1.97
N LEU D 45 9.16 43.14 2.95
CA LEU D 45 7.76 42.86 2.65
C LEU D 45 7.13 44.06 1.98
N LEU D 46 7.45 45.25 2.50
CA LEU D 46 6.90 46.48 1.97
C LEU D 46 7.46 46.83 0.58
N THR D 47 8.67 46.35 0.27
CA THR D 47 9.28 46.63 -1.02
C THR D 47 9.14 45.51 -2.05
N TYR D 48 8.26 44.55 -1.73
CA TYR D 48 7.94 43.42 -2.61
C TYR D 48 7.55 44.10 -3.93
N HIS D 49 7.98 43.57 -5.06
CA HIS D 49 7.65 44.25 -6.31
C HIS D 49 6.16 44.38 -6.61
N TYR D 50 5.33 43.52 -6.02
CA TYR D 50 3.89 43.64 -6.23
C TYR D 50 3.48 45.00 -5.65
N LEU D 51 4.14 45.39 -4.55
CA LEU D 51 3.84 46.66 -3.90
C LEU D 51 4.50 47.86 -4.58
N VAL D 52 5.58 47.62 -5.33
CA VAL D 52 6.23 48.71 -6.05
C VAL D 52 5.28 49.14 -7.16
N ALA D 53 4.70 48.16 -7.85
CA ALA D 53 3.78 48.45 -8.94
C ALA D 53 2.61 49.27 -8.41
N GLU D 54 2.08 48.88 -7.25
CA GLU D 54 0.95 49.59 -6.68
C GLU D 54 1.25 51.01 -6.22
N VAL D 55 2.37 51.21 -5.54
CA VAL D 55 2.68 52.55 -5.06
C VAL D 55 2.89 53.52 -6.22
N MET D 56 3.43 53.04 -7.33
CA MET D 56 3.67 53.90 -8.48
C MET D 56 2.39 54.42 -9.13
N ARG D 57 1.25 53.85 -8.77
CA ARG D 57 0.00 54.33 -9.32
C ARG D 57 -0.49 55.52 -8.49
N TRP D 58 0.15 55.75 -7.35
CA TRP D 58 -0.23 56.82 -6.44
C TRP D 58 0.77 57.93 -6.18
N THR D 59 2.01 57.55 -5.89
CA THR D 59 3.05 58.51 -5.55
C THR D 59 3.54 59.36 -6.70
N ASP D 60 3.94 60.59 -6.39
CA ASP D 60 4.42 61.46 -7.44
C ASP D 60 5.95 61.41 -7.52
N VAL D 61 6.57 60.53 -6.75
CA VAL D 61 8.02 60.39 -6.81
C VAL D 61 8.33 59.54 -8.04
N SER D 62 9.28 60.00 -8.84
CA SER D 62 9.67 59.30 -10.07
C SER D 62 10.17 57.90 -9.77
N ILE D 63 9.94 56.98 -10.72
CA ILE D 63 10.40 55.62 -10.54
C ILE D 63 11.92 55.63 -10.36
N GLU D 64 12.59 56.54 -11.06
CA GLU D 64 14.04 56.64 -10.95
C GLU D 64 14.41 57.07 -9.54
N ALA D 65 13.72 58.08 -9.02
CA ALA D 65 14.00 58.54 -7.67
C ALA D 65 13.72 57.42 -6.66
N PHE D 66 12.71 56.60 -6.95
CA PHE D 66 12.35 55.49 -6.07
C PHE D 66 13.49 54.51 -5.91
N TRP D 67 14.04 54.04 -7.04
CA TRP D 67 15.14 53.09 -7.02
C TRP D 67 16.40 53.68 -6.41
N ALA D 68 16.45 55.00 -6.34
CA ALA D 68 17.60 55.71 -5.79
C ALA D 68 17.52 55.78 -4.26
N MET D 69 16.33 55.64 -3.70
CA MET D 69 16.17 55.69 -2.25
C MET D 69 16.70 54.40 -1.62
N SER D 70 16.92 54.46 -0.31
CA SER D 70 17.41 53.31 0.43
C SER D 70 16.24 52.34 0.60
N LYS D 71 16.53 51.12 1.02
CA LYS D 71 15.48 50.14 1.24
C LYS D 71 14.48 50.69 2.25
N ARG D 72 15.00 51.26 3.33
CA ARG D 72 14.15 51.83 4.37
C ARG D 72 13.29 52.97 3.84
N GLU D 73 13.87 53.79 2.98
CA GLU D 73 13.14 54.91 2.42
C GLU D 73 12.01 54.45 1.51
N GLN D 74 12.30 53.42 0.70
CA GLN D 74 11.29 52.87 -0.19
C GLN D 74 10.15 52.32 0.66
N ALA D 75 10.49 51.56 1.70
CA ALA D 75 9.52 50.98 2.61
C ALA D 75 8.68 52.07 3.28
N ASP D 76 9.33 53.16 3.69
CA ASP D 76 8.61 54.25 4.34
C ASP D 76 7.62 54.87 3.38
N LEU D 77 8.03 55.06 2.13
CA LEU D 77 7.19 55.65 1.11
C LEU D 77 5.95 54.79 0.82
N ILE D 78 6.19 53.50 0.61
CA ILE D 78 5.09 52.58 0.33
C ILE D 78 4.08 52.51 1.48
N TRP D 79 4.59 52.48 2.71
CA TRP D 79 3.73 52.43 3.88
C TRP D 79 2.84 53.66 3.91
N GLU D 80 3.44 54.82 3.73
CA GLU D 80 2.69 56.07 3.75
C GLU D 80 1.67 56.17 2.61
N GLU D 81 2.09 55.78 1.40
CA GLU D 81 1.23 55.86 0.23
C GLU D 81 0.12 54.80 0.14
N LEU D 82 0.46 53.56 0.48
CA LEU D 82 -0.52 52.47 0.38
C LEU D 82 -1.27 52.08 1.66
N PHE D 83 -0.71 52.45 2.81
CA PHE D 83 -1.34 52.10 4.08
C PHE D 83 -1.94 53.27 4.85
N ILE D 84 -1.30 54.43 4.77
CA ILE D 84 -1.79 55.62 5.49
C ILE D 84 -2.66 56.57 4.65
N LYS D 85 -2.22 56.90 3.45
CA LYS D 85 -2.98 57.81 2.60
C LYS D 85 -4.22 57.18 1.98
N ARG D 86 -4.23 55.86 1.90
CA ARG D 86 -5.37 55.10 1.38
C ARG D 86 -5.40 53.81 2.19
N SER D 87 -6.59 53.27 2.42
CA SER D 87 -6.66 52.02 3.19
C SER D 87 -5.97 50.91 2.42
N PRO D 88 -5.16 50.10 3.10
CA PRO D 88 -4.46 48.99 2.46
C PRO D 88 -5.36 47.80 2.14
N VAL D 89 -6.34 48.01 1.25
CA VAL D 89 -7.28 46.94 0.88
C VAL D 89 -6.86 45.95 -0.19
N SER D 90 -5.85 46.28 -1.00
CA SER D 90 -5.41 45.37 -2.05
C SER D 90 -4.90 44.07 -1.42
N GLU D 91 -4.85 43.00 -2.21
CA GLU D 91 -4.38 41.71 -1.72
C GLU D 91 -2.95 41.73 -1.20
N ALA D 92 -2.05 42.39 -1.92
CA ALA D 92 -0.65 42.46 -1.50
C ALA D 92 -0.48 43.24 -0.20
N CYS D 93 -1.26 44.31 -0.03
CA CYS D 93 -1.16 45.11 1.18
C CYS D 93 -1.75 44.34 2.37
N ARG D 94 -2.90 43.71 2.12
CA ARG D 94 -3.57 42.90 3.13
C ARG D 94 -2.57 41.87 3.63
N GLY D 95 -1.82 41.31 2.69
CA GLY D 95 -0.81 40.31 3.02
C GLY D 95 0.23 40.78 4.02
N VAL D 96 0.69 42.01 3.85
CA VAL D 96 1.68 42.56 4.77
C VAL D 96 1.14 42.56 6.19
N LEU D 97 -0.13 42.93 6.33
CA LEU D 97 -0.78 42.99 7.63
C LEU D 97 -0.93 41.59 8.23
N THR D 98 -1.38 40.64 7.42
CA THR D 98 -1.55 39.27 7.90
C THR D 98 -0.23 38.78 8.49
N CYS D 99 0.88 39.04 7.78
CA CYS D 99 2.21 38.63 8.26
C CYS D 99 2.53 39.23 9.63
N LEU D 100 2.34 40.55 9.77
CA LEU D 100 2.60 41.23 11.03
C LEU D 100 1.79 40.60 12.17
N GLN D 101 0.48 40.51 11.99
CA GLN D 101 -0.37 39.92 13.01
C GLN D 101 0.10 38.51 13.33
N GLY D 102 0.44 37.75 12.29
CA GLY D 102 0.89 36.39 12.49
C GLY D 102 2.14 36.29 13.35
N LEU D 103 3.00 37.31 13.26
CA LEU D 103 4.24 37.31 14.03
C LEU D 103 4.02 37.79 15.47
N GLY D 104 2.81 38.25 15.77
CA GLY D 104 2.53 38.72 17.11
C GLY D 104 2.55 40.23 17.16
N LEU D 105 2.92 40.84 16.04
CA LEU D 105 2.95 42.30 15.96
C LEU D 105 1.51 42.75 15.72
N ASP D 106 1.20 43.99 16.05
CA ASP D 106 -0.17 44.45 15.89
C ASP D 106 -0.37 45.63 14.94
N PRO D 107 -1.07 45.40 13.81
CA PRO D 107 -1.38 46.40 12.78
C PRO D 107 -2.30 47.50 13.26
N ALA D 108 -2.97 47.28 14.39
CA ALA D 108 -3.87 48.29 14.95
C ALA D 108 -3.07 49.54 15.28
N THR D 109 -1.88 49.35 15.84
CA THR D 109 -1.02 50.46 16.23
C THR D 109 -0.37 51.19 15.05
N ARG D 110 -0.16 50.48 13.95
CA ARG D 110 0.47 51.06 12.77
C ARG D 110 1.87 51.56 13.13
N ASP D 111 2.48 50.95 14.13
CA ASP D 111 3.80 51.36 14.58
C ASP D 111 4.91 50.64 13.81
N LEU D 112 5.25 51.18 12.66
CA LEU D 112 6.27 50.60 11.80
C LEU D 112 7.64 50.49 12.49
N GLN D 113 8.01 51.51 13.25
CA GLN D 113 9.29 51.51 13.96
C GLN D 113 9.33 50.30 14.87
N VAL D 114 8.27 50.11 15.66
CA VAL D 114 8.22 48.97 16.56
C VAL D 114 8.24 47.65 15.80
N TYR D 115 7.56 47.57 14.65
CA TYR D 115 7.58 46.30 13.90
C TYR D 115 9.01 46.00 13.48
N ARG D 116 9.71 47.04 13.04
CA ARG D 116 11.09 46.88 12.61
C ARG D 116 11.98 46.36 13.73
N GLU D 117 11.76 46.84 14.96
CA GLU D 117 12.55 46.39 16.10
C GLU D 117 12.48 44.88 16.27
N TYR D 118 11.33 44.30 15.96
CA TYR D 118 11.14 42.86 16.09
C TYR D 118 12.15 42.08 15.27
N PHE D 119 12.35 42.50 14.03
CA PHE D 119 13.24 41.81 13.11
C PHE D 119 14.71 41.98 13.40
N ALA D 120 15.11 43.15 13.88
CA ALA D 120 16.51 43.41 14.17
C ALA D 120 17.04 42.51 15.29
N LYS D 121 16.13 41.94 16.06
CA LYS D 121 16.50 41.08 17.19
C LYS D 121 16.65 39.60 16.85
N LYS D 122 16.60 39.24 15.57
CA LYS D 122 16.71 37.84 15.21
C LYS D 122 17.72 37.57 14.11
N THR D 123 18.09 36.29 13.97
CA THR D 123 19.02 35.87 12.94
C THR D 123 18.18 35.23 11.83
N SER D 124 18.77 35.03 10.67
CA SER D 124 18.05 34.42 9.55
C SER D 124 17.54 33.04 9.96
N GLU D 125 18.42 32.23 10.54
CA GLU D 125 18.07 30.89 10.99
C GLU D 125 16.86 30.92 11.91
N GLU D 126 16.84 31.87 12.83
CA GLU D 126 15.74 31.99 13.78
C GLU D 126 14.42 32.36 13.10
N GLN D 127 14.46 33.38 12.24
CA GLN D 127 13.23 33.80 11.56
C GLN D 127 12.65 32.68 10.69
N VAL D 128 13.51 31.87 10.07
CA VAL D 128 13.03 30.77 9.25
C VAL D 128 12.27 29.76 10.10
N ASP D 129 12.81 29.43 11.27
CA ASP D 129 12.14 28.48 12.14
C ASP D 129 10.80 29.06 12.56
N THR D 130 10.78 30.34 12.90
CA THR D 130 9.55 30.99 13.31
C THR D 130 8.51 30.97 12.20
N VAL D 131 8.88 31.49 11.04
CA VAL D 131 7.97 31.55 9.90
C VAL D 131 7.46 30.20 9.42
N LEU D 132 8.34 29.20 9.32
CA LEU D 132 7.89 27.90 8.86
C LEU D 132 6.90 27.29 9.86
N GLN D 133 7.08 27.63 11.14
CA GLN D 133 6.19 27.13 12.17
C GLN D 133 4.82 27.79 12.09
N LEU D 134 4.82 29.12 12.04
CA LEU D 134 3.59 29.90 11.97
C LEU D 134 2.78 29.61 10.71
N ALA D 135 3.47 29.39 9.60
CA ALA D 135 2.82 29.12 8.32
C ALA D 135 2.62 27.62 8.11
N ASN D 136 3.09 26.82 9.06
CA ASN D 136 2.94 25.37 8.99
C ASN D 136 3.40 24.81 7.64
N VAL D 137 4.59 25.23 7.20
CA VAL D 137 5.16 24.77 5.94
C VAL D 137 6.31 23.85 6.25
N SER D 138 6.19 22.59 5.81
CA SER D 138 7.25 21.62 6.06
C SER D 138 8.33 21.63 4.98
N ASP D 139 7.93 21.94 3.74
CA ASP D 139 8.89 21.93 2.64
C ASP D 139 8.75 23.12 1.69
N VAL D 140 9.89 23.70 1.33
CA VAL D 140 9.97 24.85 0.45
C VAL D 140 10.79 24.53 -0.80
N VAL D 141 10.17 24.69 -1.97
CA VAL D 141 10.88 24.46 -3.21
C VAL D 141 11.37 25.84 -3.65
N MET D 142 12.67 25.92 -3.95
CA MET D 142 13.28 27.17 -4.36
C MET D 142 13.28 27.25 -5.88
N THR D 143 13.74 28.39 -6.39
CA THR D 143 13.88 28.59 -7.83
C THR D 143 15.38 28.85 -7.94
N ASN D 144 16.10 27.86 -8.47
CA ASN D 144 17.54 28.00 -8.58
C ASN D 144 18.01 28.21 -10.01
N ASP D 145 18.37 29.46 -10.30
CA ASP D 145 18.83 29.89 -11.63
C ASP D 145 20.36 29.89 -11.73
N PRO D 146 20.94 28.85 -12.33
CA PRO D 146 22.40 28.76 -12.49
C PRO D 146 22.99 29.84 -13.37
N PHE D 147 22.13 30.59 -14.06
CA PHE D 147 22.62 31.64 -14.94
C PHE D 147 22.84 32.93 -14.16
N ASP D 148 22.32 32.98 -12.95
CA ASP D 148 22.54 34.15 -12.11
C ASP D 148 23.92 33.95 -11.51
N ASP D 149 24.84 34.89 -11.75
CA ASP D 149 26.21 34.76 -11.22
C ASP D 149 26.30 34.46 -9.73
N ASN D 150 25.55 35.21 -8.92
CA ASN D 150 25.57 35.00 -7.48
C ASN D 150 25.04 33.64 -7.06
N GLU D 151 23.97 33.18 -7.68
CA GLU D 151 23.43 31.86 -7.32
C GLU D 151 24.39 30.75 -7.76
N ARG D 152 24.86 30.84 -9.00
CA ARG D 152 25.76 29.82 -9.56
C ARG D 152 27.01 29.57 -8.72
N ILE D 153 27.65 30.65 -8.27
CA ILE D 153 28.85 30.51 -7.47
C ILE D 153 28.58 29.82 -6.13
N SER D 154 27.41 30.07 -5.55
CA SER D 154 27.05 29.42 -4.28
C SER D 154 26.98 27.91 -4.49
N TRP D 155 26.34 27.49 -5.58
CA TRP D 155 26.23 26.06 -5.86
C TRP D 155 27.59 25.50 -6.24
N LEU D 156 28.34 26.24 -7.05
CA LEU D 156 29.65 25.78 -7.48
C LEU D 156 30.61 25.71 -6.31
N GLU D 157 30.41 26.58 -5.32
CA GLU D 157 31.30 26.59 -4.15
C GLU D 157 30.88 25.65 -3.03
N GLY D 158 29.91 24.78 -3.29
CA GLY D 158 29.49 23.82 -2.29
C GLY D 158 28.24 24.04 -1.46
N LYS D 159 27.60 25.18 -1.57
CA LYS D 159 26.38 25.43 -0.79
C LYS D 159 25.28 24.41 -1.12
N GLN D 160 24.67 23.87 -0.08
CA GLN D 160 23.56 22.92 -0.23
C GLN D 160 22.49 23.32 0.78
N PRO D 161 21.21 23.21 0.41
CA PRO D 161 20.12 23.60 1.30
C PRO D 161 19.89 22.59 2.44
N ASP D 162 19.31 23.04 3.54
CA ASP D 162 19.05 22.10 4.62
C ASP D 162 17.85 21.25 4.21
N SER D 163 17.52 20.27 5.03
CA SER D 163 16.43 19.33 4.76
C SER D 163 15.07 19.91 4.36
N ARG D 164 14.77 21.14 4.77
CA ARG D 164 13.48 21.76 4.46
C ARG D 164 13.39 22.46 3.10
N PHE D 165 14.53 22.66 2.45
CA PHE D 165 14.55 23.35 1.16
C PHE D 165 14.97 22.50 -0.01
N HIS D 166 14.13 22.45 -1.03
CA HIS D 166 14.42 21.68 -2.22
C HIS D 166 14.72 22.59 -3.40
N ALA D 167 15.57 22.12 -4.30
CA ALA D 167 15.94 22.92 -5.46
C ALA D 167 15.11 22.55 -6.68
N ALA D 168 15.02 23.52 -7.58
CA ALA D 168 14.31 23.35 -8.84
C ALA D 168 15.18 24.13 -9.83
N LEU D 169 15.63 23.45 -10.89
CA LEU D 169 16.51 24.05 -11.89
C LEU D 169 15.78 24.95 -12.89
N ARG D 170 15.89 26.26 -12.69
CA ARG D 170 15.24 27.25 -13.53
C ARG D 170 16.10 27.50 -14.78
N LEU D 171 15.49 27.38 -15.96
CA LEU D 171 16.21 27.52 -17.23
C LEU D 171 15.79 28.61 -18.21
N ASP D 172 15.14 29.67 -17.73
CA ASP D 172 14.69 30.74 -18.62
C ASP D 172 15.73 31.26 -19.62
N PRO D 173 16.94 31.61 -19.15
CA PRO D 173 17.97 32.12 -20.07
C PRO D 173 18.37 31.13 -21.15
N LEU D 174 18.45 29.86 -20.80
CA LEU D 174 18.84 28.84 -21.75
C LEU D 174 17.79 28.67 -22.84
N LEU D 175 16.54 28.51 -22.41
CA LEU D 175 15.44 28.28 -23.33
C LEU D 175 14.89 29.48 -24.07
N ASN D 176 14.88 30.65 -23.43
CA ASN D 176 14.34 31.85 -24.07
C ASN D 176 15.36 32.85 -24.61
N GLU D 177 16.64 32.65 -24.29
CA GLU D 177 17.66 33.59 -24.77
C GLU D 177 18.92 32.85 -25.19
N TYR D 178 18.74 31.71 -25.85
CA TYR D 178 19.86 30.91 -26.28
C TYR D 178 20.93 31.68 -27.08
N GLU D 179 20.50 32.54 -28.00
CA GLU D 179 21.48 33.29 -28.80
C GLU D 179 22.52 33.98 -27.92
N GLN D 180 22.09 34.54 -26.78
CA GLN D 180 23.02 35.20 -25.87
C GLN D 180 23.67 34.20 -24.91
N THR D 181 22.85 33.31 -24.35
CA THR D 181 23.32 32.32 -23.38
C THR D 181 24.31 31.29 -23.90
N LYS D 182 24.25 30.95 -25.18
CA LYS D 182 25.17 29.95 -25.72
C LYS D 182 26.63 30.38 -25.50
N HIS D 183 26.88 31.69 -25.52
CA HIS D 183 28.22 32.21 -25.32
C HIS D 183 28.69 32.00 -23.89
N ARG D 184 27.75 31.92 -22.97
CA ARG D 184 28.09 31.72 -21.57
C ARG D 184 28.32 30.24 -21.31
N LEU D 185 27.60 29.39 -22.02
CA LEU D 185 27.79 27.96 -21.87
C LEU D 185 29.20 27.67 -22.32
N ARG D 186 29.65 28.39 -23.34
CA ARG D 186 31.00 28.24 -23.87
C ARG D 186 32.02 28.67 -22.83
N ASP D 187 31.78 29.80 -22.18
CA ASP D 187 32.69 30.28 -21.17
C ASP D 187 32.82 29.25 -20.05
N TRP D 188 31.75 28.48 -19.84
CA TRP D 188 31.73 27.47 -18.80
C TRP D 188 32.19 26.09 -19.23
N GLY D 189 32.78 26.01 -20.42
CA GLY D 189 33.26 24.71 -20.88
C GLY D 189 32.30 23.88 -21.71
N TYR D 190 31.07 24.34 -21.88
CA TYR D 190 30.10 23.60 -22.68
C TYR D 190 30.24 24.06 -24.12
N LYS D 191 30.83 23.18 -24.93
CA LYS D 191 31.12 23.50 -26.32
C LYS D 191 29.96 23.46 -27.32
N VAL D 192 29.00 24.37 -27.14
CA VAL D 192 27.88 24.44 -28.07
C VAL D 192 28.44 25.15 -29.31
N ASN D 193 28.06 24.68 -30.50
CA ASN D 193 28.56 25.26 -31.74
C ASN D 193 27.65 26.32 -32.34
N ASP D 194 28.09 26.92 -33.45
CA ASP D 194 27.29 27.93 -34.13
C ASP D 194 26.01 27.31 -34.64
N GLU D 195 26.11 26.11 -35.20
CA GLU D 195 24.92 25.44 -35.68
C GLU D 195 24.46 24.41 -34.66
N TRP D 196 23.17 24.09 -34.70
CA TRP D 196 22.60 23.13 -33.79
C TRP D 196 22.87 21.75 -34.34
N ASN D 197 24.01 21.18 -33.94
CA ASN D 197 24.38 19.85 -34.39
C ASN D 197 24.59 18.92 -33.20
N GLU D 198 25.01 17.69 -33.49
CA GLU D 198 25.25 16.70 -32.46
C GLU D 198 26.01 17.29 -31.28
N GLY D 199 27.17 17.90 -31.57
CA GLY D 199 27.98 18.50 -30.51
C GLY D 199 27.23 19.47 -29.62
N SER D 200 26.43 20.34 -30.24
CA SER D 200 25.65 21.32 -29.50
C SER D 200 24.59 20.63 -28.65
N ILE D 201 23.91 19.65 -29.23
CA ILE D 201 22.87 18.92 -28.52
C ILE D 201 23.47 18.22 -27.31
N GLN D 202 24.57 17.52 -27.53
CA GLN D 202 25.23 16.80 -26.46
C GLN D 202 25.73 17.70 -25.34
N GLU D 203 26.30 18.84 -25.67
CA GLU D 203 26.81 19.72 -24.63
C GLU D 203 25.69 20.35 -23.81
N VAL D 204 24.56 20.66 -24.45
CA VAL D 204 23.43 21.24 -23.72
C VAL D 204 22.91 20.18 -22.73
N LYS D 205 22.91 18.92 -23.16
CA LYS D 205 22.46 17.84 -22.28
C LYS D 205 23.43 17.73 -21.12
N ARG D 206 24.72 17.79 -21.43
CA ARG D 206 25.76 17.73 -20.40
C ARG D 206 25.48 18.80 -19.36
N PHE D 207 25.19 20.01 -19.84
CA PHE D 207 24.90 21.14 -18.96
C PHE D 207 23.75 20.79 -18.03
N LEU D 208 22.65 20.33 -18.60
CA LEU D 208 21.48 19.97 -17.81
C LEU D 208 21.81 18.87 -16.82
N THR D 209 22.48 17.82 -17.30
CA THR D 209 22.87 16.71 -16.44
C THR D 209 23.78 17.17 -15.31
N ASP D 210 24.76 18.00 -15.63
CA ASP D 210 25.67 18.48 -14.59
C ASP D 210 24.92 19.19 -13.49
N TRP D 211 23.94 20.01 -13.87
CA TRP D 211 23.19 20.74 -12.87
C TRP D 211 22.19 19.89 -12.13
N ILE D 212 21.68 18.85 -12.78
CA ILE D 212 20.74 17.97 -12.13
C ILE D 212 21.49 17.26 -11.01
N GLU D 213 22.72 16.84 -11.31
CA GLU D 213 23.56 16.14 -10.36
C GLU D 213 23.92 17.06 -9.20
N ARG D 214 24.34 18.28 -9.50
CA ARG D 214 24.72 19.23 -8.46
C ARG D 214 23.57 19.76 -7.62
N MET D 215 22.39 19.91 -8.21
CA MET D 215 21.24 20.44 -7.48
C MET D 215 20.24 19.42 -6.97
N ASP D 216 20.17 18.27 -7.62
CA ASP D 216 19.20 17.25 -7.26
C ASP D 216 17.83 17.93 -7.20
N PRO D 217 17.44 18.62 -8.28
CA PRO D 217 16.16 19.33 -8.36
C PRO D 217 14.92 18.44 -8.41
N VAL D 218 13.81 18.94 -7.88
CA VAL D 218 12.55 18.19 -7.89
C VAL D 218 11.90 18.30 -9.27
N TYR D 219 12.32 19.29 -10.05
CA TYR D 219 11.83 19.46 -11.41
C TYR D 219 12.63 20.55 -12.09
N MET D 220 12.58 20.57 -13.43
CA MET D 220 13.24 21.61 -14.23
C MET D 220 12.14 22.59 -14.59
N ALA D 221 12.41 23.89 -14.49
CA ALA D 221 11.39 24.89 -14.78
C ALA D 221 11.76 25.98 -15.77
N VAL D 222 10.72 26.62 -16.31
CA VAL D 222 10.89 27.72 -17.26
C VAL D 222 9.59 28.51 -17.33
N SER D 223 9.69 29.83 -17.40
CA SER D 223 8.49 30.66 -17.53
C SER D 223 8.46 30.97 -19.03
N LEU D 224 7.28 30.93 -19.62
CA LEU D 224 7.12 31.13 -21.06
C LEU D 224 6.14 32.22 -21.45
N PRO D 225 6.34 32.84 -22.63
CA PRO D 225 5.44 33.92 -23.10
C PRO D 225 4.13 33.39 -23.67
N PRO D 226 3.14 34.28 -23.84
CA PRO D 226 1.82 33.92 -24.39
C PRO D 226 1.92 33.28 -25.77
N THR D 227 3.01 33.58 -26.47
CA THR D 227 3.22 33.07 -27.82
C THR D 227 3.92 31.71 -27.89
N PHE D 228 4.09 31.06 -26.75
CA PHE D 228 4.77 29.77 -26.74
C PHE D 228 4.09 28.74 -27.63
N SER D 229 4.90 28.07 -28.43
CA SER D 229 4.43 27.04 -29.34
C SER D 229 5.39 25.88 -29.34
N PHE D 230 4.86 24.70 -29.63
CA PHE D 230 5.66 23.48 -29.72
C PHE D 230 4.83 22.47 -30.51
N PRO D 231 5.44 21.80 -31.49
CA PRO D 231 6.83 21.90 -31.93
C PRO D 231 7.13 23.28 -32.53
N GLU D 232 8.39 23.61 -32.64
CA GLU D 232 8.78 24.87 -33.21
C GLU D 232 10.23 24.84 -33.64
N GLU D 233 10.50 25.25 -34.87
CA GLU D 233 11.87 25.31 -35.35
C GLU D 233 12.42 26.63 -34.84
N SER D 234 13.02 26.58 -33.67
CA SER D 234 13.61 27.73 -33.01
C SER D 234 14.55 27.16 -31.97
N ASN D 235 15.40 27.99 -31.36
CA ASN D 235 16.30 27.47 -30.34
C ASN D 235 15.53 26.81 -29.20
N ARG D 236 14.51 27.49 -28.68
CA ARG D 236 13.71 26.94 -27.59
C ARG D 236 13.11 25.62 -28.03
N GLY D 237 12.50 25.62 -29.20
CA GLY D 237 11.87 24.44 -29.74
C GLY D 237 12.79 23.24 -29.86
N ARG D 238 14.02 23.49 -30.31
CA ARG D 238 14.97 22.40 -30.48
C ARG D 238 15.61 21.97 -29.17
N ILE D 239 15.83 22.92 -28.26
CA ILE D 239 16.43 22.59 -26.98
C ILE D 239 15.48 21.71 -26.17
N ILE D 240 14.19 22.05 -26.21
CA ILE D 240 13.19 21.29 -25.48
C ILE D 240 13.10 19.88 -26.06
N ARG D 241 13.01 19.80 -27.39
CA ARG D 241 12.91 18.53 -28.09
C ARG D 241 14.14 17.62 -28.02
N ASP D 242 15.31 18.17 -28.31
CA ASP D 242 16.53 17.37 -28.31
C ASP D 242 17.31 17.25 -27.00
N CYS D 243 17.08 18.17 -26.06
CA CYS D 243 17.84 18.15 -24.83
C CYS D 243 17.05 17.96 -23.54
N LEU D 244 16.12 18.87 -23.28
CA LEU D 244 15.32 18.87 -22.06
C LEU D 244 14.47 17.62 -21.86
N LEU D 245 13.58 17.35 -22.80
CA LEU D 245 12.70 16.19 -22.66
C LEU D 245 13.45 14.88 -22.49
N PRO D 246 14.44 14.60 -23.36
CA PRO D 246 15.19 13.34 -23.23
C PRO D 246 15.84 13.19 -21.85
N VAL D 247 16.48 14.26 -21.37
CA VAL D 247 17.15 14.24 -20.07
C VAL D 247 16.14 14.12 -18.92
N ALA D 248 15.05 14.89 -19.01
CA ALA D 248 14.02 14.86 -17.97
C ALA D 248 13.42 13.45 -17.87
N GLU D 249 13.24 12.80 -19.01
CA GLU D 249 12.69 11.45 -19.02
C GLU D 249 13.66 10.50 -18.33
N LYS D 250 14.93 10.57 -18.73
CA LYS D 250 15.98 9.72 -18.20
C LYS D 250 16.08 9.78 -16.67
N HIS D 251 16.05 10.98 -16.12
CA HIS D 251 16.14 11.14 -14.67
C HIS D 251 14.75 11.20 -14.04
N ASN D 252 13.73 10.92 -14.85
CA ASN D 252 12.34 10.95 -14.40
C ASN D 252 12.05 12.25 -13.65
N ILE D 253 12.49 13.37 -14.23
CA ILE D 253 12.28 14.68 -13.63
C ILE D 253 11.15 15.40 -14.38
N PRO D 254 10.17 15.94 -13.64
CA PRO D 254 9.07 16.63 -14.33
C PRO D 254 9.55 17.95 -14.92
N PHE D 255 8.91 18.39 -15.99
CA PHE D 255 9.22 19.66 -16.63
C PHE D 255 8.11 20.62 -16.25
N ALA D 256 8.45 21.68 -15.53
CA ALA D 256 7.47 22.68 -15.11
C ALA D 256 7.44 23.88 -16.04
N MET D 257 6.26 24.16 -16.59
CA MET D 257 6.07 25.28 -17.52
C MET D 257 5.09 26.29 -16.94
N MET D 258 5.55 27.52 -16.75
CA MET D 258 4.71 28.59 -16.23
C MET D 258 4.52 29.50 -17.43
N ILE D 259 3.37 29.34 -18.08
CA ILE D 259 3.04 30.03 -19.32
C ILE D 259 2.17 31.27 -19.24
N GLY D 260 2.51 32.30 -20.02
CA GLY D 260 1.70 33.51 -20.06
C GLY D 260 2.35 34.85 -19.73
N VAL D 261 3.61 34.84 -19.31
CA VAL D 261 4.29 36.08 -18.94
C VAL D 261 4.94 36.80 -20.12
N LYS D 262 4.62 38.09 -20.29
CA LYS D 262 5.22 38.89 -21.35
C LYS D 262 6.21 39.78 -20.60
N LYS D 263 7.49 39.41 -20.68
CA LYS D 263 8.55 40.11 -19.98
C LYS D 263 8.81 41.55 -20.38
N ARG D 264 9.11 42.36 -19.37
CA ARG D 264 9.50 43.75 -19.53
C ARG D 264 8.68 44.68 -20.42
N VAL D 265 7.38 44.77 -20.21
CA VAL D 265 6.59 45.70 -21.01
C VAL D 265 6.84 47.10 -20.46
N HIS D 266 7.36 47.15 -19.25
CA HIS D 266 7.71 48.42 -18.60
C HIS D 266 9.04 48.17 -17.91
N PRO D 267 10.12 48.19 -18.69
CA PRO D 267 11.50 47.97 -18.24
C PRO D 267 11.93 48.75 -16.99
N ALA D 268 11.47 49.99 -16.86
CA ALA D 268 11.85 50.81 -15.72
C ALA D 268 11.35 50.29 -14.38
N LEU D 269 10.25 49.52 -14.40
CA LEU D 269 9.70 48.95 -13.17
C LEU D 269 10.44 47.70 -12.70
N GLY D 270 11.45 47.26 -13.45
CA GLY D 270 12.19 46.07 -13.06
C GLY D 270 11.32 44.82 -12.91
N ASP D 271 11.44 44.13 -11.78
CA ASP D 271 10.66 42.91 -11.55
C ASP D 271 9.16 43.13 -11.61
N ALA D 272 8.74 44.37 -11.43
CA ALA D 272 7.32 44.72 -11.46
C ALA D 272 6.90 45.13 -12.87
N GLY D 273 7.78 44.93 -13.85
CA GLY D 273 7.45 45.33 -15.20
C GLY D 273 7.01 44.27 -16.19
N ASP D 274 6.50 43.13 -15.70
CA ASP D 274 6.05 42.07 -16.60
C ASP D 274 4.53 42.08 -16.75
N PHE D 275 4.06 41.65 -17.92
CA PHE D 275 2.63 41.66 -18.22
C PHE D 275 2.14 40.23 -18.50
N VAL D 276 0.89 40.09 -18.92
CA VAL D 276 0.29 38.78 -19.18
C VAL D 276 -0.43 38.71 -20.52
N GLY D 277 -0.61 37.50 -21.04
CA GLY D 277 -1.30 37.29 -22.30
C GLY D 277 -1.84 35.88 -22.36
N LYS D 278 -2.98 35.68 -23.02
CA LYS D 278 -3.56 34.35 -23.13
C LYS D 278 -2.72 33.55 -24.11
N ALA D 279 -2.47 32.29 -23.79
CA ALA D 279 -1.66 31.46 -24.67
C ALA D 279 -2.53 30.44 -25.38
N SER D 280 -1.96 29.84 -26.41
CA SER D 280 -2.65 28.78 -27.15
C SER D 280 -2.34 27.52 -26.35
N MET D 281 -3.27 26.57 -26.33
CA MET D 281 -3.04 25.33 -25.62
C MET D 281 -2.38 24.28 -26.51
N ASP D 282 -2.27 24.57 -27.80
CA ASP D 282 -1.68 23.64 -28.76
C ASP D 282 -0.32 23.07 -28.39
N GLY D 283 0.59 23.93 -27.94
CA GLY D 283 1.91 23.47 -27.59
C GLY D 283 1.89 22.51 -26.40
N VAL D 284 1.09 22.84 -25.39
CA VAL D 284 0.98 21.99 -24.19
C VAL D 284 0.33 20.66 -24.55
N GLU D 285 -0.78 20.74 -25.30
CA GLU D 285 -1.51 19.55 -25.73
C GLU D 285 -0.56 18.61 -26.47
N HIS D 286 0.26 19.16 -27.36
CA HIS D 286 1.21 18.36 -28.12
C HIS D 286 2.25 17.69 -27.21
N LEU D 287 2.87 18.48 -26.35
CA LEU D 287 3.87 17.93 -25.45
C LEU D 287 3.33 16.76 -24.63
N LEU D 288 2.13 16.93 -24.07
CA LEU D 288 1.51 15.89 -23.26
C LEU D 288 1.22 14.62 -24.06
N ARG D 289 0.64 14.78 -25.23
CA ARG D 289 0.30 13.63 -26.07
C ARG D 289 1.50 12.91 -26.65
N GLU D 290 2.47 13.66 -27.19
CA GLU D 290 3.64 13.06 -27.82
C GLU D 290 4.79 12.62 -26.90
N TYR D 291 4.74 13.04 -25.64
CA TYR D 291 5.79 12.65 -24.69
C TYR D 291 5.12 12.04 -23.47
N PRO D 292 4.44 10.90 -23.66
CA PRO D 292 3.72 10.17 -22.61
C PRO D 292 4.60 9.73 -21.45
N ASN D 293 5.90 9.62 -21.70
CA ASN D 293 6.83 9.22 -20.65
C ASN D 293 7.43 10.40 -19.92
N ASN D 294 7.05 11.61 -20.31
CA ASN D 294 7.54 12.81 -19.62
C ASN D 294 6.41 13.33 -18.75
N LYS D 295 6.77 13.97 -17.64
CA LYS D 295 5.80 14.53 -16.72
C LYS D 295 5.87 16.05 -16.81
N PHE D 296 4.71 16.70 -16.72
CA PHE D 296 4.65 18.15 -16.85
C PHE D 296 3.86 18.84 -15.75
N LEU D 297 4.48 19.82 -15.11
CA LEU D 297 3.81 20.62 -14.09
C LEU D 297 3.49 21.92 -14.82
N VAL D 298 2.22 22.29 -14.87
CA VAL D 298 1.84 23.52 -15.57
C VAL D 298 0.96 24.46 -14.76
N THR D 299 1.20 25.75 -14.94
CA THR D 299 0.41 26.81 -14.32
C THR D 299 0.42 27.91 -15.37
N MET D 300 -0.72 28.57 -15.60
CA MET D 300 -0.78 29.63 -16.59
C MET D 300 -1.18 30.96 -15.97
N LEU D 301 -0.68 32.03 -16.58
CA LEU D 301 -0.91 33.38 -16.08
C LEU D 301 -2.21 34.07 -16.48
N SER D 302 -2.76 33.73 -17.64
CA SER D 302 -4.00 34.39 -18.09
C SER D 302 -5.28 33.79 -17.49
N ARG D 303 -6.18 34.66 -17.01
CA ARG D 303 -7.43 34.19 -16.45
C ARG D 303 -8.18 33.36 -17.50
N GLU D 304 -8.05 33.78 -18.75
CA GLU D 304 -8.75 33.13 -19.85
C GLU D 304 -8.23 31.75 -20.28
N ASN D 305 -7.11 31.29 -19.70
CA ASN D 305 -6.55 29.97 -19.99
C ASN D 305 -6.93 28.95 -18.91
N GLN D 306 -7.37 29.44 -17.76
CA GLN D 306 -7.68 28.55 -16.63
C GLN D 306 -8.64 27.39 -16.87
N HIS D 307 -9.82 27.67 -17.44
CA HIS D 307 -10.77 26.60 -17.66
C HIS D 307 -10.33 25.56 -18.68
N GLU D 308 -9.73 25.99 -19.80
CA GLU D 308 -9.28 25.01 -20.80
C GLU D 308 -8.08 24.21 -20.29
N LEU D 309 -7.32 24.77 -19.35
CA LEU D 309 -6.18 24.06 -18.77
C LEU D 309 -6.74 22.91 -17.91
N VAL D 310 -7.84 23.17 -17.22
CA VAL D 310 -8.46 22.13 -16.39
C VAL D 310 -8.94 21.01 -17.32
N VAL D 311 -9.59 21.36 -18.42
CA VAL D 311 -10.07 20.34 -19.35
C VAL D 311 -8.91 19.55 -19.92
N LEU D 312 -7.79 20.22 -20.17
CA LEU D 312 -6.62 19.54 -20.71
C LEU D 312 -6.10 18.53 -19.68
N ALA D 313 -6.21 18.85 -18.40
CA ALA D 313 -5.74 17.92 -17.38
C ALA D 313 -6.65 16.68 -17.37
N ARG D 314 -7.90 16.85 -17.80
CA ARG D 314 -8.83 15.73 -17.86
C ARG D 314 -8.38 14.75 -18.95
N LYS D 315 -7.68 15.27 -19.95
CA LYS D 315 -7.21 14.47 -21.08
C LYS D 315 -5.90 13.73 -20.83
N PHE D 316 -4.97 14.33 -20.09
CA PHE D 316 -3.66 13.72 -19.87
C PHE D 316 -3.21 13.55 -18.43
N SER D 317 -2.94 12.31 -18.06
CA SER D 317 -2.50 12.00 -16.70
C SER D 317 -1.08 12.47 -16.44
N ASN D 318 -0.30 12.70 -17.49
CA ASN D 318 1.06 13.18 -17.27
C ASN D 318 1.07 14.70 -17.10
N LEU D 319 -0.11 15.28 -16.97
CA LEU D 319 -0.23 16.71 -16.73
C LEU D 319 -0.71 16.89 -15.30
N MET D 320 0.03 17.68 -14.53
CA MET D 320 -0.36 17.99 -13.16
C MET D 320 -0.40 19.51 -13.13
N ILE D 321 -1.59 20.08 -12.97
CA ILE D 321 -1.67 21.53 -12.91
C ILE D 321 -1.49 22.01 -11.48
N PHE D 322 -0.87 23.18 -11.32
CA PHE D 322 -0.64 23.70 -9.99
C PHE D 322 -0.77 25.20 -9.87
N GLY D 323 -1.15 25.62 -8.67
CA GLY D 323 -1.26 27.01 -8.30
C GLY D 323 -2.14 28.01 -9.02
N CYS D 324 -2.18 29.19 -8.41
CA CYS D 324 -2.91 30.35 -8.92
C CYS D 324 -1.76 31.35 -8.95
N TRP D 325 -1.06 31.32 -10.07
CA TRP D 325 0.13 32.11 -10.32
C TRP D 325 0.07 33.62 -10.51
N TRP D 326 0.82 34.34 -9.67
CA TRP D 326 1.00 35.77 -9.84
C TRP D 326 -0.28 36.61 -9.93
N PHE D 327 -0.61 37.05 -11.15
CA PHE D 327 -1.81 37.86 -11.35
C PHE D 327 -3.06 37.03 -11.10
N MET D 328 -2.89 35.72 -11.02
CA MET D 328 -4.02 34.80 -10.72
C MET D 328 -4.15 34.66 -9.19
N ASN D 329 -3.10 35.02 -8.47
CA ASN D 329 -3.07 34.86 -7.02
C ASN D 329 -3.84 35.91 -6.22
N ASN D 330 -5.12 36.04 -6.54
CA ASN D 330 -6.03 36.98 -5.88
C ASN D 330 -7.32 36.23 -5.55
N PRO D 331 -7.92 36.52 -4.38
CA PRO D 331 -9.15 35.86 -3.92
C PRO D 331 -10.23 35.59 -4.97
N GLU D 332 -10.62 36.61 -5.73
CA GLU D 332 -11.65 36.42 -6.76
C GLU D 332 -11.26 35.28 -7.72
N ILE D 333 -10.01 35.28 -8.18
CA ILE D 333 -9.51 34.28 -9.11
C ILE D 333 -9.19 32.93 -8.44
N ILE D 334 -8.55 32.98 -7.29
CA ILE D 334 -8.23 31.75 -6.59
C ILE D 334 -9.52 30.93 -6.41
N ASN D 335 -10.57 31.61 -5.98
CA ASN D 335 -11.85 30.96 -5.76
C ASN D 335 -12.42 30.30 -7.02
N GLU D 336 -12.52 31.04 -8.12
CA GLU D 336 -13.07 30.44 -9.33
C GLU D 336 -12.20 29.32 -9.88
N MET D 337 -10.88 29.49 -9.82
CA MET D 337 -9.99 28.46 -10.34
C MET D 337 -10.08 27.18 -9.52
N THR D 338 -10.04 27.32 -8.20
CA THR D 338 -10.09 26.15 -7.34
C THR D 338 -11.40 25.40 -7.51
N ARG D 339 -12.51 26.14 -7.66
CA ARG D 339 -13.80 25.48 -7.84
C ARG D 339 -13.92 24.75 -9.19
N MET D 340 -13.43 25.35 -10.27
CA MET D 340 -13.47 24.72 -11.60
C MET D 340 -12.59 23.48 -11.60
N ARG D 341 -11.43 23.62 -10.96
CA ARG D 341 -10.49 22.52 -10.86
C ARG D 341 -11.08 21.33 -10.11
N MET D 342 -11.61 21.57 -8.91
CA MET D 342 -12.15 20.46 -8.14
C MET D 342 -13.37 19.83 -8.80
N GLU D 343 -14.19 20.66 -9.45
CA GLU D 343 -15.38 20.16 -10.10
C GLU D 343 -15.06 19.20 -11.24
N MET D 344 -13.99 19.48 -11.97
CA MET D 344 -13.59 18.63 -13.09
C MET D 344 -12.44 17.68 -12.84
N LEU D 345 -11.72 17.86 -11.74
CA LEU D 345 -10.59 16.99 -11.43
C LEU D 345 -10.64 16.33 -10.05
N GLY D 346 -11.67 16.65 -9.27
CA GLY D 346 -11.76 16.08 -7.94
C GLY D 346 -10.60 16.60 -7.11
N THR D 347 -9.74 15.70 -6.62
CA THR D 347 -8.59 16.12 -5.83
C THR D 347 -7.26 15.91 -6.55
N SER D 348 -7.30 15.59 -7.83
CA SER D 348 -6.06 15.35 -8.57
C SER D 348 -5.38 16.59 -9.15
N PHE D 349 -5.04 17.52 -8.27
CA PHE D 349 -4.35 18.74 -8.68
C PHE D 349 -3.70 19.39 -7.47
N ILE D 350 -2.83 20.36 -7.72
CA ILE D 350 -2.14 21.07 -6.65
C ILE D 350 -2.74 22.47 -6.70
N PRO D 351 -3.67 22.77 -5.79
CA PRO D 351 -4.33 24.08 -5.76
C PRO D 351 -3.50 25.34 -5.60
N GLN D 352 -2.39 25.28 -4.88
CA GLN D 352 -1.65 26.49 -4.66
C GLN D 352 -0.16 26.36 -4.37
N HIS D 353 0.53 27.48 -4.53
CA HIS D 353 1.95 27.64 -4.22
C HIS D 353 2.03 29.11 -3.81
N SER D 354 3.05 29.50 -3.08
CA SER D 354 3.13 30.88 -2.60
C SER D 354 3.88 31.84 -3.50
N ASP D 355 4.94 31.37 -4.14
CA ASP D 355 5.76 32.23 -4.99
C ASP D 355 6.44 33.26 -4.09
N ALA D 356 6.58 32.93 -2.82
CA ALA D 356 7.19 33.84 -1.86
C ALA D 356 8.58 34.31 -2.28
N ARG D 357 8.77 35.62 -2.25
CA ARG D 357 10.06 36.24 -2.58
C ARG D 357 10.66 36.70 -1.27
N VAL D 358 9.81 36.90 -0.26
CA VAL D 358 10.23 37.36 1.06
C VAL D 358 9.69 36.39 2.12
N LEU D 359 10.59 35.79 2.89
CA LEU D 359 10.25 34.82 3.92
C LEU D 359 8.88 34.91 4.60
N GLU D 360 8.61 36.04 5.25
CA GLU D 360 7.35 36.22 5.97
C GLU D 360 6.09 36.01 5.13
N GLN D 361 6.20 36.16 3.81
CA GLN D 361 5.03 36.00 2.96
C GLN D 361 4.42 34.61 3.05
N LEU D 362 5.21 33.63 3.48
CA LEU D 362 4.68 32.28 3.61
C LEU D 362 3.49 32.35 4.55
N ILE D 363 3.52 33.31 5.46
CA ILE D 363 2.45 33.46 6.42
C ILE D 363 1.12 33.86 5.76
N TYR D 364 1.11 34.97 5.05
CA TYR D 364 -0.12 35.44 4.43
C TYR D 364 -0.56 34.65 3.20
N LYS D 365 0.38 34.18 2.40
CA LYS D 365 0.02 33.44 1.19
C LYS D 365 -0.78 32.20 1.50
N TRP D 366 -0.29 31.40 2.45
CA TRP D 366 -0.99 30.16 2.83
C TRP D 366 -2.22 30.43 3.67
N HIS D 367 -2.19 31.48 4.48
CA HIS D 367 -3.35 31.80 5.30
C HIS D 367 -4.50 32.26 4.40
N HIS D 368 -4.22 33.21 3.52
CA HIS D 368 -5.24 33.72 2.60
C HIS D 368 -5.75 32.60 1.70
N SER D 369 -4.84 31.78 1.19
CA SER D 369 -5.22 30.69 0.29
C SER D 369 -5.95 29.54 0.96
N LYS D 370 -5.51 29.15 2.15
CA LYS D 370 -6.16 28.06 2.87
C LYS D 370 -7.60 28.39 3.25
N SER D 371 -7.88 29.65 3.57
CA SER D 371 -9.24 30.01 3.95
C SER D 371 -10.19 29.81 2.76
N ILE D 372 -9.73 30.17 1.57
CA ILE D 372 -10.52 30.01 0.36
C ILE D 372 -10.64 28.52 0.00
N ILE D 373 -9.53 27.80 0.05
CA ILE D 373 -9.55 26.38 -0.30
C ILE D 373 -10.45 25.58 0.65
N ALA D 374 -10.43 25.95 1.93
CA ALA D 374 -11.26 25.25 2.92
C ALA D 374 -12.74 25.48 2.59
N GLU D 375 -13.10 26.71 2.25
CA GLU D 375 -14.48 27.01 1.90
C GLU D 375 -14.93 26.18 0.68
N VAL D 376 -14.07 26.07 -0.33
CA VAL D 376 -14.40 25.27 -1.51
C VAL D 376 -14.65 23.80 -1.08
N LEU D 377 -13.72 23.26 -0.28
CA LEU D 377 -13.83 21.88 0.22
C LEU D 377 -15.14 21.66 0.98
N ILE D 378 -15.50 22.62 1.83
CA ILE D 378 -16.73 22.53 2.60
C ILE D 378 -17.95 22.41 1.66
N ASP D 379 -18.01 23.26 0.65
CA ASP D 379 -19.13 23.18 -0.30
C ASP D 379 -19.16 21.81 -0.99
N LYS D 380 -18.00 21.34 -1.44
CA LYS D 380 -17.93 20.07 -2.14
C LYS D 380 -18.19 18.86 -1.26
N TYR D 381 -17.70 18.88 -0.03
CA TYR D 381 -17.95 17.77 0.88
C TYR D 381 -19.43 17.76 1.24
N ASP D 382 -19.98 18.94 1.48
CA ASP D 382 -21.38 19.06 1.84
C ASP D 382 -22.30 18.59 0.72
N ASP D 383 -21.95 18.88 -0.53
CA ASP D 383 -22.80 18.45 -1.63
C ASP D 383 -22.94 16.92 -1.67
N ILE D 384 -21.85 16.20 -1.37
CA ILE D 384 -21.94 14.75 -1.38
C ILE D 384 -22.50 14.22 -0.06
N LEU D 385 -22.31 14.96 1.03
CA LEU D 385 -22.85 14.56 2.33
C LEU D 385 -24.37 14.57 2.22
N GLN D 386 -24.90 15.66 1.64
CA GLN D 386 -26.34 15.79 1.47
C GLN D 386 -26.87 14.74 0.49
N ALA D 387 -26.00 14.23 -0.37
CA ALA D 387 -26.39 13.22 -1.35
C ALA D 387 -26.38 11.82 -0.71
N GLY D 388 -26.06 11.75 0.58
CA GLY D 388 -26.06 10.47 1.28
C GLY D 388 -24.72 9.83 1.56
N TRP D 389 -23.63 10.48 1.13
CA TRP D 389 -22.30 9.94 1.34
C TRP D 389 -21.76 10.15 2.75
N GLU D 390 -21.06 9.13 3.26
CA GLU D 390 -20.45 9.24 4.58
C GLU D 390 -19.06 9.84 4.38
N VAL D 391 -18.80 10.95 5.06
CA VAL D 391 -17.50 11.59 4.96
C VAL D 391 -16.90 11.51 6.34
N THR D 392 -15.71 10.91 6.46
CA THR D 392 -15.07 10.77 7.74
C THR D 392 -13.93 11.75 7.89
N GLU D 393 -13.56 12.00 9.14
CA GLU D 393 -12.48 12.93 9.42
C GLU D 393 -11.18 12.42 8.82
N GLU D 394 -10.98 11.11 8.83
CA GLU D 394 -9.76 10.55 8.27
C GLU D 394 -9.68 10.75 6.76
N GLU D 395 -10.82 10.65 6.09
CA GLU D 395 -10.81 10.84 4.64
C GLU D 395 -10.55 12.31 4.32
N ILE D 396 -11.08 13.23 5.13
CA ILE D 396 -10.84 14.65 4.90
C ILE D 396 -9.34 14.95 5.08
N LYS D 397 -8.75 14.40 6.13
CA LYS D 397 -7.32 14.60 6.38
C LYS D 397 -6.49 14.09 5.21
N ARG D 398 -6.89 12.93 4.69
CA ARG D 398 -6.25 12.30 3.55
C ARG D 398 -6.32 13.19 2.30
N ASP D 399 -7.52 13.65 1.97
CA ASP D 399 -7.69 14.50 0.80
C ASP D 399 -6.92 15.80 0.95
N VAL D 400 -7.02 16.42 2.12
CA VAL D 400 -6.32 17.68 2.38
C VAL D 400 -4.82 17.46 2.27
N ALA D 401 -4.35 16.30 2.71
CA ALA D 401 -2.93 16.00 2.62
C ALA D 401 -2.51 15.91 1.16
N ASP D 402 -3.36 15.31 0.32
CA ASP D 402 -3.06 15.18 -1.09
C ASP D 402 -2.89 16.55 -1.75
N LEU D 403 -3.84 17.43 -1.49
CA LEU D 403 -3.85 18.76 -2.08
C LEU D 403 -2.70 19.66 -1.66
N PHE D 404 -2.36 19.66 -0.38
CA PHE D 404 -1.31 20.54 0.10
C PHE D 404 0.09 19.96 0.13
N SER D 405 0.22 18.66 -0.10
CA SER D 405 1.55 18.08 -0.05
C SER D 405 1.80 16.81 -0.85
N ARG D 406 0.99 15.78 -0.64
CA ARG D 406 1.20 14.50 -1.33
C ARG D 406 1.12 14.45 -2.84
N ASN D 407 0.14 15.10 -3.45
CA ASN D 407 0.02 15.05 -4.90
C ASN D 407 1.33 15.47 -5.55
N PHE D 408 1.95 16.51 -5.01
CA PHE D 408 3.22 16.99 -5.53
C PHE D 408 4.30 15.93 -5.47
N TRP D 409 4.63 15.49 -4.24
CA TRP D 409 5.68 14.49 -4.05
C TRP D 409 5.39 13.22 -4.84
N ARG D 410 4.11 12.86 -4.94
CA ARG D 410 3.77 11.68 -5.70
C ARG D 410 4.13 11.91 -7.16
N PHE D 411 3.79 13.10 -7.66
CA PHE D 411 4.06 13.41 -9.06
C PHE D 411 5.55 13.44 -9.40
N VAL D 412 6.33 14.17 -8.61
CA VAL D 412 7.75 14.28 -8.89
C VAL D 412 8.55 13.02 -8.61
N GLY D 413 7.94 12.07 -7.90
CA GLY D 413 8.62 10.82 -7.61
C GLY D 413 9.60 10.85 -6.45
N ARG D 414 9.29 11.66 -5.44
CA ARG D 414 10.14 11.77 -4.25
C ARG D 414 9.34 11.47 -2.97
N SER E 2 -12.01 53.59 15.13
CA SER E 2 -11.92 52.41 16.04
C SER E 2 -13.07 51.43 15.79
N ILE E 3 -13.31 51.11 14.53
CA ILE E 3 -14.36 50.17 14.14
C ILE E 3 -13.85 48.75 14.38
N ASN E 4 -14.50 48.01 15.28
CA ASN E 4 -14.05 46.65 15.58
C ASN E 4 -15.08 45.54 15.40
N SER E 5 -15.93 45.66 14.40
CA SER E 5 -16.93 44.64 14.11
C SER E 5 -17.46 44.85 12.70
N ARG E 6 -17.75 43.76 12.00
CA ARG E 6 -18.26 43.85 10.64
C ARG E 6 -19.60 44.58 10.64
N GLU E 7 -20.35 44.41 11.73
CA GLU E 7 -21.65 45.04 11.87
C GLU E 7 -21.57 46.55 11.69
N VAL E 8 -20.79 47.21 12.52
CA VAL E 8 -20.63 48.66 12.45
C VAL E 8 -19.91 49.06 11.16
N LEU E 9 -18.94 48.24 10.77
CA LEU E 9 -18.18 48.49 9.54
C LEU E 9 -19.14 48.58 8.35
N ALA E 10 -20.01 47.58 8.20
CA ALA E 10 -20.97 47.56 7.12
C ALA E 10 -21.86 48.79 7.19
N GLU E 11 -22.30 49.13 8.39
CA GLU E 11 -23.13 50.31 8.55
C GLU E 11 -22.39 51.57 8.08
N LYS E 12 -21.12 51.70 8.46
CA LYS E 12 -20.33 52.86 8.08
C LYS E 12 -20.03 52.92 6.59
N VAL E 13 -19.70 51.78 6.01
CA VAL E 13 -19.39 51.71 4.59
C VAL E 13 -20.62 52.05 3.76
N LYS E 14 -21.74 51.39 4.02
CA LYS E 14 -22.95 51.65 3.26
C LYS E 14 -23.36 53.12 3.39
N ASN E 15 -23.09 53.72 4.54
CA ASN E 15 -23.46 55.13 4.71
C ASN E 15 -22.55 56.03 3.91
N ALA E 16 -21.25 55.76 3.96
CA ALA E 16 -20.30 56.56 3.21
C ALA E 16 -20.62 56.50 1.72
N VAL E 17 -20.89 55.30 1.22
CA VAL E 17 -21.22 55.12 -0.20
C VAL E 17 -22.51 55.83 -0.62
N ASN E 18 -23.54 55.70 0.19
CA ASN E 18 -24.82 56.35 -0.15
C ASN E 18 -24.79 57.88 -0.05
N ASN E 19 -23.99 58.42 0.87
CA ASN E 19 -23.91 59.86 1.05
C ASN E 19 -22.89 60.55 0.14
N GLN E 20 -21.99 59.75 -0.44
CA GLN E 20 -20.95 60.27 -1.32
C GLN E 20 -21.51 60.82 -2.62
N PRO E 21 -21.29 62.13 -2.89
CA PRO E 21 -21.78 62.75 -4.13
C PRO E 21 -21.03 62.12 -5.30
N VAL E 22 -21.76 61.71 -6.33
CA VAL E 22 -21.15 61.06 -7.47
C VAL E 22 -20.82 61.91 -8.70
N THR E 23 -19.63 61.67 -9.26
CA THR E 23 -19.23 62.33 -10.50
C THR E 23 -19.37 61.18 -11.50
N ASP E 24 -20.34 61.31 -12.39
CA ASP E 24 -20.59 60.28 -13.40
C ASP E 24 -19.72 60.69 -14.59
N MET E 25 -18.52 60.11 -14.69
CA MET E 25 -17.62 60.52 -15.75
C MET E 25 -17.84 60.11 -17.20
N HIS E 26 -19.00 59.51 -17.49
CA HIS E 26 -19.38 59.17 -18.87
C HIS E 26 -20.87 58.89 -18.97
N THR E 27 -21.56 59.77 -19.67
CA THR E 27 -23.01 59.65 -19.87
C THR E 27 -23.38 60.19 -21.25
N HIS E 28 -24.65 60.06 -21.58
CA HIS E 28 -25.19 60.54 -22.86
C HIS E 28 -26.32 61.50 -22.51
N LEU E 29 -26.12 62.24 -21.43
CA LEU E 29 -27.09 63.22 -20.96
C LEU E 29 -26.52 64.57 -21.36
N PHE E 30 -27.34 65.62 -21.28
CA PHE E 30 -26.92 66.96 -21.64
C PHE E 30 -27.51 67.97 -20.66
N SER E 31 -26.79 69.06 -20.45
CA SER E 31 -27.28 70.13 -19.57
C SER E 31 -28.70 70.39 -20.08
N PRO E 32 -29.68 70.57 -19.18
CA PRO E 32 -31.07 70.80 -19.60
C PRO E 32 -31.31 71.99 -20.52
N ASN E 33 -30.45 73.01 -20.45
CA ASN E 33 -30.63 74.18 -21.30
C ASN E 33 -30.37 73.85 -22.77
N PHE E 34 -29.77 72.69 -23.03
CA PHE E 34 -29.49 72.27 -24.41
C PHE E 34 -30.74 71.87 -25.18
N GLY E 35 -31.85 71.74 -24.47
CA GLY E 35 -33.09 71.38 -25.14
C GLY E 35 -33.49 69.93 -25.06
N GLU E 36 -34.38 69.51 -25.95
CA GLU E 36 -34.88 68.14 -25.97
C GLU E 36 -33.86 67.06 -26.30
N ILE E 37 -32.60 67.44 -26.51
CA ILE E 37 -31.60 66.42 -26.79
C ILE E 37 -31.40 65.65 -25.48
N LEU E 38 -31.86 66.25 -24.38
CA LEU E 38 -31.80 65.61 -23.07
C LEU E 38 -33.07 64.79 -22.94
N LEU E 39 -32.96 63.48 -23.05
CA LEU E 39 -34.11 62.60 -22.96
C LEU E 39 -34.51 62.29 -21.52
N TRP E 40 -35.82 62.19 -21.28
CA TRP E 40 -36.33 61.86 -19.94
C TRP E 40 -37.79 61.48 -19.95
N ASP E 41 -38.19 60.78 -18.89
CA ASP E 41 -39.53 60.27 -18.61
C ASP E 41 -39.65 58.77 -18.85
N ILE E 42 -40.73 58.18 -18.32
CA ILE E 42 -40.95 56.75 -18.43
C ILE E 42 -40.98 56.22 -19.87
N ASP E 43 -41.51 56.99 -20.80
CA ASP E 43 -41.55 56.52 -22.18
C ASP E 43 -40.13 56.39 -22.73
N GLU E 44 -39.26 57.31 -22.33
CA GLU E 44 -37.86 57.26 -22.76
C GLU E 44 -37.17 56.07 -22.10
N LEU E 45 -37.45 55.84 -20.81
CA LEU E 45 -36.86 54.72 -20.08
C LEU E 45 -37.23 53.40 -20.73
N LEU E 46 -38.52 53.25 -21.04
CA LEU E 46 -39.00 52.02 -21.65
C LEU E 46 -38.48 51.80 -23.08
N THR E 47 -38.14 52.87 -23.80
CA THR E 47 -37.65 52.70 -25.17
C THR E 47 -36.12 52.73 -25.34
N TYR E 48 -35.41 52.73 -24.21
CA TYR E 48 -33.95 52.68 -24.16
C TYR E 48 -33.62 51.51 -25.10
N HIS E 49 -32.57 51.62 -25.91
CA HIS E 49 -32.28 50.53 -26.82
C HIS E 49 -31.99 49.21 -26.13
N TYR E 50 -31.53 49.27 -24.88
CA TYR E 50 -31.25 48.04 -24.16
C TYR E 50 -32.54 47.23 -24.12
N LEU E 51 -33.68 47.91 -23.95
CA LEU E 51 -34.96 47.24 -23.90
C LEU E 51 -35.50 46.90 -25.29
N VAL E 52 -35.05 47.62 -26.31
CA VAL E 52 -35.51 47.31 -27.67
C VAL E 52 -34.95 45.94 -28.05
N ALA E 53 -33.66 45.74 -27.83
CA ALA E 53 -33.04 44.47 -28.15
C ALA E 53 -33.81 43.35 -27.45
N GLU E 54 -34.15 43.58 -26.19
CA GLU E 54 -34.88 42.56 -25.43
C GLU E 54 -36.30 42.25 -25.88
N VAL E 55 -37.09 43.26 -26.24
CA VAL E 55 -38.46 42.96 -26.69
C VAL E 55 -38.44 42.19 -28.00
N MET E 56 -37.51 42.56 -28.88
CA MET E 56 -37.43 41.89 -30.18
C MET E 56 -37.18 40.40 -30.07
N ARG E 57 -36.70 39.95 -28.93
CA ARG E 57 -36.47 38.52 -28.73
C ARG E 57 -37.80 37.86 -28.43
N TRP E 58 -38.75 38.65 -27.96
CA TRP E 58 -40.08 38.16 -27.59
C TRP E 58 -41.27 38.45 -28.52
N THR E 59 -41.42 39.70 -28.95
CA THR E 59 -42.56 40.12 -29.78
C THR E 59 -42.69 39.63 -31.22
N ASP E 60 -43.94 39.50 -31.67
CA ASP E 60 -44.24 39.07 -33.04
C ASP E 60 -44.18 40.30 -33.93
N VAL E 61 -44.10 41.47 -33.31
CA VAL E 61 -44.04 42.73 -34.03
C VAL E 61 -42.70 42.86 -34.75
N SER E 62 -42.77 43.01 -36.07
CA SER E 62 -41.56 43.14 -36.89
C SER E 62 -40.81 44.40 -36.48
N ILE E 63 -39.49 44.37 -36.66
CA ILE E 63 -38.66 45.51 -36.31
C ILE E 63 -39.12 46.77 -37.06
N GLU E 64 -39.55 46.58 -38.31
CA GLU E 64 -40.03 47.71 -39.12
C GLU E 64 -41.28 48.31 -38.49
N ALA E 65 -42.21 47.44 -38.14
CA ALA E 65 -43.45 47.88 -37.51
C ALA E 65 -43.13 48.59 -36.20
N PHE E 66 -42.14 48.07 -35.49
CA PHE E 66 -41.77 48.68 -34.22
C PHE E 66 -41.34 50.12 -34.40
N TRP E 67 -40.44 50.35 -35.34
CA TRP E 67 -39.94 51.69 -35.60
C TRP E 67 -41.02 52.61 -36.17
N ALA E 68 -42.05 52.02 -36.77
CA ALA E 68 -43.13 52.82 -37.33
C ALA E 68 -44.02 53.36 -36.22
N MET E 69 -44.14 52.58 -35.13
CA MET E 69 -44.95 52.98 -33.98
C MET E 69 -44.44 54.27 -33.34
N SER E 70 -45.32 54.93 -32.60
CA SER E 70 -44.96 56.16 -31.91
C SER E 70 -44.22 55.75 -30.65
N LYS E 71 -43.52 56.69 -30.03
CA LYS E 71 -42.77 56.38 -28.82
C LYS E 71 -43.67 55.79 -27.73
N ARG E 72 -44.83 56.40 -27.51
CA ARG E 72 -45.73 55.88 -26.49
C ARG E 72 -46.22 54.48 -26.88
N GLU E 73 -46.37 54.24 -28.19
CA GLU E 73 -46.81 52.94 -28.68
C GLU E 73 -45.76 51.86 -28.46
N GLN E 74 -44.50 52.23 -28.65
CA GLN E 74 -43.39 51.32 -28.46
C GLN E 74 -43.27 50.98 -26.98
N ALA E 75 -43.39 52.01 -26.14
CA ALA E 75 -43.31 51.85 -24.70
C ALA E 75 -44.39 50.89 -24.18
N ASP E 76 -45.60 51.01 -24.72
CA ASP E 76 -46.69 50.14 -24.31
C ASP E 76 -46.38 48.69 -24.70
N LEU E 77 -45.74 48.52 -25.86
CA LEU E 77 -45.39 47.19 -26.32
C LEU E 77 -44.31 46.56 -25.44
N ILE E 78 -43.31 47.37 -25.11
CA ILE E 78 -42.20 46.92 -24.28
C ILE E 78 -42.68 46.60 -22.87
N TRP E 79 -43.53 47.46 -22.32
CA TRP E 79 -44.07 47.26 -20.99
C TRP E 79 -44.82 45.92 -20.95
N GLU E 80 -45.68 45.71 -21.93
CA GLU E 80 -46.49 44.49 -22.04
C GLU E 80 -45.67 43.22 -22.27
N GLU E 81 -44.79 43.26 -23.26
CA GLU E 81 -43.97 42.11 -23.61
C GLU E 81 -42.91 41.73 -22.58
N LEU E 82 -42.25 42.73 -21.98
CA LEU E 82 -41.19 42.46 -21.02
C LEU E 82 -41.54 42.52 -19.53
N PHE E 83 -42.65 43.18 -19.19
CA PHE E 83 -43.06 43.32 -17.79
C PHE E 83 -44.30 42.55 -17.39
N ILE E 84 -45.27 42.46 -18.30
CA ILE E 84 -46.53 41.78 -18.00
C ILE E 84 -46.55 40.31 -18.41
N LYS E 85 -46.11 40.02 -19.63
CA LYS E 85 -46.10 38.65 -20.13
C LYS E 85 -45.00 37.78 -19.51
N ARG E 86 -43.92 38.43 -19.08
CA ARG E 86 -42.80 37.74 -18.44
C ARG E 86 -42.32 38.66 -17.34
N SER E 87 -41.84 38.09 -16.24
CA SER E 87 -41.37 38.92 -15.15
C SER E 87 -40.17 39.74 -15.59
N PRO E 88 -40.16 41.04 -15.25
CA PRO E 88 -39.06 41.93 -15.62
C PRO E 88 -37.79 41.71 -14.78
N VAL E 89 -37.20 40.53 -14.92
CA VAL E 89 -36.00 40.20 -14.14
C VAL E 89 -34.66 40.62 -14.74
N SER E 90 -34.63 41.02 -16.00
CA SER E 90 -33.36 41.43 -16.61
C SER E 90 -32.90 42.72 -15.95
N GLU E 91 -31.60 42.97 -15.99
CA GLU E 91 -31.04 44.17 -15.38
C GLU E 91 -31.66 45.45 -15.92
N ALA E 92 -31.88 45.52 -17.23
CA ALA E 92 -32.46 46.73 -17.81
C ALA E 92 -33.91 46.94 -17.37
N CYS E 93 -34.66 45.85 -17.28
CA CYS E 93 -36.05 45.93 -16.86
C CYS E 93 -36.11 46.26 -15.37
N ARG E 94 -35.22 45.65 -14.60
CA ARG E 94 -35.15 45.89 -13.15
C ARG E 94 -34.86 47.38 -12.97
N GLY E 95 -33.99 47.92 -13.81
CA GLY E 95 -33.63 49.32 -13.73
C GLY E 95 -34.79 50.30 -13.88
N VAL E 96 -35.71 50.01 -14.79
CA VAL E 96 -36.86 50.89 -14.98
C VAL E 96 -37.64 50.93 -13.66
N LEU E 97 -37.85 49.75 -13.07
CA LEU E 97 -38.58 49.64 -11.82
C LEU E 97 -37.92 50.48 -10.72
N THR E 98 -36.60 50.38 -10.60
CA THR E 98 -35.86 51.13 -9.61
C THR E 98 -36.04 52.64 -9.78
N CYS E 99 -36.14 53.09 -11.03
CA CYS E 99 -36.34 54.50 -11.29
C CYS E 99 -37.72 54.95 -10.81
N LEU E 100 -38.74 54.21 -11.21
CA LEU E 100 -40.11 54.53 -10.82
C LEU E 100 -40.24 54.61 -9.30
N GLN E 101 -39.75 53.58 -8.61
CA GLN E 101 -39.83 53.56 -7.15
C GLN E 101 -39.06 54.74 -6.57
N GLY E 102 -37.86 54.98 -7.10
CA GLY E 102 -37.05 56.10 -6.64
C GLY E 102 -37.73 57.45 -6.72
N LEU E 103 -38.57 57.65 -7.73
CA LEU E 103 -39.28 58.92 -7.91
C LEU E 103 -40.54 59.00 -7.04
N GLY E 104 -40.82 57.94 -6.31
CA GLY E 104 -41.99 57.95 -5.45
C GLY E 104 -43.18 57.26 -6.07
N LEU E 105 -43.03 56.78 -7.30
CA LEU E 105 -44.10 56.06 -7.97
C LEU E 105 -44.13 54.64 -7.42
N ASP E 106 -45.22 53.93 -7.64
CA ASP E 106 -45.35 52.58 -7.11
C ASP E 106 -45.55 51.50 -8.16
N PRO E 107 -44.49 50.72 -8.43
CA PRO E 107 -44.47 49.62 -9.40
C PRO E 107 -45.47 48.51 -9.10
N ALA E 108 -45.95 48.46 -7.86
CA ALA E 108 -46.89 47.43 -7.45
C ALA E 108 -48.22 47.52 -8.18
N THR E 109 -48.62 48.74 -8.54
CA THR E 109 -49.88 48.93 -9.25
C THR E 109 -49.76 48.63 -10.74
N ARG E 110 -48.56 48.76 -11.29
CA ARG E 110 -48.32 48.53 -12.71
C ARG E 110 -49.17 49.51 -13.54
N ASP E 111 -49.51 50.63 -12.93
CA ASP E 111 -50.31 51.66 -13.60
C ASP E 111 -49.42 52.58 -14.42
N LEU E 112 -49.11 52.16 -15.63
CA LEU E 112 -48.26 52.92 -16.53
C LEU E 112 -48.81 54.34 -16.78
N GLN E 113 -50.13 54.45 -16.84
CA GLN E 113 -50.77 55.74 -17.09
C GLN E 113 -50.49 56.73 -15.96
N VAL E 114 -50.58 56.26 -14.73
CA VAL E 114 -50.32 57.14 -13.59
C VAL E 114 -48.84 57.54 -13.57
N TYR E 115 -47.96 56.62 -13.95
CA TYR E 115 -46.54 56.91 -13.97
C TYR E 115 -46.29 58.05 -14.96
N ARG E 116 -46.93 57.96 -16.13
CA ARG E 116 -46.79 58.98 -17.16
C ARG E 116 -47.24 60.36 -16.69
N GLU E 117 -48.37 60.42 -15.98
CA GLU E 117 -48.89 61.70 -15.48
C GLU E 117 -47.88 62.45 -14.63
N TYR E 118 -47.08 61.71 -13.88
CA TYR E 118 -46.06 62.32 -13.02
C TYR E 118 -45.10 63.19 -13.82
N PHE E 119 -44.63 62.65 -14.93
CA PHE E 119 -43.67 63.34 -15.79
C PHE E 119 -44.25 64.50 -16.57
N ALA E 120 -45.48 64.34 -17.03
CA ALA E 120 -46.15 65.37 -17.81
C ALA E 120 -46.44 66.64 -17.01
N LYS E 121 -46.18 66.60 -15.71
CA LYS E 121 -46.43 67.76 -14.86
C LYS E 121 -45.23 68.71 -14.73
N LYS E 122 -44.03 68.14 -14.69
CA LYS E 122 -42.83 68.96 -14.51
C LYS E 122 -42.06 69.32 -15.77
N THR E 123 -41.08 70.18 -15.59
CA THR E 123 -40.22 70.66 -16.67
C THR E 123 -38.88 69.96 -16.59
N SER E 124 -38.06 70.12 -17.63
CA SER E 124 -36.74 69.50 -17.70
C SER E 124 -35.82 69.96 -16.58
N GLU E 125 -35.82 71.25 -16.28
CA GLU E 125 -34.98 71.78 -15.22
C GLU E 125 -35.35 71.14 -13.90
N GLU E 126 -36.66 70.97 -13.68
CA GLU E 126 -37.17 70.36 -12.46
C GLU E 126 -36.79 68.90 -12.33
N GLN E 127 -36.99 68.12 -13.38
CA GLN E 127 -36.66 66.70 -13.34
C GLN E 127 -35.16 66.46 -13.15
N VAL E 128 -34.33 67.36 -13.68
CA VAL E 128 -32.89 67.24 -13.51
C VAL E 128 -32.58 67.50 -12.04
N ASP E 129 -33.24 68.50 -11.47
CA ASP E 129 -33.04 68.83 -10.05
C ASP E 129 -33.44 67.61 -9.22
N THR E 130 -34.60 67.05 -9.54
CA THR E 130 -35.13 65.89 -8.85
C THR E 130 -34.18 64.68 -8.94
N VAL E 131 -33.93 64.23 -10.17
CA VAL E 131 -33.06 63.08 -10.43
C VAL E 131 -31.66 63.19 -9.84
N LEU E 132 -30.97 64.30 -10.10
CA LEU E 132 -29.63 64.48 -9.59
C LEU E 132 -29.60 64.43 -8.07
N GLN E 133 -30.69 64.89 -7.45
CA GLN E 133 -30.80 64.89 -5.99
C GLN E 133 -31.01 63.44 -5.51
N LEU E 134 -31.94 62.74 -6.14
CA LEU E 134 -32.23 61.35 -5.77
C LEU E 134 -31.02 60.43 -5.93
N ALA E 135 -30.37 60.50 -7.08
CA ALA E 135 -29.20 59.67 -7.37
C ALA E 135 -27.93 60.20 -6.69
N ASN E 136 -28.04 61.34 -6.03
CA ASN E 136 -26.90 61.95 -5.36
C ASN E 136 -25.72 62.11 -6.32
N VAL E 137 -26.01 62.60 -7.53
CA VAL E 137 -25.00 62.84 -8.55
C VAL E 137 -24.73 64.34 -8.60
N SER E 138 -23.50 64.74 -8.30
CA SER E 138 -23.13 66.15 -8.29
C SER E 138 -22.58 66.65 -9.63
N ASP E 139 -21.94 65.75 -10.38
CA ASP E 139 -21.35 66.13 -11.67
C ASP E 139 -21.59 65.08 -12.75
N VAL E 140 -22.07 65.56 -13.91
CA VAL E 140 -22.33 64.70 -15.04
C VAL E 140 -21.43 65.06 -16.21
N VAL E 141 -20.74 64.07 -16.76
CA VAL E 141 -19.88 64.29 -17.90
C VAL E 141 -20.65 63.82 -19.12
N MET E 142 -20.90 64.76 -20.05
CA MET E 142 -21.64 64.48 -21.27
C MET E 142 -20.72 63.86 -22.31
N THR E 143 -21.31 63.50 -23.43
CA THR E 143 -20.59 62.95 -24.59
C THR E 143 -20.94 63.99 -25.64
N ASN E 144 -19.97 64.83 -26.01
CA ASN E 144 -20.25 65.88 -26.97
C ASN E 144 -19.61 65.68 -28.34
N ASP E 145 -20.46 65.41 -29.32
CA ASP E 145 -20.03 65.13 -30.69
C ASP E 145 -20.21 66.33 -31.64
N PRO E 146 -19.10 67.00 -32.01
CA PRO E 146 -19.13 68.15 -32.91
C PRO E 146 -19.54 67.79 -34.33
N PHE E 147 -19.68 66.50 -34.60
CA PHE E 147 -20.06 66.05 -35.94
C PHE E 147 -21.57 65.91 -36.08
N ASP E 148 -22.29 65.99 -34.97
CA ASP E 148 -23.75 65.90 -35.06
C ASP E 148 -24.22 67.33 -35.30
N ASP E 149 -24.86 67.57 -36.45
CA ASP E 149 -25.32 68.91 -36.77
C ASP E 149 -26.10 69.51 -35.60
N ASN E 150 -27.07 68.75 -35.12
CA ASN E 150 -27.89 69.19 -34.00
C ASN E 150 -27.03 69.72 -32.84
N GLU E 151 -26.14 68.89 -32.31
CA GLU E 151 -25.27 69.31 -31.21
C GLU E 151 -24.31 70.43 -31.60
N ARG E 152 -23.71 70.33 -32.78
CA ARG E 152 -22.74 71.34 -33.20
C ARG E 152 -23.30 72.76 -33.23
N ILE E 153 -24.50 72.92 -33.77
CA ILE E 153 -25.13 74.23 -33.84
C ILE E 153 -25.26 74.84 -32.44
N SER E 154 -25.65 74.01 -31.48
CA SER E 154 -25.82 74.46 -30.11
C SER E 154 -24.53 75.06 -29.53
N TRP E 155 -23.40 74.40 -29.79
CA TRP E 155 -22.11 74.89 -29.30
C TRP E 155 -21.66 76.15 -30.03
N LEU E 156 -22.00 76.23 -31.30
CA LEU E 156 -21.63 77.38 -32.11
C LEU E 156 -22.40 78.63 -31.68
N GLU E 157 -23.61 78.42 -31.17
CA GLU E 157 -24.43 79.52 -30.71
C GLU E 157 -23.93 80.05 -29.36
N GLY E 158 -22.92 79.38 -28.82
CA GLY E 158 -22.37 79.80 -27.54
C GLY E 158 -23.06 79.18 -26.34
N LYS E 159 -24.03 78.31 -26.59
CA LYS E 159 -24.75 77.64 -25.51
C LYS E 159 -23.75 76.94 -24.60
N GLN E 160 -23.93 77.10 -23.30
CA GLN E 160 -23.03 76.50 -22.32
C GLN E 160 -23.85 75.69 -21.32
N PRO E 161 -23.28 74.57 -20.85
CA PRO E 161 -23.99 73.72 -19.88
C PRO E 161 -23.82 74.34 -18.49
N ASP E 162 -24.78 74.11 -17.59
CA ASP E 162 -24.62 74.66 -16.25
C ASP E 162 -23.47 73.94 -15.55
N SER E 163 -22.99 74.52 -14.46
CA SER E 163 -21.85 74.00 -13.68
C SER E 163 -21.86 72.50 -13.33
N ARG E 164 -23.04 71.88 -13.36
CA ARG E 164 -23.16 70.46 -13.02
C ARG E 164 -22.83 69.54 -14.19
N PHE E 165 -22.82 70.09 -15.41
CA PHE E 165 -22.54 69.28 -16.58
C PHE E 165 -21.21 69.61 -17.22
N HIS E 166 -20.44 68.57 -17.53
CA HIS E 166 -19.13 68.75 -18.14
C HIS E 166 -19.07 68.14 -19.53
N ALA E 167 -18.26 68.76 -20.39
CA ALA E 167 -18.11 68.31 -21.76
C ALA E 167 -16.97 67.34 -21.96
N ALA E 168 -17.16 66.45 -22.92
CA ALA E 168 -16.17 65.46 -23.30
C ALA E 168 -16.23 65.48 -24.82
N LEU E 169 -15.09 65.68 -25.46
CA LEU E 169 -15.02 65.76 -26.91
C LEU E 169 -14.95 64.39 -27.56
N ARG E 170 -16.09 63.95 -28.10
CA ARG E 170 -16.21 62.64 -28.76
C ARG E 170 -15.75 62.75 -30.21
N LEU E 171 -14.83 61.89 -30.62
CA LEU E 171 -14.27 61.95 -31.97
C LEU E 171 -14.41 60.73 -32.88
N ASP E 172 -15.40 59.88 -32.64
CA ASP E 172 -15.58 58.69 -33.47
C ASP E 172 -15.54 58.92 -34.99
N PRO E 173 -16.29 59.91 -35.50
CA PRO E 173 -16.27 60.15 -36.96
C PRO E 173 -14.88 60.48 -37.52
N LEU E 174 -14.13 61.30 -36.79
CA LEU E 174 -12.79 61.71 -37.19
C LEU E 174 -11.78 60.57 -37.18
N LEU E 175 -11.78 59.80 -36.09
CA LEU E 175 -10.83 58.69 -35.95
C LEU E 175 -11.22 57.40 -36.68
N ASN E 176 -12.52 57.10 -36.71
CA ASN E 176 -12.97 55.87 -37.35
C ASN E 176 -13.50 56.01 -38.77
N GLU E 177 -13.83 57.22 -39.20
CA GLU E 177 -14.34 57.42 -40.55
C GLU E 177 -13.69 58.62 -41.22
N TYR E 178 -12.38 58.78 -41.05
CA TYR E 178 -11.68 59.90 -41.63
C TYR E 178 -11.94 60.11 -43.12
N GLU E 179 -11.87 59.05 -43.91
CA GLU E 179 -12.09 59.17 -45.35
C GLU E 179 -13.38 59.90 -45.67
N GLN E 180 -14.45 59.60 -44.94
CA GLN E 180 -15.72 60.24 -45.16
C GLN E 180 -15.82 61.57 -44.41
N THR E 181 -15.11 61.67 -43.29
CA THR E 181 -15.15 62.88 -42.46
C THR E 181 -14.27 64.04 -42.93
N LYS E 182 -13.18 63.73 -43.63
CA LYS E 182 -12.28 64.78 -44.11
C LYS E 182 -12.99 65.81 -45.00
N HIS E 183 -14.01 65.38 -45.72
CA HIS E 183 -14.75 66.28 -46.61
C HIS E 183 -15.56 67.28 -45.81
N ARG E 184 -15.99 66.88 -44.62
CA ARG E 184 -16.77 67.78 -43.78
C ARG E 184 -15.82 68.78 -43.13
N LEU E 185 -14.61 68.33 -42.80
CA LEU E 185 -13.63 69.21 -42.19
C LEU E 185 -13.28 70.31 -43.19
N ARG E 186 -13.20 69.93 -44.47
CA ARG E 186 -12.88 70.89 -45.52
C ARG E 186 -13.98 71.93 -45.64
N ASP E 187 -15.23 71.47 -45.49
CA ASP E 187 -16.36 72.39 -45.55
C ASP E 187 -16.30 73.38 -44.39
N TRP E 188 -15.60 73.00 -43.32
CA TRP E 188 -15.49 73.86 -42.14
C TRP E 188 -14.23 74.71 -42.12
N GLY E 189 -13.49 74.71 -43.22
CA GLY E 189 -12.28 75.51 -43.29
C GLY E 189 -11.02 74.75 -42.89
N TYR E 190 -11.17 73.47 -42.59
CA TYR E 190 -10.02 72.66 -42.20
C TYR E 190 -9.55 71.94 -43.46
N LYS E 191 -8.65 72.61 -44.17
CA LYS E 191 -8.11 72.14 -45.46
C LYS E 191 -7.13 70.99 -45.39
N VAL E 192 -7.59 69.83 -44.95
CA VAL E 192 -6.70 68.67 -44.88
C VAL E 192 -6.34 68.26 -46.30
N ASN E 193 -5.14 67.72 -46.47
CA ASN E 193 -4.70 67.31 -47.79
C ASN E 193 -5.08 65.88 -48.13
N ASP E 194 -4.97 65.52 -49.40
CA ASP E 194 -5.31 64.16 -49.83
C ASP E 194 -4.32 63.21 -49.16
N GLU E 195 -3.08 63.68 -49.02
CA GLU E 195 -2.02 62.90 -48.39
C GLU E 195 -1.87 63.32 -46.93
N TRP E 196 -1.41 62.40 -46.09
CA TRP E 196 -1.22 62.73 -44.69
C TRP E 196 0.17 63.35 -44.55
N ASN E 197 0.20 64.67 -44.71
CA ASN E 197 1.44 65.45 -44.62
C ASN E 197 1.30 66.56 -43.58
N GLU E 198 2.24 67.50 -43.59
CA GLU E 198 2.22 68.59 -42.62
C GLU E 198 0.90 69.37 -42.64
N GLY E 199 0.41 69.68 -43.84
CA GLY E 199 -0.83 70.42 -43.95
C GLY E 199 -1.98 69.71 -43.26
N SER E 200 -2.12 68.41 -43.52
CA SER E 200 -3.19 67.62 -42.91
C SER E 200 -3.04 67.58 -41.39
N ILE E 201 -1.81 67.34 -40.92
CA ILE E 201 -1.54 67.26 -39.49
C ILE E 201 -1.94 68.56 -38.81
N GLN E 202 -1.54 69.69 -39.38
CA GLN E 202 -1.86 70.97 -38.79
C GLN E 202 -3.33 71.32 -38.80
N GLU E 203 -4.03 70.97 -39.87
CA GLU E 203 -5.45 71.28 -39.93
C GLU E 203 -6.29 70.41 -38.99
N VAL E 204 -5.89 69.15 -38.80
CA VAL E 204 -6.61 68.26 -37.90
C VAL E 204 -6.37 68.74 -36.47
N LYS E 205 -5.13 69.11 -36.16
CA LYS E 205 -4.81 69.62 -34.83
C LYS E 205 -5.58 70.91 -34.58
N ARG E 206 -5.64 71.77 -35.60
CA ARG E 206 -6.37 73.04 -35.48
C ARG E 206 -7.82 72.71 -35.13
N PHE E 207 -8.35 71.67 -35.75
CA PHE E 207 -9.74 71.25 -35.49
C PHE E 207 -9.91 70.85 -34.03
N LEU E 208 -9.01 70.01 -33.54
CA LEU E 208 -9.06 69.54 -32.15
C LEU E 208 -8.94 70.73 -31.19
N THR E 209 -7.93 71.55 -31.42
CA THR E 209 -7.69 72.72 -30.58
C THR E 209 -8.89 73.67 -30.56
N ASP E 210 -9.50 73.91 -31.72
CA ASP E 210 -10.65 74.80 -31.76
C ASP E 210 -11.78 74.29 -30.89
N TRP E 211 -12.08 73.00 -30.98
CA TRP E 211 -13.15 72.44 -30.18
C TRP E 211 -12.78 72.34 -28.71
N ILE E 212 -11.50 72.18 -28.42
CA ILE E 212 -11.08 72.12 -27.02
C ILE E 212 -11.30 73.48 -26.37
N GLU E 213 -11.21 74.54 -27.18
CA GLU E 213 -11.41 75.89 -26.67
C GLU E 213 -12.89 76.17 -26.46
N ARG E 214 -13.71 75.69 -27.40
CA ARG E 214 -15.15 75.89 -27.34
C ARG E 214 -15.84 75.11 -26.22
N MET E 215 -15.49 73.82 -26.09
CA MET E 215 -16.09 72.94 -25.09
C MET E 215 -15.38 72.85 -23.74
N ASP E 216 -14.07 73.11 -23.72
CA ASP E 216 -13.28 72.97 -22.50
C ASP E 216 -13.60 71.60 -21.90
N PRO E 217 -13.51 70.54 -22.71
CA PRO E 217 -13.79 69.16 -22.28
C PRO E 217 -12.80 68.61 -21.26
N VAL E 218 -13.30 67.72 -20.39
CA VAL E 218 -12.44 67.10 -19.38
C VAL E 218 -11.57 66.03 -20.03
N TYR E 219 -11.99 65.57 -21.21
CA TYR E 219 -11.21 64.59 -21.95
C TYR E 219 -11.70 64.44 -23.38
N MET E 220 -10.87 63.82 -24.21
CA MET E 220 -11.23 63.54 -25.59
C MET E 220 -11.49 62.04 -25.62
N ALA E 221 -12.58 61.63 -26.26
CA ALA E 221 -12.93 60.22 -26.28
C ALA E 221 -13.23 59.62 -27.64
N VAL E 222 -13.24 58.30 -27.67
CA VAL E 222 -13.52 57.55 -28.88
C VAL E 222 -13.81 56.10 -28.50
N SER E 223 -14.70 55.46 -29.24
CA SER E 223 -15.01 54.06 -29.00
C SER E 223 -14.33 53.34 -30.16
N LEU E 224 -13.69 52.23 -29.86
CA LEU E 224 -12.94 51.47 -30.85
C LEU E 224 -13.39 50.01 -30.99
N PRO E 225 -13.13 49.40 -32.16
CA PRO E 225 -13.51 48.01 -32.43
C PRO E 225 -12.53 47.01 -31.81
N PRO E 226 -12.92 45.73 -31.72
CA PRO E 226 -12.07 44.67 -31.15
C PRO E 226 -10.70 44.59 -31.86
N THR E 227 -10.68 44.98 -33.13
CA THR E 227 -9.48 44.94 -33.96
C THR E 227 -8.55 46.14 -33.82
N PHE E 228 -8.86 47.05 -32.89
CA PHE E 228 -8.04 48.25 -32.70
C PHE E 228 -6.56 47.92 -32.53
N SER E 229 -5.71 48.58 -33.31
CA SER E 229 -4.27 48.38 -33.25
C SER E 229 -3.52 49.70 -33.23
N PHE E 230 -2.34 49.68 -32.63
CA PHE E 230 -1.48 50.85 -32.57
C PHE E 230 -0.06 50.43 -32.20
N PRO E 231 0.94 50.93 -32.93
CA PRO E 231 0.85 51.85 -34.07
C PRO E 231 0.10 51.22 -35.25
N GLU E 232 -0.26 52.03 -36.22
CA GLU E 232 -0.97 51.52 -37.39
C GLU E 232 -0.94 52.55 -38.51
N GLU E 233 -0.59 52.10 -39.70
CA GLU E 233 -0.56 52.99 -40.86
C GLU E 233 -1.98 53.03 -41.41
N SER E 234 -2.81 53.81 -40.76
CA SER E 234 -4.20 53.99 -41.13
C SER E 234 -4.50 55.43 -40.75
N ASN E 235 -5.62 55.97 -41.21
CA ASN E 235 -5.96 57.33 -40.86
C ASN E 235 -6.08 57.43 -39.33
N ARG E 236 -6.69 56.42 -38.71
CA ARG E 236 -6.83 56.43 -37.26
C ARG E 236 -5.47 56.41 -36.60
N GLY E 237 -4.59 55.53 -37.07
CA GLY E 237 -3.26 55.44 -36.50
C GLY E 237 -2.47 56.73 -36.60
N ARG E 238 -2.47 57.34 -37.78
CA ARG E 238 -1.73 58.58 -38.01
C ARG E 238 -2.33 59.77 -37.26
N ILE E 239 -3.65 59.89 -37.29
CA ILE E 239 -4.33 60.99 -36.60
C ILE E 239 -4.02 60.94 -35.12
N ILE E 240 -4.12 59.74 -34.54
CA ILE E 240 -3.84 59.58 -33.12
C ILE E 240 -2.40 59.92 -32.80
N ARG E 241 -1.47 59.40 -33.60
CA ARG E 241 -0.05 59.64 -33.41
C ARG E 241 0.38 61.10 -33.61
N ASP E 242 0.07 61.65 -34.78
CA ASP E 242 0.47 63.02 -35.10
C ASP E 242 -0.42 64.17 -34.65
N CYS E 243 -1.68 63.90 -34.32
CA CYS E 243 -2.57 64.98 -33.92
C CYS E 243 -3.13 64.86 -32.51
N LEU E 244 -3.91 63.82 -32.27
CA LEU E 244 -4.56 63.61 -30.97
C LEU E 244 -3.60 63.62 -29.79
N LEU E 245 -2.60 62.74 -29.80
CA LEU E 245 -1.66 62.65 -28.69
C LEU E 245 -0.92 63.95 -28.36
N PRO E 246 -0.26 64.57 -29.36
CA PRO E 246 0.46 65.82 -29.09
C PRO E 246 -0.44 66.90 -28.52
N VAL E 247 -1.65 67.01 -29.05
CA VAL E 247 -2.61 68.01 -28.57
C VAL E 247 -3.08 67.69 -27.16
N ALA E 248 -3.35 66.41 -26.90
CA ALA E 248 -3.81 65.99 -25.57
C ALA E 248 -2.78 66.35 -24.50
N GLU E 249 -1.51 66.13 -24.82
CA GLU E 249 -0.43 66.42 -23.89
C GLU E 249 -0.26 67.92 -23.62
N LYS E 250 -0.38 68.72 -24.67
CA LYS E 250 -0.22 70.17 -24.54
C LYS E 250 -1.27 70.78 -23.61
N HIS E 251 -2.50 70.30 -23.71
CA HIS E 251 -3.59 70.79 -22.87
C HIS E 251 -3.77 69.94 -21.63
N ASN E 252 -2.86 68.99 -21.43
CA ASN E 252 -2.91 68.08 -20.30
C ASN E 252 -4.31 67.47 -20.15
N ILE E 253 -4.87 67.02 -21.27
CA ILE E 253 -6.20 66.41 -21.32
C ILE E 253 -6.04 64.92 -21.62
N PRO E 254 -6.71 64.06 -20.85
CA PRO E 254 -6.60 62.63 -21.11
C PRO E 254 -7.36 62.17 -22.34
N PHE E 255 -6.94 61.02 -22.86
CA PHE E 255 -7.57 60.42 -24.03
C PHE E 255 -8.34 59.20 -23.53
N ALA E 256 -9.66 59.23 -23.71
CA ALA E 256 -10.53 58.13 -23.27
C ALA E 256 -10.82 57.16 -24.42
N MET E 257 -10.39 55.91 -24.24
CA MET E 257 -10.62 54.88 -25.25
C MET E 257 -11.58 53.82 -24.73
N MET E 258 -12.71 53.64 -25.41
CA MET E 258 -13.68 52.64 -25.01
C MET E 258 -13.58 51.59 -26.12
N ILE E 259 -12.82 50.54 -25.80
CA ILE E 259 -12.53 49.47 -26.74
C ILE E 259 -13.35 48.18 -26.70
N GLY E 260 -13.68 47.65 -27.89
CA GLY E 260 -14.41 46.40 -27.97
C GLY E 260 -15.75 46.36 -28.70
N VAL E 261 -16.24 47.49 -29.18
CA VAL E 261 -17.53 47.50 -29.86
C VAL E 261 -17.46 47.20 -31.36
N LYS E 262 -18.29 46.25 -31.81
CA LYS E 262 -18.35 45.91 -33.23
C LYS E 262 -19.65 46.54 -33.71
N LYS E 263 -19.51 47.70 -34.36
CA LYS E 263 -20.65 48.46 -34.82
C LYS E 263 -21.60 47.81 -35.81
N ARG E 264 -22.88 48.10 -35.60
CA ARG E 264 -23.97 47.64 -36.44
C ARG E 264 -23.89 46.25 -37.08
N VAL E 265 -23.81 45.20 -36.27
CA VAL E 265 -23.79 43.85 -36.82
C VAL E 265 -25.23 43.54 -37.21
N HIS E 266 -26.16 44.35 -36.72
CA HIS E 266 -27.57 44.20 -37.04
C HIS E 266 -28.17 45.60 -37.23
N PRO E 267 -27.99 46.17 -38.43
CA PRO E 267 -28.46 47.50 -38.85
C PRO E 267 -29.89 47.88 -38.50
N ALA E 268 -30.83 46.97 -38.71
CA ALA E 268 -32.23 47.25 -38.43
C ALA E 268 -32.53 47.63 -36.97
N LEU E 269 -31.69 47.17 -36.03
CA LEU E 269 -31.90 47.50 -34.61
C LEU E 269 -31.42 48.88 -34.23
N GLY E 270 -30.72 49.56 -35.14
CA GLY E 270 -30.23 50.89 -34.84
C GLY E 270 -29.24 50.89 -33.69
N ASP E 271 -29.47 51.73 -32.68
CA ASP E 271 -28.55 51.80 -31.54
C ASP E 271 -28.40 50.46 -30.80
N ALA E 272 -29.38 49.58 -30.96
CA ALA E 272 -29.33 48.27 -30.30
C ALA E 272 -28.70 47.22 -31.22
N GLY E 273 -28.02 47.66 -32.28
CA GLY E 273 -27.43 46.73 -33.20
C GLY E 273 -25.92 46.51 -33.11
N ASP E 274 -25.30 46.99 -32.04
CA ASP E 274 -23.85 46.82 -31.86
C ASP E 274 -23.49 45.54 -31.10
N PHE E 275 -22.40 44.92 -31.52
CA PHE E 275 -21.94 43.67 -30.91
C PHE E 275 -20.61 43.89 -30.17
N VAL E 276 -20.00 42.81 -29.67
CA VAL E 276 -18.77 42.93 -28.91
C VAL E 276 -17.69 41.93 -29.32
N GLY E 277 -16.44 42.28 -29.06
CA GLY E 277 -15.35 41.39 -29.37
C GLY E 277 -14.15 41.63 -28.48
N LYS E 278 -13.34 40.61 -28.22
CA LYS E 278 -12.16 40.78 -27.38
C LYS E 278 -11.05 41.49 -28.16
N ALA E 279 -10.38 42.44 -27.53
CA ALA E 279 -9.31 43.14 -28.21
C ALA E 279 -7.93 42.68 -27.74
N SER E 280 -6.93 43.00 -28.54
CA SER E 280 -5.54 42.71 -28.20
C SER E 280 -5.17 43.89 -27.29
N MET E 281 -4.29 43.67 -26.32
CA MET E 281 -3.88 44.75 -25.42
C MET E 281 -2.62 45.45 -25.96
N ASP E 282 -2.06 44.88 -27.02
CA ASP E 282 -0.84 45.41 -27.65
C ASP E 282 -0.87 46.90 -27.95
N GLY E 283 -1.98 47.37 -28.49
CA GLY E 283 -2.11 48.78 -28.82
C GLY E 283 -2.13 49.67 -27.59
N VAL E 284 -2.86 49.25 -26.56
CA VAL E 284 -2.94 50.04 -25.34
C VAL E 284 -1.59 50.02 -24.60
N GLU E 285 -0.94 48.86 -24.62
CA GLU E 285 0.37 48.72 -23.98
C GLU E 285 1.36 49.69 -24.63
N HIS E 286 1.38 49.70 -25.95
CA HIS E 286 2.29 50.58 -26.69
C HIS E 286 2.04 52.05 -26.36
N LEU E 287 0.77 52.47 -26.45
CA LEU E 287 0.41 53.86 -26.16
C LEU E 287 0.86 54.31 -24.77
N LEU E 288 0.59 53.47 -23.77
CA LEU E 288 0.95 53.80 -22.39
C LEU E 288 2.46 53.90 -22.20
N ARG E 289 3.18 52.96 -22.78
CA ARG E 289 4.63 52.94 -22.65
C ARG E 289 5.35 54.03 -23.46
N GLU E 290 4.96 54.20 -24.72
CA GLU E 290 5.62 55.16 -25.60
C GLU E 290 5.22 56.63 -25.42
N TYR E 291 4.12 56.88 -24.72
CA TYR E 291 3.65 58.24 -24.49
C TYR E 291 3.38 58.44 -23.01
N PRO E 292 4.46 58.43 -22.20
CA PRO E 292 4.37 58.60 -20.74
C PRO E 292 3.79 59.95 -20.30
N ASN E 293 3.82 60.93 -21.18
CA ASN E 293 3.31 62.26 -20.85
C ASN E 293 1.86 62.45 -21.22
N ASN E 294 1.22 61.39 -21.70
CA ASN E 294 -0.20 61.46 -22.02
C ASN E 294 -0.95 60.61 -21.01
N LYS E 295 -2.17 61.02 -20.68
CA LYS E 295 -3.00 60.29 -19.74
C LYS E 295 -4.08 59.57 -20.52
N PHE E 296 -4.37 58.33 -20.13
CA PHE E 296 -5.37 57.51 -20.81
C PHE E 296 -6.46 56.95 -19.89
N LEU E 297 -7.71 57.16 -20.28
CA LEU E 297 -8.84 56.61 -19.54
C LEU E 297 -9.29 55.46 -20.42
N VAL E 298 -9.38 54.26 -19.86
CA VAL E 298 -9.78 53.11 -20.65
C VAL E 298 -10.85 52.25 -19.98
N THR E 299 -11.76 51.76 -20.80
CA THR E 299 -12.80 50.84 -20.37
C THR E 299 -12.95 49.91 -21.57
N MET E 300 -13.18 48.62 -21.31
CA MET E 300 -13.31 47.67 -22.39
C MET E 300 -14.64 46.93 -22.37
N LEU E 301 -15.09 46.50 -23.54
CA LEU E 301 -16.39 45.86 -23.68
C LEU E 301 -16.46 44.36 -23.46
N SER E 302 -15.36 43.66 -23.74
CA SER E 302 -15.32 42.20 -23.62
C SER E 302 -15.00 41.69 -22.20
N ARG E 303 -15.80 40.73 -21.73
CA ARG E 303 -15.58 40.15 -20.42
C ARG E 303 -14.15 39.60 -20.35
N GLU E 304 -13.70 39.03 -21.46
CA GLU E 304 -12.36 38.44 -21.54
C GLU E 304 -11.15 39.39 -21.54
N ASN E 305 -11.40 40.69 -21.61
CA ASN E 305 -10.32 41.69 -21.60
C ASN E 305 -10.14 42.28 -20.18
N GLN E 306 -11.16 42.16 -19.34
CA GLN E 306 -11.13 42.78 -18.01
C GLN E 306 -9.95 42.48 -17.08
N HIS E 307 -9.58 41.21 -16.92
CA HIS E 307 -8.47 40.88 -16.03
C HIS E 307 -7.14 41.43 -16.54
N GLU E 308 -6.80 41.18 -17.80
CA GLU E 308 -5.54 41.66 -18.33
C GLU E 308 -5.47 43.19 -18.35
N LEU E 309 -6.63 43.85 -18.40
CA LEU E 309 -6.66 45.31 -18.40
C LEU E 309 -6.27 45.83 -17.02
N VAL E 310 -6.67 45.10 -15.98
CA VAL E 310 -6.34 45.49 -14.62
C VAL E 310 -4.84 45.31 -14.45
N VAL E 311 -4.31 44.24 -15.02
CA VAL E 311 -2.88 43.99 -14.91
C VAL E 311 -2.11 45.10 -15.63
N LEU E 312 -2.63 45.56 -16.76
CA LEU E 312 -1.95 46.61 -17.49
C LEU E 312 -1.94 47.86 -16.62
N ALA E 313 -3.00 48.06 -15.85
CA ALA E 313 -3.05 49.21 -14.95
C ALA E 313 -1.95 49.09 -13.90
N ARG E 314 -1.58 47.86 -13.53
CA ARG E 314 -0.51 47.67 -12.56
C ARG E 314 0.84 48.12 -13.15
N LYS E 315 0.94 48.09 -14.47
CA LYS E 315 2.18 48.47 -15.13
C LYS E 315 2.35 49.97 -15.39
N PHE E 316 1.27 50.66 -15.76
CA PHE E 316 1.37 52.07 -16.09
C PHE E 316 0.48 53.04 -15.33
N SER E 317 1.11 53.97 -14.62
CA SER E 317 0.36 54.95 -13.85
C SER E 317 -0.38 55.94 -14.74
N ASN E 318 0.02 56.06 -15.99
CA ASN E 318 -0.67 56.97 -16.89
C ASN E 318 -1.96 56.35 -17.43
N LEU E 319 -2.33 55.20 -16.86
CA LEU E 319 -3.56 54.51 -17.23
C LEU E 319 -4.52 54.54 -16.06
N MET E 320 -5.74 55.01 -16.32
CA MET E 320 -6.77 55.03 -15.29
C MET E 320 -7.90 54.25 -15.92
N ILE E 321 -8.24 53.10 -15.34
CA ILE E 321 -9.31 52.32 -15.91
C ILE E 321 -10.62 52.72 -15.27
N PHE E 322 -11.69 52.72 -16.05
CA PHE E 322 -12.98 53.13 -15.50
C PHE E 322 -14.17 52.31 -15.95
N GLY E 323 -15.14 52.23 -15.05
CA GLY E 323 -16.41 51.56 -15.29
C GLY E 323 -16.54 50.14 -15.78
N CYS E 324 -17.79 49.72 -15.81
CA CYS E 324 -18.21 48.40 -16.26
C CYS E 324 -19.13 48.79 -17.39
N TRP E 325 -18.52 48.94 -18.56
CA TRP E 325 -19.19 49.40 -19.75
C TRP E 325 -20.19 48.52 -20.49
N TRP E 326 -21.38 49.08 -20.70
CA TRP E 326 -22.39 48.46 -21.54
C TRP E 326 -22.74 46.99 -21.23
N PHE E 327 -22.19 46.07 -22.02
CA PHE E 327 -22.44 44.64 -21.82
C PHE E 327 -21.75 44.12 -20.56
N MET E 328 -20.96 44.98 -19.93
CA MET E 328 -20.26 44.65 -18.69
C MET E 328 -21.07 45.22 -17.52
N ASN E 329 -22.03 46.09 -17.82
CA ASN E 329 -22.84 46.72 -16.79
C ASN E 329 -23.97 45.83 -16.25
N ASN E 330 -23.61 44.64 -15.84
CA ASN E 330 -24.54 43.67 -15.29
C ASN E 330 -23.94 43.20 -13.96
N PRO E 331 -24.76 43.07 -12.91
CA PRO E 331 -24.31 42.65 -11.58
C PRO E 331 -23.24 41.56 -11.54
N GLU E 332 -23.43 40.47 -12.27
CA GLU E 332 -22.46 39.37 -12.26
C GLU E 332 -21.08 39.83 -12.72
N ILE E 333 -21.05 40.70 -13.72
CA ILE E 333 -19.79 41.19 -14.25
C ILE E 333 -19.24 42.32 -13.37
N ILE E 334 -20.11 43.27 -13.04
CA ILE E 334 -19.71 44.39 -12.20
C ILE E 334 -19.01 43.87 -10.93
N ASN E 335 -19.59 42.83 -10.35
CA ASN E 335 -19.04 42.26 -9.14
C ASN E 335 -17.65 41.67 -9.35
N GLU E 336 -17.50 40.80 -10.35
CA GLU E 336 -16.20 40.19 -10.60
C GLU E 336 -15.16 41.23 -11.02
N MET E 337 -15.57 42.20 -11.84
CA MET E 337 -14.66 43.24 -12.28
C MET E 337 -14.17 44.09 -11.11
N THR E 338 -15.12 44.58 -10.31
CA THR E 338 -14.78 45.40 -9.18
C THR E 338 -13.90 44.67 -8.16
N ARG E 339 -14.15 43.38 -7.94
CA ARG E 339 -13.32 42.64 -6.99
C ARG E 339 -11.91 42.43 -7.53
N MET E 340 -11.77 42.09 -8.81
CA MET E 340 -10.45 41.90 -9.42
C MET E 340 -9.68 43.22 -9.37
N ARG E 341 -10.38 44.31 -9.69
CA ARG E 341 -9.75 45.63 -9.67
C ARG E 341 -9.23 46.02 -8.28
N MET E 342 -10.07 45.89 -7.26
CA MET E 342 -9.63 46.28 -5.92
C MET E 342 -8.52 45.38 -5.38
N GLU E 343 -8.57 44.11 -5.74
CA GLU E 343 -7.56 43.16 -5.29
C GLU E 343 -6.18 43.45 -5.87
N MET E 344 -6.13 43.93 -7.11
CA MET E 344 -4.85 44.23 -7.75
C MET E 344 -4.50 45.72 -7.84
N LEU E 345 -5.48 46.59 -7.62
CA LEU E 345 -5.24 48.04 -7.71
C LEU E 345 -5.60 48.84 -6.46
N GLY E 346 -6.09 48.18 -5.42
CA GLY E 346 -6.47 48.91 -4.22
C GLY E 346 -7.62 49.85 -4.57
N THR E 347 -7.44 51.13 -4.33
CA THR E 347 -8.49 52.10 -4.66
C THR E 347 -8.07 52.99 -5.82
N SER E 348 -7.01 52.61 -6.53
CA SER E 348 -6.54 53.41 -7.66
C SER E 348 -7.24 53.19 -9.00
N PHE E 349 -8.57 53.24 -8.98
CA PHE E 349 -9.35 53.10 -10.20
C PHE E 349 -10.70 53.76 -10.03
N ILE E 350 -11.46 53.84 -11.12
CA ILE E 350 -12.79 54.43 -11.11
C ILE E 350 -13.73 53.27 -11.39
N PRO E 351 -14.37 52.74 -10.34
CA PRO E 351 -15.29 51.61 -10.48
C PRO E 351 -16.44 51.70 -11.46
N GLN E 352 -17.10 52.85 -11.54
CA GLN E 352 -18.25 52.94 -12.43
C GLN E 352 -18.58 54.30 -13.02
N HIS E 353 -19.42 54.25 -14.05
CA HIS E 353 -19.98 55.41 -14.74
C HIS E 353 -21.35 54.86 -15.15
N SER E 354 -22.34 55.73 -15.38
CA SER E 354 -23.69 55.25 -15.71
C SER E 354 -23.99 55.01 -17.18
N ASP E 355 -23.42 55.84 -18.04
CA ASP E 355 -23.67 55.74 -19.47
C ASP E 355 -25.15 56.08 -19.75
N ALA E 356 -25.76 56.84 -18.85
CA ALA E 356 -27.17 57.18 -18.99
C ALA E 356 -27.53 57.90 -20.29
N ARG E 357 -28.52 57.36 -20.99
CA ARG E 357 -29.03 57.94 -22.24
C ARG E 357 -30.32 58.68 -21.91
N VAL E 358 -30.95 58.25 -20.82
CA VAL E 358 -32.20 58.84 -20.33
C VAL E 358 -31.92 59.31 -18.91
N LEU E 359 -32.31 60.54 -18.62
CA LEU E 359 -32.09 61.17 -17.31
C LEU E 359 -32.33 60.31 -16.08
N GLU E 360 -33.56 59.83 -15.89
CA GLU E 360 -33.91 59.02 -14.74
C GLU E 360 -33.01 57.81 -14.48
N GLN E 361 -32.36 57.31 -15.53
CA GLN E 361 -31.47 56.16 -15.40
C GLN E 361 -30.39 56.35 -14.35
N LEU E 362 -30.02 57.58 -14.08
CA LEU E 362 -29.00 57.83 -13.06
C LEU E 362 -29.45 57.19 -11.74
N ILE E 363 -30.76 57.15 -11.51
CA ILE E 363 -31.27 56.58 -10.27
C ILE E 363 -30.89 55.11 -10.16
N TYR E 364 -31.32 54.30 -11.12
CA TYR E 364 -31.03 52.88 -11.07
C TYR E 364 -29.57 52.52 -11.29
N LYS E 365 -28.92 53.18 -12.24
CA LYS E 365 -27.52 52.89 -12.54
C LYS E 365 -26.66 53.03 -11.29
N TRP E 366 -26.81 54.14 -10.56
CA TRP E 366 -26.01 54.35 -9.36
C TRP E 366 -26.50 53.56 -8.16
N HIS E 367 -27.80 53.30 -8.11
CA HIS E 367 -28.31 52.53 -6.99
C HIS E 367 -27.86 51.09 -7.09
N HIS E 368 -28.00 50.50 -8.29
CA HIS E 368 -27.59 49.11 -8.50
C HIS E 368 -26.09 48.94 -8.33
N SER E 369 -25.31 49.89 -8.84
CA SER E 369 -23.86 49.80 -8.75
C SER E 369 -23.33 50.07 -7.35
N LYS E 370 -23.86 51.10 -6.69
CA LYS E 370 -23.44 51.43 -5.33
C LYS E 370 -23.62 50.24 -4.38
N SER E 371 -24.72 49.51 -4.51
CA SER E 371 -24.95 48.39 -3.61
C SER E 371 -23.86 47.32 -3.78
N ILE E 372 -23.44 47.08 -5.02
CA ILE E 372 -22.39 46.09 -5.29
C ILE E 372 -21.02 46.58 -4.82
N ILE E 373 -20.72 47.83 -5.11
CA ILE E 373 -19.43 48.41 -4.71
C ILE E 373 -19.31 48.43 -3.20
N ALA E 374 -20.40 48.75 -2.51
CA ALA E 374 -20.39 48.76 -1.04
C ALA E 374 -20.11 47.37 -0.49
N GLU E 375 -20.69 46.34 -1.13
CA GLU E 375 -20.50 44.95 -0.70
C GLU E 375 -19.02 44.58 -0.83
N VAL E 376 -18.40 45.01 -1.92
CA VAL E 376 -17.00 44.72 -2.16
C VAL E 376 -16.12 45.40 -1.13
N LEU E 377 -16.44 46.67 -0.84
CA LEU E 377 -15.69 47.44 0.14
C LEU E 377 -15.79 46.79 1.52
N ILE E 378 -17.01 46.41 1.91
CA ILE E 378 -17.20 45.79 3.21
C ILE E 378 -16.32 44.55 3.35
N ASP E 379 -16.36 43.67 2.35
CA ASP E 379 -15.54 42.47 2.38
C ASP E 379 -14.06 42.81 2.47
N LYS E 380 -13.60 43.76 1.67
CA LYS E 380 -12.18 44.12 1.70
C LYS E 380 -11.75 44.80 3.00
N TYR E 381 -12.58 45.68 3.55
CA TYR E 381 -12.23 46.31 4.82
C TYR E 381 -12.25 45.23 5.91
N ASP E 382 -13.26 44.37 5.84
CA ASP E 382 -13.38 43.32 6.84
C ASP E 382 -12.17 42.40 6.83
N ASP E 383 -11.61 42.16 5.65
CA ASP E 383 -10.45 41.29 5.58
C ASP E 383 -9.24 41.88 6.28
N ILE E 384 -9.06 43.19 6.19
CA ILE E 384 -7.91 43.78 6.85
C ILE E 384 -8.20 44.00 8.32
N LEU E 385 -9.49 44.10 8.68
CA LEU E 385 -9.85 44.24 10.08
C LEU E 385 -9.49 42.92 10.76
N GLN E 386 -9.72 41.82 10.05
CA GLN E 386 -9.41 40.49 10.57
C GLN E 386 -7.90 40.35 10.75
N ALA E 387 -7.13 41.10 9.97
CA ALA E 387 -5.69 41.05 10.09
C ALA E 387 -5.21 41.97 11.22
N GLY E 388 -6.14 42.69 11.83
CA GLY E 388 -5.77 43.58 12.93
C GLY E 388 -5.79 45.06 12.61
N TRP E 389 -5.96 45.40 11.34
CA TRP E 389 -5.99 46.80 10.94
C TRP E 389 -7.29 47.47 11.37
N GLU E 390 -7.16 48.67 11.93
CA GLU E 390 -8.32 49.45 12.38
C GLU E 390 -8.60 50.60 11.41
N VAL E 391 -9.72 50.50 10.71
CA VAL E 391 -10.12 51.51 9.75
C VAL E 391 -11.01 52.54 10.43
N THR E 392 -10.80 53.81 10.14
CA THR E 392 -11.64 54.85 10.74
C THR E 392 -12.70 55.28 9.74
N GLU E 393 -13.78 55.85 10.24
CA GLU E 393 -14.84 56.29 9.35
C GLU E 393 -14.35 57.37 8.39
N GLU E 394 -13.40 58.17 8.83
CA GLU E 394 -12.85 59.21 7.96
C GLU E 394 -12.11 58.59 6.79
N GLU E 395 -11.34 57.54 7.08
CA GLU E 395 -10.59 56.86 6.03
C GLU E 395 -11.55 56.21 5.04
N ILE E 396 -12.66 55.68 5.54
CA ILE E 396 -13.66 55.07 4.68
C ILE E 396 -14.27 56.13 3.76
N LYS E 397 -14.55 57.31 4.30
CA LYS E 397 -15.14 58.37 3.49
C LYS E 397 -14.12 58.85 2.46
N ARG E 398 -12.86 58.97 2.86
CA ARG E 398 -11.80 59.39 1.96
C ARG E 398 -11.77 58.40 0.80
N ASP E 399 -11.66 57.11 1.12
CA ASP E 399 -11.61 56.06 0.11
C ASP E 399 -12.80 56.12 -0.84
N VAL E 400 -14.00 56.19 -0.28
CA VAL E 400 -15.21 56.25 -1.09
C VAL E 400 -15.20 57.47 -2.01
N ALA E 401 -14.76 58.61 -1.49
CA ALA E 401 -14.68 59.84 -2.26
C ALA E 401 -13.72 59.64 -3.43
N ASP E 402 -12.64 58.92 -3.21
CA ASP E 402 -11.67 58.68 -4.28
C ASP E 402 -12.32 57.92 -5.42
N LEU E 403 -13.00 56.82 -5.07
CA LEU E 403 -13.64 55.94 -6.05
C LEU E 403 -14.78 56.55 -6.86
N PHE E 404 -15.62 57.34 -6.19
CA PHE E 404 -16.79 57.92 -6.86
C PHE E 404 -16.62 59.34 -7.37
N SER E 405 -15.46 59.96 -7.12
CA SER E 405 -15.28 61.32 -7.58
C SER E 405 -13.86 61.84 -7.72
N ARG E 406 -13.08 61.79 -6.64
CA ARG E 406 -11.73 62.33 -6.66
C ARG E 406 -10.73 61.70 -7.63
N ASN E 407 -10.76 60.38 -7.79
CA ASN E 407 -9.82 59.76 -8.70
C ASN E 407 -9.98 60.37 -10.10
N PHE E 408 -11.23 60.56 -10.52
CA PHE E 408 -11.48 61.13 -11.83
C PHE E 408 -10.92 62.54 -11.97
N TRP E 409 -11.41 63.46 -11.14
CA TRP E 409 -10.97 64.84 -11.18
C TRP E 409 -9.46 64.98 -11.00
N ARG E 410 -8.89 64.13 -10.16
CA ARG E 410 -7.45 64.18 -9.94
C ARG E 410 -6.73 63.72 -11.20
N PHE E 411 -7.31 62.78 -11.95
CA PHE E 411 -6.68 62.27 -13.17
C PHE E 411 -6.75 63.26 -14.34
N VAL E 412 -7.91 63.88 -14.54
CA VAL E 412 -8.07 64.83 -15.63
C VAL E 412 -7.38 66.15 -15.30
N GLY E 413 -7.07 66.34 -14.02
CA GLY E 413 -6.40 67.55 -13.59
C GLY E 413 -7.32 68.73 -13.36
N ARG E 414 -8.21 68.61 -12.37
CA ARG E 414 -9.14 69.67 -12.05
C ARG E 414 -9.49 69.73 -10.56
N SER F 2 -49.38 38.69 -1.62
CA SER F 2 -47.99 39.07 -2.04
C SER F 2 -46.95 38.21 -1.35
N ILE F 3 -45.70 38.32 -1.80
CA ILE F 3 -44.60 37.56 -1.23
C ILE F 3 -43.84 38.56 -0.38
N ASN F 4 -44.08 38.49 0.94
CA ASN F 4 -43.52 39.44 1.90
C ASN F 4 -42.06 39.30 2.30
N SER F 5 -41.44 38.15 2.06
CA SER F 5 -40.04 37.97 2.45
C SER F 5 -39.30 37.09 1.48
N ARG F 6 -37.98 37.26 1.45
CA ARG F 6 -37.14 36.48 0.56
C ARG F 6 -37.22 35.00 0.93
N GLU F 7 -37.40 34.72 2.22
CA GLU F 7 -37.47 33.34 2.66
C GLU F 7 -38.68 32.62 2.07
N VAL F 8 -39.81 33.31 2.04
CA VAL F 8 -41.02 32.72 1.46
C VAL F 8 -40.87 32.63 -0.04
N LEU F 9 -40.27 33.68 -0.63
CA LEU F 9 -40.03 33.69 -2.08
C LEU F 9 -39.19 32.47 -2.44
N ALA F 10 -38.13 32.23 -1.69
CA ALA F 10 -37.24 31.09 -1.94
C ALA F 10 -38.01 29.79 -1.95
N GLU F 11 -38.84 29.59 -0.94
CA GLU F 11 -39.64 28.37 -0.87
C GLU F 11 -40.54 28.21 -2.09
N LYS F 12 -41.20 29.30 -2.48
CA LYS F 12 -42.09 29.26 -3.63
C LYS F 12 -41.34 29.02 -4.94
N VAL F 13 -40.19 29.66 -5.10
CA VAL F 13 -39.40 29.48 -6.31
C VAL F 13 -38.94 28.02 -6.37
N LYS F 14 -38.40 27.53 -5.26
CA LYS F 14 -37.93 26.16 -5.22
C LYS F 14 -39.04 25.18 -5.57
N ASN F 15 -40.22 25.37 -4.98
CA ASN F 15 -41.33 24.47 -5.26
C ASN F 15 -41.71 24.51 -6.74
N ALA F 16 -41.77 25.71 -7.31
CA ALA F 16 -42.13 25.88 -8.71
C ALA F 16 -41.12 25.13 -9.60
N VAL F 17 -39.85 25.41 -9.38
CA VAL F 17 -38.79 24.78 -10.15
C VAL F 17 -38.82 23.26 -10.04
N ASN F 18 -38.97 22.73 -8.83
CA ASN F 18 -39.00 21.29 -8.64
C ASN F 18 -40.25 20.64 -9.21
N ASN F 19 -41.39 21.33 -9.14
CA ASN F 19 -42.62 20.78 -9.67
C ASN F 19 -42.77 20.90 -11.18
N GLN F 20 -41.99 21.76 -11.81
CA GLN F 20 -42.07 21.95 -13.26
C GLN F 20 -41.52 20.79 -14.09
N PRO F 21 -42.39 20.11 -14.85
CA PRO F 21 -41.94 18.99 -15.68
C PRO F 21 -40.92 19.50 -16.69
N VAL F 22 -39.84 18.76 -16.84
CA VAL F 22 -38.78 19.17 -17.74
C VAL F 22 -38.75 18.60 -19.14
N THR F 23 -38.45 19.46 -20.11
CA THR F 23 -38.26 19.01 -21.48
C THR F 23 -36.73 19.08 -21.61
N ASP F 24 -36.09 17.93 -21.74
CA ASP F 24 -34.64 17.85 -21.88
C ASP F 24 -34.36 17.90 -23.38
N MET F 25 -34.11 19.09 -23.91
CA MET F 25 -33.89 19.24 -25.34
C MET F 25 -32.61 18.71 -25.98
N HIS F 26 -31.78 18.01 -25.20
CA HIS F 26 -30.57 17.39 -25.76
C HIS F 26 -29.96 16.32 -24.86
N THR F 27 -30.08 15.07 -25.27
CA THR F 27 -29.54 13.95 -24.51
C THR F 27 -29.01 12.91 -25.49
N HIS F 28 -28.45 11.84 -24.94
CA HIS F 28 -27.93 10.74 -25.73
C HIS F 28 -28.66 9.48 -25.28
N LEU F 29 -29.93 9.66 -24.94
CA LEU F 29 -30.79 8.56 -24.50
C LEU F 29 -31.68 8.17 -25.67
N PHE F 30 -32.30 7.00 -25.58
CA PHE F 30 -33.18 6.52 -26.63
C PHE F 30 -34.45 5.92 -26.02
N SER F 31 -35.53 5.91 -26.81
CA SER F 31 -36.79 5.33 -26.32
C SER F 31 -36.47 3.89 -25.96
N PRO F 32 -37.07 3.37 -24.88
CA PRO F 32 -36.84 1.99 -24.43
C PRO F 32 -36.95 0.93 -25.51
N ASN F 33 -37.92 1.09 -26.41
CA ASN F 33 -38.15 0.12 -27.48
C ASN F 33 -36.99 -0.02 -28.48
N PHE F 34 -36.05 0.92 -28.49
CA PHE F 34 -34.93 0.81 -29.42
C PHE F 34 -33.95 -0.28 -29.00
N GLY F 35 -34.03 -0.70 -27.75
CA GLY F 35 -33.16 -1.77 -27.28
C GLY F 35 -32.01 -1.39 -26.36
N GLU F 36 -30.96 -2.20 -26.43
CA GLU F 36 -29.76 -2.03 -25.61
C GLU F 36 -29.06 -0.69 -25.81
N ILE F 37 -29.43 0.02 -26.87
CA ILE F 37 -28.83 1.31 -27.17
C ILE F 37 -29.07 2.28 -26.00
N LEU F 38 -30.18 2.07 -25.27
CA LEU F 38 -30.49 2.90 -24.12
C LEU F 38 -29.69 2.33 -22.95
N LEU F 39 -28.68 3.06 -22.52
CA LEU F 39 -27.82 2.61 -21.42
C LEU F 39 -28.42 3.01 -20.07
N TRP F 40 -28.32 2.11 -19.09
CA TRP F 40 -28.81 2.39 -17.74
C TRP F 40 -28.25 1.41 -16.69
N ASP F 41 -28.32 1.84 -15.43
CA ASP F 41 -27.87 1.12 -14.24
C ASP F 41 -26.54 1.64 -13.70
N ILE F 42 -26.26 1.33 -12.43
CA ILE F 42 -25.04 1.79 -11.76
C ILE F 42 -23.73 1.53 -12.50
N ASP F 43 -23.60 0.36 -13.13
CA ASP F 43 -22.37 0.05 -13.86
C ASP F 43 -22.16 0.98 -15.03
N GLU F 44 -23.24 1.42 -15.68
CA GLU F 44 -23.14 2.35 -16.80
C GLU F 44 -22.79 3.74 -16.24
N LEU F 45 -23.42 4.11 -15.13
CA LEU F 45 -23.16 5.39 -14.49
C LEU F 45 -21.67 5.55 -14.16
N LEU F 46 -21.11 4.52 -13.53
CA LEU F 46 -19.70 4.54 -13.16
C LEU F 46 -18.75 4.49 -14.34
N THR F 47 -19.20 4.02 -15.50
CA THR F 47 -18.33 3.95 -16.68
C THR F 47 -18.59 5.07 -17.69
N TYR F 48 -19.34 6.08 -17.25
CA TYR F 48 -19.62 7.28 -18.03
C TYR F 48 -18.22 7.77 -18.38
N HIS F 49 -18.00 8.20 -19.62
CA HIS F 49 -16.64 8.62 -19.99
C HIS F 49 -16.08 9.79 -19.18
N TYR F 50 -16.95 10.59 -18.57
CA TYR F 50 -16.48 11.70 -17.73
C TYR F 50 -15.67 11.09 -16.57
N LEU F 51 -16.08 9.90 -16.11
CA LEU F 51 -15.40 9.26 -15.00
C LEU F 51 -14.18 8.47 -15.46
N VAL F 52 -14.18 8.04 -16.71
CA VAL F 52 -13.03 7.32 -17.25
C VAL F 52 -11.88 8.32 -17.27
N ALA F 53 -12.15 9.52 -17.75
CA ALA F 53 -11.12 10.55 -17.81
C ALA F 53 -10.54 10.77 -16.41
N GLU F 54 -11.42 10.99 -15.44
CA GLU F 54 -10.97 11.25 -14.07
C GLU F 54 -10.22 10.07 -13.44
N VAL F 55 -10.69 8.85 -13.66
CA VAL F 55 -10.02 7.71 -13.07
C VAL F 55 -8.60 7.56 -13.63
N MET F 56 -8.43 7.86 -14.91
CA MET F 56 -7.12 7.75 -15.52
C MET F 56 -6.09 8.71 -14.93
N ARG F 57 -6.54 9.72 -14.21
CA ARG F 57 -5.59 10.66 -13.59
C ARG F 57 -5.05 10.08 -12.29
N TRP F 58 -5.70 9.03 -11.78
CA TRP F 58 -5.31 8.40 -10.51
C TRP F 58 -4.72 7.00 -10.57
N THR F 59 -5.39 6.10 -11.30
CA THR F 59 -5.01 4.69 -11.40
C THR F 59 -3.72 4.31 -12.13
N ASP F 60 -3.17 3.15 -11.77
CA ASP F 60 -1.95 2.63 -12.39
C ASP F 60 -2.33 1.79 -13.60
N VAL F 61 -3.60 1.39 -13.65
CA VAL F 61 -4.07 0.58 -14.75
C VAL F 61 -3.93 1.38 -16.04
N SER F 62 -3.28 0.81 -17.04
CA SER F 62 -3.08 1.46 -18.32
C SER F 62 -4.44 1.58 -19.02
N ILE F 63 -4.54 2.53 -19.95
CA ILE F 63 -5.77 2.75 -20.68
C ILE F 63 -6.14 1.50 -21.49
N GLU F 64 -5.12 0.80 -21.99
CA GLU F 64 -5.35 -0.42 -22.76
C GLU F 64 -5.98 -1.45 -21.84
N ALA F 65 -5.39 -1.62 -20.66
CA ALA F 65 -5.88 -2.58 -19.69
C ALA F 65 -7.32 -2.27 -19.30
N PHE F 66 -7.62 -0.98 -19.14
CA PHE F 66 -8.96 -0.55 -18.76
C PHE F 66 -10.03 -1.00 -19.76
N TRP F 67 -9.77 -0.76 -21.04
CA TRP F 67 -10.72 -1.13 -22.09
C TRP F 67 -10.85 -2.65 -22.21
N ALA F 68 -9.80 -3.36 -21.82
CA ALA F 68 -9.80 -4.82 -21.87
C ALA F 68 -10.69 -5.39 -20.78
N MET F 69 -10.83 -4.66 -19.68
CA MET F 69 -11.66 -5.11 -18.58
C MET F 69 -13.14 -5.18 -18.96
N SER F 70 -13.88 -5.95 -18.18
CA SER F 70 -15.32 -6.09 -18.39
C SER F 70 -15.96 -4.82 -17.84
N LYS F 71 -17.18 -4.54 -18.26
CA LYS F 71 -17.89 -3.37 -17.78
C LYS F 71 -17.92 -3.35 -16.25
N ARG F 72 -18.17 -4.50 -15.63
CA ARG F 72 -18.22 -4.57 -14.17
C ARG F 72 -16.86 -4.35 -13.52
N GLU F 73 -15.79 -4.79 -14.19
CA GLU F 73 -14.46 -4.60 -13.65
C GLU F 73 -14.07 -3.12 -13.72
N GLN F 74 -14.50 -2.46 -14.79
CA GLN F 74 -14.21 -1.04 -14.97
C GLN F 74 -14.92 -0.26 -13.88
N ALA F 75 -16.18 -0.63 -13.64
CA ALA F 75 -17.00 0.02 -12.63
C ALA F 75 -16.37 -0.16 -11.25
N ASP F 76 -15.88 -1.37 -10.96
CA ASP F 76 -15.24 -1.65 -9.68
C ASP F 76 -13.99 -0.78 -9.52
N LEU F 77 -13.21 -0.65 -10.59
CA LEU F 77 -11.98 0.15 -10.54
C LEU F 77 -12.30 1.63 -10.25
N ILE F 78 -13.22 2.19 -11.02
CA ILE F 78 -13.60 3.59 -10.86
C ILE F 78 -14.18 3.86 -9.47
N TRP F 79 -14.99 2.94 -8.97
CA TRP F 79 -15.59 3.08 -7.65
C TRP F 79 -14.48 3.16 -6.59
N GLU F 80 -13.53 2.25 -6.69
CA GLU F 80 -12.40 2.18 -5.76
C GLU F 80 -11.47 3.39 -5.84
N GLU F 81 -11.09 3.78 -7.06
CA GLU F 81 -10.16 4.89 -7.27
C GLU F 81 -10.75 6.27 -7.02
N LEU F 82 -11.99 6.49 -7.44
CA LEU F 82 -12.61 7.81 -7.29
C LEU F 82 -13.52 8.00 -6.10
N PHE F 83 -14.03 6.92 -5.54
CA PHE F 83 -14.94 7.02 -4.40
C PHE F 83 -14.35 6.56 -3.07
N ILE F 84 -13.55 5.50 -3.12
CA ILE F 84 -12.95 4.97 -1.90
C ILE F 84 -11.56 5.55 -1.58
N LYS F 85 -10.65 5.53 -2.54
CA LYS F 85 -9.29 6.04 -2.31
C LYS F 85 -9.20 7.56 -2.13
N ARG F 86 -10.13 8.30 -2.74
CA ARG F 86 -10.21 9.76 -2.60
C ARG F 86 -11.70 10.03 -2.46
N SER F 87 -12.07 11.13 -1.82
CA SER F 87 -13.49 11.43 -1.67
C SER F 87 -14.05 11.82 -3.02
N PRO F 88 -15.26 11.33 -3.33
CA PRO F 88 -15.94 11.60 -4.60
C PRO F 88 -16.51 13.02 -4.75
N VAL F 89 -15.65 14.02 -4.60
CA VAL F 89 -16.09 15.43 -4.69
C VAL F 89 -16.35 16.06 -6.05
N SER F 90 -15.79 15.51 -7.13
CA SER F 90 -16.01 16.10 -8.46
C SER F 90 -17.50 16.07 -8.80
N GLU F 91 -17.89 16.90 -9.76
CA GLU F 91 -19.29 16.99 -10.17
C GLU F 91 -19.81 15.65 -10.70
N ALA F 92 -19.00 14.96 -11.49
CA ALA F 92 -19.41 13.67 -12.04
C ALA F 92 -19.63 12.60 -10.98
N CYS F 93 -18.69 12.45 -10.05
CA CYS F 93 -18.87 11.43 -9.02
C CYS F 93 -20.01 11.82 -8.09
N ARG F 94 -20.15 13.11 -7.80
CA ARG F 94 -21.22 13.58 -6.95
C ARG F 94 -22.53 13.19 -7.65
N GLY F 95 -22.54 13.33 -8.98
CA GLY F 95 -23.73 12.97 -9.75
C GLY F 95 -24.18 11.54 -9.53
N VAL F 96 -23.23 10.61 -9.53
CA VAL F 96 -23.53 9.21 -9.30
C VAL F 96 -24.23 9.04 -7.96
N LEU F 97 -23.70 9.69 -6.93
CA LEU F 97 -24.28 9.60 -5.59
C LEU F 97 -25.69 10.12 -5.55
N THR F 98 -25.94 11.24 -6.23
CA THR F 98 -27.26 11.84 -6.27
C THR F 98 -28.26 10.88 -6.94
N CYS F 99 -27.79 10.13 -7.93
CA CYS F 99 -28.64 9.16 -8.62
C CYS F 99 -29.05 8.05 -7.69
N LEU F 100 -28.06 7.46 -7.04
CA LEU F 100 -28.29 6.37 -6.11
C LEU F 100 -29.27 6.78 -5.02
N GLN F 101 -29.07 7.98 -4.45
CA GLN F 101 -29.94 8.47 -3.39
C GLN F 101 -31.37 8.66 -3.89
N GLY F 102 -31.49 9.20 -5.09
CA GLY F 102 -32.81 9.44 -5.67
C GLY F 102 -33.57 8.16 -5.94
N LEU F 103 -32.84 7.08 -6.22
CA LEU F 103 -33.46 5.79 -6.49
C LEU F 103 -33.87 5.08 -5.21
N GLY F 104 -33.54 5.68 -4.07
CA GLY F 104 -33.89 5.06 -2.81
C GLY F 104 -32.76 4.24 -2.22
N LEU F 105 -31.62 4.21 -2.91
CA LEU F 105 -30.47 3.46 -2.43
C LEU F 105 -29.74 4.32 -1.39
N ASP F 106 -28.87 3.68 -0.61
CA ASP F 106 -28.14 4.37 0.46
C ASP F 106 -26.63 4.49 0.22
N PRO F 107 -26.16 5.66 -0.22
CA PRO F 107 -24.73 5.85 -0.48
C PRO F 107 -23.87 5.64 0.75
N ALA F 108 -24.47 5.81 1.92
CA ALA F 108 -23.77 5.66 3.19
C ALA F 108 -23.16 4.27 3.38
N THR F 109 -23.82 3.24 2.89
CA THR F 109 -23.31 1.88 3.04
C THR F 109 -22.14 1.59 2.11
N ARG F 110 -22.14 2.26 0.95
CA ARG F 110 -21.11 2.06 -0.07
C ARG F 110 -21.15 0.61 -0.54
N ASP F 111 -22.32 -0.02 -0.42
CA ASP F 111 -22.50 -1.42 -0.81
C ASP F 111 -22.85 -1.53 -2.29
N LEU F 112 -21.81 -1.48 -3.13
CA LEU F 112 -21.96 -1.55 -4.57
C LEU F 112 -22.75 -2.77 -5.04
N GLN F 113 -22.54 -3.93 -4.40
CA GLN F 113 -23.27 -5.12 -4.81
C GLN F 113 -24.76 -4.92 -4.57
N VAL F 114 -25.11 -4.34 -3.42
CA VAL F 114 -26.51 -4.08 -3.12
C VAL F 114 -27.14 -3.14 -4.15
N TYR F 115 -26.40 -2.10 -4.56
CA TYR F 115 -26.93 -1.16 -5.55
C TYR F 115 -27.18 -1.90 -6.85
N ARG F 116 -26.25 -2.76 -7.24
CA ARG F 116 -26.39 -3.52 -8.48
C ARG F 116 -27.65 -4.38 -8.46
N GLU F 117 -27.96 -4.95 -7.31
CA GLU F 117 -29.13 -5.81 -7.19
C GLU F 117 -30.42 -5.05 -7.50
N TYR F 118 -30.43 -3.74 -7.23
CA TYR F 118 -31.60 -2.92 -7.51
C TYR F 118 -31.96 -2.94 -8.99
N PHE F 119 -30.95 -2.73 -9.83
CA PHE F 119 -31.17 -2.67 -11.27
C PHE F 119 -31.46 -4.02 -11.90
N ALA F 120 -30.84 -5.07 -11.36
CA ALA F 120 -31.01 -6.42 -11.88
C ALA F 120 -32.46 -6.91 -11.93
N LYS F 121 -33.31 -6.44 -11.01
CA LYS F 121 -34.70 -6.88 -11.01
C LYS F 121 -35.71 -5.95 -11.69
N LYS F 122 -35.24 -5.15 -12.64
CA LYS F 122 -36.12 -4.24 -13.37
C LYS F 122 -35.89 -4.34 -14.86
N THR F 123 -36.90 -3.98 -15.63
CA THR F 123 -36.82 -3.98 -17.08
C THR F 123 -36.48 -2.56 -17.50
N SER F 124 -36.10 -2.38 -18.76
CA SER F 124 -35.77 -1.04 -19.25
C SER F 124 -36.98 -0.13 -19.15
N GLU F 125 -38.15 -0.67 -19.51
CA GLU F 125 -39.38 0.08 -19.46
C GLU F 125 -39.68 0.55 -18.05
N GLU F 126 -39.43 -0.32 -17.07
CA GLU F 126 -39.69 0.03 -15.69
C GLU F 126 -38.74 1.11 -15.16
N GLN F 127 -37.48 1.06 -15.58
CA GLN F 127 -36.50 2.06 -15.12
C GLN F 127 -36.81 3.41 -15.74
N VAL F 128 -37.19 3.40 -17.01
CA VAL F 128 -37.52 4.66 -17.67
C VAL F 128 -38.68 5.32 -16.94
N ASP F 129 -39.69 4.53 -16.56
CA ASP F 129 -40.82 5.09 -15.83
C ASP F 129 -40.37 5.62 -14.48
N THR F 130 -39.53 4.86 -13.79
CA THR F 130 -39.05 5.28 -12.49
C THR F 130 -38.24 6.56 -12.60
N VAL F 131 -37.25 6.57 -13.50
CA VAL F 131 -36.37 7.73 -13.68
C VAL F 131 -37.08 8.98 -14.15
N LEU F 132 -37.90 8.87 -15.19
CA LEU F 132 -38.61 10.05 -15.69
C LEU F 132 -39.50 10.63 -14.61
N GLN F 133 -40.03 9.75 -13.77
CA GLN F 133 -40.89 10.17 -12.67
C GLN F 133 -40.04 10.91 -11.63
N LEU F 134 -38.97 10.27 -11.17
CA LEU F 134 -38.07 10.87 -10.18
C LEU F 134 -37.43 12.19 -10.64
N ALA F 135 -37.03 12.26 -11.90
CA ALA F 135 -36.38 13.46 -12.41
C ALA F 135 -37.40 14.47 -12.92
N ASN F 136 -38.67 14.09 -12.86
CA ASN F 136 -39.77 14.93 -13.32
C ASN F 136 -39.50 15.44 -14.74
N VAL F 137 -39.07 14.52 -15.61
CA VAL F 137 -38.78 14.82 -17.01
C VAL F 137 -39.93 14.30 -17.88
N SER F 138 -40.66 15.20 -18.52
CA SER F 138 -41.77 14.80 -19.36
C SER F 138 -41.33 14.41 -20.76
N ASP F 139 -40.45 15.20 -21.34
CA ASP F 139 -39.97 14.93 -22.70
C ASP F 139 -38.46 14.89 -22.84
N VAL F 140 -37.99 13.90 -23.58
CA VAL F 140 -36.57 13.71 -23.82
C VAL F 140 -36.24 13.79 -25.31
N VAL F 141 -35.31 14.67 -25.67
CA VAL F 141 -34.91 14.80 -27.07
C VAL F 141 -33.67 13.95 -27.23
N MET F 142 -33.71 13.02 -28.17
CA MET F 142 -32.60 12.13 -28.42
C MET F 142 -31.62 12.75 -29.40
N THR F 143 -30.54 12.03 -29.66
CA THR F 143 -29.54 12.41 -30.65
C THR F 143 -29.54 11.20 -31.56
N ASN F 144 -30.14 11.33 -32.73
CA ASN F 144 -30.22 10.21 -33.65
C ASN F 144 -29.31 10.40 -34.87
N ASP F 145 -28.27 9.59 -34.91
CA ASP F 145 -27.29 9.64 -35.98
C ASP F 145 -27.48 8.53 -37.01
N PRO F 146 -28.01 8.87 -38.19
CA PRO F 146 -28.25 7.91 -39.27
C PRO F 146 -26.98 7.26 -39.81
N PHE F 147 -25.83 7.88 -39.53
CA PHE F 147 -24.56 7.36 -40.00
C PHE F 147 -24.06 6.22 -39.11
N ASP F 148 -24.76 5.97 -38.00
CA ASP F 148 -24.39 4.88 -37.11
C ASP F 148 -25.19 3.68 -37.62
N ASP F 149 -24.49 2.61 -37.98
CA ASP F 149 -25.16 1.43 -38.51
C ASP F 149 -26.26 0.90 -37.60
N ASN F 150 -25.97 0.78 -36.32
CA ASN F 150 -26.95 0.27 -35.36
C ASN F 150 -28.19 1.16 -35.25
N GLU F 151 -27.99 2.47 -35.25
CA GLU F 151 -29.11 3.39 -35.16
C GLU F 151 -29.91 3.44 -36.44
N ARG F 152 -29.21 3.54 -37.58
CA ARG F 152 -29.87 3.59 -38.87
C ARG F 152 -30.71 2.34 -39.13
N ILE F 153 -30.10 1.17 -38.96
CA ILE F 153 -30.80 -0.09 -39.18
C ILE F 153 -32.10 -0.11 -38.39
N SER F 154 -32.04 0.36 -37.14
CA SER F 154 -33.21 0.39 -36.28
C SER F 154 -34.35 1.23 -36.87
N TRP F 155 -34.02 2.44 -37.35
CA TRP F 155 -35.04 3.30 -37.94
C TRP F 155 -35.56 2.74 -39.25
N LEU F 156 -34.67 2.14 -40.02
CA LEU F 156 -35.05 1.56 -41.31
C LEU F 156 -36.06 0.43 -41.13
N GLU F 157 -35.87 -0.37 -40.10
CA GLU F 157 -36.78 -1.47 -39.82
C GLU F 157 -37.92 -0.96 -38.96
N GLY F 158 -38.53 0.13 -39.38
CA GLY F 158 -39.63 0.74 -38.65
C GLY F 158 -39.15 1.47 -37.41
N LYS F 159 -39.40 0.87 -36.25
CA LYS F 159 -38.98 1.41 -34.96
C LYS F 159 -39.22 2.90 -34.77
N GLN F 160 -40.18 3.22 -33.90
CA GLN F 160 -40.55 4.61 -33.59
C GLN F 160 -40.47 4.79 -32.07
N PRO F 161 -40.08 6.00 -31.61
CA PRO F 161 -39.99 6.26 -30.16
C PRO F 161 -41.36 6.57 -29.56
N ASP F 162 -41.56 6.25 -28.28
CA ASP F 162 -42.85 6.58 -27.67
C ASP F 162 -42.94 8.08 -27.52
N SER F 163 -44.16 8.57 -27.32
CA SER F 163 -44.44 10.00 -27.21
C SER F 163 -43.58 10.82 -26.23
N ARG F 164 -42.85 10.15 -25.34
CA ARG F 164 -42.01 10.86 -24.38
C ARG F 164 -40.67 11.22 -24.99
N PHE F 165 -40.28 10.48 -26.02
CA PHE F 165 -39.01 10.69 -26.70
C PHE F 165 -39.15 11.33 -28.08
N HIS F 166 -38.32 12.32 -28.35
CA HIS F 166 -38.34 13.02 -29.62
C HIS F 166 -36.99 12.87 -30.31
N ALA F 167 -37.03 12.84 -31.64
CA ALA F 167 -35.81 12.69 -32.42
C ALA F 167 -35.17 14.02 -32.84
N ALA F 168 -33.87 13.96 -33.05
CA ALA F 168 -33.08 15.10 -33.49
C ALA F 168 -32.07 14.52 -34.47
N LEU F 169 -32.09 15.04 -35.68
CA LEU F 169 -31.22 14.58 -36.76
C LEU F 169 -29.79 15.09 -36.63
N ARG F 170 -28.91 14.22 -36.11
CA ARG F 170 -27.50 14.56 -35.90
C ARG F 170 -26.69 14.30 -37.18
N LEU F 171 -26.08 15.37 -37.71
CA LEU F 171 -25.34 15.30 -38.96
C LEU F 171 -23.81 15.50 -38.99
N ASP F 172 -23.14 15.22 -37.87
CA ASP F 172 -21.68 15.38 -37.81
C ASP F 172 -20.91 14.72 -38.97
N PRO F 173 -21.18 13.45 -39.28
CA PRO F 173 -20.47 12.75 -40.37
C PRO F 173 -20.63 13.43 -41.74
N LEU F 174 -21.84 13.86 -42.05
CA LEU F 174 -22.12 14.52 -43.31
C LEU F 174 -21.46 15.89 -43.41
N LEU F 175 -21.67 16.72 -42.39
CA LEU F 175 -21.13 18.07 -42.36
C LEU F 175 -19.62 18.19 -42.12
N ASN F 176 -19.06 17.31 -41.30
CA ASN F 176 -17.64 17.38 -41.00
C ASN F 176 -16.73 16.37 -41.69
N GLU F 177 -17.28 15.27 -42.20
CA GLU F 177 -16.45 14.28 -42.88
C GLU F 177 -17.03 13.93 -44.25
N TYR F 178 -17.50 14.94 -44.98
CA TYR F 178 -18.09 14.71 -46.28
C TYR F 178 -17.25 13.85 -47.22
N GLU F 179 -15.97 14.17 -47.35
CA GLU F 179 -15.08 13.43 -48.23
C GLU F 179 -15.22 11.91 -48.08
N GLN F 180 -15.44 11.44 -46.86
CA GLN F 180 -15.61 10.02 -46.62
C GLN F 180 -17.09 9.65 -46.69
N THR F 181 -17.89 10.44 -45.98
CA THR F 181 -19.33 10.22 -45.89
C THR F 181 -20.05 10.22 -47.25
N LYS F 182 -19.51 10.94 -48.23
CA LYS F 182 -20.16 11.00 -49.54
C LYS F 182 -20.25 9.60 -50.16
N HIS F 183 -19.25 8.77 -49.92
CA HIS F 183 -19.24 7.42 -50.48
C HIS F 183 -20.41 6.60 -49.95
N ARG F 184 -20.68 6.73 -48.65
CA ARG F 184 -21.77 6.00 -48.03
C ARG F 184 -23.11 6.49 -48.58
N LEU F 185 -23.20 7.79 -48.87
CA LEU F 185 -24.43 8.34 -49.43
C LEU F 185 -24.71 7.66 -50.76
N ARG F 186 -23.65 7.35 -51.49
CA ARG F 186 -23.78 6.68 -52.79
C ARG F 186 -24.23 5.25 -52.56
N ASP F 187 -23.65 4.60 -51.56
CA ASP F 187 -24.02 3.23 -51.25
C ASP F 187 -25.50 3.18 -50.88
N TRP F 188 -26.06 4.31 -50.49
CA TRP F 188 -27.47 4.37 -50.11
C TRP F 188 -28.38 4.94 -51.20
N GLY F 189 -27.84 5.08 -52.41
CA GLY F 189 -28.65 5.57 -53.50
C GLY F 189 -28.60 7.07 -53.74
N TYR F 190 -27.90 7.80 -52.89
CA TYR F 190 -27.80 9.24 -53.05
C TYR F 190 -26.61 9.51 -53.96
N LYS F 191 -26.91 9.77 -55.22
CA LYS F 191 -25.90 10.00 -56.24
C LYS F 191 -25.23 11.37 -56.24
N VAL F 192 -24.45 11.62 -55.21
CA VAL F 192 -23.73 12.87 -55.11
C VAL F 192 -22.52 12.70 -56.04
N ASN F 193 -22.15 13.77 -56.74
CA ASN F 193 -21.04 13.73 -57.67
C ASN F 193 -19.74 14.19 -57.04
N ASP F 194 -18.61 13.96 -57.73
CA ASP F 194 -17.31 14.37 -57.23
C ASP F 194 -17.25 15.90 -57.17
N GLU F 195 -18.05 16.54 -58.02
CA GLU F 195 -18.10 17.99 -58.06
C GLU F 195 -19.36 18.51 -57.40
N TRP F 196 -19.25 19.64 -56.71
CA TRP F 196 -20.40 20.22 -56.05
C TRP F 196 -21.27 20.93 -57.07
N ASN F 197 -22.23 20.20 -57.64
CA ASN F 197 -23.13 20.76 -58.64
C ASN F 197 -24.58 20.56 -58.22
N GLU F 198 -25.50 21.08 -59.03
CA GLU F 198 -26.92 20.97 -58.74
C GLU F 198 -27.30 19.52 -58.41
N GLY F 199 -26.61 18.58 -59.05
CA GLY F 199 -26.89 17.18 -58.80
C GLY F 199 -26.56 16.77 -57.38
N SER F 200 -25.38 17.14 -56.92
CA SER F 200 -24.94 16.83 -55.58
C SER F 200 -25.82 17.53 -54.55
N ILE F 201 -26.09 18.81 -54.79
CA ILE F 201 -26.92 19.60 -53.90
C ILE F 201 -28.27 18.96 -53.68
N GLN F 202 -28.91 18.54 -54.77
CA GLN F 202 -30.21 17.92 -54.70
C GLN F 202 -30.19 16.56 -54.01
N GLU F 203 -29.14 15.77 -54.24
CA GLU F 203 -29.06 14.47 -53.61
C GLU F 203 -28.81 14.60 -52.11
N VAL F 204 -27.99 15.56 -51.71
CA VAL F 204 -27.73 15.77 -50.28
C VAL F 204 -29.03 16.27 -49.67
N LYS F 205 -29.74 17.13 -50.39
CA LYS F 205 -31.01 17.66 -49.93
C LYS F 205 -32.03 16.55 -49.73
N ARG F 206 -32.03 15.57 -50.63
CA ARG F 206 -32.96 14.46 -50.55
C ARG F 206 -32.67 13.63 -49.31
N PHE F 207 -31.38 13.35 -49.10
CA PHE F 207 -30.96 12.58 -47.95
C PHE F 207 -31.53 13.21 -46.66
N LEU F 208 -31.43 14.53 -46.55
CA LEU F 208 -31.92 15.24 -45.38
C LEU F 208 -33.44 15.13 -45.29
N THR F 209 -34.11 15.37 -46.40
CA THR F 209 -35.56 15.30 -46.44
C THR F 209 -36.03 13.87 -46.11
N ASP F 210 -35.29 12.88 -46.59
CA ASP F 210 -35.65 11.50 -46.33
C ASP F 210 -35.63 11.22 -44.83
N TRP F 211 -34.59 11.67 -44.14
CA TRP F 211 -34.50 11.43 -42.71
C TRP F 211 -35.40 12.32 -41.90
N ILE F 212 -35.64 13.53 -42.37
CA ILE F 212 -36.54 14.45 -41.68
C ILE F 212 -37.91 13.78 -41.67
N GLU F 213 -38.24 13.14 -42.79
CA GLU F 213 -39.51 12.47 -42.92
C GLU F 213 -39.59 11.17 -42.11
N ARG F 214 -38.47 10.47 -41.98
CA ARG F 214 -38.46 9.22 -41.23
C ARG F 214 -38.33 9.41 -39.72
N MET F 215 -37.72 10.51 -39.29
CA MET F 215 -37.54 10.78 -37.85
C MET F 215 -38.47 11.86 -37.31
N ASP F 216 -38.86 12.79 -38.17
CA ASP F 216 -39.71 13.91 -37.76
C ASP F 216 -39.00 14.58 -36.58
N PRO F 217 -37.73 14.99 -36.81
CA PRO F 217 -36.89 15.65 -35.79
C PRO F 217 -37.35 17.05 -35.39
N VAL F 218 -37.12 17.39 -34.13
CA VAL F 218 -37.48 18.71 -33.64
C VAL F 218 -36.42 19.70 -34.12
N TYR F 219 -35.27 19.18 -34.55
CA TYR F 219 -34.20 20.02 -35.08
C TYR F 219 -33.05 19.21 -35.66
N MET F 220 -32.25 19.84 -36.52
CA MET F 220 -31.08 19.20 -37.11
C MET F 220 -29.88 19.72 -36.32
N ALA F 221 -28.93 18.84 -36.01
CA ALA F 221 -27.79 19.25 -35.21
C ALA F 221 -26.43 18.76 -35.68
N VAL F 222 -25.41 19.40 -35.14
CA VAL F 222 -24.03 19.08 -35.46
C VAL F 222 -23.14 19.72 -34.39
N SER F 223 -22.04 19.04 -34.06
CA SER F 223 -21.08 19.60 -33.11
C SER F 223 -19.97 20.11 -34.03
N LEU F 224 -19.43 21.29 -33.70
CA LEU F 224 -18.40 21.92 -34.52
C LEU F 224 -17.13 22.26 -33.75
N PRO F 225 -15.99 22.39 -34.47
CA PRO F 225 -14.70 22.71 -33.86
C PRO F 225 -14.53 24.19 -33.55
N PRO F 226 -13.51 24.52 -32.75
CA PRO F 226 -13.22 25.91 -32.37
C PRO F 226 -12.94 26.77 -33.61
N THR F 227 -12.48 26.12 -34.67
CA THR F 227 -12.15 26.79 -35.93
C THR F 227 -13.34 26.98 -36.87
N PHE F 228 -14.55 26.69 -36.40
CA PHE F 228 -15.73 26.83 -37.25
C PHE F 228 -15.88 28.21 -37.88
N SER F 229 -16.08 28.24 -39.19
CA SER F 229 -16.24 29.49 -39.92
C SER F 229 -17.34 29.39 -40.96
N PHE F 230 -17.92 30.53 -41.31
CA PHE F 230 -18.97 30.58 -42.31
C PHE F 230 -19.28 32.01 -42.70
N PRO F 231 -19.35 32.29 -44.02
CA PRO F 231 -19.20 31.38 -45.15
C PRO F 231 -17.82 30.73 -45.21
N GLU F 232 -17.71 29.66 -46.00
CA GLU F 232 -16.45 28.96 -46.15
C GLU F 232 -16.44 28.03 -47.35
N GLU F 233 -15.42 28.12 -48.18
CA GLU F 233 -15.33 27.23 -49.33
C GLU F 233 -14.80 25.89 -48.86
N SER F 234 -15.72 25.07 -48.37
CA SER F 234 -15.41 23.74 -47.88
C SER F 234 -16.70 22.97 -48.02
N ASN F 235 -16.62 21.64 -47.89
CA ASN F 235 -17.82 20.82 -47.98
C ASN F 235 -18.82 21.25 -46.91
N ARG F 236 -18.34 21.47 -45.68
CA ARG F 236 -19.23 21.87 -44.60
C ARG F 236 -19.93 23.18 -44.95
N GLY F 237 -19.15 24.16 -45.43
CA GLY F 237 -19.70 25.45 -45.78
C GLY F 237 -20.69 25.40 -46.94
N ARG F 238 -20.42 24.57 -47.93
CA ARG F 238 -21.31 24.46 -49.07
C ARG F 238 -22.56 23.65 -48.73
N ILE F 239 -22.39 22.59 -47.95
CA ILE F 239 -23.53 21.76 -47.56
C ILE F 239 -24.48 22.56 -46.69
N ILE F 240 -23.93 23.38 -45.79
CA ILE F 240 -24.75 24.19 -44.92
C ILE F 240 -25.50 25.24 -45.74
N ARG F 241 -24.76 25.98 -46.55
CA ARG F 241 -25.33 27.04 -47.39
C ARG F 241 -26.33 26.59 -48.45
N ASP F 242 -25.97 25.58 -49.22
CA ASP F 242 -26.84 25.10 -50.30
C ASP F 242 -27.85 24.01 -49.96
N CYS F 243 -27.62 23.26 -48.89
CA CYS F 243 -28.52 22.17 -48.54
C CYS F 243 -29.25 22.29 -47.21
N LEU F 244 -28.47 22.30 -46.14
CA LEU F 244 -29.02 22.38 -44.78
C LEU F 244 -29.98 23.54 -44.56
N LEU F 245 -29.48 24.77 -44.68
CA LEU F 245 -30.31 25.94 -44.45
C LEU F 245 -31.61 25.94 -45.28
N PRO F 246 -31.52 25.72 -46.61
CA PRO F 246 -32.74 25.71 -47.42
C PRO F 246 -33.77 24.68 -46.93
N VAL F 247 -33.31 23.47 -46.63
CA VAL F 247 -34.21 22.43 -46.15
C VAL F 247 -34.82 22.83 -44.82
N ALA F 248 -33.96 23.30 -43.91
CA ALA F 248 -34.40 23.71 -42.58
C ALA F 248 -35.46 24.80 -42.67
N GLU F 249 -35.27 25.77 -43.56
CA GLU F 249 -36.22 26.85 -43.72
C GLU F 249 -37.55 26.31 -44.24
N LYS F 250 -37.45 25.40 -45.21
CA LYS F 250 -38.62 24.80 -45.82
C LYS F 250 -39.50 24.11 -44.78
N HIS F 251 -38.90 23.22 -43.98
CA HIS F 251 -39.63 22.50 -42.95
C HIS F 251 -39.76 23.30 -41.65
N ASN F 252 -39.19 24.50 -41.64
CA ASN F 252 -39.22 25.36 -40.47
C ASN F 252 -38.62 24.63 -39.27
N ILE F 253 -37.57 23.86 -39.51
CA ILE F 253 -36.90 23.11 -38.45
C ILE F 253 -35.62 23.84 -38.06
N PRO F 254 -35.43 24.11 -36.76
CA PRO F 254 -34.23 24.81 -36.29
C PRO F 254 -32.95 24.01 -36.53
N PHE F 255 -31.84 24.74 -36.62
CA PHE F 255 -30.52 24.14 -36.82
C PHE F 255 -29.71 24.30 -35.52
N ALA F 256 -29.43 23.18 -34.87
CA ALA F 256 -28.67 23.20 -33.62
C ALA F 256 -27.17 23.09 -33.87
N MET F 257 -26.42 24.09 -33.41
CA MET F 257 -24.97 24.09 -33.56
C MET F 257 -24.30 24.05 -32.18
N MET F 258 -23.51 23.02 -31.94
CA MET F 258 -22.78 22.87 -30.68
C MET F 258 -21.32 23.06 -31.07
N ILE F 259 -20.83 24.28 -30.81
CA ILE F 259 -19.50 24.71 -31.19
C ILE F 259 -18.39 24.77 -30.12
N GLY F 260 -17.19 24.35 -30.50
CA GLY F 260 -16.07 24.43 -29.58
C GLY F 260 -15.35 23.14 -29.25
N VAL F 261 -15.84 22.02 -29.76
CA VAL F 261 -15.19 20.76 -29.45
C VAL F 261 -14.06 20.41 -30.41
N LYS F 262 -12.90 20.07 -29.84
CA LYS F 262 -11.74 19.67 -30.65
C LYS F 262 -11.68 18.15 -30.46
N LYS F 263 -12.10 17.43 -31.49
CA LYS F 263 -12.15 15.97 -31.43
C LYS F 263 -10.83 15.20 -31.42
N ARG F 264 -10.81 14.15 -30.62
CA ARG F 264 -9.68 13.22 -30.51
C ARG F 264 -8.28 13.73 -30.20
N VAL F 265 -8.14 14.59 -29.20
CA VAL F 265 -6.80 15.07 -28.84
C VAL F 265 -6.06 13.95 -28.12
N HIS F 266 -6.82 13.00 -27.59
CA HIS F 266 -6.25 11.82 -26.91
C HIS F 266 -7.12 10.65 -27.34
N PRO F 267 -6.91 10.16 -28.58
CA PRO F 267 -7.68 9.04 -29.12
C PRO F 267 -7.79 7.78 -28.26
N ALA F 268 -6.74 7.46 -27.52
CA ALA F 268 -6.78 6.27 -26.67
C ALA F 268 -7.97 6.29 -25.71
N LEU F 269 -8.34 7.49 -25.25
CA LEU F 269 -9.46 7.66 -24.30
C LEU F 269 -10.84 7.52 -24.92
N GLY F 270 -10.91 7.41 -26.25
CA GLY F 270 -12.20 7.27 -26.88
C GLY F 270 -13.10 8.49 -26.72
N ASP F 271 -14.34 8.26 -26.27
CA ASP F 271 -15.27 9.37 -26.10
C ASP F 271 -14.80 10.36 -25.04
N ALA F 272 -13.80 9.98 -24.26
CA ALA F 272 -13.26 10.85 -23.24
C ALA F 272 -12.04 11.62 -23.75
N GLY F 273 -11.77 11.51 -25.05
CA GLY F 273 -10.60 12.17 -25.61
C GLY F 273 -10.76 13.49 -26.33
N ASP F 274 -11.93 14.11 -26.23
CA ASP F 274 -12.16 15.39 -26.90
C ASP F 274 -11.77 16.56 -26.00
N PHE F 275 -11.31 17.63 -26.63
CA PHE F 275 -10.83 18.82 -25.93
C PHE F 275 -11.69 20.02 -26.34
N VAL F 276 -11.33 21.21 -25.85
CA VAL F 276 -12.10 22.41 -26.14
C VAL F 276 -11.25 23.59 -26.61
N GLY F 277 -11.89 24.54 -27.27
CA GLY F 277 -11.23 25.74 -27.76
C GLY F 277 -12.24 26.85 -27.96
N LYS F 278 -11.78 28.10 -27.86
CA LYS F 278 -12.66 29.24 -28.04
C LYS F 278 -12.86 29.46 -29.53
N ALA F 279 -14.10 29.71 -29.93
CA ALA F 279 -14.40 29.92 -31.34
C ALA F 279 -14.63 31.39 -31.65
N SER F 280 -14.54 31.74 -32.93
CA SER F 280 -14.82 33.10 -33.37
C SER F 280 -16.34 33.15 -33.46
N MET F 281 -16.93 34.32 -33.19
CA MET F 281 -18.38 34.44 -33.27
C MET F 281 -18.82 34.88 -34.67
N ASP F 282 -17.87 35.16 -35.54
CA ASP F 282 -18.17 35.62 -36.89
C ASP F 282 -19.11 34.71 -37.68
N GLY F 283 -18.81 33.42 -37.70
CA GLY F 283 -19.64 32.47 -38.42
C GLY F 283 -21.06 32.44 -37.90
N VAL F 284 -21.23 32.54 -36.58
CA VAL F 284 -22.56 32.51 -36.00
C VAL F 284 -23.27 33.82 -36.30
N GLU F 285 -22.53 34.92 -36.21
CA GLU F 285 -23.08 36.24 -36.49
C GLU F 285 -23.60 36.25 -37.93
N HIS F 286 -22.76 35.80 -38.85
CA HIS F 286 -23.15 35.77 -40.26
C HIS F 286 -24.42 34.96 -40.48
N LEU F 287 -24.46 33.73 -39.97
CA LEU F 287 -25.63 32.88 -40.16
C LEU F 287 -26.91 33.56 -39.66
N LEU F 288 -26.84 34.15 -38.47
CA LEU F 288 -28.01 34.82 -37.90
C LEU F 288 -28.51 36.00 -38.75
N ARG F 289 -27.59 36.89 -39.13
CA ARG F 289 -27.96 38.04 -39.91
C ARG F 289 -28.40 37.70 -41.34
N GLU F 290 -27.62 36.88 -42.03
CA GLU F 290 -27.89 36.53 -43.42
C GLU F 290 -29.01 35.52 -43.69
N TYR F 291 -29.48 34.82 -42.66
CA TYR F 291 -30.54 33.84 -42.83
C TYR F 291 -31.61 34.10 -41.78
N PRO F 292 -32.28 35.25 -41.87
CA PRO F 292 -33.33 35.65 -40.94
C PRO F 292 -34.52 34.71 -40.85
N ASN F 293 -34.69 33.89 -41.88
CA ASN F 293 -35.80 32.94 -41.92
C ASN F 293 -35.45 31.58 -41.33
N ASN F 294 -34.19 31.41 -40.94
CA ASN F 294 -33.78 30.15 -40.32
C ASN F 294 -33.68 30.32 -38.81
N LYS F 295 -33.95 29.24 -38.08
CA LYS F 295 -33.86 29.27 -36.63
C LYS F 295 -32.62 28.50 -36.19
N PHE F 296 -31.89 29.06 -35.23
CA PHE F 296 -30.66 28.45 -34.75
C PHE F 296 -30.63 28.25 -33.25
N LEU F 297 -30.31 27.03 -32.84
CA LEU F 297 -30.16 26.71 -31.43
C LEU F 297 -28.65 26.62 -31.25
N VAL F 298 -28.11 27.35 -30.29
CA VAL F 298 -26.67 27.33 -30.08
C VAL F 298 -26.22 27.18 -28.64
N THR F 299 -25.14 26.42 -28.47
CA THR F 299 -24.51 26.21 -27.17
C THR F 299 -23.03 26.11 -27.52
N MET F 300 -22.17 26.71 -26.69
CA MET F 300 -20.75 26.67 -26.95
C MET F 300 -19.99 26.02 -25.80
N LEU F 301 -18.87 25.38 -26.13
CA LEU F 301 -18.06 24.65 -25.17
C LEU F 301 -17.06 25.45 -24.34
N SER F 302 -16.51 26.51 -24.91
CA SER F 302 -15.51 27.31 -24.21
C SER F 302 -16.12 28.29 -23.21
N ARG F 303 -15.46 28.44 -22.06
CA ARG F 303 -15.95 29.36 -21.05
C ARG F 303 -15.88 30.79 -21.55
N GLU F 304 -14.84 31.06 -22.34
CA GLU F 304 -14.59 32.39 -22.89
C GLU F 304 -15.54 32.84 -24.01
N ASN F 305 -16.43 31.95 -24.46
CA ASN F 305 -17.41 32.28 -25.52
C ASN F 305 -18.79 32.63 -24.92
N GLN F 306 -19.02 32.23 -23.68
CA GLN F 306 -20.33 32.42 -23.06
C GLN F 306 -20.94 33.82 -23.01
N HIS F 307 -20.16 34.81 -22.57
CA HIS F 307 -20.71 36.14 -22.47
C HIS F 307 -21.04 36.75 -23.84
N GLU F 308 -20.12 36.65 -24.79
CA GLU F 308 -20.37 37.21 -26.12
C GLU F 308 -21.53 36.49 -26.81
N LEU F 309 -21.75 35.23 -26.46
CA LEU F 309 -22.86 34.48 -27.06
C LEU F 309 -24.17 35.09 -26.53
N VAL F 310 -24.18 35.51 -25.27
CA VAL F 310 -25.36 36.11 -24.69
C VAL F 310 -25.66 37.42 -25.43
N VAL F 311 -24.62 38.21 -25.66
CA VAL F 311 -24.77 39.47 -26.35
C VAL F 311 -25.26 39.26 -27.79
N LEU F 312 -24.80 38.20 -28.43
CA LEU F 312 -25.23 37.92 -29.80
C LEU F 312 -26.72 37.59 -29.78
N ALA F 313 -27.17 36.98 -28.69
CA ALA F 313 -28.57 36.63 -28.55
C ALA F 313 -29.40 37.90 -28.39
N ARG F 314 -28.77 38.94 -27.85
CA ARG F 314 -29.44 40.22 -27.69
C ARG F 314 -29.65 40.84 -29.08
N LYS F 315 -28.78 40.47 -30.01
CA LYS F 315 -28.83 40.98 -31.38
C LYS F 315 -29.85 40.32 -32.30
N PHE F 316 -30.00 39.01 -32.20
CA PHE F 316 -30.88 38.27 -33.12
C PHE F 316 -31.94 37.36 -32.49
N SER F 317 -33.20 37.61 -32.82
CA SER F 317 -34.29 36.81 -32.29
C SER F 317 -34.31 35.40 -32.87
N ASN F 318 -33.61 35.18 -33.98
CA ASN F 318 -33.58 33.85 -34.55
C ASN F 318 -32.49 32.99 -33.92
N LEU F 319 -31.91 33.48 -32.82
CA LEU F 319 -30.91 32.72 -32.08
C LEU F 319 -31.49 32.37 -30.71
N MET F 320 -31.49 31.08 -30.39
CA MET F 320 -31.98 30.64 -29.10
C MET F 320 -30.79 29.90 -28.48
N ILE F 321 -30.21 30.46 -27.43
CA ILE F 321 -29.08 29.79 -26.82
C ILE F 321 -29.60 28.80 -25.80
N PHE F 322 -28.91 27.68 -25.66
CA PHE F 322 -29.36 26.66 -24.73
C PHE F 322 -28.23 25.98 -23.98
N GLY F 323 -28.54 25.62 -22.74
CA GLY F 323 -27.63 24.89 -21.86
C GLY F 323 -26.21 25.32 -21.52
N CYS F 324 -25.64 24.52 -20.62
CA CYS F 324 -24.28 24.67 -20.13
C CYS F 324 -23.69 23.32 -20.51
N TRP F 325 -23.19 23.28 -21.72
CA TRP F 325 -22.66 22.08 -22.36
C TRP F 325 -21.34 21.46 -21.93
N TRP F 326 -21.39 20.15 -21.64
CA TRP F 326 -20.18 19.38 -21.36
C TRP F 326 -19.24 19.95 -20.29
N PHE F 327 -18.14 20.54 -20.74
CA PHE F 327 -17.16 21.12 -19.84
C PHE F 327 -17.70 22.36 -19.15
N MET F 328 -18.84 22.85 -19.61
CA MET F 328 -19.48 24.00 -18.99
C MET F 328 -20.47 23.48 -17.93
N ASN F 329 -20.80 22.19 -18.01
CA ASN F 329 -21.76 21.61 -17.09
C ASN F 329 -21.25 21.32 -15.69
N ASN F 330 -20.74 22.36 -15.05
CA ASN F 330 -20.21 22.29 -13.67
C ASN F 330 -20.79 23.48 -12.91
N PRO F 331 -21.15 23.29 -11.63
CA PRO F 331 -21.72 24.35 -10.80
C PRO F 331 -21.12 25.75 -10.97
N GLU F 332 -19.80 25.89 -10.84
CA GLU F 332 -19.17 27.20 -10.99
C GLU F 332 -19.51 27.89 -12.31
N ILE F 333 -19.55 27.12 -13.39
CA ILE F 333 -19.84 27.68 -14.70
C ILE F 333 -21.34 27.85 -14.91
N ILE F 334 -22.13 26.84 -14.55
CA ILE F 334 -23.58 26.91 -14.70
C ILE F 334 -24.11 28.17 -14.00
N ASN F 335 -23.56 28.45 -12.83
CA ASN F 335 -23.99 29.62 -12.08
C ASN F 335 -23.69 30.95 -12.80
N GLU F 336 -22.44 31.17 -13.20
CA GLU F 336 -22.10 32.43 -13.86
C GLU F 336 -22.78 32.57 -15.22
N MET F 337 -22.94 31.46 -15.93
CA MET F 337 -23.59 31.46 -17.23
C MET F 337 -25.07 31.84 -17.11
N THR F 338 -25.76 31.16 -16.20
CA THR F 338 -27.19 31.41 -16.00
C THR F 338 -27.43 32.85 -15.54
N ARG F 339 -26.52 33.37 -14.72
CA ARG F 339 -26.65 34.75 -14.26
C ARG F 339 -26.43 35.79 -15.38
N MET F 340 -25.38 35.62 -16.17
CA MET F 340 -25.14 36.56 -17.27
C MET F 340 -26.32 36.52 -18.23
N ARG F 341 -26.77 35.30 -18.54
CA ARG F 341 -27.90 35.11 -19.44
C ARG F 341 -29.19 35.78 -18.99
N MET F 342 -29.56 35.58 -17.73
CA MET F 342 -30.80 36.18 -17.23
C MET F 342 -30.69 37.70 -17.14
N GLU F 343 -29.52 38.19 -16.74
CA GLU F 343 -29.32 39.64 -16.63
C GLU F 343 -29.39 40.36 -17.98
N MET F 344 -29.04 39.67 -19.06
CA MET F 344 -29.09 40.30 -20.39
C MET F 344 -30.22 39.82 -21.30
N LEU F 345 -30.89 38.74 -20.91
CA LEU F 345 -31.97 38.22 -21.75
C LEU F 345 -33.27 37.97 -20.99
N GLY F 346 -33.29 38.29 -19.71
CA GLY F 346 -34.50 38.04 -18.95
C GLY F 346 -34.73 36.55 -18.95
N THR F 347 -35.89 36.12 -19.45
CA THR F 347 -36.23 34.69 -19.51
C THR F 347 -36.23 34.12 -20.93
N SER F 348 -35.71 34.88 -21.89
CA SER F 348 -35.71 34.41 -23.28
C SER F 348 -34.54 33.51 -23.70
N PHE F 349 -34.32 32.42 -22.95
CA PHE F 349 -33.27 31.45 -23.25
C PHE F 349 -33.61 30.12 -22.58
N ILE F 350 -32.86 29.08 -22.93
CA ILE F 350 -33.07 27.75 -22.36
C ILE F 350 -31.84 27.49 -21.49
N PRO F 351 -31.98 27.61 -20.17
CA PRO F 351 -30.86 27.40 -19.26
C PRO F 351 -30.10 26.10 -19.30
N GLN F 352 -30.78 24.97 -19.41
CA GLN F 352 -30.06 23.71 -19.36
C GLN F 352 -30.65 22.54 -20.15
N HIS F 353 -29.79 21.55 -20.35
CA HIS F 353 -30.11 20.26 -20.99
C HIS F 353 -29.18 19.31 -20.23
N SER F 354 -29.50 18.02 -20.19
CA SER F 354 -28.68 17.08 -19.43
C SER F 354 -27.53 16.41 -20.15
N ASP F 355 -27.70 16.12 -21.43
CA ASP F 355 -26.67 15.43 -22.22
C ASP F 355 -26.50 14.01 -21.68
N ALA F 356 -27.53 13.52 -21.01
CA ALA F 356 -27.48 12.18 -20.43
C ALA F 356 -27.14 11.08 -21.44
N ARG F 357 -26.10 10.30 -21.11
CA ARG F 357 -25.69 9.17 -21.94
C ARG F 357 -26.19 7.90 -21.24
N VAL F 358 -26.51 8.04 -19.96
CA VAL F 358 -26.99 6.94 -19.13
C VAL F 358 -28.30 7.41 -18.49
N LEU F 359 -29.37 6.62 -18.66
CA LEU F 359 -30.70 6.95 -18.15
C LEU F 359 -30.81 7.62 -16.78
N GLU F 360 -30.25 6.99 -15.75
CA GLU F 360 -30.33 7.53 -14.40
C GLU F 360 -29.74 8.94 -14.19
N GLN F 361 -28.86 9.37 -15.11
CA GLN F 361 -28.25 10.69 -14.99
C GLN F 361 -29.29 11.81 -15.02
N LEU F 362 -30.46 11.56 -15.60
CA LEU F 362 -31.50 12.59 -15.65
C LEU F 362 -31.76 13.06 -14.22
N ILE F 363 -31.63 12.15 -13.27
CA ILE F 363 -31.85 12.47 -11.87
C ILE F 363 -30.89 13.54 -11.36
N TYR F 364 -29.58 13.26 -11.41
CA TYR F 364 -28.62 14.24 -10.90
C TYR F 364 -28.44 15.47 -11.78
N LYS F 365 -28.46 15.30 -13.09
CA LYS F 365 -28.30 16.43 -13.99
C LYS F 365 -29.34 17.51 -13.70
N TRP F 366 -30.61 17.13 -13.56
CA TRP F 366 -31.66 18.10 -13.29
C TRP F 366 -31.74 18.52 -11.83
N HIS F 367 -31.35 17.64 -10.93
CA HIS F 367 -31.38 17.99 -9.52
C HIS F 367 -30.29 19.05 -9.25
N HIS F 368 -29.09 18.80 -9.78
CA HIS F 368 -27.98 19.74 -9.59
C HIS F 368 -28.24 21.07 -10.28
N SER F 369 -28.77 21.04 -11.51
CA SER F 369 -29.04 22.27 -12.24
C SER F 369 -30.23 23.06 -11.71
N LYS F 370 -31.31 22.36 -11.35
CA LYS F 370 -32.47 23.05 -10.82
C LYS F 370 -32.13 23.82 -9.56
N SER F 371 -31.21 23.27 -8.75
CA SER F 371 -30.77 23.92 -7.51
C SER F 371 -30.17 25.27 -7.82
N ILE F 372 -29.26 25.28 -8.79
CA ILE F 372 -28.58 26.51 -9.18
C ILE F 372 -29.52 27.50 -9.84
N ILE F 373 -30.31 27.03 -10.79
CA ILE F 373 -31.24 27.89 -11.49
C ILE F 373 -32.23 28.52 -10.52
N ALA F 374 -32.69 27.74 -9.55
CA ALA F 374 -33.63 28.28 -8.55
C ALA F 374 -32.99 29.41 -7.75
N GLU F 375 -31.73 29.25 -7.35
CA GLU F 375 -31.04 30.29 -6.58
C GLU F 375 -30.91 31.56 -7.43
N VAL F 376 -30.55 31.40 -8.70
CA VAL F 376 -30.45 32.57 -9.59
C VAL F 376 -31.83 33.25 -9.66
N LEU F 377 -32.89 32.48 -9.90
CA LEU F 377 -34.24 33.05 -9.95
C LEU F 377 -34.60 33.80 -8.66
N ILE F 378 -34.30 33.20 -7.51
CA ILE F 378 -34.62 33.82 -6.23
C ILE F 378 -33.93 35.19 -6.15
N ASP F 379 -32.67 35.27 -6.57
CA ASP F 379 -31.97 36.55 -6.55
C ASP F 379 -32.60 37.60 -7.45
N LYS F 380 -32.91 37.21 -8.68
CA LYS F 380 -33.50 38.16 -9.61
C LYS F 380 -34.91 38.59 -9.20
N TYR F 381 -35.70 37.67 -8.65
CA TYR F 381 -37.04 38.04 -8.20
C TYR F 381 -36.93 38.95 -6.98
N ASP F 382 -35.99 38.64 -6.09
CA ASP F 382 -35.80 39.45 -4.90
C ASP F 382 -35.39 40.86 -5.28
N ASP F 383 -34.60 40.99 -6.34
CA ASP F 383 -34.18 42.30 -6.78
C ASP F 383 -35.34 43.16 -7.25
N ILE F 384 -36.26 42.60 -8.02
CA ILE F 384 -37.38 43.42 -8.46
C ILE F 384 -38.41 43.61 -7.34
N LEU F 385 -38.47 42.66 -6.41
CA LEU F 385 -39.38 42.81 -5.27
C LEU F 385 -38.90 44.04 -4.51
N GLN F 386 -37.58 44.19 -4.42
CA GLN F 386 -36.95 45.31 -3.73
C GLN F 386 -37.22 46.63 -4.49
N ALA F 387 -37.40 46.55 -5.80
CA ALA F 387 -37.67 47.73 -6.61
C ALA F 387 -39.16 48.06 -6.55
N GLY F 388 -39.90 47.30 -5.76
CA GLY F 388 -41.33 47.54 -5.61
C GLY F 388 -42.26 46.74 -6.50
N TRP F 389 -41.70 45.81 -7.25
CA TRP F 389 -42.53 44.99 -8.13
C TRP F 389 -43.18 43.89 -7.32
N GLU F 390 -44.45 43.65 -7.61
CA GLU F 390 -45.17 42.61 -6.90
C GLU F 390 -45.24 41.35 -7.77
N VAL F 391 -44.34 40.40 -7.49
CA VAL F 391 -44.30 39.15 -8.23
C VAL F 391 -45.32 38.20 -7.66
N THR F 392 -46.05 37.50 -8.52
CA THR F 392 -47.05 36.56 -8.06
C THR F 392 -46.55 35.14 -8.30
N GLU F 393 -46.96 34.22 -7.44
CA GLU F 393 -46.56 32.84 -7.54
C GLU F 393 -46.95 32.27 -8.90
N GLU F 394 -48.06 32.75 -9.45
CA GLU F 394 -48.50 32.26 -10.74
C GLU F 394 -47.54 32.72 -11.83
N GLU F 395 -47.03 33.94 -11.71
CA GLU F 395 -46.08 34.45 -12.70
C GLU F 395 -44.78 33.67 -12.58
N ILE F 396 -44.41 33.30 -11.36
CA ILE F 396 -43.19 32.53 -11.12
C ILE F 396 -43.32 31.17 -11.82
N LYS F 397 -44.48 30.53 -11.68
CA LYS F 397 -44.71 29.24 -12.32
C LYS F 397 -44.63 29.40 -13.83
N ARG F 398 -45.20 30.48 -14.34
CA ARG F 398 -45.17 30.76 -15.76
C ARG F 398 -43.70 30.86 -16.22
N ASP F 399 -42.94 31.75 -15.59
CA ASP F 399 -41.54 31.92 -15.95
C ASP F 399 -40.76 30.60 -15.88
N VAL F 400 -40.97 29.83 -14.82
CA VAL F 400 -40.29 28.56 -14.66
C VAL F 400 -40.68 27.60 -15.80
N ALA F 401 -41.93 27.67 -16.23
CA ALA F 401 -42.39 26.81 -17.32
C ALA F 401 -41.68 27.18 -18.61
N ASP F 402 -41.48 28.48 -18.85
CA ASP F 402 -40.79 28.93 -20.06
C ASP F 402 -39.35 28.43 -20.13
N LEU F 403 -38.60 28.63 -19.05
CA LEU F 403 -37.22 28.22 -18.99
C LEU F 403 -36.98 26.72 -19.18
N PHE F 404 -37.75 25.90 -18.48
CA PHE F 404 -37.57 24.45 -18.54
C PHE F 404 -38.33 23.69 -19.63
N SER F 405 -39.22 24.36 -20.35
CA SER F 405 -39.96 23.63 -21.38
C SER F 405 -40.60 24.43 -22.50
N ARG F 406 -41.41 25.42 -22.15
CA ARG F 406 -42.11 26.22 -23.16
C ARG F 406 -41.25 26.99 -24.14
N ASN F 407 -40.12 27.53 -23.68
CA ASN F 407 -39.28 28.28 -24.59
C ASN F 407 -38.81 27.43 -25.76
N PHE F 408 -38.49 26.17 -25.47
CA PHE F 408 -38.01 25.25 -26.50
C PHE F 408 -39.08 24.86 -27.52
N TRP F 409 -40.21 24.32 -27.04
CA TRP F 409 -41.27 23.92 -27.95
C TRP F 409 -41.74 25.12 -28.75
N ARG F 410 -41.71 26.29 -28.13
CA ARG F 410 -42.11 27.53 -28.77
C ARG F 410 -41.13 27.88 -29.88
N PHE F 411 -39.85 27.62 -29.65
CA PHE F 411 -38.84 27.94 -30.64
C PHE F 411 -38.87 26.98 -31.83
N VAL F 412 -38.99 25.69 -31.55
CA VAL F 412 -39.03 24.68 -32.60
C VAL F 412 -40.35 24.70 -33.38
N GLY F 413 -41.37 25.30 -32.79
CA GLY F 413 -42.67 25.38 -33.45
C GLY F 413 -43.55 24.14 -33.30
N ARG F 414 -43.68 23.65 -32.07
CA ARG F 414 -44.50 22.46 -31.78
C ARG F 414 -45.09 22.49 -30.37
N SER G 2 -1.81 33.00 20.30
CA SER G 2 -2.94 33.99 20.29
C SER G 2 -4.00 33.58 19.27
N ILE G 3 -5.19 33.25 19.77
CA ILE G 3 -6.29 32.86 18.90
C ILE G 3 -6.91 34.11 18.29
N ASN G 4 -6.86 34.20 16.96
CA ASN G 4 -7.42 35.35 16.26
C ASN G 4 -8.83 35.09 15.73
N SER G 5 -9.26 33.83 15.72
CA SER G 5 -10.58 33.49 15.22
C SER G 5 -11.37 32.59 16.18
N ARG G 6 -12.70 32.62 16.05
CA ARG G 6 -13.56 31.80 16.89
C ARG G 6 -13.40 30.34 16.49
N GLU G 7 -12.98 30.13 15.24
CA GLU G 7 -12.76 28.77 14.74
C GLU G 7 -11.56 28.15 15.42
N VAL G 8 -10.48 28.91 15.56
CA VAL G 8 -9.28 28.39 16.19
C VAL G 8 -9.56 28.26 17.68
N LEU G 9 -10.30 29.21 18.22
CA LEU G 9 -10.65 29.19 19.63
C LEU G 9 -11.41 27.89 19.94
N ALA G 10 -12.47 27.66 19.16
CA ALA G 10 -13.31 26.48 19.31
C ALA G 10 -12.51 25.18 19.21
N GLU G 11 -11.59 25.11 18.26
CA GLU G 11 -10.76 23.92 18.10
C GLU G 11 -9.94 23.68 19.37
N LYS G 12 -9.29 24.73 19.84
CA LYS G 12 -8.46 24.63 21.03
C LYS G 12 -9.25 24.31 22.28
N VAL G 13 -10.38 24.97 22.47
CA VAL G 13 -11.22 24.71 23.64
C VAL G 13 -11.69 23.25 23.66
N LYS G 14 -12.29 22.80 22.57
CA LYS G 14 -12.79 21.44 22.50
C LYS G 14 -11.67 20.43 22.73
N ASN G 15 -10.49 20.73 22.19
CA ASN G 15 -9.36 19.84 22.37
C ASN G 15 -8.98 19.81 23.85
N ALA G 16 -8.89 20.98 24.47
CA ALA G 16 -8.56 21.05 25.88
C ALA G 16 -9.55 20.23 26.70
N VAL G 17 -10.84 20.50 26.47
CA VAL G 17 -11.90 19.81 27.17
C VAL G 17 -11.85 18.28 27.01
N ASN G 18 -11.70 17.81 25.78
CA ASN G 18 -11.65 16.38 25.54
C ASN G 18 -10.44 15.68 26.17
N ASN G 19 -9.28 16.32 26.10
CA ASN G 19 -8.07 15.73 26.67
C ASN G 19 -7.93 15.87 28.19
N GLN G 20 -8.60 16.86 28.78
CA GLN G 20 -8.50 17.06 30.22
C GLN G 20 -8.96 15.84 31.04
N PRO G 21 -8.04 15.20 31.78
CA PRO G 21 -8.40 14.04 32.58
C PRO G 21 -9.47 14.50 33.56
N VAL G 22 -10.47 13.66 33.80
CA VAL G 22 -11.53 14.06 34.68
C VAL G 22 -11.47 13.52 36.11
N THR G 23 -11.84 14.37 37.05
CA THR G 23 -11.92 13.97 38.45
C THR G 23 -13.41 14.03 38.71
N ASP G 24 -14.05 12.87 38.81
CA ASP G 24 -15.48 12.77 39.06
C ASP G 24 -15.67 12.76 40.58
N MET G 25 -15.96 13.91 41.15
CA MET G 25 -16.08 13.98 42.60
C MET G 25 -17.32 13.42 43.28
N HIS G 26 -18.15 12.72 42.52
CA HIS G 26 -19.33 12.06 43.07
C HIS G 26 -19.98 11.05 42.13
N THR G 27 -19.88 9.78 42.52
CA THR G 27 -20.47 8.70 41.74
C THR G 27 -20.94 7.63 42.72
N HIS G 28 -21.47 6.54 42.18
CA HIS G 28 -21.92 5.44 43.00
C HIS G 28 -21.22 4.19 42.52
N LEU G 29 -19.96 4.39 42.13
CA LEU G 29 -19.12 3.29 41.67
C LEU G 29 -18.18 2.94 42.81
N PHE G 30 -17.54 1.79 42.70
CA PHE G 30 -16.61 1.31 43.71
C PHE G 30 -15.37 0.74 43.04
N SER G 31 -14.22 0.86 43.69
CA SER G 31 -12.98 0.31 43.17
C SER G 31 -13.30 -1.18 42.90
N PRO G 32 -12.87 -1.70 41.74
CA PRO G 32 -13.12 -3.10 41.37
C PRO G 32 -12.76 -4.19 42.37
N ASN G 33 -11.82 -3.91 43.27
CA ASN G 33 -11.43 -4.92 44.25
C ASN G 33 -12.50 -5.11 45.33
N PHE G 34 -13.52 -4.25 45.33
CA PHE G 34 -14.60 -4.38 46.29
C PHE G 34 -15.62 -5.45 45.92
N GLY G 35 -15.53 -5.96 44.69
CA GLY G 35 -16.45 -6.99 44.25
C GLY G 35 -17.64 -6.57 43.41
N GLU G 36 -18.64 -7.45 43.37
CA GLU G 36 -19.85 -7.23 42.59
C GLU G 36 -20.60 -5.95 42.93
N ILE G 37 -20.22 -5.30 44.03
CA ILE G 37 -20.87 -4.07 44.43
C ILE G 37 -20.71 -3.05 43.30
N LEU G 38 -19.71 -3.27 42.46
CA LEU G 38 -19.46 -2.41 41.30
C LEU G 38 -20.33 -2.96 40.19
N LEU G 39 -21.31 -2.18 39.75
CA LEU G 39 -22.21 -2.62 38.69
C LEU G 39 -21.69 -2.23 37.31
N TRP G 40 -21.85 -3.12 36.34
CA TRP G 40 -21.41 -2.84 34.99
C TRP G 40 -21.95 -3.85 33.98
N ASP G 41 -22.05 -3.36 32.74
CA ASP G 41 -22.50 -4.07 31.53
C ASP G 41 -23.85 -3.55 31.03
N ILE G 42 -24.17 -3.89 29.78
CA ILE G 42 -25.39 -3.43 29.13
C ILE G 42 -26.69 -3.64 29.91
N ASP G 43 -26.86 -4.81 30.53
CA ASP G 43 -28.08 -5.04 31.28
C ASP G 43 -28.18 -4.12 32.50
N GLU G 44 -27.05 -3.79 33.09
CA GLU G 44 -27.04 -2.88 34.23
C GLU G 44 -27.41 -1.49 33.74
N LEU G 45 -26.89 -1.11 32.57
CA LEU G 45 -27.19 0.19 32.00
C LEU G 45 -28.69 0.33 31.72
N LEU G 46 -29.27 -0.69 31.09
CA LEU G 46 -30.70 -0.68 30.77
C LEU G 46 -31.62 -0.71 31.98
N THR G 47 -31.13 -1.26 33.09
CA THR G 47 -31.94 -1.34 34.31
C THR G 47 -31.62 -0.25 35.33
N TYR G 48 -30.92 0.78 34.86
CA TYR G 48 -30.58 1.96 35.66
C TYR G 48 -31.95 2.48 36.11
N HIS G 49 -32.10 2.88 37.37
CA HIS G 49 -33.42 3.29 37.80
C HIS G 49 -34.02 4.47 37.03
N TYR G 50 -33.17 5.24 36.34
CA TYR G 50 -33.70 6.34 35.55
C TYR G 50 -34.57 5.75 34.45
N LEU G 51 -34.17 4.58 33.94
CA LEU G 51 -34.92 3.93 32.87
C LEU G 51 -36.09 3.11 33.41
N VAL G 52 -36.04 2.74 34.68
CA VAL G 52 -37.14 1.98 35.27
C VAL G 52 -38.32 2.94 35.37
N ALA G 53 -38.06 4.16 35.85
CA ALA G 53 -39.11 5.15 35.98
C ALA G 53 -39.71 5.44 34.62
N GLU G 54 -38.87 5.56 33.60
CA GLU G 54 -39.36 5.85 32.26
C GLU G 54 -40.16 4.73 31.61
N VAL G 55 -39.71 3.49 31.75
CA VAL G 55 -40.45 2.38 31.15
C VAL G 55 -41.84 2.23 31.80
N MET G 56 -41.94 2.50 33.09
CA MET G 56 -43.23 2.37 33.77
C MET G 56 -44.29 3.34 33.26
N ARG G 57 -43.88 4.37 32.52
CA ARG G 57 -44.86 5.30 31.98
C ARG G 57 -45.46 4.72 30.69
N TRP G 58 -44.87 3.64 30.20
CA TRP G 58 -45.33 3.01 28.96
C TRP G 58 -45.87 1.58 29.05
N THR G 59 -45.10 0.72 29.70
CA THR G 59 -45.43 -0.70 29.81
C THR G 59 -46.69 -1.09 30.58
N ASP G 60 -47.35 -2.16 30.09
CA ASP G 60 -48.55 -2.69 30.72
C ASP G 60 -48.15 -3.55 31.91
N VAL G 61 -46.88 -3.96 31.93
CA VAL G 61 -46.37 -4.78 33.01
C VAL G 61 -46.48 -4.02 34.33
N SER G 62 -46.99 -4.71 35.34
CA SER G 62 -47.13 -4.10 36.66
C SER G 62 -45.74 -3.95 37.22
N ILE G 63 -45.56 -3.02 38.15
CA ILE G 63 -44.27 -2.81 38.75
C ILE G 63 -43.88 -4.06 39.55
N GLU G 64 -44.88 -4.76 40.09
CA GLU G 64 -44.64 -5.98 40.85
C GLU G 64 -44.02 -7.01 39.91
N ALA G 65 -44.65 -7.21 38.77
CA ALA G 65 -44.16 -8.17 37.78
C ALA G 65 -42.74 -7.81 37.34
N PHE G 66 -42.47 -6.51 37.20
CA PHE G 66 -41.15 -6.04 36.78
C PHE G 66 -40.05 -6.50 37.74
N TRP G 67 -40.24 -6.24 39.02
CA TRP G 67 -39.26 -6.62 40.02
C TRP G 67 -39.08 -8.13 40.12
N ALA G 68 -40.13 -8.86 39.74
CA ALA G 68 -40.08 -10.32 39.78
C ALA G 68 -39.29 -10.88 38.60
N MET G 69 -39.14 -10.09 37.54
CA MET G 69 -38.40 -10.54 36.36
C MET G 69 -36.91 -10.58 36.66
N SER G 70 -36.18 -11.35 35.85
CA SER G 70 -34.74 -11.44 36.00
C SER G 70 -34.15 -10.13 35.46
N LYS G 71 -32.89 -9.86 35.78
CA LYS G 71 -32.24 -8.65 35.30
C LYS G 71 -32.30 -8.60 33.78
N ARG G 72 -32.09 -9.75 33.15
CA ARG G 72 -32.13 -9.82 31.69
C ARG G 72 -33.50 -9.50 31.13
N GLU G 73 -34.54 -10.07 31.74
CA GLU G 73 -35.90 -9.84 31.27
C GLU G 73 -36.28 -8.36 31.44
N GLN G 74 -35.85 -7.74 32.54
CA GLN G 74 -36.13 -6.34 32.79
C GLN G 74 -35.44 -5.54 31.68
N ALA G 75 -34.18 -5.90 31.42
CA ALA G 75 -33.37 -5.26 30.39
C ALA G 75 -34.06 -5.37 29.04
N ASP G 76 -34.53 -6.58 28.71
CA ASP G 76 -35.20 -6.81 27.45
C ASP G 76 -36.45 -5.93 27.36
N LEU G 77 -37.21 -5.86 28.44
CA LEU G 77 -38.44 -5.07 28.45
C LEU G 77 -38.15 -3.58 28.24
N ILE G 78 -37.18 -3.05 28.98
CA ILE G 78 -36.86 -1.64 28.85
C ILE G 78 -36.40 -1.33 27.43
N TRP G 79 -35.60 -2.22 26.85
CA TRP G 79 -35.10 -2.03 25.49
C TRP G 79 -36.24 -1.98 24.47
N GLU G 80 -37.20 -2.89 24.60
CA GLU G 80 -38.32 -2.94 23.66
C GLU G 80 -39.27 -1.75 23.79
N GLU G 81 -39.58 -1.40 25.03
CA GLU G 81 -40.51 -0.31 25.34
C GLU G 81 -39.97 1.10 25.11
N LEU G 82 -38.71 1.34 25.47
CA LEU G 82 -38.14 2.67 25.31
C LEU G 82 -37.27 2.90 24.08
N PHE G 83 -36.78 1.82 23.46
CA PHE G 83 -35.91 1.98 22.29
C PHE G 83 -36.52 1.52 20.98
N ILE G 84 -37.36 0.50 21.04
CA ILE G 84 -37.98 -0.03 19.83
C ILE G 84 -39.39 0.50 19.54
N LYS G 85 -40.25 0.48 20.56
CA LYS G 85 -41.63 0.97 20.40
C LYS G 85 -41.73 2.49 20.30
N ARG G 86 -40.71 3.19 20.80
CA ARG G 86 -40.64 4.65 20.74
C ARG G 86 -39.16 4.98 20.59
N SER G 87 -38.84 6.07 19.89
CA SER G 87 -37.43 6.44 19.71
C SER G 87 -36.82 6.77 21.07
N PRO G 88 -35.60 6.27 21.33
CA PRO G 88 -34.91 6.52 22.60
C PRO G 88 -34.35 7.94 22.69
N VAL G 89 -35.22 8.94 22.64
CA VAL G 89 -34.78 10.32 22.69
C VAL G 89 -34.51 10.93 24.06
N SER G 90 -34.96 10.30 25.15
CA SER G 90 -34.72 10.88 26.47
C SER G 90 -33.23 10.89 26.79
N GLU G 91 -32.81 11.78 27.68
CA GLU G 91 -31.40 11.87 28.03
C GLU G 91 -30.84 10.53 28.50
N ALA G 92 -31.56 9.87 29.41
CA ALA G 92 -31.11 8.59 29.93
C ALA G 92 -31.00 7.53 28.84
N CYS G 93 -31.93 7.51 27.90
CA CYS G 93 -31.87 6.50 26.82
C CYS G 93 -30.76 6.82 25.84
N ARG G 94 -30.58 8.10 25.57
CA ARG G 94 -29.53 8.56 24.66
C ARG G 94 -28.21 8.12 25.30
N GLY G 95 -28.13 8.29 26.61
CA GLY G 95 -26.94 7.91 27.35
C GLY G 95 -26.52 6.47 27.12
N VAL G 96 -27.50 5.56 27.12
CA VAL G 96 -27.20 4.15 26.90
C VAL G 96 -26.55 3.95 25.53
N LEU G 97 -27.07 4.65 24.53
CA LEU G 97 -26.52 4.53 23.18
C LEU G 97 -25.11 5.10 23.09
N THR G 98 -24.86 6.20 23.78
CA THR G 98 -23.52 6.80 23.76
C THR G 98 -22.53 5.80 24.35
N CYS G 99 -22.94 5.13 25.43
CA CYS G 99 -22.08 4.14 26.06
C CYS G 99 -21.74 3.02 25.09
N LEU G 100 -22.76 2.48 24.44
CA LEU G 100 -22.53 1.40 23.50
C LEU G 100 -21.56 1.83 22.40
N GLN G 101 -21.86 2.96 21.77
CA GLN G 101 -20.99 3.47 20.70
C GLN G 101 -19.54 3.67 21.18
N GLY G 102 -19.39 4.26 22.37
CA GLY G 102 -18.06 4.50 22.90
C GLY G 102 -17.23 3.22 23.05
N LEU G 103 -17.91 2.11 23.30
CA LEU G 103 -17.25 0.82 23.46
C LEU G 103 -17.00 0.14 22.12
N GLY G 104 -17.34 0.82 21.04
CA GLY G 104 -17.13 0.24 19.73
C GLY G 104 -18.28 -0.61 19.20
N LEU G 105 -19.33 -0.78 20.00
CA LEU G 105 -20.48 -1.55 19.56
C LEU G 105 -21.29 -0.67 18.63
N ASP G 106 -22.09 -1.26 17.76
CA ASP G 106 -22.87 -0.48 16.80
C ASP G 106 -24.37 -0.45 17.08
N PRO G 107 -24.87 0.71 17.54
CA PRO G 107 -26.28 0.94 17.87
C PRO G 107 -27.23 0.79 16.67
N ALA G 108 -26.70 1.02 15.48
CA ALA G 108 -27.50 0.92 14.26
C ALA G 108 -28.13 -0.46 14.07
N THR G 109 -27.42 -1.51 14.47
CA THR G 109 -27.94 -2.87 14.31
C THR G 109 -28.98 -3.24 15.37
N ARG G 110 -29.03 -2.48 16.45
CA ARG G 110 -29.98 -2.75 17.53
C ARG G 110 -29.88 -4.22 17.95
N ASP G 111 -28.67 -4.77 17.90
CA ASP G 111 -28.44 -6.16 18.26
C ASP G 111 -28.03 -6.28 19.73
N LEU G 112 -29.02 -6.38 20.61
CA LEU G 112 -28.76 -6.48 22.04
C LEU G 112 -28.02 -7.78 22.39
N GLN G 113 -28.21 -8.81 21.57
CA GLN G 113 -27.56 -10.10 21.77
C GLN G 113 -26.06 -9.90 21.62
N VAL G 114 -25.67 -9.24 20.53
CA VAL G 114 -24.27 -8.99 20.27
C VAL G 114 -23.66 -8.05 21.31
N TYR G 115 -24.40 -7.02 21.73
CA TYR G 115 -23.86 -6.09 22.72
C TYR G 115 -23.52 -6.83 24.01
N ARG G 116 -24.39 -7.77 24.39
CA ARG G 116 -24.21 -8.54 25.61
C ARG G 116 -22.96 -9.43 25.57
N GLU G 117 -22.66 -10.00 24.42
CA GLU G 117 -21.49 -10.86 24.28
C GLU G 117 -20.20 -10.12 24.64
N TYR G 118 -20.12 -8.85 24.27
CA TYR G 118 -18.95 -8.03 24.53
C TYR G 118 -18.57 -8.02 26.02
N PHE G 119 -19.58 -7.87 26.87
CA PHE G 119 -19.36 -7.80 28.32
C PHE G 119 -19.09 -9.15 28.99
N ALA G 120 -19.61 -10.21 28.41
CA ALA G 120 -19.43 -11.56 28.95
C ALA G 120 -17.98 -12.02 28.92
N LYS G 121 -17.24 -11.58 27.91
CA LYS G 121 -15.85 -11.97 27.74
C LYS G 121 -14.84 -11.03 28.40
N LYS G 122 -15.24 -10.37 29.48
CA LYS G 122 -14.37 -9.44 30.16
C LYS G 122 -14.51 -9.48 31.68
N THR G 123 -13.47 -9.05 32.39
CA THR G 123 -13.48 -9.02 33.84
C THR G 123 -13.76 -7.59 34.30
N SER G 124 -14.11 -7.43 35.57
CA SER G 124 -14.38 -6.11 36.12
C SER G 124 -13.16 -5.21 35.95
N GLU G 125 -11.99 -5.75 36.25
CA GLU G 125 -10.73 -5.01 36.14
C GLU G 125 -10.54 -4.42 34.75
N GLU G 126 -10.66 -5.26 33.74
CA GLU G 126 -10.49 -4.84 32.36
C GLU G 126 -11.47 -3.73 31.98
N GLN G 127 -12.76 -3.95 32.24
CA GLN G 127 -13.77 -2.96 31.89
C GLN G 127 -13.49 -1.65 32.59
N VAL G 128 -13.00 -1.71 33.82
CA VAL G 128 -12.69 -0.48 34.55
C VAL G 128 -11.60 0.25 33.78
N ASP G 129 -10.59 -0.50 33.32
CA ASP G 129 -9.49 0.10 32.57
C ASP G 129 -10.02 0.71 31.28
N THR G 130 -10.79 -0.09 30.53
CA THR G 130 -11.38 0.35 29.26
C THR G 130 -12.21 1.62 29.40
N VAL G 131 -13.18 1.58 30.31
CA VAL G 131 -14.06 2.72 30.53
C VAL G 131 -13.34 3.97 31.03
N LEU G 132 -12.54 3.86 32.08
CA LEU G 132 -11.86 5.03 32.60
C LEU G 132 -10.99 5.64 31.51
N GLN G 133 -10.53 4.80 30.60
CA GLN G 133 -9.70 5.25 29.50
C GLN G 133 -10.60 5.94 28.45
N LEU G 134 -11.66 5.27 28.04
CA LEU G 134 -12.59 5.85 27.07
C LEU G 134 -13.18 7.16 27.55
N ALA G 135 -13.52 7.24 28.83
CA ALA G 135 -14.12 8.43 29.40
C ALA G 135 -13.11 9.44 29.91
N ASN G 136 -11.83 9.10 29.77
CA ASN G 136 -10.75 9.98 30.21
C ASN G 136 -10.97 10.46 31.65
N VAL G 137 -11.29 9.52 32.53
CA VAL G 137 -11.52 9.84 33.94
C VAL G 137 -10.34 9.29 34.72
N SER G 138 -9.61 10.18 35.38
CA SER G 138 -8.44 9.74 36.14
C SER G 138 -8.83 9.36 37.57
N ASP G 139 -9.69 10.17 38.18
CA ASP G 139 -10.12 9.94 39.55
C ASP G 139 -11.64 9.82 39.73
N VAL G 140 -12.05 8.86 40.55
CA VAL G 140 -13.46 8.62 40.84
C VAL G 140 -13.69 8.68 42.35
N VAL G 141 -14.63 9.52 42.78
CA VAL G 141 -14.97 9.62 44.19
C VAL G 141 -16.23 8.78 44.39
N MET G 142 -16.12 7.74 45.22
CA MET G 142 -17.23 6.84 45.50
C MET G 142 -18.15 7.46 46.53
N THR G 143 -19.20 6.72 46.87
CA THR G 143 -20.13 7.14 47.90
C THR G 143 -20.04 5.95 48.87
N ASN G 144 -19.39 6.15 50.00
CA ASN G 144 -19.22 5.06 50.95
C ASN G 144 -20.09 5.14 52.18
N ASP G 145 -21.05 4.22 52.24
CA ASP G 145 -22.02 4.14 53.33
C ASP G 145 -21.68 2.98 54.27
N PRO G 146 -21.12 3.31 55.44
CA PRO G 146 -20.75 2.27 56.42
C PRO G 146 -21.97 1.52 56.96
N PHE G 147 -23.16 2.07 56.73
CA PHE G 147 -24.39 1.45 57.21
C PHE G 147 -24.89 0.33 56.31
N ASP G 148 -24.35 0.24 55.09
CA ASP G 148 -24.76 -0.83 54.19
C ASP G 148 -23.90 -2.04 54.50
N ASP G 149 -24.55 -3.13 54.89
CA ASP G 149 -23.86 -4.38 55.22
C ASP G 149 -22.91 -4.85 54.13
N ASN G 150 -23.42 -4.90 52.89
CA ASN G 150 -22.61 -5.36 51.78
C ASN G 150 -21.35 -4.57 51.52
N GLU G 151 -21.34 -3.29 51.90
CA GLU G 151 -20.15 -2.47 51.69
C GLU G 151 -19.23 -2.54 52.91
N ARG G 152 -19.80 -2.37 54.08
CA ARG G 152 -19.04 -2.40 55.33
C ARG G 152 -18.15 -3.64 55.46
N ILE G 153 -18.64 -4.79 55.03
CA ILE G 153 -17.86 -6.01 55.13
C ILE G 153 -16.49 -5.86 54.49
N SER G 154 -16.47 -5.24 53.31
CA SER G 154 -15.20 -5.04 52.61
C SER G 154 -14.28 -4.10 53.39
N TRP G 155 -14.84 -2.98 53.86
CA TRP G 155 -14.03 -2.03 54.62
C TRP G 155 -13.47 -2.68 55.88
N LEU G 156 -14.23 -3.59 56.45
CA LEU G 156 -13.81 -4.26 57.68
C LEU G 156 -12.78 -5.35 57.39
N GLU G 157 -12.94 -6.04 56.27
CA GLU G 157 -12.00 -7.10 55.90
C GLU G 157 -10.70 -6.55 55.29
N GLY G 158 -10.43 -5.27 55.57
CA GLY G 158 -9.21 -4.65 55.08
C GLY G 158 -9.14 -4.10 53.66
N LYS G 159 -10.11 -4.43 52.82
CA LYS G 159 -10.09 -3.95 51.44
C LYS G 159 -9.95 -2.43 51.31
N GLN G 160 -9.00 -2.01 50.47
CA GLN G 160 -8.73 -0.60 50.22
C GLN G 160 -8.84 -0.38 48.72
N PRO G 161 -9.52 0.70 48.29
CA PRO G 161 -9.68 1.00 46.86
C PRO G 161 -8.35 1.40 46.23
N ASP G 162 -8.16 1.09 44.95
CA ASP G 162 -6.90 1.47 44.32
C ASP G 162 -6.83 2.99 44.25
N SER G 163 -5.69 3.52 43.82
CA SER G 163 -5.46 4.97 43.76
C SER G 163 -6.39 5.80 42.86
N ARG G 164 -7.16 5.15 42.00
CA ARG G 164 -8.06 5.88 41.10
C ARG G 164 -9.39 6.19 41.76
N PHE G 165 -9.74 5.41 42.78
CA PHE G 165 -10.99 5.59 43.50
C PHE G 165 -10.75 6.18 44.87
N HIS G 166 -11.55 7.18 45.23
CA HIS G 166 -11.43 7.82 46.52
C HIS G 166 -12.73 7.64 47.27
N ALA G 167 -12.68 7.76 48.59
CA ALA G 167 -13.86 7.55 49.39
C ALA G 167 -14.51 8.83 49.89
N ALA G 168 -15.81 8.72 50.10
CA ALA G 168 -16.61 9.83 50.62
C ALA G 168 -17.51 9.14 51.65
N LEU G 169 -17.43 9.61 52.89
CA LEU G 169 -18.22 9.01 53.95
C LEU G 169 -19.67 9.50 53.92
N ARG G 170 -20.55 8.65 53.39
CA ARG G 170 -21.97 8.97 53.28
C ARG G 170 -22.69 8.67 54.60
N LEU G 171 -23.30 9.69 55.19
CA LEU G 171 -23.95 9.55 56.49
C LEU G 171 -25.47 9.73 56.57
N ASP G 172 -26.20 9.48 55.48
CA ASP G 172 -27.65 9.66 55.49
C ASP G 172 -28.38 8.98 56.65
N PRO G 173 -28.12 7.68 56.89
CA PRO G 173 -28.78 6.96 57.98
C PRO G 173 -28.58 7.64 59.34
N LEU G 174 -27.35 8.05 59.60
CA LEU G 174 -27.01 8.70 60.84
C LEU G 174 -27.70 10.05 61.04
N LEU G 175 -27.61 10.92 60.04
CA LEU G 175 -28.20 12.25 60.12
C LEU G 175 -29.70 12.35 59.88
N ASN G 176 -30.25 11.49 59.04
CA ASN G 176 -31.67 11.57 58.76
C ASN G 176 -32.54 10.52 59.46
N GLU G 177 -31.92 9.44 59.93
CA GLU G 177 -32.67 8.41 60.62
C GLU G 177 -31.98 8.03 61.93
N TYR G 178 -31.62 9.02 62.72
CA TYR G 178 -30.93 8.74 63.97
C TYR G 178 -31.69 7.76 64.88
N GLU G 179 -32.99 8.01 65.07
CA GLU G 179 -33.79 7.15 65.92
C GLU G 179 -33.68 5.66 65.59
N GLN G 180 -33.59 5.34 64.31
CA GLN G 180 -33.48 3.94 63.90
C GLN G 180 -32.01 3.52 63.80
N THR G 181 -31.14 4.49 63.57
CA THR G 181 -29.71 4.21 63.46
C THR G 181 -29.01 4.17 64.82
N LYS G 182 -29.58 4.90 65.78
CA LYS G 182 -29.04 4.97 67.14
C LYS G 182 -28.72 3.58 67.69
N HIS G 183 -29.61 2.64 67.41
CA HIS G 183 -29.48 1.27 67.89
C HIS G 183 -28.40 0.46 67.19
N ARG G 184 -28.06 0.82 65.97
CA ARG G 184 -27.01 0.10 65.25
C ARG G 184 -25.65 0.51 65.79
N LEU G 185 -25.55 1.76 66.24
CA LEU G 185 -24.29 2.26 66.78
C LEU G 185 -23.96 1.52 68.08
N ARG G 186 -24.97 1.40 68.94
CA ARG G 186 -24.79 0.69 70.21
C ARG G 186 -24.29 -0.72 69.92
N ASP G 187 -24.99 -1.40 69.01
CA ASP G 187 -24.63 -2.75 68.62
C ASP G 187 -23.19 -2.84 68.12
N TRP G 188 -22.61 -1.71 67.75
CA TRP G 188 -21.24 -1.69 67.26
C TRP G 188 -20.26 -1.18 68.32
N GLY G 189 -20.79 -0.84 69.49
CA GLY G 189 -19.93 -0.36 70.56
C GLY G 189 -19.97 1.13 70.81
N TYR G 190 -20.85 1.83 70.11
CA TYR G 190 -20.97 3.27 70.30
C TYR G 190 -22.08 3.55 71.30
N LYS G 191 -21.66 3.91 72.52
CA LYS G 191 -22.59 4.14 73.61
C LYS G 191 -23.33 5.47 73.57
N VAL G 192 -24.34 5.56 72.71
CA VAL G 192 -25.14 6.77 72.62
C VAL G 192 -26.34 6.55 73.53
N ASN G 193 -26.71 7.57 74.28
CA ASN G 193 -27.83 7.46 75.21
C ASN G 193 -29.16 7.93 74.64
N ASP G 194 -30.23 7.57 75.32
CA ASP G 194 -31.58 7.94 74.90
C ASP G 194 -31.71 9.46 74.79
N GLU G 195 -30.78 10.18 75.42
CA GLU G 195 -30.80 11.64 75.37
C GLU G 195 -29.50 12.18 74.80
N TRP G 196 -29.57 13.40 74.27
CA TRP G 196 -28.39 14.03 73.67
C TRP G 196 -27.53 14.68 74.74
N ASN G 197 -26.64 13.88 75.33
CA ASN G 197 -25.74 14.36 76.36
C ASN G 197 -24.32 14.28 75.85
N GLU G 198 -23.36 14.69 76.68
CA GLU G 198 -21.96 14.67 76.29
C GLU G 198 -21.50 13.28 75.88
N GLY G 199 -22.06 12.25 76.51
CA GLY G 199 -21.68 10.89 76.17
C GLY G 199 -22.06 10.53 74.75
N SER G 200 -23.29 10.85 74.36
CA SER G 200 -23.77 10.56 73.01
C SER G 200 -22.95 11.32 71.97
N ILE G 201 -22.72 12.61 72.24
CA ILE G 201 -21.94 13.46 71.35
C ILE G 201 -20.57 12.85 71.08
N GLN G 202 -19.93 12.38 72.16
CA GLN G 202 -18.60 11.77 72.05
C GLN G 202 -18.59 10.45 71.31
N GLU G 203 -19.65 9.67 71.45
CA GLU G 203 -19.73 8.39 70.77
C GLU G 203 -19.99 8.56 69.27
N VAL G 204 -20.82 9.54 68.93
CA VAL G 204 -21.11 9.83 67.52
C VAL G 204 -19.81 10.32 66.87
N LYS G 205 -19.18 11.31 67.51
CA LYS G 205 -17.91 11.85 67.01
C LYS G 205 -16.90 10.73 66.85
N ARG G 206 -16.90 9.80 67.80
CA ARG G 206 -15.97 8.68 67.73
C ARG G 206 -16.32 7.79 66.55
N PHE G 207 -17.62 7.70 66.24
CA PHE G 207 -18.07 6.91 65.12
C PHE G 207 -17.56 7.53 63.81
N LEU G 208 -17.73 8.84 63.69
CA LEU G 208 -17.27 9.56 62.49
C LEU G 208 -15.76 9.42 62.38
N THR G 209 -15.07 9.74 63.47
CA THR G 209 -13.62 9.67 63.51
C THR G 209 -13.10 8.28 63.19
N ASP G 210 -13.76 7.25 63.71
CA ASP G 210 -13.33 5.87 63.43
C ASP G 210 -13.36 5.58 61.93
N TRP G 211 -14.43 5.99 61.28
CA TRP G 211 -14.57 5.76 59.84
C TRP G 211 -13.73 6.72 59.00
N ILE G 212 -13.57 7.95 59.46
CA ILE G 212 -12.75 8.90 58.71
C ILE G 212 -11.35 8.28 58.69
N GLU G 213 -11.03 7.59 59.77
CA GLU G 213 -9.74 6.94 59.95
C GLU G 213 -9.62 5.71 59.03
N ARG G 214 -10.70 4.94 58.94
CA ARG G 214 -10.72 3.75 58.11
C ARG G 214 -10.83 4.05 56.61
N MET G 215 -11.54 5.12 56.27
CA MET G 215 -11.74 5.50 54.86
C MET G 215 -10.83 6.60 54.31
N ASP G 216 -10.44 7.55 55.16
CA ASP G 216 -9.61 8.66 54.70
C ASP G 216 -10.38 9.28 53.53
N PRO G 217 -11.66 9.60 53.74
CA PRO G 217 -12.51 10.19 52.72
C PRO G 217 -12.14 11.63 52.35
N VAL G 218 -12.44 12.00 51.12
CA VAL G 218 -12.15 13.36 50.65
C VAL G 218 -13.15 14.33 51.28
N TYR G 219 -14.27 13.79 51.75
CA TYR G 219 -15.29 14.59 52.41
C TYR G 219 -16.42 13.71 52.96
N MET G 220 -17.23 14.30 53.85
CA MET G 220 -18.36 13.61 54.44
C MET G 220 -19.59 14.15 53.69
N ALA G 221 -20.52 13.27 53.36
CA ALA G 221 -21.71 13.69 52.60
C ALA G 221 -23.06 13.21 53.12
N VAL G 222 -24.10 13.92 52.70
CA VAL G 222 -25.47 13.60 53.08
C VAL G 222 -26.45 14.24 52.09
N SER G 223 -27.55 13.56 51.81
CA SER G 223 -28.58 14.10 50.92
C SER G 223 -29.66 14.54 51.87
N LEU G 224 -30.24 15.72 51.61
CA LEU G 224 -31.25 16.26 52.49
C LEU G 224 -32.53 16.62 51.76
N PRO G 225 -33.65 16.71 52.50
CA PRO G 225 -34.96 17.05 51.93
C PRO G 225 -35.18 18.54 51.70
N PRO G 226 -36.18 18.88 50.85
CA PRO G 226 -36.41 20.30 50.61
C PRO G 226 -36.70 21.10 51.88
N THR G 227 -37.14 20.41 52.93
CA THR G 227 -37.46 21.05 54.20
C THR G 227 -36.27 21.29 55.13
N PHE G 228 -35.09 20.86 54.71
CA PHE G 228 -33.87 21.03 55.51
C PHE G 228 -33.70 22.44 56.08
N SER G 229 -33.34 22.53 57.34
CA SER G 229 -33.12 23.82 57.96
C SER G 229 -32.03 23.72 59.01
N PHE G 230 -31.43 24.85 59.35
CA PHE G 230 -30.37 24.87 60.34
C PHE G 230 -30.12 26.30 60.78
N PRO G 231 -29.95 26.52 62.10
CA PRO G 231 -29.97 25.51 63.17
C PRO G 231 -31.32 24.80 63.27
N GLU G 232 -31.36 23.68 63.98
CA GLU G 232 -32.60 22.94 64.15
C GLU G 232 -32.52 21.99 65.34
N GLU G 233 -33.54 22.03 66.20
CA GLU G 233 -33.58 21.15 67.35
C GLU G 233 -34.17 19.80 66.97
N SER G 234 -33.36 19.02 66.27
CA SER G 234 -33.74 17.69 65.82
C SER G 234 -32.44 16.88 65.93
N ASN G 235 -32.52 15.58 65.71
CA ASN G 235 -31.32 14.77 65.80
C ASN G 235 -30.32 15.24 64.74
N ARG G 236 -30.81 15.52 63.53
CA ARG G 236 -29.95 15.97 62.45
C ARG G 236 -29.28 17.31 62.80
N GLY G 237 -30.09 18.26 63.26
CA GLY G 237 -29.57 19.57 63.62
C GLY G 237 -28.55 19.53 64.75
N ARG G 238 -28.70 18.57 65.66
CA ARG G 238 -27.78 18.43 66.79
C ARG G 238 -26.51 17.68 66.42
N ILE G 239 -26.65 16.64 65.61
CA ILE G 239 -25.50 15.85 65.19
C ILE G 239 -24.56 16.68 64.33
N ILE G 240 -25.15 17.54 63.49
CA ILE G 240 -24.36 18.39 62.62
C ILE G 240 -23.64 19.45 63.43
N ARG G 241 -24.38 20.12 64.31
CA ARG G 241 -23.82 21.18 65.15
C ARG G 241 -22.80 20.71 66.18
N ASP G 242 -23.06 19.59 66.85
CA ASP G 242 -22.16 19.10 67.89
C ASP G 242 -21.16 18.02 67.49
N CYS G 243 -21.37 17.36 66.36
CA CYS G 243 -20.46 16.31 65.95
C CYS G 243 -19.81 16.51 64.59
N LEU G 244 -20.62 16.44 63.55
CA LEU G 244 -20.16 16.60 62.16
C LEU G 244 -19.26 17.81 61.93
N LEU G 245 -19.77 19.01 62.17
CA LEU G 245 -18.98 20.23 61.95
C LEU G 245 -17.68 20.24 62.73
N PRO G 246 -17.72 19.90 64.03
CA PRO G 246 -16.49 19.90 64.84
C PRO G 246 -15.43 18.95 64.27
N VAL G 247 -15.84 17.73 63.93
CA VAL G 247 -14.93 16.74 63.38
C VAL G 247 -14.43 17.15 62.00
N ALA G 248 -15.26 17.87 61.27
CA ALA G 248 -14.90 18.32 59.92
C ALA G 248 -13.79 19.36 60.00
N GLU G 249 -13.96 20.37 60.86
CA GLU G 249 -12.96 21.40 61.01
C GLU G 249 -11.62 20.82 61.45
N LYS G 250 -11.67 19.89 62.41
CA LYS G 250 -10.47 19.25 62.95
C LYS G 250 -9.65 18.53 61.88
N HIS G 251 -10.31 17.69 61.09
CA HIS G 251 -9.63 16.93 60.03
C HIS G 251 -9.60 17.72 58.72
N ASN G 252 -10.08 18.97 58.78
CA ASN G 252 -10.14 19.84 57.62
C ASN G 252 -10.66 19.12 56.37
N ILE G 253 -11.83 18.50 56.51
CA ILE G 253 -12.46 17.82 55.39
C ILE G 253 -13.80 18.49 55.19
N PRO G 254 -14.15 18.80 53.94
CA PRO G 254 -15.43 19.45 53.64
C PRO G 254 -16.68 18.61 53.87
N PHE G 255 -17.79 19.30 54.07
CA PHE G 255 -19.08 18.65 54.28
C PHE G 255 -19.91 18.87 53.01
N ALA G 256 -20.23 17.79 52.31
CA ALA G 256 -21.02 17.87 51.08
C ALA G 256 -22.51 17.70 51.36
N MET G 257 -23.28 18.73 51.04
CA MET G 257 -24.72 18.69 51.26
C MET G 257 -25.46 18.70 49.92
N MET G 258 -26.14 17.59 49.61
CA MET G 258 -26.92 17.46 48.39
C MET G 258 -28.37 17.62 48.83
N ILE G 259 -28.87 18.84 48.67
CA ILE G 259 -30.20 19.23 49.10
C ILE G 259 -31.31 19.21 48.07
N GLY G 260 -32.52 18.81 48.51
CA GLY G 260 -33.67 18.83 47.62
C GLY G 260 -34.43 17.55 47.35
N VAL G 261 -33.92 16.41 47.80
CA VAL G 261 -34.59 15.14 47.53
C VAL G 261 -35.71 14.80 48.52
N LYS G 262 -36.88 14.45 47.99
CA LYS G 262 -38.02 14.06 48.82
C LYS G 262 -38.06 12.53 48.65
N LYS G 263 -37.61 11.82 49.67
CA LYS G 263 -37.51 10.37 49.59
C LYS G 263 -38.81 9.55 49.50
N ARG G 264 -38.75 8.54 48.65
CA ARG G 264 -39.83 7.60 48.41
C ARG G 264 -41.26 8.13 48.41
N VAL G 265 -41.61 8.94 47.41
CA VAL G 265 -42.97 9.44 47.30
C VAL G 265 -43.75 8.32 46.61
N HIS G 266 -43.01 7.38 46.03
CA HIS G 266 -43.59 6.22 45.36
C HIS G 266 -42.70 5.03 45.71
N PRO G 267 -42.90 4.46 46.91
CA PRO G 267 -42.15 3.32 47.45
C PRO G 267 -41.95 2.12 46.52
N ALA G 268 -43.01 1.72 45.81
CA ALA G 268 -42.91 0.57 44.91
C ALA G 268 -41.83 0.72 43.85
N LEU G 269 -41.49 1.95 43.49
CA LEU G 269 -40.45 2.19 42.48
C LEU G 269 -39.03 2.02 43.02
N GLY G 270 -38.90 1.91 44.34
CA GLY G 270 -37.58 1.74 44.93
C GLY G 270 -36.69 2.94 44.69
N ASP G 271 -35.49 2.70 44.16
CA ASP G 271 -34.55 3.79 43.90
C ASP G 271 -35.11 4.83 42.91
N ALA G 272 -36.09 4.43 42.12
CA ALA G 272 -36.70 5.33 41.15
C ALA G 272 -37.92 6.05 41.74
N GLY G 273 -38.11 5.93 43.06
CA GLY G 273 -39.25 6.55 43.69
C GLY G 273 -39.05 7.86 44.44
N ASP G 274 -37.93 8.55 44.21
CA ASP G 274 -37.69 9.81 44.90
C ASP G 274 -38.13 11.03 44.08
N PHE G 275 -38.62 12.05 44.76
CA PHE G 275 -39.12 13.26 44.12
C PHE G 275 -38.23 14.45 44.52
N VAL G 276 -38.63 15.66 44.13
CA VAL G 276 -37.84 16.85 44.41
C VAL G 276 -38.71 17.99 44.95
N GLY G 277 -38.05 18.96 45.58
CA GLY G 277 -38.73 20.11 46.12
C GLY G 277 -37.71 21.23 46.27
N LYS G 278 -38.16 22.48 46.21
CA LYS G 278 -37.26 23.62 46.36
C LYS G 278 -36.99 23.83 47.84
N ALA G 279 -35.73 24.01 48.20
CA ALA G 279 -35.36 24.21 49.59
C ALA G 279 -35.16 25.68 49.95
N SER G 280 -35.12 25.97 51.24
CA SER G 280 -34.87 27.33 51.70
C SER G 280 -33.35 27.45 51.69
N MET G 281 -32.82 28.65 51.47
CA MET G 281 -31.37 28.82 51.46
C MET G 281 -30.89 29.21 52.87
N ASP G 282 -31.83 29.60 53.73
CA ASP G 282 -31.50 30.03 55.09
C ASP G 282 -30.52 29.11 55.82
N GLY G 283 -30.77 27.81 55.75
CA GLY G 283 -29.89 26.86 56.41
C GLY G 283 -28.46 26.88 55.89
N VAL G 284 -28.29 26.86 54.57
CA VAL G 284 -26.96 26.86 53.97
C VAL G 284 -26.24 28.17 54.24
N GLU G 285 -27.00 29.26 54.26
CA GLU G 285 -26.48 30.60 54.51
C GLU G 285 -25.95 30.69 55.94
N HIS G 286 -26.71 30.11 56.87
CA HIS G 286 -26.33 30.12 58.27
C HIS G 286 -25.01 29.38 58.47
N LEU G 287 -24.94 28.17 57.94
CA LEU G 287 -23.75 27.33 58.07
C LEU G 287 -22.50 27.97 57.50
N LEU G 288 -22.63 28.64 56.36
CA LEU G 288 -21.51 29.29 55.72
C LEU G 288 -21.01 30.47 56.53
N ARG G 289 -21.92 31.32 56.99
CA ARG G 289 -21.53 32.48 57.76
C ARG G 289 -21.03 32.09 59.16
N GLU G 290 -21.82 31.28 59.86
CA GLU G 290 -21.49 30.86 61.21
C GLU G 290 -20.37 29.83 61.38
N TYR G 291 -19.96 29.20 60.29
CA TYR G 291 -18.89 28.21 60.36
C TYR G 291 -17.81 28.49 59.33
N PRO G 292 -17.15 29.65 59.46
CA PRO G 292 -16.07 30.13 58.58
C PRO G 292 -14.97 29.13 58.33
N ASN G 293 -14.65 28.34 59.35
CA ASN G 293 -13.57 27.36 59.24
C ASN G 293 -13.96 25.98 58.75
N ASN G 294 -15.19 25.86 58.23
CA ASN G 294 -15.64 24.59 57.68
C ASN G 294 -15.83 24.75 56.18
N LYS G 295 -15.48 23.72 55.43
CA LYS G 295 -15.64 23.73 53.98
C LYS G 295 -16.95 23.04 53.63
N PHE G 296 -17.73 23.65 52.74
CA PHE G 296 -19.00 23.09 52.32
C PHE G 296 -19.13 22.90 50.81
N LEU G 297 -19.40 21.67 50.40
CA LEU G 297 -19.61 21.35 48.99
C LEU G 297 -21.12 21.19 48.82
N VAL G 298 -21.73 22.01 47.96
CA VAL G 298 -23.17 21.95 47.80
C VAL G 298 -23.69 21.83 46.37
N THR G 299 -24.75 21.03 46.22
CA THR G 299 -25.42 20.86 44.94
C THR G 299 -26.89 20.73 45.34
N MET G 300 -27.79 21.23 44.50
CA MET G 300 -29.22 21.17 44.84
C MET G 300 -30.05 20.56 43.71
N LEU G 301 -31.14 19.91 44.11
CA LEU G 301 -32.02 19.20 43.18
C LEU G 301 -33.04 20.04 42.43
N SER G 302 -33.57 21.06 43.07
CA SER G 302 -34.58 21.90 42.44
C SER G 302 -34.02 22.90 41.43
N ARG G 303 -34.70 23.00 40.28
CA ARG G 303 -34.28 23.94 39.24
C ARG G 303 -34.37 25.34 39.79
N GLU G 304 -35.36 25.57 40.66
CA GLU G 304 -35.60 26.86 41.25
C GLU G 304 -34.62 27.33 42.34
N ASN G 305 -33.69 26.47 42.74
CA ASN G 305 -32.68 26.83 43.75
C ASN G 305 -31.35 27.21 43.09
N GLN G 306 -31.16 26.81 41.84
CA GLN G 306 -29.89 27.02 41.14
C GLN G 306 -29.32 28.44 41.09
N HIS G 307 -30.12 29.40 40.67
CA HIS G 307 -29.63 30.77 40.59
C HIS G 307 -29.25 31.37 41.93
N GLU G 308 -30.11 31.21 42.94
CA GLU G 308 -29.79 31.76 44.25
C GLU G 308 -28.60 31.06 44.88
N LEU G 309 -28.35 29.81 44.49
CA LEU G 309 -27.22 29.07 45.03
C LEU G 309 -25.93 29.71 44.49
N VAL G 310 -25.97 30.08 43.21
CA VAL G 310 -24.84 30.71 42.57
C VAL G 310 -24.56 32.03 43.27
N VAL G 311 -25.61 32.78 43.55
CA VAL G 311 -25.41 34.05 44.23
C VAL G 311 -24.83 33.82 45.63
N LEU G 312 -25.22 32.71 46.27
CA LEU G 312 -24.72 32.43 47.62
C LEU G 312 -23.23 32.12 47.57
N ALA G 313 -22.80 31.49 46.50
CA ALA G 313 -21.38 31.18 46.32
C ALA G 313 -20.60 32.50 46.22
N ARG G 314 -21.24 33.52 45.66
CA ARG G 314 -20.59 34.83 45.52
C ARG G 314 -20.34 35.46 46.89
N LYS G 315 -21.20 35.14 47.85
CA LYS G 315 -21.07 35.70 49.20
C LYS G 315 -20.02 34.98 50.05
N PHE G 316 -19.93 33.66 49.94
CA PHE G 316 -19.00 32.90 50.78
C PHE G 316 -17.99 32.04 50.06
N SER G 317 -16.72 32.23 50.39
CA SER G 317 -15.63 31.48 49.80
C SER G 317 -15.50 30.06 50.33
N ASN G 318 -16.10 29.79 51.50
CA ASN G 318 -16.03 28.44 52.04
C ASN G 318 -17.13 27.55 51.45
N LEU G 319 -17.79 28.07 50.43
CA LEU G 319 -18.84 27.34 49.73
C LEU G 319 -18.36 27.01 48.32
N MET G 320 -18.39 25.73 47.97
CA MET G 320 -18.02 25.30 46.64
C MET G 320 -19.22 24.55 46.07
N ILE G 321 -19.85 25.12 45.04
CA ILE G 321 -21.00 24.46 44.44
C ILE G 321 -20.49 23.52 43.36
N PHE G 322 -21.15 22.38 43.19
CA PHE G 322 -20.72 21.41 42.21
C PHE G 322 -21.87 20.71 41.49
N GLY G 323 -21.58 20.28 40.26
CA GLY G 323 -22.50 19.54 39.43
C GLY G 323 -23.92 19.99 39.15
N CYS G 324 -24.55 19.19 38.28
CA CYS G 324 -25.93 19.36 37.86
C CYS G 324 -26.47 18.00 38.29
N TRP G 325 -27.03 17.99 39.49
CA TRP G 325 -27.52 16.79 40.13
C TRP G 325 -28.86 16.18 39.74
N TRP G 326 -28.80 14.89 39.36
CA TRP G 326 -29.99 14.09 39.11
C TRP G 326 -30.99 14.63 38.08
N PHE G 327 -32.07 15.21 38.58
CA PHE G 327 -33.11 15.79 37.73
C PHE G 327 -32.60 17.05 37.06
N MET G 328 -31.43 17.52 37.49
CA MET G 328 -30.79 18.70 36.91
C MET G 328 -29.86 18.22 35.80
N ASN G 329 -29.52 16.92 35.84
CA ASN G 329 -28.61 16.36 34.86
C ASN G 329 -29.18 16.07 33.48
N ASN G 330 -29.77 17.12 32.90
CA ASN G 330 -30.40 17.08 31.59
C ASN G 330 -29.87 18.32 30.85
N PRO G 331 -29.49 18.15 29.56
CA PRO G 331 -28.94 19.23 28.72
C PRO G 331 -29.55 20.63 28.89
N GLU G 332 -30.88 20.72 28.85
CA GLU G 332 -31.53 22.02 29.00
C GLU G 332 -31.10 22.72 30.30
N ILE G 333 -31.06 21.96 31.39
CA ILE G 333 -30.69 22.49 32.69
C ILE G 333 -29.18 22.66 32.85
N ILE G 334 -28.42 21.67 32.39
CA ILE G 334 -26.97 21.74 32.48
C ILE G 334 -26.52 23.03 31.79
N ASN G 335 -27.11 23.32 30.64
CA ASN G 335 -26.75 24.52 29.90
C ASN G 335 -27.07 25.81 30.65
N GLU G 336 -28.29 25.94 31.15
CA GLU G 336 -28.64 27.16 31.85
C GLU G 336 -27.86 27.32 33.15
N MET G 337 -27.64 26.20 33.85
CA MET G 337 -26.89 26.22 35.10
C MET G 337 -25.44 26.61 34.90
N THR G 338 -24.78 25.96 33.95
CA THR G 338 -23.39 26.23 33.68
C THR G 338 -23.13 27.66 33.20
N ARG G 339 -24.09 28.24 32.48
CA ARG G 339 -23.93 29.61 32.00
C ARG G 339 -24.18 30.61 33.13
N MET G 340 -25.14 30.33 34.00
CA MET G 340 -25.37 31.26 35.11
C MET G 340 -24.16 31.20 36.02
N ARG G 341 -23.65 30.00 36.23
CA ARG G 341 -22.49 29.81 37.09
C ARG G 341 -21.25 30.53 36.59
N MET G 342 -20.89 30.35 35.33
CA MET G 342 -19.71 31.00 34.80
C MET G 342 -19.85 32.51 34.73
N GLU G 343 -21.07 32.98 34.46
CA GLU G 343 -21.32 34.41 34.36
C GLU G 343 -21.16 35.15 35.70
N MET G 344 -21.49 34.47 36.79
CA MET G 344 -21.39 35.08 38.12
C MET G 344 -20.21 34.60 38.97
N LEU G 345 -19.55 33.52 38.54
CA LEU G 345 -18.44 32.96 39.30
C LEU G 345 -17.17 32.71 38.50
N GLY G 346 -17.15 33.11 37.23
CA GLY G 346 -15.98 32.88 36.41
C GLY G 346 -15.74 31.37 36.38
N THR G 347 -14.56 30.94 36.80
CA THR G 347 -14.25 29.51 36.82
C THR G 347 -14.16 28.97 38.25
N SER G 348 -14.65 29.71 39.24
CA SER G 348 -14.56 29.27 40.63
C SER G 348 -15.71 28.36 41.09
N PHE G 349 -15.91 27.24 40.40
CA PHE G 349 -16.95 26.29 40.73
C PHE G 349 -16.63 24.98 40.05
N ILE G 350 -17.34 23.92 40.39
CA ILE G 350 -17.12 22.60 39.78
C ILE G 350 -18.37 22.34 38.95
N PRO G 351 -18.27 22.41 37.62
CA PRO G 351 -19.43 22.18 36.74
C PRO G 351 -20.19 20.87 36.78
N GLN G 352 -19.50 19.74 36.80
CA GLN G 352 -20.21 18.48 36.75
C GLN G 352 -19.61 17.29 37.50
N HIS G 353 -20.45 16.27 37.70
CA HIS G 353 -20.08 15.01 38.31
C HIS G 353 -21.01 14.03 37.60
N SER G 354 -20.62 12.77 37.49
CA SER G 354 -21.45 11.81 36.77
C SER G 354 -22.58 11.18 37.58
N ASP G 355 -22.31 10.92 38.86
CA ASP G 355 -23.29 10.28 39.72
C ASP G 355 -23.53 8.87 39.19
N ALA G 356 -22.57 8.36 38.43
CA ALA G 356 -22.69 7.02 37.85
C ALA G 356 -22.94 5.89 38.86
N ARG G 357 -23.92 5.06 38.55
CA ARG G 357 -24.29 3.91 39.38
C ARG G 357 -23.78 2.69 38.64
N VAL G 358 -23.63 2.83 37.33
CA VAL G 358 -23.14 1.77 36.45
C VAL G 358 -21.86 2.23 35.77
N LEU G 359 -20.80 1.44 35.89
CA LEU G 359 -19.48 1.76 35.33
C LEU G 359 -19.49 2.52 33.99
N GLU G 360 -19.97 1.87 32.94
CA GLU G 360 -20.01 2.45 31.61
C GLU G 360 -20.67 3.82 31.49
N GLN G 361 -21.48 4.20 32.47
CA GLN G 361 -22.16 5.50 32.39
C GLN G 361 -21.16 6.66 32.33
N LEU G 362 -19.97 6.45 32.89
CA LEU G 362 -18.94 7.48 32.87
C LEU G 362 -18.70 7.96 31.44
N ILE G 363 -18.90 7.07 30.48
CA ILE G 363 -18.73 7.42 29.09
C ILE G 363 -19.73 8.48 28.63
N TYR G 364 -21.02 8.18 28.73
CA TYR G 364 -22.01 9.14 28.29
C TYR G 364 -22.14 10.38 29.16
N LYS G 365 -22.11 10.19 30.47
CA LYS G 365 -22.22 11.33 31.39
C LYS G 365 -21.17 12.40 31.09
N TRP G 366 -19.93 11.99 30.89
CA TRP G 366 -18.87 12.97 30.60
C TRP G 366 -18.90 13.42 29.15
N HIS G 367 -19.26 12.53 28.24
CA HIS G 367 -19.32 12.93 26.85
C HIS G 367 -20.43 13.98 26.64
N HIS G 368 -21.63 13.69 27.15
CA HIS G 368 -22.75 14.62 27.03
C HIS G 368 -22.46 15.93 27.75
N SER G 369 -21.84 15.85 28.91
CA SER G 369 -21.53 17.06 29.69
C SER G 369 -20.38 17.89 29.13
N LYS G 370 -19.29 17.25 28.74
CA LYS G 370 -18.16 18.00 28.20
C LYS G 370 -18.62 18.79 26.98
N SER G 371 -19.38 18.12 26.12
CA SER G 371 -19.93 18.73 24.92
C SER G 371 -20.56 20.08 25.25
N ILE G 372 -21.41 20.11 26.27
CA ILE G 372 -22.08 21.34 26.68
C ILE G 372 -21.15 22.38 27.32
N ILE G 373 -20.26 21.91 28.19
CA ILE G 373 -19.32 22.79 28.87
C ILE G 373 -18.37 23.47 27.89
N ALA G 374 -17.97 22.73 26.86
CA ALA G 374 -17.09 23.28 25.83
C ALA G 374 -17.78 24.46 25.13
N GLU G 375 -19.05 24.28 24.77
CA GLU G 375 -19.83 25.32 24.08
C GLU G 375 -19.90 26.58 24.93
N VAL G 376 -20.15 26.41 26.22
CA VAL G 376 -20.24 27.54 27.14
C VAL G 376 -18.88 28.25 27.16
N LEU G 377 -17.81 27.48 27.32
CA LEU G 377 -16.47 28.06 27.33
C LEU G 377 -16.20 28.81 26.02
N ILE G 378 -16.46 28.17 24.89
CA ILE G 378 -16.24 28.83 23.60
C ILE G 378 -16.97 30.17 23.55
N ASP G 379 -18.21 30.21 24.02
CA ASP G 379 -18.96 31.47 24.01
C ASP G 379 -18.34 32.49 24.97
N LYS G 380 -17.96 32.06 26.16
CA LYS G 380 -17.38 33.00 27.12
C LYS G 380 -16.02 33.51 26.66
N TYR G 381 -15.18 32.62 26.15
CA TYR G 381 -13.88 33.03 25.65
C TYR G 381 -14.06 33.96 24.45
N ASP G 382 -14.97 33.60 23.55
CA ASP G 382 -15.19 34.43 22.37
C ASP G 382 -15.65 35.83 22.74
N ASP G 383 -16.43 35.95 23.82
CA ASP G 383 -16.88 37.27 24.24
C ASP G 383 -15.76 38.18 24.70
N ILE G 384 -14.77 37.64 25.41
CA ILE G 384 -13.68 38.49 25.86
C ILE G 384 -12.72 38.75 24.68
N LEU G 385 -12.62 37.78 23.78
CA LEU G 385 -11.79 37.94 22.60
C LEU G 385 -12.33 39.09 21.76
N GLN G 386 -13.65 39.19 21.67
CA GLN G 386 -14.26 40.27 20.90
C GLN G 386 -14.01 41.58 21.65
N ALA G 387 -13.74 41.47 22.94
CA ALA G 387 -13.48 42.64 23.76
C ALA G 387 -12.03 43.06 23.63
N GLY G 388 -11.23 42.24 22.94
CA GLY G 388 -9.83 42.57 22.75
C GLY G 388 -8.86 41.71 23.53
N TRP G 389 -9.38 40.92 24.46
CA TRP G 389 -8.54 40.04 25.26
C TRP G 389 -7.96 38.95 24.37
N GLU G 390 -6.74 38.54 24.68
CA GLU G 390 -6.05 37.51 23.91
C GLU G 390 -5.77 36.30 24.80
N VAL G 391 -6.50 35.21 24.60
CA VAL G 391 -6.26 34.03 25.43
C VAL G 391 -5.28 33.09 24.77
N THR G 392 -4.45 32.45 25.59
CA THR G 392 -3.47 31.50 25.10
C THR G 392 -4.03 30.10 25.33
N GLU G 393 -3.52 29.13 24.56
CA GLU G 393 -3.97 27.76 24.70
C GLU G 393 -3.65 27.25 26.10
N GLU G 394 -2.56 27.77 26.68
CA GLU G 394 -2.15 27.37 28.01
C GLU G 394 -3.11 27.86 29.08
N GLU G 395 -3.65 29.06 28.90
CA GLU G 395 -4.61 29.60 29.85
C GLU G 395 -5.92 28.81 29.76
N ILE G 396 -6.20 28.27 28.57
CA ILE G 396 -7.41 27.48 28.37
C ILE G 396 -7.26 26.14 29.05
N LYS G 397 -6.13 25.46 28.81
CA LYS G 397 -5.88 24.17 29.43
C LYS G 397 -5.88 24.34 30.95
N ARG G 398 -5.42 25.49 31.41
CA ARG G 398 -5.36 25.79 32.83
C ARG G 398 -6.78 25.94 33.38
N ASP G 399 -7.60 26.73 32.70
CA ASP G 399 -8.97 26.94 33.13
C ASP G 399 -9.75 25.62 33.09
N VAL G 400 -9.58 24.88 32.00
CA VAL G 400 -10.24 23.59 31.84
C VAL G 400 -9.81 22.64 32.94
N ALA G 401 -8.56 22.76 33.37
CA ALA G 401 -8.04 21.90 34.43
C ALA G 401 -8.75 22.20 35.75
N ASP G 402 -8.95 23.48 36.04
CA ASP G 402 -9.63 23.88 37.26
C ASP G 402 -11.06 23.35 37.34
N LEU G 403 -11.81 23.56 36.26
CA LEU G 403 -13.20 23.14 36.18
C LEU G 403 -13.42 21.65 36.39
N PHE G 404 -12.63 20.83 35.69
CA PHE G 404 -12.78 19.38 35.75
C PHE G 404 -11.97 18.63 36.80
N SER G 405 -11.13 19.32 37.56
CA SER G 405 -10.33 18.61 38.55
C SER G 405 -9.64 19.42 39.63
N ARG G 406 -8.86 20.43 39.24
CA ARG G 406 -8.13 21.22 40.21
C ARG G 406 -8.98 21.94 41.24
N ASN G 407 -10.11 22.51 40.84
CA ASN G 407 -10.93 23.21 41.83
C ASN G 407 -11.34 22.28 42.97
N PHE G 408 -11.67 21.03 42.63
CA PHE G 408 -12.08 20.06 43.64
C PHE G 408 -10.94 19.72 44.62
N TRP G 409 -9.83 19.25 44.08
CA TRP G 409 -8.69 18.88 44.91
C TRP G 409 -8.18 20.05 45.74
N ARG G 410 -8.32 21.25 45.21
CA ARG G 410 -7.87 22.45 45.91
C ARG G 410 -8.80 22.78 47.07
N PHE G 411 -10.09 22.50 46.89
CA PHE G 411 -11.07 22.78 47.92
C PHE G 411 -10.99 21.75 49.05
N VAL G 412 -10.80 20.48 48.70
CA VAL G 412 -10.72 19.42 49.69
C VAL G 412 -9.43 19.48 50.51
N GLY G 413 -8.42 20.16 49.98
CA GLY G 413 -7.16 20.27 50.69
C GLY G 413 -6.27 19.04 50.55
N ARG G 414 -6.34 18.40 49.39
CA ARG G 414 -5.52 17.21 49.13
C ARG G 414 -4.49 17.46 48.03
N SER H 2 -32.34 5.98 4.85
CA SER H 2 -31.33 6.43 5.83
C SER H 2 -31.29 7.96 5.88
N ILE H 3 -31.12 8.51 7.07
CA ILE H 3 -31.07 9.96 7.23
C ILE H 3 -29.61 10.28 7.52
N ASN H 4 -28.90 10.65 6.46
CA ASN H 4 -27.46 10.94 6.51
C ASN H 4 -27.03 12.33 6.98
N SER H 5 -27.97 13.25 7.13
CA SER H 5 -27.59 14.59 7.58
C SER H 5 -28.67 15.28 8.38
N ARG H 6 -28.25 16.20 9.25
CA ARG H 6 -29.18 16.95 10.07
C ARG H 6 -30.11 17.76 9.18
N GLU H 7 -29.60 18.22 8.04
CA GLU H 7 -30.40 18.99 7.12
C GLU H 7 -31.58 18.16 6.58
N VAL H 8 -31.32 16.90 6.24
CA VAL H 8 -32.38 16.05 5.73
C VAL H 8 -33.31 15.66 6.88
N LEU H 9 -32.72 15.43 8.04
CA LEU H 9 -33.50 15.08 9.22
C LEU H 9 -34.50 16.19 9.50
N ALA H 10 -34.02 17.43 9.44
CA ALA H 10 -34.85 18.60 9.72
C ALA H 10 -36.05 18.67 8.79
N GLU H 11 -35.84 18.50 7.49
CA GLU H 11 -36.97 18.55 6.58
C GLU H 11 -37.93 17.39 6.81
N LYS H 12 -37.40 16.21 7.10
CA LYS H 12 -38.28 15.08 7.34
C LYS H 12 -39.09 15.28 8.63
N VAL H 13 -38.45 15.83 9.66
CA VAL H 13 -39.15 16.06 10.91
C VAL H 13 -40.23 17.13 10.72
N LYS H 14 -39.87 18.22 10.04
CA LYS H 14 -40.82 19.30 9.80
C LYS H 14 -42.00 18.80 8.99
N ASN H 15 -41.74 17.98 7.98
CA ASN H 15 -42.82 17.45 7.15
C ASN H 15 -43.74 16.57 7.99
N ALA H 16 -43.16 15.70 8.80
CA ALA H 16 -43.95 14.79 9.65
C ALA H 16 -44.83 15.58 10.61
N VAL H 17 -44.23 16.54 11.31
CA VAL H 17 -44.96 17.38 12.25
C VAL H 17 -46.08 18.17 11.58
N ASN H 18 -45.80 18.77 10.43
CA ASN H 18 -46.81 19.57 9.74
C ASN H 18 -47.95 18.73 9.19
N ASN H 19 -47.64 17.52 8.72
CA ASN H 19 -48.64 16.63 8.14
C ASN H 19 -49.46 15.84 9.16
N GLN H 20 -48.97 15.74 10.39
CA GLN H 20 -49.68 15.00 11.42
C GLN H 20 -50.99 15.68 11.87
N PRO H 21 -52.14 15.00 11.72
CA PRO H 21 -53.43 15.56 12.12
C PRO H 21 -53.39 15.75 13.64
N VAL H 22 -53.85 16.91 14.09
CA VAL H 22 -53.82 17.24 15.51
C VAL H 22 -55.10 17.01 16.30
N THR H 23 -54.96 16.42 17.48
CA THR H 23 -56.08 16.28 18.40
C THR H 23 -55.71 17.35 19.43
N ASP H 24 -56.49 18.42 19.45
CA ASP H 24 -56.28 19.55 20.35
C ASP H 24 -57.09 19.19 21.60
N MET H 25 -56.42 18.67 22.64
CA MET H 25 -57.14 18.22 23.82
C MET H 25 -57.70 19.21 24.83
N HIS H 26 -57.61 20.50 24.53
CA HIS H 26 -58.20 21.51 25.39
C HIS H 26 -58.39 22.83 24.67
N THR H 27 -59.65 23.19 24.44
CA THR H 27 -59.97 24.45 23.76
C THR H 27 -61.26 25.01 24.33
N HIS H 28 -61.63 26.20 23.86
CA HIS H 28 -62.86 26.84 24.30
C HIS H 28 -63.67 27.08 23.03
N LEU H 29 -63.60 26.11 22.12
CA LEU H 29 -64.33 26.15 20.87
C LEU H 29 -65.54 25.23 21.02
N PHE H 30 -66.50 25.34 20.10
CA PHE H 30 -67.70 24.53 20.14
C PHE H 30 -68.09 24.04 18.76
N SER H 31 -68.71 22.86 18.70
CA SER H 31 -69.17 22.31 17.44
C SER H 31 -70.07 23.40 16.85
N PRO H 32 -69.96 23.67 15.55
CA PRO H 32 -70.76 24.71 14.88
C PRO H 32 -72.28 24.68 15.15
N ASN H 33 -72.85 23.49 15.23
CA ASN H 33 -74.28 23.35 15.44
C ASN H 33 -74.76 23.92 16.79
N PHE H 34 -73.82 24.29 17.65
CA PHE H 34 -74.16 24.85 18.95
C PHE H 34 -74.58 26.31 18.88
N GLY H 35 -74.23 27.00 17.78
CA GLY H 35 -74.62 28.39 17.64
C GLY H 35 -73.53 29.43 17.78
N GLU H 36 -73.94 30.63 18.18
CA GLU H 36 -73.01 31.75 18.34
C GLU H 36 -72.04 31.60 19.51
N ILE H 37 -72.16 30.49 20.25
CA ILE H 37 -71.25 30.25 21.35
C ILE H 37 -69.86 30.03 20.73
N LEU H 38 -69.85 29.61 19.47
CA LEU H 38 -68.61 29.40 18.74
C LEU H 38 -68.20 30.75 18.17
N LEU H 39 -67.10 31.31 18.68
CA LEU H 39 -66.63 32.61 18.23
C LEU H 39 -65.65 32.50 17.07
N TRP H 40 -65.77 33.40 16.10
CA TRP H 40 -64.86 33.41 14.97
C TRP H 40 -64.92 34.71 14.17
N ASP H 41 -63.82 34.97 13.49
CA ASP H 41 -63.56 36.13 12.61
C ASP H 41 -62.53 37.11 13.18
N ILE H 42 -62.02 37.97 12.32
CA ILE H 42 -61.00 38.94 12.72
C ILE H 42 -61.36 39.85 13.90
N ASP H 43 -62.63 40.22 14.04
CA ASP H 43 -62.99 41.08 15.16
C ASP H 43 -62.92 40.28 16.46
N GLU H 44 -63.28 39.00 16.39
CA GLU H 44 -63.21 38.15 17.57
C GLU H 44 -61.73 37.93 17.90
N LEU H 45 -60.92 37.70 16.87
CA LEU H 45 -59.49 37.49 17.06
C LEU H 45 -58.84 38.67 17.76
N LEU H 46 -59.19 39.89 17.32
CA LEU H 46 -58.62 41.11 17.90
C LEU H 46 -59.12 41.47 19.29
N THR H 47 -60.27 40.94 19.69
CA THR H 47 -60.80 41.26 21.02
C THR H 47 -60.58 40.15 22.04
N TYR H 48 -59.74 39.19 21.64
CA TYR H 48 -59.33 38.06 22.47
C TYR H 48 -58.83 38.74 23.75
N HIS H 49 -59.21 38.24 24.93
CA HIS H 49 -58.78 38.93 26.15
C HIS H 49 -57.26 39.11 26.31
N TYR H 50 -56.48 38.28 25.63
CA TYR H 50 -55.02 38.41 25.71
C TYR H 50 -54.65 39.78 25.14
N LEU H 51 -55.36 40.19 24.09
CA LEU H 51 -55.09 41.49 23.46
C LEU H 51 -55.72 42.64 24.24
N VAL H 52 -56.75 42.35 25.03
CA VAL H 52 -57.38 43.39 25.82
C VAL H 52 -56.43 43.81 26.95
N ALA H 53 -55.83 42.83 27.61
CA ALA H 53 -54.89 43.14 28.68
C ALA H 53 -53.73 43.96 28.12
N GLU H 54 -53.26 43.58 26.94
CA GLU H 54 -52.15 44.28 26.31
C GLU H 54 -52.46 45.70 25.85
N VAL H 55 -53.65 45.91 25.30
CA VAL H 55 -54.01 47.24 24.83
C VAL H 55 -54.22 48.20 26.00
N MET H 56 -54.68 47.68 27.14
CA MET H 56 -54.89 48.55 28.28
C MET H 56 -53.57 49.09 28.85
N ARG H 57 -52.44 48.47 28.46
CA ARG H 57 -51.13 48.94 28.91
C ARG H 57 -50.68 50.15 28.09
N TRP H 58 -51.36 50.41 26.98
CA TRP H 58 -50.99 51.53 26.11
C TRP H 58 -52.06 52.61 25.97
N THR H 59 -53.31 52.20 25.75
CA THR H 59 -54.41 53.13 25.51
C THR H 59 -54.87 54.07 26.62
N ASP H 60 -55.33 55.25 26.20
CA ASP H 60 -55.83 56.25 27.13
C ASP H 60 -57.29 55.97 27.43
N VAL H 61 -57.90 55.12 26.61
CA VAL H 61 -59.30 54.77 26.78
C VAL H 61 -59.45 53.99 28.08
N SER H 62 -60.40 54.39 28.91
CA SER H 62 -60.63 53.71 30.18
C SER H 62 -61.25 52.35 29.91
N ILE H 63 -60.99 51.39 30.80
CA ILE H 63 -61.55 50.05 30.64
C ILE H 63 -63.07 50.13 30.54
N GLU H 64 -63.68 51.02 31.32
CA GLU H 64 -65.14 51.20 31.31
C GLU H 64 -65.61 51.56 29.91
N ALA H 65 -64.95 52.54 29.32
CA ALA H 65 -65.29 52.99 27.97
C ALA H 65 -65.06 51.85 26.97
N PHE H 66 -63.93 51.16 27.10
CA PHE H 66 -63.63 50.06 26.20
C PHE H 66 -64.77 49.05 26.19
N TRP H 67 -65.19 48.61 27.37
CA TRP H 67 -66.28 47.64 27.46
C TRP H 67 -67.57 48.22 26.90
N ALA H 68 -67.67 49.54 26.89
CA ALA H 68 -68.84 50.23 26.38
C ALA H 68 -68.86 50.24 24.86
N MET H 69 -67.69 50.21 24.23
CA MET H 69 -67.60 50.21 22.78
C MET H 69 -68.19 48.93 22.20
N SER H 70 -68.50 48.97 20.91
CA SER H 70 -69.02 47.79 20.21
C SER H 70 -67.83 46.92 19.85
N LYS H 71 -68.09 45.66 19.49
CA LYS H 71 -67.03 44.73 19.09
C LYS H 71 -66.11 45.39 18.07
N ARG H 72 -66.71 45.87 16.99
CA ARG H 72 -65.97 46.52 15.92
C ARG H 72 -65.10 47.66 16.43
N GLU H 73 -65.67 48.50 17.29
CA GLU H 73 -64.91 49.63 17.83
C GLU H 73 -63.75 49.17 18.70
N GLN H 74 -63.97 48.12 19.49
CA GLN H 74 -62.91 47.59 20.34
C GLN H 74 -61.78 47.05 19.47
N ALA H 75 -62.15 46.39 18.38
CA ALA H 75 -61.17 45.81 17.47
C ALA H 75 -60.36 46.89 16.75
N ASP H 76 -61.01 48.00 16.39
CA ASP H 76 -60.31 49.08 15.72
C ASP H 76 -59.31 49.71 16.67
N LEU H 77 -59.70 49.81 17.94
CA LEU H 77 -58.84 50.40 18.96
C LEU H 77 -57.60 49.53 19.18
N ILE H 78 -57.83 48.23 19.30
CA ILE H 78 -56.73 47.29 19.52
C ILE H 78 -55.82 47.23 18.30
N TRP H 79 -56.41 47.25 17.11
CA TRP H 79 -55.62 47.22 15.89
C TRP H 79 -54.70 48.45 15.84
N GLU H 80 -55.28 49.62 16.09
CA GLU H 80 -54.54 50.87 16.08
C GLU H 80 -53.47 50.97 17.17
N GLU H 81 -53.81 50.56 18.39
CA GLU H 81 -52.88 50.65 19.52
C GLU H 81 -51.74 49.63 19.53
N LEU H 82 -52.04 48.39 19.20
CA LEU H 82 -51.03 47.34 19.23
C LEU H 82 -50.38 46.99 17.88
N PHE H 83 -50.99 47.39 16.78
CA PHE H 83 -50.43 47.06 15.47
C PHE H 83 -49.86 48.25 14.73
N ILE H 84 -50.56 49.38 14.80
CA ILE H 84 -50.14 50.59 14.10
C ILE H 84 -49.20 51.50 14.90
N LYS H 85 -49.61 51.87 16.11
CA LYS H 85 -48.80 52.75 16.96
C LYS H 85 -47.50 52.09 17.43
N ARG H 86 -47.52 50.77 17.56
CA ARG H 86 -46.34 50.01 17.97
C ARG H 86 -46.34 48.74 17.13
N SER H 87 -45.16 48.19 16.87
CA SER H 87 -45.09 46.98 16.06
C SER H 87 -45.71 45.83 16.85
N PRO H 88 -46.57 45.04 16.21
CA PRO H 88 -47.24 43.90 16.85
C PRO H 88 -46.31 42.71 17.10
N VAL H 89 -45.27 42.92 17.91
CA VAL H 89 -44.32 41.85 18.18
C VAL H 89 -44.66 40.84 19.28
N SER H 90 -45.68 41.11 20.09
CA SER H 90 -46.04 40.16 21.17
C SER H 90 -46.60 38.87 20.56
N GLU H 91 -46.51 37.78 21.31
CA GLU H 91 -46.99 36.49 20.83
C GLU H 91 -48.46 36.52 20.40
N ALA H 92 -49.30 37.19 21.18
CA ALA H 92 -50.71 37.28 20.87
C ALA H 92 -50.97 38.05 19.58
N CYS H 93 -50.29 39.18 19.40
CA CYS H 93 -50.48 39.97 18.20
C CYS H 93 -49.94 39.23 16.98
N ARG H 94 -48.76 38.62 17.15
CA ARG H 94 -48.14 37.85 16.07
C ARG H 94 -49.13 36.79 15.61
N GLY H 95 -49.83 36.21 16.59
CA GLY H 95 -50.80 35.17 16.29
C GLY H 95 -51.89 35.65 15.34
N VAL H 96 -52.37 36.87 15.56
CA VAL H 96 -53.42 37.42 14.70
C VAL H 96 -52.94 37.45 13.26
N LEU H 97 -51.70 37.90 13.07
CA LEU H 97 -51.13 37.98 11.73
C LEU H 97 -50.98 36.60 11.11
N THR H 98 -50.52 35.64 11.89
CA THR H 98 -50.36 34.28 11.38
C THR H 98 -51.70 33.72 10.89
N CYS H 99 -52.78 34.07 11.60
CA CYS H 99 -54.12 33.60 11.21
C CYS H 99 -54.51 34.21 9.87
N LEU H 100 -54.31 35.52 9.76
CA LEU H 100 -54.64 36.27 8.55
C LEU H 100 -53.93 35.69 7.34
N GLN H 101 -52.62 35.50 7.46
CA GLN H 101 -51.83 34.95 6.36
C GLN H 101 -52.34 33.55 6.01
N GLY H 102 -52.52 32.70 7.01
CA GLY H 102 -52.99 31.35 6.77
C GLY H 102 -54.29 31.29 5.99
N LEU H 103 -55.18 32.25 6.23
CA LEU H 103 -56.46 32.31 5.54
C LEU H 103 -56.34 32.90 4.13
N GLY H 104 -55.12 33.22 3.72
CA GLY H 104 -54.93 33.78 2.39
C GLY H 104 -55.01 35.30 2.34
N LEU H 105 -55.19 35.94 3.48
CA LEU H 105 -55.26 37.39 3.52
C LEU H 105 -53.83 37.95 3.57
N ASP H 106 -53.70 39.23 3.26
CA ASP H 106 -52.38 39.87 3.20
C ASP H 106 -52.14 40.92 4.28
N PRO H 107 -51.35 40.57 5.31
CA PRO H 107 -51.04 41.47 6.43
C PRO H 107 -50.27 42.72 6.00
N ALA H 108 -49.56 42.63 4.89
CA ALA H 108 -48.79 43.76 4.38
C ALA H 108 -49.64 45.00 4.07
N THR H 109 -50.89 44.80 3.69
CA THR H 109 -51.75 45.94 3.36
C THR H 109 -52.35 46.62 4.59
N ARG H 110 -52.43 45.89 5.71
CA ARG H 110 -53.01 46.44 6.94
C ARG H 110 -54.44 46.95 6.64
N ASP H 111 -55.10 46.30 5.70
CA ASP H 111 -56.46 46.67 5.31
C ASP H 111 -57.47 45.86 6.12
N LEU H 112 -57.77 46.33 7.31
CA LEU H 112 -58.70 45.64 8.19
C LEU H 112 -60.10 45.47 7.58
N GLN H 113 -60.55 46.48 6.84
CA GLN H 113 -61.87 46.41 6.21
C GLN H 113 -61.94 45.25 5.23
N VAL H 114 -60.87 45.05 4.46
CA VAL H 114 -60.82 43.95 3.50
C VAL H 114 -60.83 42.61 4.24
N TYR H 115 -60.12 42.53 5.37
CA TYR H 115 -60.05 41.30 6.15
C TYR H 115 -61.46 40.94 6.64
N ARG H 116 -62.17 41.95 7.12
CA ARG H 116 -63.53 41.74 7.61
C ARG H 116 -64.45 41.22 6.50
N GLU H 117 -64.25 41.71 5.28
CA GLU H 117 -65.06 41.27 4.15
C GLU H 117 -64.93 39.78 3.90
N TYR H 118 -63.73 39.24 4.14
CA TYR H 118 -63.47 37.81 3.95
C TYR H 118 -64.42 36.96 4.78
N PHE H 119 -64.55 37.30 6.06
CA PHE H 119 -65.39 36.56 7.01
C PHE H 119 -66.90 36.70 6.81
N ALA H 120 -67.34 37.90 6.42
CA ALA H 120 -68.75 38.15 6.22
C ALA H 120 -69.31 37.31 5.08
N LYS H 121 -68.40 36.81 4.23
CA LYS H 121 -68.78 36.02 3.07
C LYS H 121 -69.13 34.55 3.33
N LYS H 122 -68.91 34.07 4.54
CA LYS H 122 -69.20 32.66 4.80
C LYS H 122 -69.92 32.31 6.10
N THR H 123 -70.34 31.05 6.19
CA THR H 123 -71.04 30.54 7.36
C THR H 123 -70.08 29.87 8.34
N SER H 124 -70.56 29.69 9.57
CA SER H 124 -69.79 29.05 10.62
C SER H 124 -69.30 27.68 10.21
N GLU H 125 -70.18 26.89 9.61
CA GLU H 125 -69.81 25.56 9.16
C GLU H 125 -68.67 25.65 8.15
N GLU H 126 -68.75 26.63 7.26
CA GLU H 126 -67.72 26.82 6.25
C GLU H 126 -66.38 27.23 6.82
N GLN H 127 -66.38 28.12 7.81
CA GLN H 127 -65.13 28.55 8.41
C GLN H 127 -64.51 27.43 9.21
N VAL H 128 -65.33 26.65 9.90
CA VAL H 128 -64.83 25.52 10.66
C VAL H 128 -64.12 24.54 9.74
N ASP H 129 -64.72 24.25 8.58
CA ASP H 129 -64.08 23.34 7.63
C ASP H 129 -62.75 23.91 7.17
N THR H 130 -62.75 25.21 6.86
CA THR H 130 -61.55 25.88 6.37
C THR H 130 -60.45 25.90 7.41
N VAL H 131 -60.77 26.37 8.60
CA VAL H 131 -59.79 26.44 9.67
C VAL H 131 -59.23 25.08 10.05
N LEU H 132 -60.09 24.09 10.27
CA LEU H 132 -59.61 22.76 10.64
C LEU H 132 -58.70 22.18 9.57
N GLN H 133 -58.95 22.57 8.33
CA GLN H 133 -58.12 22.10 7.22
C GLN H 133 -56.75 22.77 7.26
N LEU H 134 -56.75 24.10 7.39
CA LEU H 134 -55.51 24.87 7.44
C LEU H 134 -54.63 24.51 8.62
N ALA H 135 -55.24 24.38 9.79
CA ALA H 135 -54.50 24.06 11.00
C ALA H 135 -54.26 22.56 11.14
N ASN H 136 -54.79 21.79 10.20
CA ASN H 136 -54.65 20.33 10.20
C ASN H 136 -55.05 19.71 11.55
N VAL H 137 -56.21 20.13 12.04
CA VAL H 137 -56.75 19.63 13.30
C VAL H 137 -57.89 18.67 12.99
N SER H 138 -57.77 17.44 13.44
CA SER H 138 -58.80 16.44 13.21
C SER H 138 -59.80 16.37 14.34
N ASP H 139 -59.33 16.60 15.57
CA ASP H 139 -60.19 16.51 16.74
C ASP H 139 -60.03 17.67 17.71
N VAL H 140 -61.16 18.22 18.14
CA VAL H 140 -61.18 19.34 19.07
C VAL H 140 -61.91 18.93 20.34
N VAL H 141 -61.30 19.21 21.48
CA VAL H 141 -61.91 18.91 22.76
C VAL H 141 -62.43 20.25 23.29
N MET H 142 -63.73 20.32 23.53
CA MET H 142 -64.35 21.53 24.03
C MET H 142 -64.27 21.57 25.54
N THR H 143 -64.70 22.70 26.09
CA THR H 143 -64.78 22.90 27.53
C THR H 143 -66.28 23.08 27.70
N ASN H 144 -66.94 22.08 28.26
CA ASN H 144 -68.39 22.15 28.42
C ASN H 144 -68.83 22.31 29.87
N ASP H 145 -69.31 23.52 30.16
CA ASP H 145 -69.75 23.91 31.50
C ASP H 145 -71.27 23.97 31.64
N PRO H 146 -71.86 22.95 32.30
CA PRO H 146 -73.30 22.86 32.52
C PRO H 146 -73.86 24.01 33.36
N PHE H 147 -72.97 24.74 34.02
CA PHE H 147 -73.39 25.86 34.85
C PHE H 147 -73.61 27.15 34.08
N ASP H 148 -73.21 27.15 32.81
CA ASP H 148 -73.43 28.32 31.98
C ASP H 148 -74.77 28.16 31.29
N ASP H 149 -75.73 29.02 31.63
CA ASP H 149 -77.07 28.95 31.06
C ASP H 149 -77.14 28.73 29.57
N ASN H 150 -76.39 29.53 28.81
CA ASN H 150 -76.39 29.38 27.38
C ASN H 150 -76.05 27.95 26.96
N GLU H 151 -74.81 27.54 27.24
CA GLU H 151 -74.36 26.21 26.87
C GLU H 151 -75.31 25.11 27.33
N ARG H 152 -75.70 25.15 28.61
CA ARG H 152 -76.60 24.13 29.15
C ARG H 152 -77.83 23.88 28.30
N ILE H 153 -78.44 24.96 27.81
CA ILE H 153 -79.64 24.83 27.00
C ILE H 153 -79.40 23.99 25.74
N SER H 154 -78.26 24.19 25.08
CA SER H 154 -77.98 23.42 23.86
C SER H 154 -77.97 21.93 24.16
N TRP H 155 -77.42 21.53 25.30
CA TRP H 155 -77.38 20.13 25.67
C TRP H 155 -78.78 19.62 26.01
N LEU H 156 -79.53 20.42 26.76
CA LEU H 156 -80.88 20.05 27.14
C LEU H 156 -81.78 19.93 25.91
N GLU H 157 -81.43 20.68 24.86
CA GLU H 157 -82.20 20.65 23.61
C GLU H 157 -81.97 19.35 22.87
N GLY H 158 -80.90 18.63 23.24
CA GLY H 158 -80.60 17.38 22.57
C GLY H 158 -79.52 17.53 21.52
N LYS H 159 -78.92 18.72 21.43
CA LYS H 159 -77.87 18.93 20.45
C LYS H 159 -76.66 18.07 20.76
N GLN H 160 -76.03 17.57 19.71
CA GLN H 160 -74.84 16.76 19.85
C GLN H 160 -73.77 17.38 18.95
N PRO H 161 -72.50 17.38 19.40
CA PRO H 161 -71.45 17.96 18.56
C PRO H 161 -71.16 16.99 17.42
N ASP H 162 -70.65 17.48 16.28
CA ASP H 162 -70.33 16.55 15.21
C ASP H 162 -69.11 15.74 15.66
N SER H 163 -68.78 14.69 14.91
CA SER H 163 -67.67 13.80 15.26
C SER H 163 -66.29 14.43 15.47
N ARG H 164 -66.09 15.65 14.97
CA ARG H 164 -64.80 16.32 15.11
C ARG H 164 -64.63 16.99 16.48
N PHE H 165 -65.74 17.17 17.19
CA PHE H 165 -65.72 17.80 18.50
C PHE H 165 -66.05 16.85 19.64
N HIS H 166 -65.27 16.95 20.72
CA HIS H 166 -65.46 16.12 21.88
C HIS H 166 -65.72 16.96 23.11
N ALA H 167 -66.51 16.44 24.02
CA ALA H 167 -66.84 17.18 25.21
C ALA H 167 -65.96 16.85 26.38
N ALA H 168 -65.84 17.81 27.29
CA ALA H 168 -65.08 17.65 28.50
C ALA H 168 -65.92 18.36 29.55
N LEU H 169 -66.33 17.64 30.59
CA LEU H 169 -67.17 18.21 31.63
C LEU H 169 -66.38 19.15 32.55
N ARG H 170 -66.62 20.45 32.39
CA ARG H 170 -65.94 21.47 33.18
C ARG H 170 -66.71 21.70 34.48
N LEU H 171 -66.01 21.61 35.61
CA LEU H 171 -66.66 21.71 36.91
C LEU H 171 -66.23 22.82 37.89
N ASP H 172 -65.59 23.88 37.42
CA ASP H 172 -65.15 24.94 38.33
C ASP H 172 -66.18 25.40 39.37
N PRO H 173 -67.42 25.72 38.95
CA PRO H 173 -68.44 26.18 39.90
C PRO H 173 -68.76 25.19 41.02
N LEU H 174 -68.94 23.93 40.65
CA LEU H 174 -69.25 22.89 41.62
C LEU H 174 -68.14 22.75 42.65
N LEU H 175 -66.92 22.58 42.15
CA LEU H 175 -65.75 22.40 43.00
C LEU H 175 -65.19 23.63 43.71
N ASN H 176 -65.23 24.79 43.06
CA ASN H 176 -64.67 26.00 43.66
C ASN H 176 -65.66 26.95 44.30
N GLU H 177 -66.94 26.85 43.93
CA GLU H 177 -67.97 27.73 44.49
C GLU H 177 -69.18 26.91 44.95
N TYR H 178 -68.92 25.76 45.56
CA TYR H 178 -70.01 24.91 46.01
C TYR H 178 -71.08 25.61 46.83
N GLU H 179 -70.65 26.42 47.80
CA GLU H 179 -71.59 27.11 48.67
C GLU H 179 -72.65 27.89 47.91
N GLN H 180 -72.29 28.46 46.76
CA GLN H 180 -73.27 29.18 45.97
C GLN H 180 -73.92 28.22 44.98
N THR H 181 -73.10 27.38 44.37
CA THR H 181 -73.55 26.41 43.39
C THR H 181 -74.57 25.37 43.87
N LYS H 182 -74.47 24.97 45.14
CA LYS H 182 -75.39 23.97 45.67
C LYS H 182 -76.85 24.37 45.55
N HIS H 183 -77.10 25.68 45.55
CA HIS H 183 -78.46 26.17 45.43
C HIS H 183 -79.00 25.95 44.02
N ARG H 184 -78.12 25.95 43.03
CA ARG H 184 -78.55 25.73 41.66
C ARG H 184 -78.82 24.24 41.44
N LEU H 185 -78.01 23.39 42.09
CA LEU H 185 -78.19 21.95 41.96
C LEU H 185 -79.58 21.59 42.48
N ARG H 186 -79.97 22.22 43.59
CA ARG H 186 -81.28 21.98 44.18
C ARG H 186 -82.38 22.38 43.20
N ASP H 187 -82.19 23.52 42.55
CA ASP H 187 -83.15 24.00 41.56
C ASP H 187 -83.27 22.99 40.42
N TRP H 188 -82.23 22.18 40.23
CA TRP H 188 -82.24 21.20 39.15
C TRP H 188 -82.64 19.78 39.59
N GLY H 189 -83.13 19.66 40.82
CA GLY H 189 -83.56 18.36 41.30
C GLY H 189 -82.53 17.56 42.07
N TYR H 190 -81.35 18.15 42.29
CA TYR H 190 -80.31 17.47 43.04
C TYR H 190 -80.44 17.88 44.49
N LYS H 191 -81.04 17.00 45.27
CA LYS H 191 -81.30 17.29 46.67
C LYS H 191 -80.06 17.18 47.55
N VAL H 192 -79.21 18.19 47.47
CA VAL H 192 -78.00 18.24 48.29
C VAL H 192 -78.40 18.91 49.59
N ASN H 193 -77.87 18.41 50.71
CA ASN H 193 -78.21 18.96 52.01
C ASN H 193 -77.19 19.99 52.50
N ASP H 194 -77.52 20.66 53.59
CA ASP H 194 -76.64 21.65 54.17
C ASP H 194 -75.43 20.95 54.76
N GLU H 195 -75.62 19.70 55.15
CA GLU H 195 -74.55 18.89 55.73
C GLU H 195 -74.04 17.92 54.67
N TRP H 196 -72.73 17.69 54.66
CA TRP H 196 -72.15 16.76 53.69
C TRP H 196 -72.35 15.32 54.15
N ASN H 197 -73.57 14.84 53.99
CA ASN H 197 -73.91 13.47 54.38
C ASN H 197 -73.97 12.56 53.16
N GLU H 198 -74.42 11.33 53.37
CA GLU H 198 -74.52 10.36 52.29
C GLU H 198 -75.46 10.81 51.18
N GLY H 199 -76.52 11.52 51.57
CA GLY H 199 -77.48 12.01 50.59
C GLY H 199 -76.87 13.08 49.70
N SER H 200 -76.09 13.97 50.31
CA SER H 200 -75.45 15.04 49.56
C SER H 200 -74.42 14.44 48.60
N ILE H 201 -73.64 13.49 49.11
CA ILE H 201 -72.62 12.83 48.32
C ILE H 201 -73.26 12.12 47.13
N GLN H 202 -74.32 11.36 47.38
CA GLN H 202 -75.00 10.64 46.31
C GLN H 202 -75.64 11.55 45.28
N GLU H 203 -76.20 12.67 45.72
CA GLU H 203 -76.82 13.58 44.78
C GLU H 203 -75.78 14.25 43.90
N VAL H 204 -74.62 14.58 44.48
CA VAL H 204 -73.57 15.21 43.70
C VAL H 204 -73.04 14.21 42.68
N LYS H 205 -72.89 12.96 43.09
CA LYS H 205 -72.39 11.94 42.16
C LYS H 205 -73.40 11.80 41.03
N ARG H 206 -74.68 11.82 41.38
CA ARG H 206 -75.75 11.70 40.40
C ARG H 206 -75.67 12.84 39.39
N PHE H 207 -75.36 14.04 39.88
CA PHE H 207 -75.21 15.20 39.01
C PHE H 207 -74.09 14.94 38.02
N LEU H 208 -72.99 14.38 38.51
CA LEU H 208 -71.85 14.08 37.64
C LEU H 208 -72.19 13.00 36.64
N THR H 209 -72.81 11.93 37.12
CA THR H 209 -73.18 10.81 36.27
C THR H 209 -74.18 11.23 35.19
N ASP H 210 -75.11 12.11 35.53
CA ASP H 210 -76.10 12.57 34.55
C ASP H 210 -75.44 13.30 33.40
N TRP H 211 -74.48 14.17 33.70
CA TRP H 211 -73.81 14.92 32.65
C TRP H 211 -72.78 14.08 31.89
N ILE H 212 -72.24 13.06 32.54
CA ILE H 212 -71.29 12.19 31.84
C ILE H 212 -72.11 11.43 30.80
N GLU H 213 -73.34 11.09 31.14
CA GLU H 213 -74.20 10.37 30.22
C GLU H 213 -74.64 11.26 29.06
N ARG H 214 -74.94 12.53 29.35
CA ARG H 214 -75.40 13.42 28.29
C ARG H 214 -74.29 13.92 27.39
N MET H 215 -73.10 14.16 27.95
CA MET H 215 -71.99 14.67 27.14
C MET H 215 -71.02 13.63 26.65
N ASP H 216 -70.89 12.53 27.38
CA ASP H 216 -69.94 11.47 27.05
C ASP H 216 -68.58 12.16 26.88
N PRO H 217 -68.13 12.89 27.92
CA PRO H 217 -66.87 13.61 27.94
C PRO H 217 -65.62 12.73 27.91
N VAL H 218 -64.52 13.27 27.41
CA VAL H 218 -63.28 12.50 27.36
C VAL H 218 -62.58 12.60 28.72
N TYR H 219 -62.98 13.61 29.48
CA TYR H 219 -62.46 13.81 30.83
C TYR H 219 -63.24 14.90 31.54
N MET H 220 -63.11 14.95 32.87
CA MET H 220 -63.76 15.98 33.67
C MET H 220 -62.63 16.93 34.03
N ALA H 221 -62.92 18.22 34.04
CA ALA H 221 -61.86 19.21 34.31
C ALA H 221 -62.21 20.27 35.36
N VAL H 222 -61.16 20.97 35.80
CA VAL H 222 -61.30 22.05 36.77
C VAL H 222 -59.99 22.85 36.77
N SER H 223 -60.09 24.16 36.99
CA SER H 223 -58.89 24.99 37.06
C SER H 223 -58.82 25.32 38.55
N LEU H 224 -57.63 25.17 39.12
CA LEU H 224 -57.42 25.37 40.55
C LEU H 224 -56.45 26.51 40.90
N PRO H 225 -56.57 27.08 42.10
CA PRO H 225 -55.69 28.18 42.53
C PRO H 225 -54.31 27.74 42.98
N PRO H 226 -53.37 28.68 43.07
CA PRO H 226 -51.99 28.36 43.50
C PRO H 226 -51.99 27.66 44.86
N THR H 227 -53.00 27.96 45.68
CA THR H 227 -53.11 27.39 47.02
C THR H 227 -53.83 26.03 47.05
N PHE H 228 -54.09 25.47 45.88
CA PHE H 228 -54.77 24.19 45.81
C PHE H 228 -54.09 23.15 46.69
N SER H 229 -54.90 22.46 47.48
CA SER H 229 -54.38 21.45 48.39
C SER H 229 -55.31 20.24 48.47
N PHE H 230 -54.74 19.07 48.76
CA PHE H 230 -55.52 17.84 48.90
C PHE H 230 -54.71 16.78 49.63
N PRO H 231 -55.31 16.09 50.60
CA PRO H 231 -56.69 16.23 51.08
C PRO H 231 -56.95 17.59 51.71
N GLU H 232 -58.22 17.94 51.83
CA GLU H 232 -58.59 19.21 52.43
C GLU H 232 -60.03 19.13 52.92
N GLU H 233 -60.28 19.62 54.12
CA GLU H 233 -61.63 19.60 54.65
C GLU H 233 -62.36 20.84 54.18
N SER H 234 -62.75 20.81 52.91
CA SER H 234 -63.46 21.91 52.31
C SER H 234 -64.44 21.28 51.35
N ASN H 235 -65.34 22.06 50.80
CA ASN H 235 -66.30 21.52 49.86
C ASN H 235 -65.52 20.89 48.70
N ARG H 236 -64.51 21.61 48.20
CA ARG H 236 -63.71 21.10 47.09
C ARG H 236 -63.02 19.78 47.43
N GLY H 237 -62.34 19.75 48.58
CA GLY H 237 -61.64 18.53 48.99
C GLY H 237 -62.57 17.35 49.17
N ARG H 238 -63.73 17.59 49.77
CA ARG H 238 -64.71 16.54 50.01
C ARG H 238 -65.40 16.10 48.71
N ILE H 239 -65.76 17.06 47.86
CA ILE H 239 -66.42 16.70 46.61
C ILE H 239 -65.49 15.85 45.75
N ILE H 240 -64.20 16.19 45.76
CA ILE H 240 -63.23 15.43 44.98
C ILE H 240 -63.06 14.04 45.57
N ARG H 241 -62.88 13.98 46.89
CA ARG H 241 -62.69 12.71 47.57
C ARG H 241 -63.88 11.76 47.47
N ASP H 242 -65.05 12.23 47.88
CA ASP H 242 -66.25 11.39 47.89
C ASP H 242 -67.08 11.27 46.61
N CYS H 243 -66.97 12.24 45.71
CA CYS H 243 -67.77 12.17 44.48
C CYS H 243 -67.00 12.06 43.17
N LEU H 244 -66.19 13.08 42.87
CA LEU H 244 -65.41 13.13 41.63
C LEU H 244 -64.54 11.90 41.35
N LEU H 245 -63.61 11.59 42.24
CA LEU H 245 -62.70 10.46 42.02
C LEU H 245 -63.40 9.11 41.87
N PRO H 246 -64.32 8.77 42.80
CA PRO H 246 -64.97 7.47 42.63
C PRO H 246 -65.78 7.38 41.33
N VAL H 247 -66.45 8.46 40.95
CA VAL H 247 -67.21 8.46 39.71
C VAL H 247 -66.23 8.33 38.54
N ALA H 248 -65.15 9.09 38.58
CA ALA H 248 -64.15 9.05 37.51
C ALA H 248 -63.59 7.64 37.34
N GLU H 249 -63.39 6.95 38.45
CA GLU H 249 -62.86 5.59 38.41
C GLU H 249 -63.85 4.63 37.75
N LYS H 250 -65.09 4.65 38.24
CA LYS H 250 -66.13 3.78 37.70
C LYS H 250 -66.25 3.95 36.19
N HIS H 251 -66.25 5.19 35.73
CA HIS H 251 -66.35 5.47 34.30
C HIS H 251 -65.00 5.49 33.60
N ASN H 252 -63.94 5.26 34.36
CA ASN H 252 -62.60 5.26 33.80
C ASN H 252 -62.41 6.53 32.97
N ILE H 253 -62.69 7.67 33.58
CA ILE H 253 -62.56 8.98 32.95
C ILE H 253 -61.46 9.74 33.68
N PRO H 254 -60.48 10.26 32.93
CA PRO H 254 -59.40 11.01 33.59
C PRO H 254 -59.92 12.30 34.23
N PHE H 255 -59.19 12.79 35.21
CA PHE H 255 -59.54 14.03 35.87
C PHE H 255 -58.45 15.03 35.48
N ALA H 256 -58.85 16.10 34.79
CA ALA H 256 -57.91 17.13 34.35
C ALA H 256 -57.83 18.28 35.35
N MET H 257 -56.64 18.55 35.86
CA MET H 257 -56.47 19.64 36.81
C MET H 257 -55.56 20.70 36.20
N MET H 258 -56.07 21.92 36.06
CA MET H 258 -55.29 23.04 35.52
C MET H 258 -55.04 23.95 36.71
N ILE H 259 -53.87 23.77 37.32
CA ILE H 259 -53.46 24.49 38.52
C ILE H 259 -52.58 25.73 38.38
N GLY H 260 -52.86 26.74 39.21
CA GLY H 260 -52.06 27.95 39.21
C GLY H 260 -52.73 29.29 38.97
N VAL H 261 -54.01 29.31 38.62
CA VAL H 261 -54.68 30.57 38.36
C VAL H 261 -55.28 31.22 39.59
N LYS H 262 -54.99 32.51 39.77
CA LYS H 262 -55.53 33.29 40.88
C LYS H 262 -56.55 34.21 40.20
N LYS H 263 -57.82 33.83 40.32
CA LYS H 263 -58.92 34.54 39.68
C LYS H 263 -59.22 35.96 40.11
N ARG H 264 -59.61 36.77 39.13
CA ARG H 264 -60.01 38.15 39.33
C ARG H 264 -59.12 39.05 40.18
N VAL H 265 -57.82 39.12 39.88
CA VAL H 265 -56.98 40.01 40.68
C VAL H 265 -57.24 41.44 40.21
N HIS H 266 -57.86 41.57 39.04
CA HIS H 266 -58.23 42.87 38.48
C HIS H 266 -59.60 42.64 37.83
N PRO H 267 -60.67 42.66 38.64
CA PRO H 267 -62.07 42.47 38.25
C PRO H 267 -62.56 43.18 36.99
N ALA H 268 -62.23 44.45 36.85
CA ALA H 268 -62.67 45.24 35.70
C ALA H 268 -62.17 44.72 34.36
N LEU H 269 -61.09 43.93 34.36
CA LEU H 269 -60.57 43.40 33.11
C LEU H 269 -61.33 42.17 32.63
N GLY H 270 -62.32 41.73 33.41
CA GLY H 270 -63.09 40.56 33.01
C GLY H 270 -62.20 39.35 32.82
N ASP H 271 -62.42 38.59 31.74
CA ASP H 271 -61.61 37.40 31.48
C ASP H 271 -60.11 37.68 31.44
N ALA H 272 -59.75 38.94 31.26
CA ALA H 272 -58.34 39.33 31.21
C ALA H 272 -57.78 39.68 32.59
N GLY H 273 -58.58 39.47 33.63
CA GLY H 273 -58.13 39.82 34.97
C GLY H 273 -57.54 38.76 35.88
N ASP H 274 -57.17 37.60 35.35
CA ASP H 274 -56.63 36.55 36.21
C ASP H 274 -55.10 36.57 36.29
N PHE H 275 -54.58 36.18 37.45
CA PHE H 275 -53.14 36.18 37.71
C PHE H 275 -52.63 34.74 37.87
N VAL H 276 -51.38 34.62 38.31
CA VAL H 276 -50.76 33.30 38.48
C VAL H 276 -49.94 33.22 39.76
N GLY H 277 -49.71 32.00 40.22
CA GLY H 277 -48.93 31.78 41.41
C GLY H 277 -48.42 30.36 41.41
N LYS H 278 -47.24 30.15 41.98
CA LYS H 278 -46.66 28.81 42.05
C LYS H 278 -47.46 28.00 43.06
N ALA H 279 -47.70 26.72 42.75
CA ALA H 279 -48.45 25.85 43.63
C ALA H 279 -47.57 24.79 44.27
N SER H 280 -48.04 24.24 45.39
CA SER H 280 -47.33 23.15 46.07
C SER H 280 -47.67 21.91 45.27
N MET H 281 -46.74 20.98 45.17
CA MET H 281 -46.98 19.75 44.42
C MET H 281 -47.56 18.66 45.33
N ASP H 282 -47.71 18.95 46.62
CA ASP H 282 -48.21 17.97 47.57
C ASP H 282 -49.56 17.35 47.24
N GLY H 283 -50.55 18.20 46.99
CA GLY H 283 -51.88 17.69 46.68
C GLY H 283 -51.87 16.78 45.45
N VAL H 284 -51.16 17.18 44.40
CA VAL H 284 -51.09 16.38 43.18
C VAL H 284 -50.40 15.06 43.49
N GLU H 285 -49.30 15.14 44.24
CA GLU H 285 -48.53 13.95 44.62
C GLU H 285 -49.44 12.98 45.37
N HIS H 286 -50.19 13.50 46.34
CA HIS H 286 -51.10 12.67 47.12
C HIS H 286 -52.13 11.97 46.23
N LEU H 287 -52.79 12.75 45.38
CA LEU H 287 -53.80 12.22 44.48
C LEU H 287 -53.28 11.07 43.64
N LEU H 288 -52.12 11.29 43.03
CA LEU H 288 -51.50 10.27 42.18
C LEU H 288 -51.16 9.01 42.94
N ARG H 289 -50.53 9.16 44.10
CA ARG H 289 -50.14 8.00 44.89
C ARG H 289 -51.31 7.25 45.53
N GLU H 290 -52.19 8.01 46.18
CA GLU H 290 -53.33 7.42 46.86
C GLU H 290 -54.51 6.94 46.00
N TYR H 291 -54.58 7.39 44.75
CA TYR H 291 -55.65 6.96 43.85
C TYR H 291 -55.05 6.41 42.56
N PRO H 292 -54.33 5.28 42.68
CA PRO H 292 -53.67 4.61 41.56
C PRO H 292 -54.58 4.16 40.44
N ASN H 293 -55.86 4.00 40.72
CA ASN H 293 -56.81 3.56 39.70
C ASN H 293 -57.48 4.74 39.02
N ASN H 294 -57.05 5.95 39.38
CA ASN H 294 -57.58 7.15 38.75
C ASN H 294 -56.53 7.70 37.80
N LYS H 295 -56.97 8.29 36.69
CA LYS H 295 -56.06 8.88 35.72
C LYS H 295 -56.15 10.40 35.83
N PHE H 296 -55.01 11.07 35.81
CA PHE H 296 -54.98 12.52 35.94
C PHE H 296 -54.26 13.23 34.81
N LEU H 297 -54.89 14.26 34.27
CA LEU H 297 -54.30 15.08 33.22
C LEU H 297 -53.95 16.38 33.92
N VAL H 298 -52.67 16.75 33.93
CA VAL H 298 -52.29 17.98 34.62
C VAL H 298 -51.48 18.95 33.78
N THR H 299 -51.70 20.24 34.02
CA THR H 299 -50.96 21.32 33.37
C THR H 299 -50.95 22.41 34.45
N MET H 300 -49.83 23.11 34.59
CA MET H 300 -49.73 24.16 35.60
C MET H 300 -49.42 25.52 34.99
N LEU H 301 -49.83 26.57 35.69
CA LEU H 301 -49.68 27.93 35.16
C LEU H 301 -48.36 28.62 35.44
N SER H 302 -47.74 28.29 36.56
CA SER H 302 -46.49 28.92 36.95
C SER H 302 -45.27 28.32 36.28
N ARG H 303 -44.39 29.18 35.78
CA ARG H 303 -43.15 28.73 35.13
C ARG H 303 -42.31 27.94 36.13
N GLU H 304 -42.40 28.33 37.39
CA GLU H 304 -41.64 27.70 38.46
C GLU H 304 -42.12 26.30 38.88
N ASN H 305 -43.27 25.86 38.35
CA ASN H 305 -43.83 24.55 38.66
C ASN H 305 -43.51 23.51 37.59
N GLN H 306 -43.09 23.98 36.41
CA GLN H 306 -42.84 23.08 35.28
C GLN H 306 -41.87 21.93 35.42
N HIS H 307 -40.68 22.20 35.96
CA HIS H 307 -39.70 21.13 36.07
C HIS H 307 -40.12 20.06 37.10
N GLU H 308 -40.59 20.48 38.27
CA GLU H 308 -41.01 19.52 39.28
C GLU H 308 -42.23 18.72 38.83
N LEU H 309 -43.03 19.31 37.95
CA LEU H 309 -44.20 18.59 37.42
C LEU H 309 -43.67 17.46 36.53
N VAL H 310 -42.61 17.75 35.78
CA VAL H 310 -42.01 16.74 34.91
C VAL H 310 -41.46 15.60 35.77
N VAL H 311 -40.79 15.94 36.87
CA VAL H 311 -40.25 14.89 37.73
C VAL H 311 -41.39 14.06 38.34
N LEU H 312 -42.50 14.72 38.66
CA LEU H 312 -43.62 14.00 39.24
C LEU H 312 -44.15 13.00 38.23
N ALA H 313 -44.07 13.37 36.94
CA ALA H 313 -44.52 12.48 35.88
C ALA H 313 -43.63 11.23 35.83
N ARG H 314 -42.36 11.40 36.16
CA ARG H 314 -41.43 10.27 36.16
C ARG H 314 -41.82 9.28 37.25
N LYS H 315 -42.43 9.78 38.31
CA LYS H 315 -42.86 8.97 39.45
C LYS H 315 -44.15 8.18 39.25
N PHE H 316 -45.14 8.83 38.62
CA PHE H 316 -46.46 8.20 38.46
C PHE H 316 -47.00 8.09 37.05
N SER H 317 -47.23 6.85 36.61
CA SER H 317 -47.77 6.61 35.28
C SER H 317 -49.24 7.02 35.13
N ASN H 318 -49.95 7.22 36.24
CA ASN H 318 -51.34 7.64 36.13
C ASN H 318 -51.42 9.16 35.97
N LEU H 319 -50.25 9.77 35.76
CA LEU H 319 -50.15 11.20 35.53
C LEU H 319 -49.73 11.46 34.10
N MET H 320 -50.55 12.22 33.38
CA MET H 320 -50.23 12.60 32.01
C MET H 320 -50.19 14.13 32.04
N ILE H 321 -49.02 14.70 31.78
CA ILE H 321 -48.94 16.15 31.76
C ILE H 321 -49.19 16.62 30.33
N PHE H 322 -49.79 17.79 30.19
CA PHE H 322 -50.08 18.30 28.85
C PHE H 322 -49.95 19.80 28.71
N GLY H 323 -49.67 20.23 27.48
CA GLY H 323 -49.57 21.64 27.13
C GLY H 323 -48.71 22.63 27.87
N CYS H 324 -48.69 23.84 27.31
CA CYS H 324 -47.98 25.00 27.84
C CYS H 324 -49.12 25.99 27.99
N TRP H 325 -49.72 25.94 29.16
CA TRP H 325 -50.90 26.71 29.49
C TRP H 325 -50.88 28.21 29.74
N TRP H 326 -51.69 28.92 28.94
CA TRP H 326 -51.92 30.35 29.11
C TRP H 326 -50.67 31.24 29.16
N PHE H 327 -50.22 31.57 30.37
CA PHE H 327 -49.05 32.40 30.52
C PHE H 327 -47.79 31.64 30.18
N MET H 328 -47.93 30.32 30.01
CA MET H 328 -46.82 29.45 29.65
C MET H 328 -46.80 29.33 28.11
N ASN H 329 -47.90 29.72 27.47
CA ASN H 329 -48.01 29.60 26.01
C ASN H 329 -47.29 30.69 25.22
N ASN H 330 -45.99 30.85 25.52
CA ASN H 330 -45.14 31.83 24.85
C ASN H 330 -43.87 31.08 24.42
N PRO H 331 -43.37 31.35 23.20
CA PRO H 331 -42.18 30.70 22.65
C PRO H 331 -41.05 30.36 23.63
N GLU H 332 -40.56 31.35 24.37
CA GLU H 332 -39.49 31.10 25.33
C GLU H 332 -39.83 29.98 26.30
N ILE H 333 -41.04 29.98 26.84
CA ILE H 333 -41.47 28.95 27.80
C ILE H 333 -41.78 27.61 27.11
N ILE H 334 -42.53 27.66 26.02
CA ILE H 334 -42.89 26.43 25.30
C ILE H 334 -41.60 25.66 24.99
N ASN H 335 -40.57 26.39 24.59
CA ASN H 335 -39.29 25.77 24.26
C ASN H 335 -38.60 25.12 25.45
N GLU H 336 -38.42 25.85 26.56
CA GLU H 336 -37.75 25.24 27.71
C GLU H 336 -38.59 24.09 28.29
N MET H 337 -39.91 24.27 28.31
CA MET H 337 -40.80 23.23 28.83
C MET H 337 -40.72 21.95 28.01
N THR H 338 -40.90 22.08 26.70
CA THR H 338 -40.85 20.91 25.83
C THR H 338 -39.51 20.19 25.90
N ARG H 339 -38.42 20.93 26.07
CA ARG H 339 -37.09 20.30 26.16
C ARG H 339 -36.87 19.57 27.51
N MET H 340 -37.34 20.15 28.61
CA MET H 340 -37.20 19.47 29.91
C MET H 340 -38.06 18.20 29.91
N ARG H 341 -39.26 18.33 29.36
CA ARG H 341 -40.19 17.22 29.28
C ARG H 341 -39.68 16.05 28.43
N MET H 342 -39.11 16.36 27.27
CA MET H 342 -38.62 15.28 26.43
C MET H 342 -37.35 14.65 26.98
N GLU H 343 -36.51 15.45 27.63
CA GLU H 343 -35.27 14.92 28.20
C GLU H 343 -35.52 13.97 29.38
N MET H 344 -36.61 14.19 30.11
CA MET H 344 -36.91 13.33 31.26
C MET H 344 -38.05 12.35 31.02
N LEU H 345 -38.83 12.54 29.95
CA LEU H 345 -39.96 11.67 29.67
C LEU H 345 -39.95 11.05 28.28
N GLY H 346 -38.92 11.32 27.48
CA GLY H 346 -38.91 10.76 26.13
C GLY H 346 -40.14 11.32 25.42
N THR H 347 -41.01 10.47 24.90
CA THR H 347 -42.23 10.93 24.23
C THR H 347 -43.52 10.65 25.02
N SER H 348 -43.41 10.30 26.29
CA SER H 348 -44.60 9.98 27.08
C SER H 348 -45.30 11.19 27.73
N PHE H 349 -45.65 12.16 26.91
CA PHE H 349 -46.35 13.35 27.36
C PHE H 349 -47.07 14.00 26.18
N ILE H 350 -47.86 15.02 26.47
CA ILE H 350 -48.62 15.73 25.43
C ILE H 350 -48.04 17.13 25.46
N PRO H 351 -47.23 17.48 24.47
CA PRO H 351 -46.62 18.82 24.45
C PRO H 351 -47.51 20.05 24.40
N GLN H 352 -48.60 19.99 23.65
CA GLN H 352 -49.41 21.20 23.53
C GLN H 352 -50.91 21.05 23.25
N HIS H 353 -51.63 22.14 23.53
CA HIS H 353 -53.06 22.28 23.27
C HIS H 353 -53.18 23.76 22.90
N SER H 354 -54.26 24.16 22.25
CA SER H 354 -54.38 25.55 21.82
C SER H 354 -55.09 26.48 22.79
N ASP H 355 -56.10 25.96 23.48
CA ASP H 355 -56.86 26.78 24.40
C ASP H 355 -57.58 27.86 23.61
N ALA H 356 -57.81 27.61 22.32
CA ALA H 356 -58.45 28.59 21.46
C ALA H 356 -59.85 28.97 21.93
N ARG H 357 -60.10 30.27 22.02
CA ARG H 357 -61.40 30.79 22.40
C ARG H 357 -62.09 31.24 21.11
N VAL H 358 -61.27 31.53 20.10
CA VAL H 358 -61.73 31.96 18.78
C VAL H 358 -61.24 30.95 17.73
N LEU H 359 -62.16 30.47 16.91
CA LEU H 359 -61.86 29.45 15.89
C LEU H 359 -60.54 29.61 15.12
N GLU H 360 -60.35 30.74 14.47
CA GLU H 360 -59.14 30.97 13.70
C GLU H 360 -57.83 30.76 14.46
N GLN H 361 -57.86 30.94 15.77
CA GLN H 361 -56.65 30.79 16.58
C GLN H 361 -56.00 29.42 16.43
N LEU H 362 -56.77 28.42 16.02
CA LEU H 362 -56.23 27.08 15.82
C LEU H 362 -55.06 27.17 14.85
N ILE H 363 -55.18 28.09 13.89
CA ILE H 363 -54.14 28.25 12.90
C ILE H 363 -52.80 28.67 13.51
N TYR H 364 -52.76 29.80 14.20
CA TYR H 364 -51.51 30.26 14.78
C TYR H 364 -51.06 29.46 15.99
N LYS H 365 -51.98 29.08 16.85
CA LYS H 365 -51.63 28.30 18.03
C LYS H 365 -50.81 27.09 17.61
N TRP H 366 -51.32 26.34 16.63
CA TRP H 366 -50.60 25.15 16.18
C TRP H 366 -49.41 25.45 15.27
N HIS H 367 -49.50 26.51 14.46
CA HIS H 367 -48.37 26.84 13.60
C HIS H 367 -47.15 27.18 14.49
N HIS H 368 -47.34 28.14 15.39
CA HIS H 368 -46.26 28.56 16.29
C HIS H 368 -45.69 27.43 17.14
N SER H 369 -46.57 26.57 17.66
CA SER H 369 -46.12 25.48 18.52
C SER H 369 -45.45 24.35 17.76
N LYS H 370 -45.99 24.01 16.60
CA LYS H 370 -45.38 22.95 15.83
C LYS H 370 -43.96 23.30 15.41
N SER H 371 -43.69 24.57 15.10
CA SER H 371 -42.34 24.93 14.68
C SER H 371 -41.36 24.76 15.84
N ILE H 372 -41.78 25.10 17.05
CA ILE H 372 -40.92 24.95 18.21
C ILE H 372 -40.73 23.46 18.53
N ILE H 373 -41.84 22.73 18.52
CA ILE H 373 -41.78 21.29 18.81
C ILE H 373 -40.93 20.59 17.77
N ALA H 374 -41.01 21.04 16.52
CA ALA H 374 -40.21 20.43 15.46
C ALA H 374 -38.72 20.62 15.76
N GLU H 375 -38.33 21.85 16.14
CA GLU H 375 -36.93 22.13 16.44
C GLU H 375 -36.42 21.26 17.59
N VAL H 376 -37.25 21.07 18.62
CA VAL H 376 -36.86 20.25 19.74
C VAL H 376 -36.62 18.81 19.27
N LEU H 377 -37.53 18.29 18.46
CA LEU H 377 -37.41 16.92 17.95
C LEU H 377 -36.16 16.74 17.09
N ILE H 378 -35.87 17.72 16.24
CA ILE H 378 -34.70 17.64 15.38
C ILE H 378 -33.45 17.50 16.25
N ASP H 379 -33.36 18.30 17.31
CA ASP H 379 -32.20 18.22 18.20
C ASP H 379 -32.13 16.85 18.84
N LYS H 380 -33.21 16.41 19.47
CA LYS H 380 -33.19 15.12 20.13
C LYS H 380 -32.87 13.98 19.17
N TYR H 381 -33.41 14.01 17.97
CA TYR H 381 -33.13 12.96 16.98
C TYR H 381 -31.68 13.05 16.54
N ASP H 382 -31.19 14.26 16.32
CA ASP H 382 -29.81 14.43 15.89
C ASP H 382 -28.87 13.86 16.96
N ASP H 383 -29.21 14.08 18.22
CA ASP H 383 -28.35 13.58 19.29
C ASP H 383 -28.23 12.06 19.29
N ILE H 384 -29.28 11.33 18.94
CA ILE H 384 -29.14 9.87 18.93
C ILE H 384 -28.56 9.36 17.62
N LEU H 385 -28.70 10.12 16.54
CA LEU H 385 -28.10 9.72 15.26
C LEU H 385 -26.58 9.83 15.51
N GLN H 386 -26.22 10.86 16.26
CA GLN H 386 -24.83 11.13 16.61
C GLN H 386 -24.30 9.97 17.47
N ALA H 387 -25.17 9.35 18.26
CA ALA H 387 -24.78 8.23 19.12
C ALA H 387 -24.79 6.92 18.34
N GLY H 388 -25.06 6.97 17.05
CA GLY H 388 -25.08 5.76 16.23
C GLY H 388 -26.43 5.12 15.94
N TRP H 389 -27.48 5.62 16.59
CA TRP H 389 -28.81 5.08 16.38
C TRP H 389 -29.31 5.47 15.00
N GLU H 390 -30.00 4.56 14.33
CA GLU H 390 -30.54 4.85 13.02
C GLU H 390 -32.06 4.99 13.05
N VAL H 391 -32.51 6.22 13.25
CA VAL H 391 -33.93 6.51 13.29
C VAL H 391 -34.48 6.48 11.87
N THR H 392 -35.62 5.84 11.67
CA THR H 392 -36.22 5.78 10.34
C THR H 392 -37.31 6.84 10.26
N GLU H 393 -37.71 7.17 9.04
CA GLU H 393 -38.75 8.16 8.82
C GLU H 393 -40.07 7.68 9.40
N GLU H 394 -40.34 6.38 9.30
CA GLU H 394 -41.57 5.83 9.84
C GLU H 394 -41.59 5.95 11.37
N GLU H 395 -40.43 5.79 11.99
CA GLU H 395 -40.37 5.91 13.44
C GLU H 395 -40.64 7.37 13.82
N ILE H 396 -40.14 8.30 13.01
CA ILE H 396 -40.37 9.72 13.25
C ILE H 396 -41.86 10.04 13.17
N LYS H 397 -42.54 9.51 12.16
CA LYS H 397 -43.97 9.78 12.02
C LYS H 397 -44.73 9.18 13.20
N ARG H 398 -44.29 8.02 13.66
CA ARG H 398 -44.92 7.35 14.79
C ARG H 398 -44.84 8.22 16.05
N ASP H 399 -43.63 8.66 16.39
CA ASP H 399 -43.42 9.50 17.56
C ASP H 399 -44.25 10.79 17.47
N VAL H 400 -44.29 11.37 16.27
CA VAL H 400 -45.05 12.60 16.06
C VAL H 400 -46.55 12.35 16.27
N ALA H 401 -47.04 11.20 15.82
CA ALA H 401 -48.46 10.89 16.00
C ALA H 401 -48.75 10.76 17.50
N ASP H 402 -47.83 10.13 18.23
CA ASP H 402 -47.99 9.97 19.67
C ASP H 402 -48.14 11.31 20.35
N LEU H 403 -47.18 12.19 20.10
CA LEU H 403 -47.16 13.51 20.71
C LEU H 403 -48.35 14.42 20.40
N PHE H 404 -48.79 14.42 19.15
CA PHE H 404 -49.89 15.28 18.73
C PHE H 404 -51.30 14.68 18.75
N SER H 405 -51.40 13.38 19.02
CA SER H 405 -52.71 12.75 19.02
C SER H 405 -52.87 11.46 19.82
N ARG H 406 -52.14 10.42 19.43
CA ARG H 406 -52.24 9.12 20.10
C ARG H 406 -52.03 9.06 21.60
N ASN H 407 -51.10 9.85 22.14
CA ASN H 407 -50.87 9.79 23.58
C ASN H 407 -52.13 10.18 24.33
N PHE H 408 -52.83 11.19 23.83
CA PHE H 408 -54.06 11.63 24.47
C PHE H 408 -55.16 10.56 24.46
N TRP H 409 -55.47 10.03 23.28
CA TRP H 409 -56.51 9.02 23.16
C TRP H 409 -56.20 7.74 23.95
N ARG H 410 -54.91 7.39 23.96
CA ARG H 410 -54.45 6.20 24.67
C ARG H 410 -54.65 6.39 26.18
N PHE H 411 -54.42 7.61 26.65
CA PHE H 411 -54.57 7.91 28.08
C PHE H 411 -56.03 7.97 28.52
N VAL H 412 -56.88 8.65 27.75
CA VAL H 412 -58.29 8.75 28.10
C VAL H 412 -59.03 7.43 27.86
N GLY H 413 -58.33 6.47 27.25
CA GLY H 413 -58.92 5.17 26.99
C GLY H 413 -60.00 5.20 25.93
N ARG H 414 -59.83 6.05 24.92
CA ARG H 414 -60.79 6.17 23.82
C ARG H 414 -60.06 6.13 22.47
N SER I 2 -36.37 47.61 0.68
CA SER I 2 -37.34 47.25 1.76
C SER I 2 -36.80 46.16 2.67
N ILE I 3 -37.36 46.05 3.87
CA ILE I 3 -36.94 45.04 4.82
C ILE I 3 -37.78 43.82 4.54
N ASN I 4 -37.21 42.84 3.83
CA ASN I 4 -37.94 41.64 3.47
C ASN I 4 -37.22 40.32 3.77
N SER I 5 -36.29 40.34 4.72
CA SER I 5 -35.60 39.10 5.11
C SER I 5 -35.03 39.28 6.50
N ARG I 6 -34.77 38.16 7.17
CA ARG I 6 -34.20 38.22 8.51
C ARG I 6 -32.84 38.92 8.42
N GLU I 7 -32.10 38.62 7.36
CA GLU I 7 -30.79 39.21 7.15
C GLU I 7 -30.83 40.74 7.07
N VAL I 8 -31.83 41.27 6.39
CA VAL I 8 -31.94 42.72 6.29
C VAL I 8 -32.37 43.28 7.63
N LEU I 9 -33.31 42.59 8.27
CA LEU I 9 -33.80 42.99 9.58
C LEU I 9 -32.65 43.12 10.58
N ALA I 10 -31.77 42.12 10.61
CA ALA I 10 -30.65 42.12 11.52
C ALA I 10 -29.82 43.39 11.39
N GLU I 11 -29.58 43.83 10.16
CA GLU I 11 -28.80 45.04 9.96
C GLU I 11 -29.56 46.27 10.42
N LYS I 12 -30.83 46.39 10.02
CA LYS I 12 -31.63 47.54 10.41
C LYS I 12 -31.84 47.57 11.93
N VAL I 13 -32.10 46.41 12.53
CA VAL I 13 -32.32 46.39 13.97
C VAL I 13 -31.03 46.75 14.72
N LYS I 14 -29.94 46.08 14.39
CA LYS I 14 -28.66 46.36 15.06
C LYS I 14 -28.30 47.84 14.94
N ASN I 15 -28.39 48.39 13.73
CA ASN I 15 -28.07 49.80 13.53
C ASN I 15 -28.96 50.66 14.41
N ALA I 16 -30.27 50.40 14.37
CA ALA I 16 -31.23 51.16 15.15
C ALA I 16 -30.87 51.12 16.65
N VAL I 17 -30.68 49.91 17.18
CA VAL I 17 -30.32 49.76 18.59
C VAL I 17 -29.01 50.49 18.93
N ASN I 18 -27.99 50.31 18.09
CA ASN I 18 -26.70 50.94 18.31
C ASN I 18 -26.74 52.46 18.30
N ASN I 19 -27.57 53.03 17.43
CA ASN I 19 -27.65 54.48 17.34
C ASN I 19 -28.65 55.18 18.24
N GLN I 20 -29.56 54.42 18.85
CA GLN I 20 -30.57 55.01 19.72
C GLN I 20 -29.95 55.55 21.02
N PRO I 21 -30.06 56.86 21.24
CA PRO I 21 -29.50 57.42 22.49
C PRO I 21 -30.24 56.81 23.68
N VAL I 22 -29.48 56.44 24.70
CA VAL I 22 -30.02 55.79 25.87
C VAL I 22 -30.34 56.64 27.10
N THR I 23 -31.50 56.40 27.70
CA THR I 23 -31.87 57.04 28.95
C THR I 23 -31.68 55.91 29.97
N ASP I 24 -30.65 56.02 30.80
CA ASP I 24 -30.35 55.01 31.81
C ASP I 24 -31.18 55.40 33.05
N MET I 25 -32.34 54.78 33.25
CA MET I 25 -33.18 55.20 34.38
C MET I 25 -32.85 54.77 35.80
N HIS I 26 -31.68 54.18 36.01
CA HIS I 26 -31.23 53.83 37.36
C HIS I 26 -29.75 53.52 37.42
N THR I 27 -28.99 54.44 38.04
CA THR I 27 -27.55 54.28 38.18
C THR I 27 -27.11 54.83 39.53
N HIS I 28 -25.81 54.70 39.81
CA HIS I 28 -25.21 55.21 41.03
C HIS I 28 -24.10 56.16 40.62
N LEU I 29 -24.42 56.98 39.63
CA LEU I 29 -23.52 57.98 39.09
C LEU I 29 -24.03 59.34 39.53
N PHE I 30 -23.21 60.37 39.38
CA PHE I 30 -23.60 61.71 39.79
C PHE I 30 -23.07 62.74 38.80
N SER I 31 -23.77 63.86 38.67
CA SER I 31 -23.33 64.94 37.78
C SER I 31 -21.89 65.20 38.22
N PRO I 32 -20.98 65.44 37.27
CA PRO I 32 -19.57 65.69 37.62
C PRO I 32 -19.34 66.83 38.61
N ASN I 33 -20.19 67.83 38.59
CA ASN I 33 -20.06 68.97 39.49
C ASN I 33 -20.39 68.60 40.94
N PHE I 34 -20.53 67.30 41.22
CA PHE I 34 -20.84 66.87 42.57
C PHE I 34 -19.62 66.43 43.35
N GLY I 35 -18.48 66.35 42.66
CA GLY I 35 -17.24 65.97 43.32
C GLY I 35 -16.76 64.55 43.11
N GLU I 36 -15.89 64.09 43.99
CA GLU I 36 -15.33 62.76 43.91
C GLU I 36 -16.36 61.66 44.18
N ILE I 37 -17.57 62.06 44.54
CA ILE I 37 -18.63 61.10 44.80
C ILE I 37 -18.87 60.35 43.49
N LEU I 38 -18.61 61.03 42.38
CA LEU I 38 -18.75 60.42 41.07
C LEU I 38 -17.50 59.59 40.85
N LEU I 39 -17.65 58.27 40.82
CA LEU I 39 -16.52 57.37 40.64
C LEU I 39 -16.20 57.11 39.18
N TRP I 40 -14.90 56.99 38.88
CA TRP I 40 -14.46 56.70 37.54
C TRP I 40 -12.96 56.41 37.49
N ASP I 41 -12.56 55.76 36.40
CA ASP I 41 -11.19 55.35 36.08
C ASP I 41 -11.02 53.85 36.24
N ILE I 42 -9.93 53.33 35.69
CA ILE I 42 -9.65 51.90 35.71
C ILE I 42 -9.55 51.23 37.09
N ASP I 43 -9.08 51.94 38.10
CA ASP I 43 -8.97 51.34 39.43
C ASP I 43 -10.36 51.18 40.04
N GLU I 44 -11.24 52.14 39.77
CA GLU I 44 -12.60 52.10 40.28
C GLU I 44 -13.31 50.90 39.65
N LEU I 45 -13.20 50.79 38.33
CA LEU I 45 -13.81 49.68 37.60
C LEU I 45 -13.37 48.35 38.18
N LEU I 46 -12.07 48.23 38.44
CA LEU I 46 -11.49 47.01 38.98
C LEU I 46 -11.90 46.69 40.42
N THR I 47 -12.21 47.71 41.21
CA THR I 47 -12.59 47.48 42.60
C THR I 47 -14.11 47.56 42.80
N TYR I 48 -14.85 47.34 41.71
CA TYR I 48 -16.31 47.32 41.72
C TYR I 48 -16.63 46.16 42.67
N HIS I 49 -17.60 46.32 43.56
CA HIS I 49 -17.88 45.24 44.50
C HIS I 49 -18.22 43.91 43.86
N TYR I 50 -18.75 43.93 42.64
CA TYR I 50 -19.05 42.68 41.96
C TYR I 50 -17.73 41.94 41.82
N LEU I 51 -16.66 42.69 41.57
CA LEU I 51 -15.32 42.09 41.43
C LEU I 51 -14.72 41.74 42.79
N VAL I 52 -15.10 42.49 43.83
CA VAL I 52 -14.59 42.21 45.17
C VAL I 52 -15.09 40.83 45.57
N ALA I 53 -16.39 40.60 45.37
CA ALA I 53 -17.01 39.32 45.70
C ALA I 53 -16.32 38.18 44.99
N GLU I 54 -16.07 38.36 43.70
CA GLU I 54 -15.41 37.33 42.91
C GLU I 54 -13.96 37.05 43.28
N VAL I 55 -13.18 38.08 43.58
CA VAL I 55 -11.79 37.84 43.91
C VAL I 55 -11.66 37.06 45.22
N MET I 56 -12.58 37.30 46.15
CA MET I 56 -12.55 36.62 47.44
C MET I 56 -12.72 35.10 47.37
N ARG I 57 -13.24 34.61 46.25
CA ARG I 57 -13.42 33.17 46.08
C ARG I 57 -12.11 32.54 45.66
N TRP I 58 -11.14 33.37 45.29
CA TRP I 58 -9.84 32.89 44.82
C TRP I 58 -8.63 33.24 45.70
N THR I 59 -8.54 34.50 46.11
CA THR I 59 -7.40 35.00 46.87
C THR I 59 -7.25 34.55 48.32
N ASP I 60 -5.99 34.35 48.73
CA ASP I 60 -5.69 33.95 50.10
C ASP I 60 -5.74 35.17 51.01
N VAL I 61 -5.76 36.34 50.40
CA VAL I 61 -5.84 37.58 51.16
C VAL I 61 -7.15 37.63 51.93
N SER I 62 -7.06 37.87 53.23
CA SER I 62 -8.24 37.96 54.07
C SER I 62 -9.00 39.23 53.71
N ILE I 63 -10.31 39.20 53.90
CA ILE I 63 -11.13 40.35 53.58
C ILE I 63 -10.68 41.59 54.36
N GLU I 64 -10.20 41.39 55.59
CA GLU I 64 -9.72 42.51 56.42
C GLU I 64 -8.48 43.14 55.77
N ALA I 65 -7.58 42.28 55.30
CA ALA I 65 -6.36 42.73 54.66
C ALA I 65 -6.72 43.51 53.39
N PHE I 66 -7.55 42.91 52.55
CA PHE I 66 -7.97 43.55 51.30
C PHE I 66 -8.47 44.95 51.60
N TRP I 67 -9.37 45.06 52.57
CA TRP I 67 -9.94 46.35 52.97
C TRP I 67 -8.84 47.29 53.43
N ALA I 68 -7.81 46.75 54.05
CA ALA I 68 -6.69 47.55 54.55
C ALA I 68 -5.87 48.16 53.40
N MET I 69 -5.89 47.49 52.25
CA MET I 69 -5.14 47.95 51.08
C MET I 69 -5.66 49.27 50.51
N SER I 70 -4.88 49.84 49.60
CA SER I 70 -5.25 51.08 48.93
C SER I 70 -5.93 50.69 47.63
N LYS I 71 -6.73 51.61 47.07
CA LYS I 71 -7.44 51.35 45.83
C LYS I 71 -6.54 50.69 44.79
N ARG I 72 -5.34 51.24 44.63
CA ARG I 72 -4.39 50.70 43.66
C ARG I 72 -3.96 49.29 43.97
N GLU I 73 -3.68 49.00 45.23
CA GLU I 73 -3.28 47.66 45.64
C GLU I 73 -4.40 46.67 45.38
N GLN I 74 -5.61 47.05 45.77
CA GLN I 74 -6.77 46.18 45.58
C GLN I 74 -6.98 45.90 44.10
N ALA I 75 -6.98 46.97 43.29
CA ALA I 75 -7.15 46.85 41.85
C ALA I 75 -6.13 45.88 41.28
N ASP I 76 -4.88 46.02 41.71
CA ASP I 76 -3.82 45.15 41.23
C ASP I 76 -4.00 43.70 41.67
N LEU I 77 -4.60 43.52 42.85
CA LEU I 77 -4.85 42.19 43.36
C LEU I 77 -5.94 41.53 42.51
N ILE I 78 -7.04 42.23 42.33
CA ILE I 78 -8.16 41.73 41.54
C ILE I 78 -7.73 41.43 40.11
N TRP I 79 -6.96 42.34 39.52
CA TRP I 79 -6.47 42.17 38.16
C TRP I 79 -5.61 40.90 38.06
N GLU I 80 -4.78 40.69 39.07
CA GLU I 80 -3.90 39.53 39.10
C GLU I 80 -4.65 38.21 39.35
N GLU I 81 -5.59 38.25 40.29
CA GLU I 81 -6.36 37.06 40.64
C GLU I 81 -7.41 36.64 39.63
N LEU I 82 -8.17 37.61 39.09
CA LEU I 82 -9.25 37.32 38.16
C LEU I 82 -8.95 37.42 36.66
N PHE I 83 -7.92 38.20 36.29
CA PHE I 83 -7.59 38.36 34.89
C PHE I 83 -6.35 37.59 34.44
N ILE I 84 -5.35 37.50 35.31
CA ILE I 84 -4.09 36.82 34.97
C ILE I 84 -4.02 35.36 35.42
N LYS I 85 -4.42 35.09 36.66
CA LYS I 85 -4.37 33.73 37.19
C LYS I 85 -5.45 32.81 36.61
N ARG I 86 -6.56 33.40 36.18
CA ARG I 86 -7.66 32.69 35.54
C ARG I 86 -8.21 33.64 34.47
N SER I 87 -8.77 33.10 33.40
CA SER I 87 -9.30 33.96 32.34
C SER I 87 -10.51 34.75 32.84
N PRO I 88 -10.54 36.06 32.53
CA PRO I 88 -11.63 36.95 32.94
C PRO I 88 -12.92 36.69 32.18
N VAL I 89 -13.45 35.48 32.30
CA VAL I 89 -14.68 35.10 31.60
C VAL I 89 -15.99 35.51 32.25
N SER I 90 -15.97 35.87 33.53
CA SER I 90 -17.21 36.27 34.19
C SER I 90 -17.75 37.52 33.53
N GLU I 91 -19.04 37.79 33.71
CA GLU I 91 -19.66 38.96 33.11
C GLU I 91 -19.03 40.26 33.63
N ALA I 92 -18.79 40.32 34.93
CA ALA I 92 -18.20 41.51 35.54
C ALA I 92 -16.79 41.78 34.98
N CYS I 93 -15.99 40.72 34.89
CA CYS I 93 -14.64 40.84 34.38
C CYS I 93 -14.64 41.23 32.90
N ARG I 94 -15.53 40.61 32.13
CA ARG I 94 -15.68 40.89 30.70
C ARG I 94 -16.02 42.36 30.56
N GLY I 95 -16.89 42.83 31.43
CA GLY I 95 -17.29 44.23 31.41
C GLY I 95 -16.11 45.18 31.45
N VAL I 96 -15.16 44.88 32.32
CA VAL I 96 -13.97 45.70 32.44
C VAL I 96 -13.27 45.78 31.09
N LEU I 97 -13.06 44.62 30.47
CA LEU I 97 -12.39 44.57 29.18
C LEU I 97 -13.12 45.40 28.12
N THR I 98 -14.43 45.25 28.06
CA THR I 98 -15.24 46.00 27.10
C THR I 98 -15.07 47.50 27.31
N CYS I 99 -14.90 47.90 28.56
CA CYS I 99 -14.71 49.32 28.88
C CYS I 99 -13.39 49.83 28.33
N LEU I 100 -12.34 49.04 28.54
CA LEU I 100 -11.01 49.39 28.08
C LEU I 100 -11.00 49.53 26.56
N GLN I 101 -11.53 48.53 25.88
CA GLN I 101 -11.56 48.57 24.42
C GLN I 101 -12.30 49.79 23.90
N GLY I 102 -13.44 50.09 24.53
CA GLY I 102 -14.23 51.22 24.10
C GLY I 102 -13.53 52.57 24.21
N LEU I 103 -12.63 52.69 25.19
CA LEU I 103 -11.90 53.94 25.40
C LEU I 103 -10.69 54.07 24.47
N GLY I 104 -10.43 53.04 23.68
CA GLY I 104 -9.30 53.10 22.78
C GLY I 104 -8.10 52.38 23.37
N LEU I 105 -8.22 51.93 24.60
CA LEU I 105 -7.13 51.21 25.25
C LEU I 105 -7.22 49.79 24.71
N ASP I 106 -6.12 49.05 24.75
CA ASP I 106 -6.13 47.69 24.22
C ASP I 106 -5.90 46.58 25.22
N PRO I 107 -6.94 45.78 25.50
CA PRO I 107 -6.85 44.66 26.45
C PRO I 107 -5.79 43.63 26.06
N ALA I 108 -5.54 43.52 24.76
CA ALA I 108 -4.57 42.57 24.25
C ALA I 108 -3.18 42.69 24.90
N THR I 109 -2.78 43.90 25.26
CA THR I 109 -1.48 44.11 25.87
C THR I 109 -1.46 43.83 27.37
N ARG I 110 -2.61 43.96 28.03
CA ARG I 110 -2.72 43.74 29.47
C ARG I 110 -1.84 44.74 30.21
N ASP I 111 -1.52 45.84 29.54
CA ASP I 111 -0.68 46.88 30.13
C ASP I 111 -1.47 47.78 31.07
N LEU I 112 -1.69 47.28 32.28
CA LEU I 112 -2.45 48.03 33.29
C LEU I 112 -1.88 49.41 33.57
N GLN I 113 -0.55 49.53 33.57
CA GLN I 113 0.08 50.82 33.84
C GLN I 113 -0.37 51.81 32.77
N VAL I 114 -0.31 51.41 31.51
CA VAL I 114 -0.73 52.25 30.40
C VAL I 114 -2.19 52.68 30.53
N TYR I 115 -3.07 51.74 30.87
CA TYR I 115 -4.48 52.08 30.99
C TYR I 115 -4.68 53.19 32.01
N ARG I 116 -3.97 53.07 33.13
CA ARG I 116 -4.06 54.04 34.21
C ARG I 116 -3.65 55.44 33.76
N GLU I 117 -2.68 55.52 32.86
CA GLU I 117 -2.20 56.81 32.35
C GLU I 117 -3.30 57.54 31.57
N TYR I 118 -4.11 56.78 30.84
CA TYR I 118 -5.20 57.36 30.07
C TYR I 118 -6.06 58.25 30.95
N PHE I 119 -6.54 57.67 32.05
CA PHE I 119 -7.40 58.39 32.99
C PHE I 119 -6.65 59.48 33.74
N ALA I 120 -5.41 59.20 34.09
CA ALA I 120 -4.57 60.15 34.83
C ALA I 120 -4.56 61.55 34.22
N LYS I 121 -4.59 61.64 32.90
CA LYS I 121 -4.55 62.94 32.24
C LYS I 121 -5.88 63.48 31.75
N LYS I 122 -6.91 63.36 32.57
CA LYS I 122 -8.24 63.86 32.20
C LYS I 122 -8.98 64.35 33.44
N THR I 123 -9.94 65.25 33.23
CA THR I 123 -10.75 65.74 34.33
C THR I 123 -12.04 64.93 34.23
N SER I 124 -12.77 64.85 35.33
CA SER I 124 -14.02 64.09 35.33
C SER I 124 -15.01 64.65 34.30
N GLU I 125 -15.01 65.98 34.11
CA GLU I 125 -15.91 66.59 33.14
C GLU I 125 -15.62 66.04 31.74
N GLU I 126 -14.34 65.83 31.46
CA GLU I 126 -13.93 65.29 30.17
C GLU I 126 -14.34 63.84 30.02
N GLN I 127 -14.00 63.04 31.03
CA GLN I 127 -14.33 61.62 31.01
C GLN I 127 -15.83 61.39 30.87
N VAL I 128 -16.64 62.23 31.51
CA VAL I 128 -18.09 62.11 31.42
C VAL I 128 -18.50 62.33 29.97
N ASP I 129 -18.02 63.42 29.37
CA ASP I 129 -18.35 63.71 27.99
C ASP I 129 -17.95 62.54 27.11
N THR I 130 -16.75 62.01 27.33
CA THR I 130 -16.26 60.89 26.56
C THR I 130 -17.13 59.65 26.72
N VAL I 131 -17.30 59.20 27.96
CA VAL I 131 -18.08 58.02 28.25
C VAL I 131 -19.51 58.10 27.72
N LEU I 132 -20.22 59.18 28.03
CA LEU I 132 -21.60 59.30 27.55
C LEU I 132 -21.65 59.27 26.03
N GLN I 133 -20.60 59.80 25.39
CA GLN I 133 -20.52 59.84 23.94
C GLN I 133 -20.32 58.41 23.42
N LEU I 134 -19.34 57.71 23.99
CA LEU I 134 -19.03 56.35 23.61
C LEU I 134 -20.17 55.36 23.88
N ALA I 135 -20.84 55.52 25.02
CA ALA I 135 -21.94 54.63 25.40
C ALA I 135 -23.27 55.08 24.81
N ASN I 136 -23.26 56.20 24.11
CA ASN I 136 -24.45 56.76 23.50
C ASN I 136 -25.59 56.87 24.51
N VAL I 137 -25.26 57.46 25.67
CA VAL I 137 -26.21 57.68 26.75
C VAL I 137 -26.49 59.18 26.80
N SER I 138 -27.74 59.56 26.61
CA SER I 138 -28.10 60.97 26.63
C SER I 138 -28.58 61.42 28.01
N ASP I 139 -29.12 60.49 28.79
CA ASP I 139 -29.63 60.83 30.12
C ASP I 139 -29.30 59.76 31.16
N VAL I 140 -28.86 60.22 32.33
CA VAL I 140 -28.51 59.32 33.41
C VAL I 140 -29.34 59.68 34.64
N VAL I 141 -29.99 58.67 35.22
CA VAL I 141 -30.80 58.89 36.41
C VAL I 141 -29.96 58.50 37.60
N MET I 142 -29.82 59.41 38.54
CA MET I 142 -29.01 59.17 39.74
C MET I 142 -29.82 58.53 40.87
N THR I 143 -29.09 58.11 41.90
CA THR I 143 -29.69 57.56 43.10
C THR I 143 -29.28 58.58 44.16
N ASN I 144 -30.23 59.43 44.57
CA ASN I 144 -29.94 60.47 45.54
C ASN I 144 -30.46 60.18 46.94
N ASP I 145 -29.51 59.90 47.83
CA ASP I 145 -29.79 59.57 49.22
C ASP I 145 -29.65 60.75 50.17
N PRO I 146 -30.77 61.36 50.57
CA PRO I 146 -30.76 62.50 51.49
C PRO I 146 -30.24 62.13 52.88
N PHE I 147 -30.03 60.84 53.10
CA PHE I 147 -29.55 60.34 54.38
C PHE I 147 -28.04 60.17 54.42
N ASP I 148 -27.37 60.34 53.29
CA ASP I 148 -25.92 60.25 53.28
C ASP I 148 -25.40 61.66 53.50
N ASP I 149 -24.66 61.87 54.59
CA ASP I 149 -24.13 63.19 54.91
C ASP I 149 -23.47 63.89 53.72
N ASN I 150 -22.60 63.18 53.02
CA ASN I 150 -21.89 63.74 51.89
C ASN I 150 -22.81 64.27 50.79
N GLU I 151 -23.77 63.47 50.37
CA GLU I 151 -24.68 63.89 49.31
C GLU I 151 -25.59 65.02 49.77
N ARG I 152 -26.12 64.88 50.98
CA ARG I 152 -27.04 65.88 51.54
C ARG I 152 -26.46 67.28 51.56
N ILE I 153 -25.22 67.41 52.01
CA ILE I 153 -24.58 68.72 52.08
C ILE I 153 -24.50 69.34 50.69
N SER I 154 -24.14 68.53 49.71
CA SER I 154 -24.03 69.00 48.34
C SER I 154 -25.32 69.69 47.89
N TRP I 155 -26.46 69.06 48.16
CA TRP I 155 -27.75 69.61 47.77
C TRP I 155 -28.11 70.84 48.60
N LEU I 156 -27.78 70.79 49.90
CA LEU I 156 -28.09 71.90 50.78
C LEU I 156 -27.35 73.17 50.36
N GLU I 157 -26.14 73.00 49.83
CA GLU I 157 -25.36 74.15 49.38
C GLU I 157 -25.88 74.66 48.04
N GLY I 158 -26.85 73.95 47.49
CA GLY I 158 -27.43 74.37 46.22
C GLY I 158 -26.85 73.79 44.95
N LYS I 159 -26.01 72.77 45.06
CA LYS I 159 -25.43 72.16 43.86
C LYS I 159 -26.53 71.50 43.04
N GLN I 160 -26.59 71.84 41.76
CA GLN I 160 -27.58 71.28 40.85
C GLN I 160 -26.84 70.47 39.78
N PRO I 161 -27.37 69.30 39.40
CA PRO I 161 -26.71 68.47 38.39
C PRO I 161 -26.97 69.09 37.01
N ASP I 162 -26.12 68.80 36.03
CA ASP I 162 -26.36 69.35 34.71
C ASP I 162 -27.56 68.65 34.05
N SER I 163 -28.02 69.22 32.94
CA SER I 163 -29.18 68.70 32.20
C SER I 163 -29.15 67.22 31.82
N ARG I 164 -27.97 66.62 31.82
CA ARG I 164 -27.82 65.21 31.46
C ARG I 164 -28.17 64.25 32.62
N PHE I 165 -28.11 64.77 33.84
CA PHE I 165 -28.38 63.96 35.02
C PHE I 165 -29.68 64.30 35.70
N HIS I 166 -30.45 63.27 36.04
CA HIS I 166 -31.72 63.47 36.72
C HIS I 166 -31.68 62.84 38.09
N ALA I 167 -32.49 63.38 38.98
CA ALA I 167 -32.53 62.90 40.35
C ALA I 167 -33.62 61.89 40.64
N ALA I 168 -33.33 61.03 41.59
CA ALA I 168 -34.28 60.02 42.05
C ALA I 168 -34.12 60.01 43.57
N LEU I 169 -35.19 60.35 44.27
CA LEU I 169 -35.19 60.39 45.73
C LEU I 169 -35.23 59.01 46.37
N ARG I 170 -34.06 58.51 46.75
CA ARG I 170 -33.92 57.20 47.39
C ARG I 170 -34.33 57.30 48.86
N LEU I 171 -35.16 56.38 49.33
CA LEU I 171 -35.65 56.43 50.71
C LEU I 171 -35.45 55.20 51.60
N ASP I 172 -34.46 54.38 51.32
CA ASP I 172 -34.21 53.18 52.12
C ASP I 172 -34.14 53.36 53.64
N PRO I 173 -33.32 54.31 54.12
CA PRO I 173 -33.22 54.53 55.57
C PRO I 173 -34.56 54.89 56.22
N LEU I 174 -35.37 55.64 55.49
CA LEU I 174 -36.68 56.04 56.00
C LEU I 174 -37.68 54.90 56.09
N LEU I 175 -37.82 54.14 55.00
CA LEU I 175 -38.79 53.04 54.95
C LEU I 175 -38.35 51.74 55.62
N ASN I 176 -37.06 51.45 55.65
CA ASN I 176 -36.57 50.22 56.24
C ASN I 176 -35.85 50.33 57.60
N GLU I 177 -35.67 51.56 58.10
CA GLU I 177 -35.00 51.75 59.39
C GLU I 177 -35.57 52.94 60.12
N TYR I 178 -36.87 53.14 60.03
CA TYR I 178 -37.50 54.28 60.65
C TYR I 178 -37.17 54.46 62.13
N GLU I 179 -37.00 53.36 62.86
CA GLU I 179 -36.69 53.44 64.29
C GLU I 179 -35.39 54.18 64.57
N GLN I 180 -34.41 54.00 63.70
CA GLN I 180 -33.12 54.67 63.86
C GLN I 180 -33.11 56.01 63.14
N THR I 181 -33.84 56.06 62.04
CA THR I 181 -33.91 57.26 61.22
C THR I 181 -34.80 58.39 61.74
N LYS I 182 -35.85 58.04 62.48
CA LYS I 182 -36.75 59.07 62.99
C LYS I 182 -36.02 60.06 63.90
N HIS I 183 -34.91 59.63 64.48
CA HIS I 183 -34.13 60.50 65.35
C HIS I 183 -33.44 61.56 64.50
N ARG I 184 -32.92 61.15 63.35
CA ARG I 184 -32.23 62.07 62.46
C ARG I 184 -33.22 63.05 61.86
N LEU I 185 -34.46 62.59 61.71
CA LEU I 185 -35.53 63.41 61.14
C LEU I 185 -35.86 64.57 62.06
N ARG I 186 -36.01 64.30 63.36
CA ARG I 186 -36.33 65.34 64.32
C ARG I 186 -35.15 66.31 64.47
N ASP I 187 -33.93 65.78 64.37
CA ASP I 187 -32.74 66.62 64.47
C ASP I 187 -32.64 67.60 63.30
N TRP I 188 -33.39 67.32 62.24
CA TRP I 188 -33.38 68.18 61.06
C TRP I 188 -34.55 69.16 61.06
N GLY I 189 -35.46 69.00 62.01
CA GLY I 189 -36.60 69.91 62.07
C GLY I 189 -37.94 69.25 61.85
N TYR I 190 -37.93 67.95 61.57
CA TYR I 190 -39.17 67.22 61.34
C TYR I 190 -39.58 66.56 62.66
N LYS I 191 -40.63 67.10 63.27
CA LYS I 191 -41.09 66.60 64.56
C LYS I 191 -41.94 65.35 64.51
N VAL I 192 -41.29 64.21 64.32
CA VAL I 192 -41.99 62.93 64.28
C VAL I 192 -42.10 62.49 65.75
N ASN I 193 -43.32 62.21 66.17
CA ASN I 193 -43.56 61.80 67.55
C ASN I 193 -43.25 60.34 67.81
N ASP I 194 -43.34 59.95 69.09
CA ASP I 194 -43.07 58.57 69.49
C ASP I 194 -44.06 57.65 68.82
N GLU I 195 -45.32 58.07 68.74
CA GLU I 195 -46.36 57.27 68.11
C GLU I 195 -46.71 57.80 66.73
N TRP I 196 -47.25 56.91 65.90
CA TRP I 196 -47.64 57.27 64.54
C TRP I 196 -49.01 57.94 64.52
N ASN I 197 -49.01 59.25 64.75
CA ASN I 197 -50.25 60.03 64.75
C ASN I 197 -50.22 61.07 63.64
N GLU I 198 -51.29 61.84 63.52
CA GLU I 198 -51.39 62.88 62.50
C GLU I 198 -50.11 63.71 62.41
N GLY I 199 -49.55 64.05 63.57
CA GLY I 199 -48.34 64.84 63.59
C GLY I 199 -47.17 64.19 62.86
N SER I 200 -46.83 62.97 63.26
CA SER I 200 -45.74 62.24 62.64
C SER I 200 -46.00 62.00 61.15
N ILE I 201 -47.26 61.80 60.81
CA ILE I 201 -47.67 61.56 59.42
C ILE I 201 -47.39 62.79 58.57
N GLN I 202 -47.73 63.97 59.08
CA GLN I 202 -47.51 65.20 58.34
C GLN I 202 -46.05 65.62 58.27
N GLU I 203 -45.28 65.32 59.31
CA GLU I 203 -43.88 65.69 59.31
C GLU I 203 -43.09 64.81 58.35
N VAL I 204 -43.50 63.55 58.23
CA VAL I 204 -42.81 62.65 57.32
C VAL I 204 -43.10 63.14 55.90
N LYS I 205 -44.36 63.51 55.65
CA LYS I 205 -44.76 64.02 54.35
C LYS I 205 -43.95 65.26 54.00
N ARG I 206 -43.91 66.22 54.93
CA ARG I 206 -43.17 67.46 54.72
C ARG I 206 -41.74 67.14 54.29
N PHE I 207 -41.13 66.15 54.95
CA PHE I 207 -39.77 65.73 54.63
C PHE I 207 -39.68 65.35 53.16
N LEU I 208 -40.56 64.46 52.72
CA LEU I 208 -40.59 64.02 51.33
C LEU I 208 -40.81 65.23 50.41
N THR I 209 -41.82 66.03 50.75
CA THR I 209 -42.15 67.21 49.97
C THR I 209 -40.97 68.18 49.86
N ASP I 210 -40.19 68.30 50.93
CA ASP I 210 -39.03 69.20 50.93
C ASP I 210 -37.99 68.72 49.93
N TRP I 211 -37.69 67.42 49.97
CA TRP I 211 -36.69 66.87 49.07
C TRP I 211 -37.15 66.72 47.63
N ILE I 212 -38.46 66.61 47.43
CA ILE I 212 -39.01 66.51 46.09
C ILE I 212 -38.84 67.88 45.43
N GLU I 213 -39.04 68.93 46.23
CA GLU I 213 -38.89 70.29 45.71
C GLU I 213 -37.42 70.63 45.52
N ARG I 214 -36.57 70.07 46.37
CA ARG I 214 -35.14 70.33 46.32
C ARG I 214 -34.43 69.55 45.21
N MET I 215 -34.88 68.32 44.96
CA MET I 215 -34.27 67.49 43.92
C MET I 215 -35.03 67.42 42.61
N ASP I 216 -36.34 67.61 42.64
CA ASP I 216 -37.16 67.51 41.43
C ASP I 216 -36.90 66.10 40.87
N PRO I 217 -37.03 65.07 41.72
CA PRO I 217 -36.79 63.68 41.31
C PRO I 217 -37.74 63.14 40.24
N VAL I 218 -37.24 62.23 39.42
CA VAL I 218 -38.08 61.62 38.38
C VAL I 218 -38.97 60.55 39.02
N TYR I 219 -38.54 60.06 40.19
CA TYR I 219 -39.29 59.07 40.94
C TYR I 219 -38.67 58.86 42.33
N MET I 220 -39.46 58.33 43.25
CA MET I 220 -38.98 58.02 44.59
C MET I 220 -38.70 56.52 44.53
N ALA I 221 -37.65 56.07 45.18
CA ALA I 221 -37.28 54.67 45.12
C ALA I 221 -36.90 54.03 46.44
N VAL I 222 -36.92 52.69 46.46
CA VAL I 222 -36.55 51.93 47.64
C VAL I 222 -36.25 50.48 47.29
N SER I 223 -35.21 49.92 47.88
CA SER I 223 -34.91 48.52 47.65
C SER I 223 -35.56 47.80 48.85
N LEU I 224 -36.23 46.68 48.57
CA LEU I 224 -36.94 45.93 49.60
C LEU I 224 -36.50 44.47 49.72
N PRO I 225 -36.69 43.85 50.91
CA PRO I 225 -36.31 42.46 51.14
C PRO I 225 -37.29 41.46 50.53
N PRO I 226 -36.88 40.19 50.41
CA PRO I 226 -37.75 39.15 49.83
C PRO I 226 -39.05 39.01 50.62
N THR I 227 -38.99 39.35 51.91
CA THR I 227 -40.15 39.24 52.79
C THR I 227 -41.12 40.42 52.74
N PHE I 228 -40.84 41.39 51.88
CA PHE I 228 -41.69 42.55 51.75
C PHE I 228 -43.17 42.21 51.55
N SER I 229 -44.04 42.92 52.26
CA SER I 229 -45.48 42.71 52.13
C SER I 229 -46.25 44.00 52.45
N PHE I 230 -47.46 44.09 51.91
CA PHE I 230 -48.29 45.27 52.10
C PHE I 230 -49.73 44.91 51.76
N PRO I 231 -50.70 45.37 52.57
CA PRO I 231 -50.52 46.20 53.77
C PRO I 231 -49.72 45.48 54.85
N GLU I 232 -49.33 46.24 55.86
CA GLU I 232 -48.55 45.71 56.96
C GLU I 232 -48.47 46.76 58.07
N GLU I 233 -48.79 46.35 59.30
CA GLU I 233 -48.71 47.29 60.41
C GLU I 233 -47.27 47.33 60.90
N SER I 234 -46.46 48.06 60.15
CA SER I 234 -45.05 48.26 60.44
C SER I 234 -44.78 49.71 60.07
N ASN I 235 -43.58 50.21 60.41
CA ASN I 235 -43.26 51.58 60.06
C ASN I 235 -43.27 51.72 58.55
N ARG I 236 -42.69 50.73 57.87
CA ARG I 236 -42.63 50.75 56.42
C ARG I 236 -44.03 50.78 55.85
N GLY I 237 -44.87 49.86 56.32
CA GLY I 237 -46.24 49.80 55.84
C GLY I 237 -47.01 51.08 56.08
N ARG I 238 -46.92 51.61 57.29
CA ARG I 238 -47.63 52.84 57.63
C ARG I 238 -47.09 54.06 56.90
N ILE I 239 -45.78 54.12 56.70
CA ILE I 239 -45.17 55.24 56.01
C ILE I 239 -45.57 55.25 54.53
N ILE I 240 -45.57 54.07 53.90
CA ILE I 240 -45.95 53.97 52.49
C ILE I 240 -47.43 54.30 52.32
N ARG I 241 -48.26 53.77 53.19
CA ARG I 241 -49.71 54.00 53.14
C ARG I 241 -50.16 55.42 53.47
N ASP I 242 -49.59 56.01 54.51
CA ASP I 242 -49.99 57.36 54.90
C ASP I 242 -49.16 58.52 54.36
N CYS I 243 -47.91 58.25 53.98
CA CYS I 243 -47.04 59.32 53.50
C CYS I 243 -46.64 59.24 52.04
N LEU I 244 -45.80 58.26 51.72
CA LEU I 244 -45.27 58.05 50.39
C LEU I 244 -46.32 58.08 49.27
N LEU I 245 -47.24 57.11 49.27
CA LEU I 245 -48.27 57.04 48.23
C LEU I 245 -49.05 58.33 48.02
N PRO I 246 -49.61 58.92 49.09
CA PRO I 246 -50.37 60.16 48.91
C PRO I 246 -49.53 61.26 48.28
N VAL I 247 -48.30 61.42 48.77
CA VAL I 247 -47.38 62.42 48.24
C VAL I 247 -47.05 62.13 46.78
N ALA I 248 -46.78 60.85 46.48
CA ALA I 248 -46.45 60.45 45.13
C ALA I 248 -47.61 60.76 44.19
N GLU I 249 -48.84 60.56 44.66
CA GLU I 249 -50.01 60.82 43.83
C GLU I 249 -50.19 62.31 43.60
N LYS I 250 -49.97 63.10 44.66
CA LYS I 250 -50.11 64.53 44.57
C LYS I 250 -49.17 65.13 43.52
N HIS I 251 -47.92 64.66 43.51
CA HIS I 251 -46.93 65.15 42.56
C HIS I 251 -46.84 64.31 41.30
N ASN I 252 -47.72 63.33 41.16
CA ASN I 252 -47.72 62.45 39.99
C ASN I 252 -46.31 61.90 39.75
N ILE I 253 -45.66 61.48 40.82
CA ILE I 253 -44.32 60.93 40.74
C ILE I 253 -44.38 59.42 40.96
N PRO I 254 -43.75 58.65 40.06
CA PRO I 254 -43.75 57.19 40.20
C PRO I 254 -42.99 56.70 41.42
N PHE I 255 -43.45 55.58 41.98
CA PHE I 255 -42.80 54.97 43.13
C PHE I 255 -42.08 53.72 42.63
N ALA I 256 -40.76 53.72 42.76
CA ALA I 256 -39.95 52.60 42.30
C ALA I 256 -39.60 51.64 43.43
N MET I 257 -39.89 50.36 43.23
CA MET I 257 -39.59 49.35 44.23
C MET I 257 -38.67 48.31 43.62
N MET I 258 -37.52 48.12 44.22
CA MET I 258 -36.55 47.14 43.74
C MET I 258 -36.56 46.08 44.83
N ILE I 259 -37.33 45.02 44.55
CA ILE I 259 -37.56 43.93 45.50
C ILE I 259 -36.75 42.64 45.41
N GLY I 260 -36.37 42.11 46.57
CA GLY I 260 -35.64 40.87 46.59
C GLY I 260 -34.27 40.81 47.24
N VAL I 261 -33.75 41.95 47.70
CA VAL I 261 -32.42 41.95 48.30
C VAL I 261 -32.40 41.69 49.81
N LYS I 262 -31.64 40.69 50.22
CA LYS I 262 -31.50 40.35 51.63
C LYS I 262 -30.18 40.99 52.04
N LYS I 263 -30.27 42.10 52.77
CA LYS I 263 -29.09 42.84 53.17
C LYS I 263 -28.14 42.22 54.19
N ARG I 264 -26.86 42.42 53.96
CA ARG I 264 -25.78 41.98 54.84
C ARG I 264 -25.72 40.53 55.31
N VAL I 265 -25.81 39.58 54.39
CA VAL I 265 -25.70 38.18 54.78
C VAL I 265 -24.23 37.91 55.11
N HIS I 266 -23.35 38.74 54.57
CA HIS I 266 -21.92 38.62 54.83
C HIS I 266 -21.41 40.04 55.08
N PRO I 267 -21.66 40.57 56.28
CA PRO I 267 -21.27 41.92 56.71
C PRO I 267 -19.88 42.37 56.28
N ALA I 268 -18.89 41.50 56.43
CA ALA I 268 -17.51 41.81 56.09
C ALA I 268 -17.27 42.26 54.64
N LEU I 269 -18.06 41.75 53.70
CA LEU I 269 -17.90 42.11 52.29
C LEU I 269 -18.50 43.47 51.95
N GLY I 270 -19.04 44.15 52.95
CA GLY I 270 -19.63 45.46 52.71
C GLY I 270 -20.70 45.49 51.63
N ASP I 271 -20.45 46.26 50.58
CA ASP I 271 -21.40 46.36 49.48
C ASP I 271 -21.54 45.06 48.69
N ALA I 272 -20.57 44.17 48.84
CA ALA I 272 -20.61 42.90 48.14
C ALA I 272 -21.19 41.79 49.02
N GLY I 273 -21.82 42.17 50.12
CA GLY I 273 -22.36 41.16 51.01
C GLY I 273 -23.87 41.03 51.05
N ASP I 274 -24.55 41.41 49.97
CA ASP I 274 -26.01 41.32 49.91
C ASP I 274 -26.42 40.04 49.17
N PHE I 275 -27.51 39.41 49.63
CA PHE I 275 -27.99 38.17 49.03
C PHE I 275 -29.36 38.37 48.36
N VAL I 276 -29.97 37.30 47.87
CA VAL I 276 -31.25 37.40 47.18
C VAL I 276 -32.27 36.35 47.65
N GLY I 277 -33.55 36.65 47.44
CA GLY I 277 -34.61 35.73 47.82
C GLY I 277 -35.88 36.04 47.03
N LYS I 278 -36.65 35.01 46.70
CA LYS I 278 -37.90 35.19 45.95
C LYS I 278 -38.94 35.85 46.86
N ALA I 279 -39.71 36.78 46.30
CA ALA I 279 -40.72 37.46 47.10
C ALA I 279 -42.13 37.03 46.68
N SER I 280 -43.11 37.41 47.50
CA SER I 280 -44.50 37.13 47.22
C SER I 280 -44.95 38.33 46.41
N MET I 281 -45.84 38.10 45.46
CA MET I 281 -46.35 39.18 44.62
C MET I 281 -47.58 39.87 45.24
N ASP I 282 -48.05 39.37 46.38
CA ASP I 282 -49.24 39.92 47.04
C ASP I 282 -49.16 41.41 47.35
N GLY I 283 -48.05 41.84 47.92
CA GLY I 283 -47.90 43.25 48.26
C GLY I 283 -47.94 44.13 47.02
N VAL I 284 -47.27 43.68 45.96
CA VAL I 284 -47.23 44.44 44.72
C VAL I 284 -48.63 44.44 44.11
N GLU I 285 -49.24 43.26 44.05
CA GLU I 285 -50.58 43.12 43.51
C GLU I 285 -51.52 44.10 44.21
N HIS I 286 -51.50 44.06 45.54
CA HIS I 286 -52.33 44.93 46.36
C HIS I 286 -52.10 46.40 46.03
N LEU I 287 -50.84 46.82 46.03
CA LEU I 287 -50.51 48.21 45.75
C LEU I 287 -51.05 48.68 44.40
N LEU I 288 -50.82 47.89 43.36
CA LEU I 288 -51.28 48.23 42.01
C LEU I 288 -52.80 48.30 41.92
N ARG I 289 -53.49 47.34 42.52
CA ARG I 289 -54.94 47.34 42.45
C ARG I 289 -55.57 48.40 43.33
N GLU I 290 -55.10 48.52 44.56
CA GLU I 290 -55.68 49.48 45.51
C GLU I 290 -55.36 50.95 45.28
N TYR I 291 -54.25 51.24 44.60
CA TYR I 291 -53.87 52.63 44.34
C TYR I 291 -53.76 52.89 42.84
N PRO I 292 -54.87 52.75 42.11
CA PRO I 292 -54.91 52.95 40.65
C PRO I 292 -54.44 54.32 40.18
N ASN I 293 -54.44 55.30 41.08
CA ASN I 293 -54.00 56.63 40.71
C ASN I 293 -52.50 56.86 40.96
N ASN I 294 -51.80 55.80 41.38
CA ASN I 294 -50.35 55.88 41.63
C ASN I 294 -49.63 55.07 40.56
N LYS I 295 -48.42 55.51 40.21
CA LYS I 295 -47.60 54.83 39.21
C LYS I 295 -46.52 54.04 39.93
N PHE I 296 -46.21 52.84 39.42
CA PHE I 296 -45.21 52.00 40.06
C PHE I 296 -44.17 51.46 39.08
N LEU I 297 -42.91 51.67 39.42
CA LEU I 297 -41.80 51.17 38.63
C LEU I 297 -41.25 50.02 39.45
N VAL I 298 -41.20 48.82 38.87
CA VAL I 298 -40.73 47.67 39.62
C VAL I 298 -39.69 46.78 38.95
N THR I 299 -38.72 46.35 39.74
CA THR I 299 -37.70 45.44 39.24
C THR I 299 -37.46 44.46 40.39
N MET I 300 -37.28 43.20 40.07
CA MET I 300 -37.08 42.20 41.12
C MET I 300 -35.77 41.46 40.97
N LEU I 301 -35.18 41.11 42.10
CA LEU I 301 -33.87 40.45 42.13
C LEU I 301 -33.85 38.94 41.93
N SER I 302 -34.95 38.25 42.24
CA SER I 302 -34.98 36.80 42.10
C SER I 302 -35.33 36.31 40.69
N ARG I 303 -34.53 35.39 40.17
CA ARG I 303 -34.82 34.81 38.86
C ARG I 303 -36.25 34.28 38.84
N GLU I 304 -36.64 33.69 39.97
CA GLU I 304 -37.95 33.06 40.11
C GLU I 304 -39.16 33.98 40.21
N ASN I 305 -38.95 35.29 40.19
CA ASN I 305 -40.07 36.24 40.23
C ASN I 305 -40.28 36.83 38.84
N GLN I 306 -39.31 36.66 37.95
CA GLN I 306 -39.40 37.29 36.64
C GLN I 306 -40.65 37.02 35.81
N HIS I 307 -41.03 35.76 35.64
CA HIS I 307 -42.21 35.46 34.84
C HIS I 307 -43.50 36.00 35.46
N GLU I 308 -43.75 35.74 36.73
CA GLU I 308 -44.98 36.24 37.33
C GLU I 308 -45.02 37.77 37.38
N LEU I 309 -43.86 38.41 37.38
CA LEU I 309 -43.84 39.88 37.39
C LEU I 309 -44.39 40.34 36.03
N VAL I 310 -43.96 39.66 34.98
CA VAL I 310 -44.43 40.00 33.64
C VAL I 310 -45.95 39.88 33.56
N VAL I 311 -46.50 38.79 34.10
CA VAL I 311 -47.93 38.57 34.09
C VAL I 311 -48.64 39.65 34.92
N LEU I 312 -48.03 40.07 36.02
CA LEU I 312 -48.65 41.11 36.84
C LEU I 312 -48.75 42.40 36.02
N ALA I 313 -47.74 42.65 35.19
CA ALA I 313 -47.73 43.84 34.34
C ALA I 313 -48.88 43.74 33.34
N ARG I 314 -49.23 42.52 32.93
CA ARG I 314 -50.32 42.31 32.00
C ARG I 314 -51.64 42.74 32.65
N LYS I 315 -51.69 42.66 33.97
CA LYS I 315 -52.90 43.01 34.72
C LYS I 315 -53.07 44.50 35.01
N PHE I 316 -51.97 45.17 35.36
CA PHE I 316 -52.07 46.59 35.74
C PHE I 316 -51.25 47.58 34.93
N SER I 317 -51.92 48.51 34.27
CA SER I 317 -51.25 49.51 33.45
C SER I 317 -50.48 50.53 34.29
N ASN I 318 -50.77 50.60 35.58
CA ASN I 318 -50.05 51.52 36.45
C ASN I 318 -48.77 50.87 36.96
N LEU I 319 -48.40 49.76 36.32
CA LEU I 319 -47.18 49.03 36.64
C LEU I 319 -46.28 49.08 35.41
N MET I 320 -45.04 49.47 35.62
CA MET I 320 -44.06 49.52 34.55
C MET I 320 -42.85 48.76 35.08
N ILE I 321 -42.51 47.64 34.45
CA ILE I 321 -41.35 46.88 34.92
C ILE I 321 -40.09 47.36 34.22
N PHE I 322 -38.96 47.25 34.88
CA PHE I 322 -37.73 47.72 34.28
C PHE I 322 -36.51 46.93 34.64
N GLY I 323 -35.57 46.92 33.71
CA GLY I 323 -34.29 46.27 33.87
C GLY I 323 -34.15 44.84 34.34
N CYS I 324 -32.90 44.39 34.27
CA CYS I 324 -32.47 43.07 34.70
C CYS I 324 -31.49 43.45 35.80
N TRP I 325 -32.04 43.58 37.00
CA TRP I 325 -31.33 44.02 38.17
C TRP I 325 -30.30 43.14 38.87
N TRP I 326 -29.10 43.71 39.03
CA TRP I 326 -28.03 43.08 39.80
C TRP I 326 -27.69 41.64 39.42
N PHE I 327 -28.14 40.68 40.23
CA PHE I 327 -27.86 39.28 39.96
C PHE I 327 -28.62 38.81 38.72
N MET I 328 -29.56 39.62 38.26
CA MET I 328 -30.31 39.31 37.04
C MET I 328 -29.57 39.86 35.83
N ASN I 329 -28.57 40.71 36.07
CA ASN I 329 -27.80 41.37 35.00
C ASN I 329 -26.71 40.50 34.39
N ASN I 330 -27.11 39.34 33.90
CA ASN I 330 -26.19 38.41 33.27
C ASN I 330 -26.84 37.95 31.98
N PRO I 331 -26.05 37.84 30.89
CA PRO I 331 -26.56 37.41 29.57
C PRO I 331 -27.67 36.35 29.61
N GLU I 332 -27.39 35.23 30.25
CA GLU I 332 -28.37 34.14 30.32
C GLU I 332 -29.71 34.63 30.86
N ILE I 333 -29.67 35.43 31.91
CA ILE I 333 -30.89 35.95 32.52
C ILE I 333 -31.48 37.12 31.73
N ILE I 334 -30.62 38.01 31.26
CA ILE I 334 -31.10 39.16 30.48
C ILE I 334 -31.87 38.61 29.28
N ASN I 335 -31.31 37.59 28.64
CA ASN I 335 -31.96 37.00 27.49
C ASN I 335 -33.35 36.43 27.76
N GLU I 336 -33.47 35.54 28.74
CA GLU I 336 -34.77 34.93 29.03
C GLU I 336 -35.79 35.96 29.50
N MET I 337 -35.36 36.91 30.32
CA MET I 337 -36.28 37.95 30.80
C MET I 337 -36.82 38.81 29.66
N THR I 338 -35.93 39.28 28.80
CA THR I 338 -36.33 40.13 27.69
C THR I 338 -37.29 39.39 26.77
N ARG I 339 -37.04 38.12 26.56
CA ARG I 339 -37.91 37.34 25.69
C ARG I 339 -39.29 37.13 26.30
N MET I 340 -39.35 36.79 27.59
CA MET I 340 -40.64 36.58 28.23
C MET I 340 -41.39 37.90 28.25
N ARG I 341 -40.67 38.98 28.57
CA ARG I 341 -41.28 40.29 28.63
C ARG I 341 -41.87 40.75 27.30
N MET I 342 -41.11 40.59 26.21
CA MET I 342 -41.61 41.01 24.91
C MET I 342 -42.75 40.12 24.44
N GLU I 343 -42.63 38.82 24.69
CA GLU I 343 -43.68 37.90 24.27
C GLU I 343 -45.04 38.22 24.91
N MET I 344 -45.02 38.67 26.17
CA MET I 344 -46.26 38.99 26.88
C MET I 344 -46.63 40.48 26.97
N LEU I 345 -45.67 41.37 26.71
CA LEU I 345 -45.94 42.80 26.80
C LEU I 345 -45.66 43.60 25.53
N GLY I 346 -45.11 42.95 24.51
CA GLY I 346 -44.79 43.68 23.29
C GLY I 346 -43.65 44.63 23.63
N THR I 347 -43.88 45.93 23.50
CA THR I 347 -42.82 46.88 23.82
C THR I 347 -43.19 47.76 25.01
N SER I 348 -44.20 47.34 25.77
CA SER I 348 -44.65 48.13 26.91
C SER I 348 -43.88 47.86 28.22
N PHE I 349 -42.55 47.97 28.14
CA PHE I 349 -41.69 47.77 29.29
C PHE I 349 -40.33 48.40 29.00
N ILE I 350 -39.54 48.56 30.04
CA ILE I 350 -38.21 49.15 29.93
C ILE I 350 -37.28 47.97 30.14
N PRO I 351 -36.67 47.48 29.06
CA PRO I 351 -35.78 46.33 29.15
C PRO I 351 -34.54 46.40 30.03
N GLN I 352 -33.91 47.57 30.13
CA GLN I 352 -32.69 47.60 30.92
C GLN I 352 -32.30 48.96 31.49
N HIS I 353 -31.44 48.90 32.50
CA HIS I 353 -30.85 50.06 33.17
C HIS I 353 -29.45 49.52 33.51
N SER I 354 -28.48 50.41 33.72
CA SER I 354 -27.12 49.94 33.98
C SER I 354 -26.75 49.76 35.44
N ASP I 355 -27.27 50.60 36.32
CA ASP I 355 -26.95 50.48 37.74
C ASP I 355 -25.46 50.77 37.94
N ALA I 356 -24.88 51.53 37.02
CA ALA I 356 -23.46 51.83 37.09
C ALA I 356 -23.04 52.55 38.37
N ARG I 357 -22.01 52.00 39.02
CA ARG I 357 -21.45 52.59 40.23
C ARG I 357 -20.22 53.37 39.81
N VAL I 358 -19.63 52.93 38.69
CA VAL I 358 -18.46 53.56 38.12
C VAL I 358 -18.80 54.06 36.71
N LEU I 359 -18.44 55.31 36.43
CA LEU I 359 -18.71 55.97 35.15
C LEU I 359 -18.51 55.15 33.87
N GLU I 360 -17.33 54.55 33.71
CA GLU I 360 -17.03 53.78 32.50
C GLU I 360 -17.95 52.57 32.27
N GLN I 361 -18.54 52.04 33.33
CA GLN I 361 -19.41 50.88 33.22
C GLN I 361 -20.55 51.14 32.24
N LEU I 362 -20.91 52.40 32.04
CA LEU I 362 -21.98 52.74 31.11
C LEU I 362 -21.66 52.15 29.75
N ILE I 363 -20.38 52.02 29.47
CA ILE I 363 -19.91 51.48 28.20
C ILE I 363 -20.25 49.99 28.04
N TYR I 364 -19.83 49.17 29.00
CA TYR I 364 -20.09 47.74 28.88
C TYR I 364 -21.52 47.34 29.23
N LYS I 365 -22.13 48.04 30.17
CA LYS I 365 -23.50 47.72 30.57
C LYS I 365 -24.42 47.81 29.36
N TRP I 366 -24.31 48.91 28.61
CA TRP I 366 -25.14 49.10 27.44
C TRP I 366 -24.73 48.30 26.22
N HIS I 367 -23.44 48.10 26.03
CA HIS I 367 -22.97 47.32 24.90
C HIS I 367 -23.40 45.86 25.06
N HIS I 368 -23.17 45.30 26.24
CA HIS I 368 -23.51 43.91 26.50
C HIS I 368 -25.02 43.71 26.40
N SER I 369 -25.77 44.67 26.92
CA SER I 369 -27.21 44.57 26.89
C SER I 369 -27.84 44.81 25.53
N LYS I 370 -27.39 45.84 24.83
CA LYS I 370 -27.95 46.15 23.51
C LYS I 370 -27.80 44.99 22.53
N SER I 371 -26.67 44.30 22.56
CA SER I 371 -26.48 43.20 21.63
C SER I 371 -27.48 42.07 21.88
N ILE I 372 -27.85 41.87 23.15
CA ILE I 372 -28.82 40.83 23.50
C ILE I 372 -30.23 41.29 23.13
N ILE I 373 -30.55 42.54 23.47
CA ILE I 373 -31.86 43.08 23.16
C ILE I 373 -32.09 43.14 21.64
N ALA I 374 -31.03 43.46 20.90
CA ALA I 374 -31.14 43.54 19.45
C ALA I 374 -31.49 42.18 18.85
N GLU I 375 -30.84 41.13 19.37
CA GLU I 375 -31.10 39.78 18.89
C GLU I 375 -32.54 39.37 19.20
N VAL I 376 -33.04 39.80 20.35
CA VAL I 376 -34.43 39.49 20.71
C VAL I 376 -35.38 40.20 19.73
N LEU I 377 -35.08 41.45 19.42
CA LEU I 377 -35.89 42.23 18.50
C LEU I 377 -35.85 41.60 17.11
N ILE I 378 -34.67 41.18 16.68
CA ILE I 378 -34.54 40.56 15.36
C ILE I 378 -35.46 39.34 15.25
N ASP I 379 -35.46 38.49 16.28
CA ASP I 379 -36.32 37.32 16.25
C ASP I 379 -37.80 37.71 16.20
N LYS I 380 -38.22 38.62 17.06
CA LYS I 380 -39.62 39.01 17.09
C LYS I 380 -40.07 39.74 15.84
N TYR I 381 -39.21 40.59 15.27
CA TYR I 381 -39.57 41.29 14.05
C TYR I 381 -39.63 40.27 12.93
N ASP I 382 -38.69 39.34 12.92
CA ASP I 382 -38.70 38.35 11.86
C ASP I 382 -39.96 37.49 11.91
N ASP I 383 -40.40 37.14 13.13
CA ASP I 383 -41.60 36.33 13.25
C ASP I 383 -42.82 36.99 12.64
N ILE I 384 -42.97 38.31 12.79
CA ILE I 384 -44.14 38.94 12.16
C ILE I 384 -43.88 39.23 10.70
N LEU I 385 -42.61 39.40 10.34
CA LEU I 385 -42.25 39.64 8.94
C LEU I 385 -42.61 38.39 8.12
N GLN I 386 -42.24 37.21 8.62
CA GLN I 386 -42.55 35.99 7.89
C GLN I 386 -44.06 35.77 7.86
N ALA I 387 -44.76 36.33 8.84
CA ALA I 387 -46.21 36.19 8.91
C ALA I 387 -46.87 37.15 7.92
N GLY I 388 -46.06 37.90 7.17
CA GLY I 388 -46.61 38.80 6.18
C GLY I 388 -46.68 40.27 6.55
N TRP I 389 -46.27 40.61 7.77
CA TRP I 389 -46.33 42.00 8.20
C TRP I 389 -45.21 42.84 7.63
N GLU I 390 -45.55 44.07 7.27
CA GLU I 390 -44.55 45.00 6.73
C GLU I 390 -43.92 45.76 7.89
N VAL I 391 -42.61 45.60 8.07
CA VAL I 391 -41.93 46.32 9.12
C VAL I 391 -41.03 47.36 8.46
N THR I 392 -41.21 48.62 8.82
CA THR I 392 -40.41 49.69 8.24
C THR I 392 -39.31 50.09 9.19
N GLU I 393 -38.29 50.73 8.64
CA GLU I 393 -37.16 51.20 9.43
C GLU I 393 -37.63 52.26 10.42
N GLU I 394 -38.62 53.06 10.00
CA GLU I 394 -39.14 54.09 10.90
C GLU I 394 -39.84 53.47 12.11
N GLU I 395 -40.59 52.40 11.88
CA GLU I 395 -41.29 51.76 12.99
C GLU I 395 -40.28 51.09 13.93
N ILE I 396 -39.18 50.59 13.36
CA ILE I 396 -38.14 49.97 14.17
C ILE I 396 -37.48 51.05 15.04
N LYS I 397 -37.19 52.20 14.45
CA LYS I 397 -36.57 53.26 15.22
C LYS I 397 -37.51 53.74 16.32
N ARG I 398 -38.80 53.80 16.01
CA ARG I 398 -39.80 54.21 16.99
C ARG I 398 -39.87 53.21 18.14
N ASP I 399 -39.94 51.92 17.82
CA ASP I 399 -40.00 50.90 18.87
C ASP I 399 -38.73 50.88 19.72
N VAL I 400 -37.57 50.95 19.07
CA VAL I 400 -36.31 50.94 19.80
C VAL I 400 -36.19 52.15 20.70
N ALA I 401 -36.72 53.28 20.23
CA ALA I 401 -36.68 54.51 21.01
C ALA I 401 -37.58 54.37 22.25
N ASP I 402 -38.70 53.66 22.09
CA ASP I 402 -39.62 53.46 23.19
C ASP I 402 -38.97 52.66 24.32
N LEU I 403 -38.32 51.56 23.93
CA LEU I 403 -37.67 50.65 24.87
C LEU I 403 -36.51 51.27 25.63
N PHE I 404 -35.67 52.02 24.93
CA PHE I 404 -34.50 52.63 25.54
C PHE I 404 -34.68 54.02 26.10
N SER I 405 -35.78 54.69 25.82
CA SER I 405 -35.93 56.04 26.33
C SER I 405 -37.33 56.57 26.58
N ARG I 406 -38.17 56.55 25.54
CA ARG I 406 -39.52 57.09 25.65
C ARG I 406 -40.47 56.44 26.65
N ASN I 407 -40.42 55.13 26.78
CA ASN I 407 -41.32 54.47 27.72
C ASN I 407 -41.10 55.04 29.12
N PHE I 408 -39.85 55.22 29.50
CA PHE I 408 -39.54 55.76 30.81
C PHE I 408 -40.12 57.15 30.98
N TRP I 409 -39.65 58.08 30.16
CA TRP I 409 -40.13 59.46 30.24
C TRP I 409 -41.64 59.57 30.17
N ARG I 410 -42.25 58.77 29.30
CA ARG I 410 -43.69 58.80 29.17
C ARG I 410 -44.33 58.40 30.50
N PHE I 411 -43.82 57.34 31.11
CA PHE I 411 -44.35 56.84 32.36
C PHE I 411 -44.21 57.84 33.51
N VAL I 412 -43.01 58.40 33.69
CA VAL I 412 -42.79 59.36 34.77
C VAL I 412 -43.49 60.69 34.53
N GLY I 413 -44.19 60.78 33.40
CA GLY I 413 -44.91 61.99 33.07
C GLY I 413 -44.05 63.23 32.93
N ARG I 414 -42.97 63.11 32.17
CA ARG I 414 -42.06 64.24 31.96
C ARG I 414 -41.30 64.07 30.64
N SER J 2 48.75 -30.53 2.48
CA SER J 2 48.00 -29.47 1.77
C SER J 2 46.88 -30.05 0.89
N ILE J 3 45.81 -30.50 1.54
CA ILE J 3 44.66 -31.05 0.83
C ILE J 3 43.85 -29.90 0.25
N ASN J 4 43.88 -29.76 -1.07
CA ASN J 4 43.19 -28.69 -1.75
C ASN J 4 41.72 -28.90 -2.06
N SER J 5 41.36 -30.09 -2.54
CA SER J 5 39.96 -30.37 -2.89
C SER J 5 39.23 -31.26 -1.91
N ARG J 6 37.90 -31.26 -2.01
CA ARG J 6 37.06 -32.09 -1.17
C ARG J 6 37.25 -33.53 -1.65
N GLU J 7 37.56 -33.67 -2.93
CA GLU J 7 37.79 -34.97 -3.54
C GLU J 7 38.96 -35.66 -2.85
N VAL J 8 40.08 -34.95 -2.78
CA VAL J 8 41.28 -35.49 -2.16
C VAL J 8 41.03 -35.68 -0.68
N LEU J 9 40.31 -34.73 -0.10
CA LEU J 9 39.97 -34.77 1.32
C LEU J 9 39.19 -36.05 1.64
N ALA J 10 38.08 -36.25 0.92
CA ALA J 10 37.23 -37.42 1.12
C ALA J 10 38.03 -38.72 1.02
N GLU J 11 38.94 -38.78 0.05
CA GLU J 11 39.77 -39.96 -0.13
C GLU J 11 40.61 -40.23 1.12
N LYS J 12 41.27 -39.20 1.62
CA LYS J 12 42.11 -39.35 2.80
C LYS J 12 41.30 -39.73 4.04
N VAL J 13 40.14 -39.10 4.20
CA VAL J 13 39.28 -39.39 5.34
C VAL J 13 38.77 -40.82 5.34
N LYS J 14 38.15 -41.24 4.23
CA LYS J 14 37.63 -42.60 4.16
C LYS J 14 38.78 -43.58 4.35
N ASN J 15 39.95 -43.22 3.85
CA ASN J 15 41.11 -44.07 3.99
C ASN J 15 41.53 -44.17 5.45
N ALA J 16 41.61 -43.02 6.12
CA ALA J 16 42.00 -42.98 7.52
C ALA J 16 41.03 -43.76 8.40
N VAL J 17 39.74 -43.49 8.20
CA VAL J 17 38.67 -44.15 8.95
C VAL J 17 38.71 -45.67 8.77
N ASN J 18 38.82 -46.11 7.53
CA ASN J 18 38.85 -47.54 7.24
C ASN J 18 40.07 -48.25 7.81
N ASN J 19 41.22 -47.60 7.76
CA ASN J 19 42.44 -48.21 8.27
C ASN J 19 42.64 -48.08 9.77
N GLN J 20 41.88 -47.21 10.42
CA GLN J 20 42.01 -47.01 11.87
C GLN J 20 41.53 -48.23 12.67
N PRO J 21 42.42 -48.81 13.50
CA PRO J 21 42.06 -49.96 14.32
C PRO J 21 41.03 -49.47 15.34
N VAL J 22 39.97 -50.24 15.51
CA VAL J 22 38.91 -49.85 16.42
C VAL J 22 38.92 -50.47 17.81
N THR J 23 38.60 -49.65 18.80
CA THR J 23 38.45 -50.13 20.16
C THR J 23 36.93 -50.04 20.36
N ASP J 24 36.30 -51.19 20.52
CA ASP J 24 34.85 -51.26 20.72
C ASP J 24 34.67 -51.24 22.23
N MET J 25 34.46 -50.05 22.80
CA MET J 25 34.34 -49.96 24.25
C MET J 25 33.09 -50.47 24.94
N HIS J 26 32.24 -51.18 24.19
CA HIS J 26 31.05 -51.80 24.75
C HIS J 26 30.42 -52.84 23.83
N THR J 27 30.54 -54.11 24.21
CA THR J 27 29.99 -55.21 23.45
C THR J 27 29.50 -56.28 24.40
N HIS J 28 28.91 -57.33 23.83
CA HIS J 28 28.43 -58.45 24.62
C HIS J 28 29.15 -59.70 24.14
N LEU J 29 30.41 -59.51 23.74
CA LEU J 29 31.23 -60.60 23.26
C LEU J 29 32.17 -61.01 24.40
N PHE J 30 32.81 -62.16 24.25
CA PHE J 30 33.74 -62.68 25.26
C PHE J 30 34.98 -63.28 24.58
N SER J 31 36.11 -63.21 25.27
CA SER J 31 37.35 -63.80 24.78
C SER J 31 36.96 -65.24 24.46
N PRO J 32 37.46 -65.79 23.33
CA PRO J 32 37.13 -67.17 22.96
C PRO J 32 37.43 -68.26 24.00
N ASN J 33 38.45 -68.06 24.81
CA ASN J 33 38.79 -69.05 25.83
C ASN J 33 37.68 -69.21 26.88
N PHE J 34 36.73 -68.27 26.90
CA PHE J 34 35.63 -68.35 27.85
C PHE J 34 34.59 -69.40 27.46
N GLY J 35 34.66 -69.88 26.23
CA GLY J 35 33.72 -70.90 25.79
C GLY J 35 32.52 -70.46 24.96
N GLU J 36 31.50 -71.31 24.96
CA GLU J 36 30.27 -71.08 24.21
C GLU J 36 29.54 -69.79 24.53
N ILE J 37 29.90 -69.14 25.63
CA ILE J 37 29.26 -67.89 25.99
C ILE J 37 29.51 -66.89 24.86
N LEU J 38 30.54 -67.15 24.06
CA LEU J 38 30.86 -66.31 22.90
C LEU J 38 30.02 -66.86 21.77
N LEU J 39 29.05 -66.07 21.31
CA LEU J 39 28.16 -66.49 20.24
C LEU J 39 28.67 -66.09 18.85
N TRP J 40 28.47 -66.97 17.88
CA TRP J 40 28.88 -66.70 16.51
C TRP J 40 28.30 -67.67 15.48
N ASP J 41 28.25 -67.20 14.23
CA ASP J 41 27.76 -67.87 13.01
C ASP J 41 26.44 -67.31 12.50
N ILE J 42 26.07 -67.68 11.28
CA ILE J 42 24.85 -67.18 10.66
C ILE J 42 23.54 -67.45 11.42
N ASP J 43 23.43 -68.60 12.08
CA ASP J 43 22.20 -68.86 12.82
C ASP J 43 22.13 -67.94 14.03
N GLU J 44 23.27 -67.66 14.64
CA GLU J 44 23.29 -66.76 15.79
C GLU J 44 22.97 -65.36 15.28
N LEU J 45 23.53 -65.01 14.12
CA LEU J 45 23.26 -63.70 13.52
C LEU J 45 21.77 -63.52 13.29
N LEU J 46 21.14 -64.53 12.69
CA LEU J 46 19.73 -64.47 12.37
C LEU J 46 18.78 -64.51 13.57
N THR J 47 19.24 -65.02 14.71
CA THR J 47 18.39 -65.09 15.90
C THR J 47 18.67 -63.97 16.91
N TYR J 48 19.47 -62.99 16.47
CA TYR J 48 19.78 -61.79 17.27
C TYR J 48 18.39 -61.29 17.71
N HIS J 49 18.25 -60.82 18.95
CA HIS J 49 16.91 -60.41 19.38
C HIS J 49 16.31 -59.26 18.58
N TYR J 50 17.15 -58.47 17.93
CA TYR J 50 16.63 -57.38 17.13
C TYR J 50 15.77 -57.98 16.01
N LEU J 51 16.19 -59.13 15.48
CA LEU J 51 15.44 -59.79 14.42
C LEU J 51 14.24 -60.57 14.95
N VAL J 52 14.31 -61.04 16.19
CA VAL J 52 13.17 -61.74 16.77
C VAL J 52 12.02 -60.75 16.89
N ALA J 53 12.32 -59.55 17.36
CA ALA J 53 11.30 -58.52 17.50
C ALA J 53 10.68 -58.24 16.14
N GLU J 54 11.52 -58.10 15.13
CA GLU J 54 11.03 -57.80 13.79
C GLU J 54 10.20 -58.92 13.16
N VAL J 55 10.65 -60.16 13.30
CA VAL J 55 9.91 -61.26 12.71
C VAL J 55 8.53 -61.41 13.37
N MET J 56 8.45 -61.19 14.67
CA MET J 56 7.17 -61.31 15.36
C MET J 56 6.12 -60.34 14.85
N ARG J 57 6.54 -59.31 14.10
CA ARG J 57 5.58 -58.36 13.55
C ARG J 57 4.96 -58.93 12.28
N TRP J 58 5.56 -59.98 11.73
CA TRP J 58 5.08 -60.58 10.49
C TRP J 58 4.52 -62.00 10.59
N THR J 59 5.31 -62.92 11.16
CA THR J 59 4.95 -64.33 11.26
C THR J 59 3.69 -64.71 12.02
N ASP J 60 3.06 -65.80 11.56
CA ASP J 60 1.86 -66.33 12.19
C ASP J 60 2.24 -67.23 13.36
N VAL J 61 3.52 -67.57 13.46
CA VAL J 61 3.99 -68.42 14.54
C VAL J 61 3.82 -67.66 15.85
N SER J 62 3.30 -68.33 16.86
CA SER J 62 3.13 -67.69 18.15
C SER J 62 4.52 -67.54 18.75
N ILE J 63 4.67 -66.67 19.73
CA ILE J 63 5.96 -66.48 20.36
C ILE J 63 6.35 -67.73 21.14
N GLU J 64 5.35 -68.44 21.68
CA GLU J 64 5.61 -69.67 22.42
C GLU J 64 6.23 -70.67 21.46
N ALA J 65 5.63 -70.81 20.29
CA ALA J 65 6.11 -71.75 19.29
C ALA J 65 7.51 -71.38 18.85
N PHE J 66 7.78 -70.09 18.71
CA PHE J 66 9.11 -69.65 18.28
C PHE J 66 10.19 -70.14 19.22
N TRP J 67 9.98 -69.94 20.52
CA TRP J 67 10.96 -70.35 21.52
C TRP J 67 11.15 -71.86 21.58
N ALA J 68 10.11 -72.61 21.24
CA ALA J 68 10.19 -74.07 21.26
C ALA J 68 11.03 -74.60 20.10
N MET J 69 11.07 -73.87 18.99
CA MET J 69 11.85 -74.28 17.82
C MET J 69 13.33 -74.31 18.18
N SER J 70 14.10 -75.05 17.38
CA SER J 70 15.54 -75.14 17.57
C SER J 70 16.13 -73.86 16.97
N LYS J 71 17.40 -73.60 17.24
CA LYS J 71 18.06 -72.41 16.71
C LYS J 71 17.96 -72.36 15.19
N ARG J 72 18.26 -73.48 14.54
CA ARG J 72 18.22 -73.56 13.09
C ARG J 72 16.82 -73.24 12.57
N GLU J 73 15.80 -73.79 13.23
CA GLU J 73 14.42 -73.55 12.83
C GLU J 73 14.03 -72.08 12.98
N GLN J 74 14.45 -71.45 14.08
CA GLN J 74 14.14 -70.03 14.29
C GLN J 74 14.85 -69.23 13.20
N ALA J 75 16.08 -69.61 12.91
CA ALA J 75 16.89 -68.96 11.88
C ALA J 75 16.21 -69.10 10.53
N ASP J 76 15.72 -70.30 10.21
CA ASP J 76 15.06 -70.54 8.94
C ASP J 76 13.80 -69.68 8.81
N LEU J 77 13.05 -69.57 9.89
CA LEU J 77 11.83 -68.76 9.90
C LEU J 77 12.13 -67.28 9.71
N ILE J 78 13.11 -66.78 10.45
CA ILE J 78 13.48 -65.36 10.35
C ILE J 78 13.96 -65.02 8.94
N TRP J 79 14.76 -65.91 8.37
CA TRP J 79 15.27 -65.72 7.02
C TRP J 79 14.12 -65.66 6.01
N GLU J 80 13.19 -66.60 6.13
CA GLU J 80 12.04 -66.66 5.24
C GLU J 80 11.12 -65.44 5.37
N GLU J 81 10.75 -65.12 6.60
CA GLU J 81 9.86 -63.99 6.89
C GLU J 81 10.41 -62.60 6.60
N LEU J 82 11.68 -62.37 6.93
CA LEU J 82 12.26 -61.04 6.76
C LEU J 82 13.13 -60.80 5.53
N PHE J 83 13.63 -61.86 4.90
CA PHE J 83 14.50 -61.69 3.73
C PHE J 83 13.84 -62.14 2.43
N ILE J 84 13.02 -63.17 2.52
CA ILE J 84 12.37 -63.71 1.33
C ILE J 84 10.98 -63.17 1.08
N LYS J 85 10.14 -63.14 2.11
CA LYS J 85 8.78 -62.65 1.96
C LYS J 85 8.68 -61.12 1.87
N ARG J 86 9.71 -60.44 2.34
CA ARG J 86 9.77 -58.97 2.28
C ARG J 86 11.26 -58.65 2.13
N SER J 87 11.59 -57.55 1.44
CA SER J 87 12.99 -57.21 1.27
C SER J 87 13.60 -56.89 2.63
N PRO J 88 14.82 -57.37 2.88
CA PRO J 88 15.53 -57.16 4.15
C PRO J 88 16.13 -55.76 4.24
N VAL J 89 15.27 -54.74 4.20
CA VAL J 89 15.72 -53.36 4.24
C VAL J 89 15.98 -52.74 5.61
N SER J 90 15.53 -53.38 6.69
CA SER J 90 15.75 -52.81 8.02
C SER J 90 17.26 -52.83 8.33
N GLU J 91 17.68 -51.96 9.24
CA GLU J 91 19.09 -51.91 9.61
C GLU J 91 19.65 -53.25 10.09
N ALA J 92 18.91 -53.96 10.95
CA ALA J 92 19.39 -55.23 11.46
C ALA J 92 19.46 -56.31 10.38
N CYS J 93 18.51 -56.32 9.46
CA CYS J 93 18.51 -57.31 8.37
C CYS J 93 19.63 -56.99 7.40
N ARG J 94 19.85 -55.69 7.17
CA ARG J 94 20.91 -55.22 6.29
C ARG J 94 22.25 -55.67 6.86
N GLY J 95 22.37 -55.57 8.19
CA GLY J 95 23.59 -55.97 8.88
C GLY J 95 23.96 -57.41 8.62
N VAL J 96 22.99 -58.31 8.69
CA VAL J 96 23.26 -59.72 8.43
C VAL J 96 23.93 -59.86 7.07
N LEU J 97 23.37 -59.19 6.07
CA LEU J 97 23.91 -59.24 4.71
C LEU J 97 25.34 -58.71 4.65
N THR J 98 25.59 -57.58 5.29
CA THR J 98 26.92 -56.99 5.32
C THR J 98 27.91 -58.00 5.92
N CYS J 99 27.48 -58.73 6.94
CA CYS J 99 28.33 -59.71 7.58
C CYS J 99 28.70 -60.82 6.60
N LEU J 100 27.69 -61.39 5.95
CA LEU J 100 27.93 -62.47 5.00
C LEU J 100 28.92 -61.99 3.92
N GLN J 101 28.61 -60.84 3.32
CA GLN J 101 29.47 -60.31 2.28
C GLN J 101 30.91 -60.13 2.79
N GLY J 102 31.04 -59.55 3.97
CA GLY J 102 32.37 -59.33 4.54
C GLY J 102 33.16 -60.61 4.69
N LEU J 103 32.47 -61.72 4.94
CA LEU J 103 33.13 -63.01 5.11
C LEU J 103 33.43 -63.68 3.77
N GLY J 104 33.06 -63.01 2.68
CA GLY J 104 33.29 -63.57 1.37
C GLY J 104 32.14 -64.40 0.82
N LEU J 105 31.08 -64.53 1.60
CA LEU J 105 29.91 -65.30 1.17
C LEU J 105 29.09 -64.40 0.24
N ASP J 106 28.32 -64.99 -0.65
CA ASP J 106 27.55 -64.22 -1.61
C ASP J 106 26.05 -64.19 -1.32
N PRO J 107 25.53 -63.03 -0.88
CA PRO J 107 24.12 -62.80 -0.54
C PRO J 107 23.20 -62.90 -1.75
N ALA J 108 23.78 -62.72 -2.94
CA ALA J 108 23.00 -62.78 -4.18
C ALA J 108 22.33 -64.13 -4.38
N THR J 109 23.00 -65.21 -3.97
CA THR J 109 22.47 -66.56 -4.12
C THR J 109 21.40 -66.92 -3.08
N ARG J 110 21.39 -66.20 -1.97
CA ARG J 110 20.43 -66.46 -0.89
C ARG J 110 20.49 -67.93 -0.45
N ASP J 111 21.67 -68.53 -0.55
CA ASP J 111 21.88 -69.93 -0.20
C ASP J 111 22.28 -70.06 1.27
N LEU J 112 21.29 -70.11 2.15
CA LEU J 112 21.57 -70.22 3.58
C LEU J 112 22.35 -71.50 3.91
N GLN J 113 22.08 -72.56 3.17
CA GLN J 113 22.77 -73.84 3.37
C GLN J 113 24.27 -73.65 3.18
N VAL J 114 24.65 -73.00 2.09
CA VAL J 114 26.06 -72.76 1.82
C VAL J 114 26.70 -71.81 2.83
N TYR J 115 25.93 -70.84 3.30
CA TYR J 115 26.47 -69.88 4.27
C TYR J 115 26.82 -70.63 5.56
N ARG J 116 25.92 -71.52 5.96
CA ARG J 116 26.11 -72.31 7.18
C ARG J 116 27.33 -73.22 7.10
N GLU J 117 27.64 -73.70 5.90
CA GLU J 117 28.79 -74.57 5.75
C GLU J 117 30.09 -73.85 6.08
N TYR J 118 30.17 -72.57 5.74
CA TYR J 118 31.37 -71.78 6.01
C TYR J 118 31.77 -71.85 7.49
N PHE J 119 30.77 -71.69 8.36
CA PHE J 119 30.99 -71.67 9.80
C PHE J 119 31.30 -73.02 10.45
N ALA J 120 30.73 -74.10 9.93
CA ALA J 120 30.96 -75.43 10.49
C ALA J 120 32.41 -75.82 10.30
N LYS J 121 33.05 -75.21 9.29
CA LYS J 121 34.44 -75.50 8.97
C LYS J 121 35.48 -74.97 9.96
N LYS J 122 35.14 -73.96 10.74
CA LYS J 122 36.13 -73.40 11.65
C LYS J 122 35.86 -73.44 13.14
N THR J 123 36.90 -73.13 13.91
CA THR J 123 36.83 -73.09 15.36
C THR J 123 36.53 -71.67 15.82
N SER J 124 36.19 -71.51 17.09
CA SER J 124 35.89 -70.19 17.63
C SER J 124 37.10 -69.26 17.49
N GLU J 125 38.28 -69.78 17.83
CA GLU J 125 39.51 -68.99 17.76
C GLU J 125 39.76 -68.47 16.35
N GLU J 126 39.52 -69.31 15.36
CA GLU J 126 39.74 -68.93 13.97
C GLU J 126 38.78 -67.83 13.50
N GLN J 127 37.53 -67.93 13.91
CA GLN J 127 36.55 -66.92 13.51
C GLN J 127 36.85 -65.58 14.17
N VAL J 128 37.29 -65.60 15.43
CA VAL J 128 37.63 -64.38 16.13
C VAL J 128 38.77 -63.70 15.38
N ASP J 129 39.79 -64.47 15.00
CA ASP J 129 40.90 -63.91 14.25
C ASP J 129 40.38 -63.33 12.93
N THR J 130 39.51 -64.08 12.27
CA THR J 130 38.92 -63.67 11.00
C THR J 130 38.11 -62.38 11.14
N VAL J 131 37.16 -62.37 12.07
CA VAL J 131 36.31 -61.20 12.27
C VAL J 131 37.05 -59.95 12.75
N LEU J 132 37.90 -60.08 13.77
CA LEU J 132 38.62 -58.90 14.26
C LEU J 132 39.48 -58.34 13.14
N GLN J 133 39.89 -59.21 12.23
CA GLN J 133 40.71 -58.82 11.09
C GLN J 133 39.86 -57.98 10.13
N LEU J 134 38.74 -58.54 9.69
CA LEU J 134 37.83 -57.87 8.76
C LEU J 134 37.24 -56.57 9.29
N ALA J 135 36.84 -56.58 10.55
CA ALA J 135 36.25 -55.39 11.16
C ALA J 135 37.31 -54.41 11.63
N ASN J 136 38.57 -54.80 11.48
CA ASN J 136 39.68 -53.96 11.90
C ASN J 136 39.46 -53.48 13.34
N VAL J 137 39.12 -54.44 14.21
CA VAL J 137 38.89 -54.14 15.62
C VAL J 137 40.08 -54.68 16.40
N SER J 138 40.81 -53.79 17.07
CA SER J 138 41.97 -54.19 17.84
C SER J 138 41.65 -54.59 19.28
N ASP J 139 40.70 -53.87 19.88
CA ASP J 139 40.31 -54.12 21.27
C ASP J 139 38.80 -54.21 21.44
N VAL J 140 38.36 -55.16 22.25
CA VAL J 140 36.95 -55.37 22.53
C VAL J 140 36.68 -55.32 24.02
N VAL J 141 35.76 -54.45 24.45
CA VAL J 141 35.42 -54.38 25.85
C VAL J 141 34.18 -55.22 26.02
N MET J 142 34.25 -56.21 26.90
CA MET J 142 33.13 -57.10 27.16
C MET J 142 32.19 -56.51 28.20
N THR J 143 31.10 -57.25 28.46
CA THR J 143 30.15 -56.86 29.50
C THR J 143 30.22 -58.07 30.43
N ASN J 144 30.88 -57.91 31.57
CA ASN J 144 31.03 -59.03 32.50
C ASN J 144 30.16 -58.92 33.73
N ASP J 145 29.16 -59.79 33.78
CA ASP J 145 28.20 -59.84 34.88
C ASP J 145 28.46 -60.96 35.87
N PRO J 146 29.05 -60.63 37.04
CA PRO J 146 29.36 -61.62 38.08
C PRO J 146 28.13 -62.33 38.63
N PHE J 147 26.95 -61.81 38.29
CA PHE J 147 25.71 -62.40 38.77
C PHE J 147 25.23 -63.54 37.89
N ASP J 148 25.78 -63.66 36.69
CA ASP J 148 25.38 -64.76 35.83
C ASP J 148 26.25 -65.95 36.23
N ASP J 149 25.61 -67.06 36.59
CA ASP J 149 26.35 -68.25 37.01
C ASP J 149 27.35 -68.76 35.98
N ASN J 150 26.95 -68.76 34.71
CA ASN J 150 27.84 -69.24 33.67
C ASN J 150 29.06 -68.35 33.44
N GLU J 151 28.96 -67.09 33.83
CA GLU J 151 30.09 -66.17 33.66
C GLU J 151 30.99 -66.19 34.88
N ARG J 152 30.38 -66.15 36.06
CA ARG J 152 31.13 -66.13 37.31
C ARG J 152 32.06 -67.34 37.43
N ILE J 153 31.60 -68.49 36.93
CA ILE J 153 32.39 -69.71 37.00
C ILE J 153 33.75 -69.59 36.31
N SER J 154 33.76 -69.02 35.12
CA SER J 154 35.01 -68.85 34.38
C SER J 154 35.99 -67.97 35.14
N TRP J 155 35.49 -66.86 35.70
CA TRP J 155 36.33 -65.94 36.45
C TRP J 155 36.86 -66.60 37.72
N LEU J 156 35.98 -67.30 38.42
CA LEU J 156 36.36 -67.98 39.66
C LEU J 156 37.39 -69.06 39.39
N GLU J 157 37.33 -69.68 38.21
CA GLU J 157 38.27 -70.74 37.86
C GLU J 157 39.54 -70.22 37.20
N GLY J 158 39.78 -68.92 37.32
CA GLY J 158 40.99 -68.33 36.77
C GLY J 158 41.04 -68.02 35.29
N LYS J 159 39.93 -68.10 34.58
CA LYS J 159 39.92 -67.78 33.16
C LYS J 159 40.25 -66.31 32.96
N GLN J 160 41.23 -66.03 32.10
CA GLN J 160 41.64 -64.66 31.81
C GLN J 160 41.46 -64.42 30.32
N PRO J 161 40.87 -63.26 29.94
CA PRO J 161 40.67 -62.97 28.53
C PRO J 161 42.01 -62.68 27.85
N ASP J 162 42.13 -62.96 26.55
CA ASP J 162 43.40 -62.67 25.89
C ASP J 162 43.50 -61.15 25.77
N SER J 163 44.71 -60.67 25.48
CA SER J 163 44.98 -59.24 25.39
C SER J 163 44.06 -58.39 24.50
N ARG J 164 43.26 -59.02 23.66
CA ARG J 164 42.38 -58.26 22.76
C ARG J 164 41.06 -57.92 23.44
N PHE J 165 40.73 -58.65 24.50
CA PHE J 165 39.48 -58.45 25.23
C PHE J 165 39.68 -57.86 26.62
N HIS J 166 38.89 -56.83 26.93
CA HIS J 166 38.97 -56.17 28.23
C HIS J 166 37.67 -56.36 28.98
N ALA J 167 37.74 -56.34 30.30
CA ALA J 167 36.56 -56.53 31.12
C ALA J 167 35.90 -55.22 31.54
N ALA J 168 34.62 -55.32 31.83
CA ALA J 168 33.83 -54.20 32.30
C ALA J 168 32.88 -54.85 33.29
N LEU J 169 32.95 -54.42 34.54
CA LEU J 169 32.13 -54.95 35.61
C LEU J 169 30.70 -54.44 35.55
N ARG J 170 29.79 -55.28 35.06
CA ARG J 170 28.36 -54.93 34.91
C ARG J 170 27.63 -55.19 36.23
N LEU J 171 26.93 -54.16 36.74
CA LEU J 171 26.26 -54.24 38.03
C LEU J 171 24.73 -54.12 38.12
N ASP J 172 24.02 -54.22 37.00
CA ASP J 172 22.55 -54.10 37.02
C ASP J 172 21.77 -54.79 38.16
N PRO J 173 22.05 -56.06 38.45
CA PRO J 173 21.34 -56.78 39.52
C PRO J 173 21.54 -56.17 40.90
N LEU J 174 22.75 -55.71 41.16
CA LEU J 174 23.09 -55.10 42.44
C LEU J 174 22.41 -53.75 42.61
N LEU J 175 22.61 -52.86 41.63
CA LEU J 175 22.05 -51.52 41.69
C LEU J 175 20.55 -51.41 41.46
N ASN J 176 20.00 -52.28 40.59
CA ASN J 176 18.57 -52.23 40.27
C ASN J 176 17.68 -53.25 40.97
N GLU J 177 18.26 -54.33 41.48
CA GLU J 177 17.46 -55.35 42.16
C GLU J 177 18.13 -55.75 43.48
N TYR J 178 18.57 -54.76 44.24
CA TYR J 178 19.24 -55.04 45.49
C TYR J 178 18.45 -55.94 46.43
N GLU J 179 17.16 -55.68 46.58
CA GLU J 179 16.33 -56.50 47.48
C GLU J 179 16.45 -57.98 47.16
N GLN J 180 16.53 -58.32 45.89
CA GLN J 180 16.66 -59.72 45.51
C GLN J 180 18.12 -60.15 45.57
N THR J 181 19.00 -59.31 45.06
CA THR J 181 20.42 -59.61 45.02
C THR J 181 21.13 -59.71 46.38
N LYS J 182 20.66 -58.99 47.40
CA LYS J 182 21.31 -59.05 48.70
C LYS J 182 21.40 -60.48 49.25
N HIS J 183 20.39 -61.30 48.96
CA HIS J 183 20.38 -62.68 49.43
C HIS J 183 21.50 -63.47 48.78
N ARG J 184 21.83 -63.15 47.53
CA ARG J 184 22.90 -63.85 46.84
C ARG J 184 24.24 -63.38 47.38
N LEU J 185 24.33 -62.10 47.75
CA LEU J 185 25.56 -61.57 48.31
C LEU J 185 25.88 -62.30 49.62
N ARG J 186 24.83 -62.54 50.41
CA ARG J 186 25.00 -63.24 51.68
C ARG J 186 25.49 -64.67 51.43
N ASP J 187 24.89 -65.34 50.45
CA ASP J 187 25.31 -66.70 50.13
C ASP J 187 26.79 -66.72 49.72
N TRP J 188 27.28 -65.59 49.21
CA TRP J 188 28.68 -65.51 48.79
C TRP J 188 29.61 -64.97 49.86
N GLY J 189 29.10 -64.79 51.06
CA GLY J 189 29.94 -64.29 52.14
C GLY J 189 29.90 -62.79 52.36
N TYR J 190 29.16 -62.07 51.53
CA TYR J 190 29.05 -60.62 51.71
C TYR J 190 27.88 -60.42 52.65
N LYS J 191 28.23 -60.24 53.92
CA LYS J 191 27.26 -60.11 55.00
C LYS J 191 26.60 -58.76 55.13
N VAL J 192 25.70 -58.46 54.19
CA VAL J 192 24.98 -57.19 54.24
C VAL J 192 23.80 -57.42 55.18
N ASN J 193 23.41 -56.39 55.91
CA ASN J 193 22.32 -56.49 56.87
C ASN J 193 21.00 -56.04 56.27
N ASP J 194 19.93 -56.14 57.05
CA ASP J 194 18.63 -55.70 56.57
C ASP J 194 18.64 -54.18 56.48
N GLU J 195 19.31 -53.55 57.44
CA GLU J 195 19.43 -52.09 57.49
C GLU J 195 20.66 -51.65 56.69
N TRP J 196 20.58 -50.45 56.10
CA TRP J 196 21.71 -49.93 55.36
C TRP J 196 22.65 -49.26 56.35
N ASN J 197 23.38 -50.07 57.10
CA ASN J 197 24.32 -49.54 58.08
C ASN J 197 25.76 -49.64 57.59
N GLU J 198 26.71 -49.29 58.46
CA GLU J 198 28.10 -49.33 58.07
C GLU J 198 28.52 -50.72 57.61
N GLY J 199 27.97 -51.76 58.25
CA GLY J 199 28.28 -53.12 57.87
C GLY J 199 27.88 -53.43 56.44
N SER J 200 26.66 -53.05 56.06
CA SER J 200 26.15 -53.29 54.72
C SER J 200 26.98 -52.53 53.68
N ILE J 201 27.28 -51.27 53.98
CA ILE J 201 28.08 -50.42 53.10
C ILE J 201 29.46 -51.02 52.85
N GLN J 202 30.10 -51.50 53.92
CA GLN J 202 31.43 -52.08 53.79
C GLN J 202 31.43 -53.37 53.01
N GLU J 203 30.43 -54.22 53.23
CA GLU J 203 30.38 -55.48 52.50
C GLU J 203 30.12 -55.25 51.01
N VAL J 204 29.24 -54.31 50.66
CA VAL J 204 28.97 -54.05 49.24
C VAL J 204 30.27 -53.54 48.59
N LYS J 205 30.96 -52.61 49.26
CA LYS J 205 32.22 -52.09 48.74
C LYS J 205 33.17 -53.26 48.52
N ARG J 206 33.22 -54.16 49.52
CA ARG J 206 34.09 -55.33 49.48
C ARG J 206 33.77 -56.18 48.24
N PHE J 207 32.48 -56.32 47.94
CA PHE J 207 32.05 -57.08 46.78
C PHE J 207 32.61 -56.44 45.51
N LEU J 208 32.46 -55.12 45.41
CA LEU J 208 32.94 -54.38 44.25
C LEU J 208 34.46 -54.50 44.10
N THR J 209 35.16 -54.34 45.21
CA THR J 209 36.61 -54.41 45.22
C THR J 209 37.15 -55.80 44.87
N ASP J 210 36.51 -56.86 45.37
CA ASP J 210 36.96 -58.21 45.05
C ASP J 210 36.85 -58.43 43.55
N TRP J 211 35.72 -58.02 42.97
CA TRP J 211 35.52 -58.20 41.55
C TRP J 211 36.37 -57.25 40.70
N ILE J 212 36.65 -56.05 41.19
CA ILE J 212 37.51 -55.15 40.44
C ILE J 212 38.88 -55.81 40.37
N GLU J 213 39.31 -56.39 41.49
CA GLU J 213 40.60 -57.06 41.55
C GLU J 213 40.66 -58.29 40.67
N ARG J 214 39.55 -59.01 40.55
CA ARG J 214 39.52 -60.22 39.74
C ARG J 214 39.39 -59.99 38.23
N MET J 215 38.69 -58.94 37.83
CA MET J 215 38.49 -58.65 36.41
C MET J 215 39.39 -57.54 35.87
N ASP J 216 39.85 -56.66 36.75
CA ASP J 216 40.66 -55.51 36.34
C ASP J 216 39.90 -54.82 35.20
N PRO J 217 38.64 -54.42 35.46
CA PRO J 217 37.77 -53.77 34.48
C PRO J 217 38.19 -52.36 34.09
N VAL J 218 37.89 -51.98 32.85
CA VAL J 218 38.21 -50.63 32.38
C VAL J 218 37.21 -49.63 32.96
N TYR J 219 36.05 -50.13 33.37
CA TYR J 219 35.02 -49.30 33.99
C TYR J 219 33.91 -50.19 34.55
N MET J 220 33.10 -49.63 35.45
CA MET J 220 31.97 -50.35 36.03
C MET J 220 30.75 -49.80 35.29
N ALA J 221 29.80 -50.67 34.97
CA ALA J 221 28.62 -50.25 34.23
C ALA J 221 27.28 -50.68 34.78
N VAL J 222 26.23 -50.01 34.33
CA VAL J 222 24.86 -50.30 34.72
C VAL J 222 23.95 -49.65 33.68
N SER J 223 22.83 -50.30 33.39
CA SER J 223 21.84 -49.73 32.48
C SER J 223 20.77 -49.26 33.45
N LEU J 224 20.17 -48.11 33.18
CA LEU J 224 19.17 -47.55 34.08
C LEU J 224 17.89 -47.17 33.35
N PRO J 225 16.76 -47.09 34.09
CA PRO J 225 15.45 -46.74 33.53
C PRO J 225 15.25 -45.25 33.28
N PRO J 226 14.19 -44.90 32.55
CA PRO J 226 13.87 -43.50 32.23
C PRO J 226 13.70 -42.66 33.50
N THR J 227 13.18 -43.30 34.54
CA THR J 227 12.94 -42.64 35.82
C THR J 227 14.16 -42.46 36.72
N PHE J 228 15.34 -42.82 36.24
CA PHE J 228 16.56 -42.69 37.05
C PHE J 228 16.74 -41.30 37.66
N SER J 229 16.97 -41.27 38.96
CA SER J 229 17.16 -40.03 39.71
C SER J 229 18.35 -40.16 40.66
N PHE J 230 18.92 -39.03 41.04
CA PHE J 230 20.03 -39.01 41.97
C PHE J 230 20.34 -37.59 42.40
N PRO J 231 20.49 -37.36 43.71
CA PRO J 231 20.36 -38.36 44.78
C PRO J 231 18.98 -39.00 44.88
N GLU J 232 18.89 -40.08 45.66
CA GLU J 232 17.62 -40.79 45.82
C GLU J 232 17.68 -41.77 46.99
N GLU J 233 16.70 -41.69 47.88
CA GLU J 233 16.63 -42.59 49.02
C GLU J 233 16.01 -43.92 48.59
N SER J 234 16.81 -44.70 47.89
CA SER J 234 16.42 -46.02 47.40
C SER J 234 17.69 -46.85 47.54
N ASN J 235 17.60 -48.15 47.31
CA ASN J 235 18.78 -48.98 47.40
C ASN J 235 19.80 -48.55 46.33
N ARG J 236 19.31 -48.24 45.14
CA ARG J 236 20.22 -47.81 44.06
C ARG J 236 20.93 -46.51 44.40
N GLY J 237 20.18 -45.54 44.88
CA GLY J 237 20.76 -44.26 45.24
C GLY J 237 21.77 -44.35 46.37
N ARG J 238 21.50 -45.20 47.35
CA ARG J 238 22.41 -45.37 48.48
C ARG J 238 23.65 -46.17 48.09
N ILE J 239 23.48 -47.18 47.26
CA ILE J 239 24.61 -47.99 46.82
C ILE J 239 25.59 -47.17 45.98
N ILE J 240 25.04 -46.32 45.10
CA ILE J 240 25.88 -45.47 44.26
C ILE J 240 26.61 -44.43 45.11
N ARG J 241 25.86 -43.76 45.97
CA ARG J 241 26.43 -42.74 46.83
C ARG J 241 27.47 -43.27 47.82
N ASP J 242 27.10 -44.30 48.57
CA ASP J 242 28.00 -44.84 49.58
C ASP J 242 28.99 -45.92 49.15
N CYS J 243 28.72 -46.61 48.05
CA CYS J 243 29.63 -47.67 47.63
C CYS J 243 30.35 -47.51 46.30
N LEU J 244 29.57 -47.41 45.24
CA LEU J 244 30.12 -47.30 43.89
C LEU J 244 31.05 -46.09 43.66
N LEU J 245 30.56 -44.89 43.93
CA LEU J 245 31.36 -43.70 43.70
C LEU J 245 32.67 -43.66 44.50
N PRO J 246 32.62 -43.94 45.81
CA PRO J 246 33.89 -43.91 46.55
C PRO J 246 34.89 -44.92 46.01
N VAL J 247 34.43 -46.13 45.70
CA VAL J 247 35.31 -47.17 45.17
C VAL J 247 35.84 -46.81 43.78
N ALA J 248 34.99 -46.23 42.94
CA ALA J 248 35.39 -45.85 41.59
C ALA J 248 36.48 -44.78 41.67
N GLU J 249 36.30 -43.81 42.57
CA GLU J 249 37.28 -42.76 42.74
C GLU J 249 38.61 -43.33 43.24
N LYS J 250 38.54 -44.20 44.25
CA LYS J 250 39.74 -44.80 44.82
C LYS J 250 40.56 -45.54 43.76
N HIS J 251 39.90 -46.34 42.93
CA HIS J 251 40.60 -47.07 41.88
C HIS J 251 40.63 -46.30 40.56
N ASN J 252 40.17 -45.05 40.58
CA ASN J 252 40.14 -44.21 39.39
C ASN J 252 39.54 -44.96 38.20
N ILE J 253 38.40 -45.60 38.45
CA ILE J 253 37.68 -46.37 37.43
C ILE J 253 36.42 -45.59 37.06
N PRO J 254 36.17 -45.38 35.75
CA PRO J 254 34.98 -44.65 35.33
C PRO J 254 33.69 -45.43 35.61
N PHE J 255 32.59 -44.70 35.72
CA PHE J 255 31.27 -45.30 35.96
C PHE J 255 30.46 -45.11 34.69
N ALA J 256 30.14 -46.21 34.00
CA ALA J 256 29.35 -46.12 32.77
C ALA J 256 27.87 -46.28 33.07
N MET J 257 27.08 -45.31 32.63
CA MET J 257 25.64 -45.31 32.82
C MET J 257 24.96 -45.31 31.46
N MET J 258 24.18 -46.35 31.20
CA MET J 258 23.44 -46.46 29.95
C MET J 258 22.00 -46.28 30.40
N ILE J 259 21.55 -45.04 30.25
CA ILE J 259 20.24 -44.61 30.70
C ILE J 259 19.09 -44.57 29.68
N GLY J 260 17.91 -44.99 30.13
CA GLY J 260 16.75 -44.94 29.27
C GLY J 260 15.99 -46.21 28.97
N VAL J 261 16.45 -47.35 29.47
CA VAL J 261 15.78 -48.61 29.18
C VAL J 261 14.70 -48.98 30.20
N LYS J 262 13.49 -49.24 29.68
CA LYS J 262 12.37 -49.65 30.52
C LYS J 262 12.30 -51.17 30.27
N LYS J 263 12.74 -51.94 31.24
CA LYS J 263 12.80 -53.39 31.10
C LYS J 263 11.50 -54.19 31.09
N ARG J 264 11.52 -55.25 30.29
CA ARG J 264 10.42 -56.20 30.20
C ARG J 264 9.01 -55.67 30.01
N VAL J 265 8.78 -54.78 29.04
CA VAL J 265 7.42 -54.30 28.82
C VAL J 265 6.62 -55.41 28.14
N HIS J 266 7.34 -56.35 27.55
CA HIS J 266 6.75 -57.51 26.87
C HIS J 266 7.63 -58.70 27.24
N PRO J 267 7.43 -59.25 28.45
CA PRO J 267 8.17 -60.39 29.00
C PRO J 267 8.37 -61.58 28.07
N ALA J 268 7.31 -61.97 27.36
CA ALA J 268 7.37 -63.11 26.46
C ALA J 268 8.46 -62.97 25.38
N LEU J 269 8.87 -61.75 25.08
CA LEU J 269 9.91 -61.52 24.07
C LEU J 269 11.33 -61.71 24.58
N GLY J 270 11.49 -61.89 25.88
CA GLY J 270 12.83 -62.07 26.43
C GLY J 270 13.72 -60.84 26.26
N ASP J 271 14.91 -61.03 25.70
CA ASP J 271 15.81 -59.90 25.50
C ASP J 271 15.26 -58.89 24.50
N ALA J 272 14.24 -59.27 23.75
CA ALA J 272 13.64 -58.36 22.78
C ALA J 272 12.41 -57.65 23.35
N GLY J 273 12.20 -57.77 24.66
CA GLY J 273 11.04 -57.15 25.27
C GLY J 273 11.26 -55.83 25.98
N ASP J 274 12.41 -55.19 25.79
CA ASP J 274 12.67 -53.92 26.46
C ASP J 274 12.24 -52.70 25.63
N PHE J 275 11.79 -51.67 26.33
CA PHE J 275 11.30 -50.44 25.69
C PHE J 275 12.16 -49.24 26.10
N VAL J 276 11.79 -48.04 25.65
CA VAL J 276 12.55 -46.83 25.94
C VAL J 276 11.70 -45.68 26.48
N GLY J 277 12.37 -44.74 27.13
CA GLY J 277 11.70 -43.57 27.67
C GLY J 277 12.73 -42.46 27.89
N LYS J 278 12.28 -41.22 27.82
CA LYS J 278 13.17 -40.07 28.02
C LYS J 278 13.44 -39.89 29.51
N ALA J 279 14.70 -39.60 29.84
CA ALA J 279 15.06 -39.39 31.25
C ALA J 279 15.29 -37.93 31.59
N SER J 280 15.29 -37.62 32.87
CA SER J 280 15.59 -36.28 33.32
C SER J 280 17.12 -36.24 33.30
N MET J 281 17.71 -35.07 33.08
CA MET J 281 19.17 -34.97 33.07
C MET J 281 19.68 -34.62 34.48
N ASP J 282 18.75 -34.25 35.38
CA ASP J 282 19.08 -33.86 36.74
C ASP J 282 20.04 -34.78 37.49
N GLY J 283 19.78 -36.08 37.44
CA GLY J 283 20.64 -37.03 38.12
C GLY J 283 22.06 -36.99 37.60
N VAL J 284 22.20 -36.99 36.27
CA VAL J 284 23.53 -36.97 35.64
C VAL J 284 24.23 -35.63 35.89
N GLU J 285 23.45 -34.56 35.90
CA GLU J 285 23.98 -33.23 36.15
C GLU J 285 24.58 -33.22 37.57
N HIS J 286 23.80 -33.70 38.53
CA HIS J 286 24.22 -33.74 39.94
C HIS J 286 25.50 -34.55 40.13
N LEU J 287 25.54 -35.75 39.54
CA LEU J 287 26.70 -36.62 39.65
C LEU J 287 27.97 -35.99 39.07
N LEU J 288 27.83 -35.27 37.96
CA LEU J 288 28.98 -34.64 37.32
C LEU J 288 29.51 -33.47 38.13
N ARG J 289 28.61 -32.65 38.65
CA ARG J 289 29.00 -31.49 39.44
C ARG J 289 29.51 -31.84 40.84
N GLU J 290 28.71 -32.63 41.57
CA GLU J 290 29.05 -33.00 42.94
C GLU J 290 30.12 -34.07 43.11
N TYR J 291 30.56 -34.67 42.00
CA TYR J 291 31.60 -35.70 42.05
C TYR J 291 32.66 -35.44 41.00
N PRO J 292 33.34 -34.28 41.10
CA PRO J 292 34.38 -33.88 40.15
C PRO J 292 35.58 -34.82 40.07
N ASN J 293 35.76 -35.66 41.09
CA ASN J 293 36.88 -36.59 41.12
C ASN J 293 36.48 -37.95 40.56
N ASN J 294 35.25 -38.04 40.05
CA ASN J 294 34.76 -39.27 39.47
C ASN J 294 34.57 -39.10 37.97
N LYS J 295 34.83 -40.15 37.20
CA LYS J 295 34.68 -40.10 35.75
C LYS J 295 33.42 -40.85 35.35
N PHE J 296 32.67 -40.26 34.44
CA PHE J 296 31.42 -40.87 33.98
C PHE J 296 31.36 -41.04 32.47
N LEU J 297 31.01 -42.25 32.04
CA LEU J 297 30.83 -42.56 30.63
C LEU J 297 29.32 -42.68 30.49
N VAL J 298 28.74 -41.94 29.56
CA VAL J 298 27.30 -41.97 29.40
C VAL J 298 26.79 -42.06 27.97
N THR J 299 25.74 -42.86 27.81
CA THR J 299 25.05 -43.02 26.54
C THR J 299 23.58 -43.13 26.95
N MET J 300 22.68 -42.62 26.14
CA MET J 300 21.26 -42.66 26.47
C MET J 300 20.43 -43.27 25.34
N LEU J 301 19.34 -43.93 25.73
CA LEU J 301 18.47 -44.63 24.78
C LEU J 301 17.44 -43.78 24.04
N SER J 302 16.97 -42.70 24.66
CA SER J 302 15.96 -41.87 24.03
C SER J 302 16.50 -40.84 23.03
N ARG J 303 15.81 -40.72 21.90
CA ARG J 303 16.20 -39.76 20.87
C ARG J 303 16.13 -38.34 21.41
N GLU J 304 15.14 -38.09 22.27
CA GLU J 304 14.91 -36.79 22.88
C GLU J 304 15.91 -36.37 23.96
N ASN J 305 16.80 -37.29 24.35
CA ASN J 305 17.82 -37.00 25.36
C ASN J 305 19.16 -36.62 24.72
N GLN J 306 19.33 -36.94 23.44
CA GLN J 306 20.61 -36.74 22.75
C GLN J 306 21.21 -35.33 22.68
N HIS J 307 20.42 -34.36 22.26
CA HIS J 307 20.94 -33.00 22.16
C HIS J 307 21.34 -32.46 23.54
N GLU J 308 20.45 -32.55 24.52
CA GLU J 308 20.78 -32.04 25.85
C GLU J 308 21.96 -32.77 26.48
N LEU J 309 22.15 -34.05 26.14
CA LEU J 309 23.30 -34.79 26.68
C LEU J 309 24.58 -34.13 26.16
N VAL J 310 24.58 -33.80 24.86
CA VAL J 310 25.73 -33.15 24.26
C VAL J 310 26.04 -31.83 24.95
N VAL J 311 25.00 -31.06 25.28
CA VAL J 311 25.21 -29.81 25.96
C VAL J 311 25.80 -30.05 27.36
N LEU J 312 25.36 -31.12 28.03
CA LEU J 312 25.88 -31.40 29.37
C LEU J 312 27.37 -31.73 29.28
N ALA J 313 27.77 -32.38 28.19
CA ALA J 313 29.17 -32.70 27.99
C ALA J 313 29.97 -31.40 27.86
N ARG J 314 29.33 -30.35 27.34
CA ARG J 314 29.99 -29.05 27.19
C ARG J 314 30.25 -28.42 28.57
N LYS J 315 29.45 -28.81 29.56
CA LYS J 315 29.60 -28.28 30.91
C LYS J 315 30.62 -29.00 31.78
N PHE J 316 30.73 -30.32 31.65
CA PHE J 316 31.62 -31.10 32.49
C PHE J 316 32.64 -32.00 31.80
N SER J 317 33.91 -31.74 32.08
CA SER J 317 34.98 -32.53 31.47
C SER J 317 35.07 -33.95 32.04
N ASN J 318 34.41 -34.22 33.16
CA ASN J 318 34.45 -35.57 33.71
C ASN J 318 33.33 -36.43 33.12
N LEU J 319 32.69 -35.90 32.08
CA LEU J 319 31.64 -36.60 31.36
C LEU J 319 32.13 -36.92 29.95
N MET J 320 32.18 -38.20 29.60
CA MET J 320 32.57 -38.62 28.26
C MET J 320 31.34 -39.35 27.73
N ILE J 321 30.72 -38.82 26.67
CA ILE J 321 29.54 -39.47 26.13
C ILE J 321 30.01 -40.42 25.04
N PHE J 322 29.32 -41.56 24.90
CA PHE J 322 29.73 -42.52 23.90
C PHE J 322 28.57 -43.18 23.19
N GLY J 323 28.83 -43.57 21.94
CA GLY J 323 27.89 -44.28 21.11
C GLY J 323 26.48 -43.85 20.81
N CYS J 324 25.87 -44.63 19.91
CA CYS J 324 24.50 -44.48 19.46
C CYS J 324 23.94 -45.84 19.87
N TRP J 325 23.45 -45.84 21.10
CA TRP J 325 22.96 -47.04 21.75
C TRP J 325 21.62 -47.65 21.35
N TRP J 326 21.67 -48.93 20.99
CA TRP J 326 20.47 -49.73 20.74
C TRP J 326 19.48 -49.16 19.72
N PHE J 327 18.40 -48.58 20.23
CA PHE J 327 17.37 -47.99 19.37
C PHE J 327 17.88 -46.71 18.71
N MET J 328 19.07 -46.28 19.12
CA MET J 328 19.70 -45.08 18.54
C MET J 328 20.66 -45.58 17.45
N ASN J 329 20.92 -46.88 17.44
CA ASN J 329 21.85 -47.47 16.48
C ASN J 329 21.27 -47.73 15.09
N ASN J 330 20.72 -46.67 14.50
CA ASN J 330 20.11 -46.69 13.18
C ASN J 330 20.64 -45.47 12.45
N PRO J 331 20.98 -45.62 11.15
CA PRO J 331 21.52 -44.54 10.32
C PRO J 331 20.93 -43.15 10.52
N GLU J 332 19.62 -43.02 10.44
CA GLU J 332 18.99 -41.72 10.61
C GLU J 332 19.39 -41.04 11.92
N ILE J 333 19.46 -41.81 13.01
CA ILE J 333 19.81 -41.25 14.31
C ILE J 333 21.32 -41.11 14.48
N ILE J 334 22.07 -42.10 14.01
CA ILE J 334 23.52 -42.02 14.13
C ILE J 334 24.01 -40.75 13.44
N ASN J 335 23.41 -40.44 12.28
CA ASN J 335 23.79 -39.26 11.54
C ASN J 335 23.52 -37.98 12.30
N GLU J 336 22.29 -37.80 12.78
CA GLU J 336 21.98 -36.57 13.48
C GLU J 336 22.75 -36.48 14.80
N MET J 337 22.94 -37.61 15.47
CA MET J 337 23.68 -37.60 16.73
C MET J 337 25.15 -37.25 16.54
N THR J 338 25.79 -37.88 15.56
CA THR J 338 27.20 -37.62 15.34
C THR J 338 27.45 -36.18 14.87
N ARG J 339 26.50 -35.61 14.15
CA ARG J 339 26.66 -34.24 13.68
C ARG J 339 26.46 -33.26 14.83
N MET J 340 25.43 -33.48 15.65
CA MET J 340 25.20 -32.58 16.79
C MET J 340 26.42 -32.63 17.72
N ARG J 341 26.90 -33.84 17.96
CA ARG J 341 28.06 -34.04 18.82
C ARG J 341 29.30 -33.31 18.32
N MET J 342 29.64 -33.49 17.05
CA MET J 342 30.83 -32.86 16.51
C MET J 342 30.71 -31.34 16.46
N GLU J 343 29.52 -30.86 16.15
CA GLU J 343 29.29 -29.43 16.07
C GLU J 343 29.47 -28.73 17.42
N MET J 344 29.11 -29.43 18.50
CA MET J 344 29.24 -28.84 19.83
C MET J 344 30.42 -29.33 20.67
N LEU J 345 31.05 -30.42 20.27
CA LEU J 345 32.18 -30.97 21.04
C LEU J 345 33.45 -31.21 20.22
N GLY J 346 33.43 -30.87 18.94
CA GLY J 346 34.61 -31.12 18.13
C GLY J 346 34.86 -32.61 18.08
N THR J 347 36.06 -33.05 18.48
CA THR J 347 36.36 -34.47 18.48
C THR J 347 36.42 -35.03 19.89
N SER J 348 35.93 -34.29 20.87
CA SER J 348 35.99 -34.76 22.26
C SER J 348 34.85 -35.68 22.70
N PHE J 349 34.64 -36.76 21.96
CA PHE J 349 33.60 -37.73 22.30
C PHE J 349 33.92 -39.05 21.63
N ILE J 350 33.21 -40.10 22.03
CA ILE J 350 33.41 -41.43 21.46
C ILE J 350 32.14 -41.64 20.63
N PRO J 351 32.24 -41.48 19.30
CA PRO J 351 31.06 -41.65 18.45
C PRO J 351 30.29 -42.97 18.44
N GLN J 352 30.97 -44.10 18.54
CA GLN J 352 30.25 -45.37 18.46
C GLN J 352 30.84 -46.56 19.20
N HIS J 353 29.99 -47.56 19.42
CA HIS J 353 30.36 -48.84 20.04
C HIS J 353 29.43 -49.81 19.31
N SER J 354 29.79 -51.09 19.23
CA SER J 354 28.95 -52.05 18.50
C SER J 354 27.82 -52.70 19.27
N ASP J 355 28.06 -53.01 20.54
CA ASP J 355 27.06 -53.69 21.36
C ASP J 355 26.86 -55.10 20.80
N ALA J 356 27.83 -55.60 20.06
CA ALA J 356 27.70 -56.91 19.45
C ALA J 356 27.43 -58.04 20.44
N ARG J 357 26.39 -58.83 20.17
CA ARG J 357 26.03 -59.98 20.98
C ARG J 357 26.55 -61.20 20.23
N VAL J 358 26.77 -61.03 18.94
CA VAL J 358 27.27 -62.09 18.06
C VAL J 358 28.55 -61.60 17.39
N LEU J 359 29.61 -62.39 17.54
CA LEU J 359 30.92 -62.06 17.00
C LEU J 359 30.93 -61.34 15.66
N GLU J 360 30.38 -62.00 14.63
CA GLU J 360 30.34 -61.46 13.29
C GLU J 360 29.72 -60.07 13.15
N GLN J 361 28.90 -59.65 14.12
CA GLN J 361 28.26 -58.34 14.01
C GLN J 361 29.27 -57.19 13.98
N LEU J 362 30.46 -57.42 14.53
CA LEU J 362 31.50 -56.39 14.53
C LEU J 362 31.73 -55.92 13.08
N ILE J 363 31.57 -56.83 12.14
CA ILE J 363 31.76 -56.48 10.73
C ILE J 363 30.77 -55.41 10.28
N TYR J 364 29.48 -55.66 10.43
CA TYR J 364 28.51 -54.67 9.97
C TYR J 364 28.34 -53.44 10.85
N LYS J 365 28.36 -53.61 12.17
CA LYS J 365 28.22 -52.49 13.09
C LYS J 365 29.26 -51.44 12.75
N TRP J 366 30.51 -51.88 12.62
CA TRP J 366 31.58 -50.96 12.31
C TRP J 366 31.59 -50.49 10.86
N HIS J 367 31.19 -51.35 9.93
CA HIS J 367 31.16 -50.93 8.54
C HIS J 367 30.07 -49.87 8.32
N HIS J 368 28.85 -50.16 8.79
CA HIS J 368 27.74 -49.21 8.64
C HIS J 368 28.01 -47.89 9.37
N SER J 369 28.61 -47.96 10.56
CA SER J 369 28.89 -46.75 11.34
C SER J 369 30.06 -45.93 10.80
N LYS J 370 31.11 -46.59 10.34
CA LYS J 370 32.25 -45.86 9.81
C LYS J 370 31.89 -45.05 8.57
N SER J 371 31.09 -45.63 7.67
CA SER J 371 30.72 -44.90 6.47
C SER J 371 29.99 -43.62 6.82
N ILE J 372 29.16 -43.65 7.86
CA ILE J 372 28.44 -42.46 8.29
C ILE J 372 29.39 -41.46 8.96
N ILE J 373 30.20 -41.96 9.87
CA ILE J 373 31.14 -41.11 10.58
C ILE J 373 32.09 -40.46 9.58
N ALA J 374 32.49 -41.21 8.55
CA ALA J 374 33.38 -40.70 7.52
C ALA J 374 32.73 -39.51 6.81
N GLU J 375 31.47 -39.66 6.45
CA GLU J 375 30.71 -38.60 5.78
C GLU J 375 30.67 -37.33 6.63
N VAL J 376 30.41 -37.49 7.92
CA VAL J 376 30.34 -36.35 8.83
C VAL J 376 31.70 -35.66 8.87
N LEU J 377 32.76 -36.44 9.05
CA LEU J 377 34.10 -35.89 9.08
C LEU J 377 34.43 -35.14 7.78
N ILE J 378 34.07 -35.71 6.64
CA ILE J 378 34.34 -35.05 5.37
C ILE J 378 33.67 -33.69 5.31
N ASP J 379 32.39 -33.61 5.69
CA ASP J 379 31.69 -32.33 5.69
C ASP J 379 32.33 -31.33 6.65
N LYS J 380 32.60 -31.75 7.89
CA LYS J 380 33.21 -30.85 8.85
C LYS J 380 34.61 -30.40 8.40
N TYR J 381 35.40 -31.29 7.83
CA TYR J 381 36.72 -30.91 7.36
C TYR J 381 36.57 -29.98 6.15
N ASP J 382 35.70 -30.35 5.22
CA ASP J 382 35.51 -29.52 4.05
C ASP J 382 35.07 -28.11 4.44
N ASP J 383 34.21 -28.01 5.45
CA ASP J 383 33.75 -26.71 5.91
C ASP J 383 34.88 -25.78 6.36
N ILE J 384 35.87 -26.30 7.10
CA ILE J 384 36.95 -25.42 7.52
C ILE J 384 37.94 -25.18 6.37
N LEU J 385 38.04 -26.12 5.44
CA LEU J 385 38.93 -25.94 4.31
C LEU J 385 38.36 -24.80 3.46
N GLN J 386 37.04 -24.67 3.44
CA GLN J 386 36.41 -23.59 2.69
C GLN J 386 36.71 -22.28 3.41
N ALA J 387 36.96 -22.37 4.72
CA ALA J 387 37.27 -21.17 5.50
C ALA J 387 38.76 -20.84 5.38
N GLY J 388 39.50 -21.64 4.61
CA GLY J 388 40.91 -21.38 4.41
C GLY J 388 41.89 -22.24 5.19
N TRP J 389 41.36 -23.11 6.05
CA TRP J 389 42.20 -23.98 6.87
C TRP J 389 42.58 -25.21 6.05
N GLU J 390 43.84 -25.62 6.18
CA GLU J 390 44.27 -26.81 5.46
C GLU J 390 44.72 -27.87 6.44
N VAL J 391 44.13 -29.06 6.32
CA VAL J 391 44.48 -30.14 7.23
C VAL J 391 45.46 -31.09 6.56
N THR J 392 46.27 -31.73 7.38
CA THR J 392 47.24 -32.67 6.86
C THR J 392 46.64 -34.05 7.04
N GLU J 393 47.15 -35.01 6.29
CA GLU J 393 46.67 -36.37 6.40
C GLU J 393 46.98 -36.88 7.81
N GLU J 394 48.06 -36.39 8.39
CA GLU J 394 48.44 -36.81 9.74
C GLU J 394 47.46 -36.30 10.79
N GLU J 395 47.01 -35.06 10.64
CA GLU J 395 46.04 -34.51 11.58
C GLU J 395 44.72 -35.27 11.46
N ILE J 396 44.38 -35.71 10.25
CA ILE J 396 43.17 -36.47 10.04
C ILE J 396 43.28 -37.84 10.70
N LYS J 397 44.45 -38.47 10.57
CA LYS J 397 44.67 -39.77 11.16
C LYS J 397 44.67 -39.62 12.68
N ARG J 398 45.16 -38.49 13.15
CA ARG J 398 45.21 -38.21 14.57
C ARG J 398 43.79 -38.11 15.09
N ASP J 399 42.97 -37.30 14.40
CA ASP J 399 41.58 -37.10 14.79
C ASP J 399 40.79 -38.41 14.75
N VAL J 400 40.95 -39.15 13.67
CA VAL J 400 40.25 -40.41 13.50
C VAL J 400 40.64 -41.38 14.62
N ALA J 401 41.92 -41.41 14.95
CA ALA J 401 42.42 -42.28 16.02
C ALA J 401 41.79 -41.89 17.35
N ASP J 402 41.57 -40.60 17.56
CA ASP J 402 40.96 -40.14 18.81
C ASP J 402 39.54 -40.65 18.93
N LEU J 403 38.77 -40.46 17.86
CA LEU J 403 37.37 -40.85 17.84
C LEU J 403 37.12 -42.34 18.04
N PHE J 404 37.90 -43.18 17.35
CA PHE J 404 37.73 -44.62 17.42
C PHE J 404 38.52 -45.40 18.46
N SER J 405 39.43 -44.74 19.18
CA SER J 405 40.23 -45.48 20.15
C SER J 405 40.87 -44.69 21.27
N ARG J 406 41.68 -43.69 20.91
CA ARG J 406 42.39 -42.89 21.90
C ARG J 406 41.55 -42.18 22.94
N ASN J 407 40.46 -41.54 22.53
CA ASN J 407 39.62 -40.84 23.51
C ASN J 407 39.20 -41.79 24.63
N PHE J 408 38.81 -43.00 24.28
CA PHE J 408 38.38 -43.97 25.27
C PHE J 408 39.49 -44.31 26.27
N TRP J 409 40.63 -44.78 25.75
CA TRP J 409 41.75 -45.16 26.60
C TRP J 409 42.27 -44.00 27.42
N ARG J 410 42.25 -42.81 26.85
CA ARG J 410 42.71 -41.62 27.54
C ARG J 410 41.78 -41.32 28.71
N PHE J 411 40.49 -41.54 28.51
CA PHE J 411 39.50 -41.27 29.54
C PHE J 411 39.54 -42.28 30.68
N VAL J 412 39.61 -43.57 30.34
CA VAL J 412 39.64 -44.60 31.37
C VAL J 412 40.99 -44.67 32.09
N GLY J 413 41.96 -43.89 31.63
CA GLY J 413 43.26 -43.86 32.27
C GLY J 413 44.17 -45.01 31.91
N ARG J 414 44.22 -45.34 30.62
CA ARG J 414 45.07 -46.43 30.12
C ARG J 414 45.58 -46.16 28.70
N SER K 2 19.21 -57.98 -13.64
CA SER K 2 19.38 -57.34 -12.29
C SER K 2 19.36 -55.81 -12.38
N ILE K 3 19.54 -55.18 -11.23
CA ILE K 3 19.55 -53.71 -11.14
C ILE K 3 21.01 -53.34 -10.88
N ASN K 4 21.71 -53.02 -11.97
CA ASN K 4 23.13 -52.72 -11.93
C ASN K 4 23.59 -51.34 -11.42
N SER K 5 22.68 -50.40 -11.25
CA SER K 5 23.09 -49.08 -10.78
C SER K 5 22.00 -48.36 -9.97
N ARG K 6 22.42 -47.43 -9.12
CA ARG K 6 21.48 -46.68 -8.31
C ARG K 6 20.52 -45.88 -9.20
N GLU K 7 21.03 -45.38 -10.32
CA GLU K 7 20.19 -44.61 -11.23
C GLU K 7 19.01 -45.42 -11.78
N VAL K 8 19.27 -46.67 -12.13
CA VAL K 8 18.23 -47.55 -12.65
C VAL K 8 17.29 -47.96 -11.50
N LEU K 9 17.87 -48.21 -10.35
CA LEU K 9 17.09 -48.57 -9.18
C LEU K 9 16.06 -47.46 -8.91
N ALA K 10 16.54 -46.22 -8.92
CA ALA K 10 15.69 -45.07 -8.66
C ALA K 10 14.51 -45.01 -9.63
N GLU K 11 14.78 -45.22 -10.91
CA GLU K 11 13.72 -45.21 -11.91
C GLU K 11 12.69 -46.30 -11.64
N LYS K 12 13.16 -47.49 -11.29
CA LYS K 12 12.25 -48.59 -11.01
C LYS K 12 11.43 -48.35 -9.75
N VAL K 13 12.06 -47.82 -8.70
CA VAL K 13 11.34 -47.56 -7.47
C VAL K 13 10.29 -46.47 -7.70
N LYS K 14 10.69 -45.39 -8.35
CA LYS K 14 9.76 -44.29 -8.62
C LYS K 14 8.58 -44.80 -9.40
N ASN K 15 8.84 -45.63 -10.41
CA ASN K 15 7.77 -46.18 -11.21
C ASN K 15 6.85 -47.08 -10.40
N ALA K 16 7.42 -47.94 -9.57
CA ALA K 16 6.61 -48.84 -8.74
C ALA K 16 5.72 -48.01 -7.81
N VAL K 17 6.34 -47.08 -7.09
CA VAL K 17 5.62 -46.23 -6.17
C VAL K 17 4.48 -45.45 -6.85
N ASN K 18 4.79 -44.79 -7.96
CA ASN K 18 3.77 -44.02 -8.67
C ASN K 18 2.64 -44.89 -9.22
N ASN K 19 2.98 -46.06 -9.74
CA ASN K 19 2.00 -46.99 -10.30
C ASN K 19 1.14 -47.74 -9.28
N GLN K 20 1.62 -47.81 -8.04
CA GLN K 20 0.88 -48.53 -7.00
C GLN K 20 -0.41 -47.84 -6.56
N PRO K 21 -1.57 -48.51 -6.77
CA PRO K 21 -2.83 -47.89 -6.35
C PRO K 21 -2.82 -47.80 -4.82
N VAL K 22 -3.22 -46.64 -4.33
CA VAL K 22 -3.21 -46.36 -2.90
C VAL K 22 -4.51 -46.56 -2.14
N THR K 23 -4.38 -47.13 -0.95
CA THR K 23 -5.51 -47.28 -0.04
C THR K 23 -5.16 -46.22 1.00
N ASP K 24 -5.93 -45.13 1.00
CA ASP K 24 -5.74 -44.01 1.93
C ASP K 24 -6.58 -44.36 3.16
N MET K 25 -5.94 -44.91 4.20
CA MET K 25 -6.70 -45.35 5.36
C MET K 25 -7.26 -44.35 6.37
N HIS K 26 -7.14 -43.05 6.08
CA HIS K 26 -7.72 -42.03 6.94
C HIS K 26 -7.88 -40.69 6.20
N THR K 27 -9.13 -40.30 5.99
CA THR K 27 -9.43 -39.05 5.31
C THR K 27 -10.74 -38.48 5.87
N HIS K 28 -11.10 -37.29 5.42
CA HIS K 28 -12.34 -36.64 5.84
C HIS K 28 -13.16 -36.42 4.58
N LEU K 29 -13.06 -37.38 3.66
CA LEU K 29 -13.80 -37.35 2.41
C LEU K 29 -14.98 -38.30 2.55
N PHE K 30 -15.99 -38.09 1.70
CA PHE K 30 -17.19 -38.92 1.74
C PHE K 30 -17.56 -39.40 0.34
N SER K 31 -18.16 -40.58 0.25
CA SER K 31 -18.59 -41.12 -1.03
C SER K 31 -19.48 -40.01 -1.61
N PRO K 32 -19.34 -39.72 -2.90
CA PRO K 32 -20.15 -38.65 -3.51
C PRO K 32 -21.67 -38.70 -3.30
N ASN K 33 -22.24 -39.89 -3.18
CA ASN K 33 -23.68 -40.00 -3.00
C ASN K 33 -24.15 -39.47 -1.64
N PHE K 34 -23.21 -39.11 -0.78
CA PHE K 34 -23.54 -38.57 0.54
C PHE K 34 -23.89 -37.10 0.49
N GLY K 35 -23.65 -36.45 -0.64
CA GLY K 35 -23.99 -35.04 -0.77
C GLY K 35 -22.90 -33.98 -0.66
N GLU K 36 -23.33 -32.79 -0.24
CA GLU K 36 -22.43 -31.65 -0.10
C GLU K 36 -21.45 -31.80 1.03
N ILE K 37 -21.55 -32.88 1.79
CA ILE K 37 -20.64 -33.12 2.90
C ILE K 37 -19.26 -33.42 2.30
N LEU K 38 -19.24 -33.81 1.03
CA LEU K 38 -17.99 -34.07 0.32
C LEU K 38 -17.55 -32.72 -0.25
N LEU K 39 -16.48 -32.14 0.29
CA LEU K 39 -16.00 -30.84 -0.16
C LEU K 39 -15.05 -30.95 -1.33
N TRP K 40 -15.17 -30.04 -2.29
CA TRP K 40 -14.26 -30.02 -3.43
C TRP K 40 -14.30 -28.71 -4.19
N ASP K 41 -13.24 -28.49 -4.97
CA ASP K 41 -12.99 -27.32 -5.83
C ASP K 41 -11.95 -26.36 -5.24
N ILE K 42 -11.41 -25.48 -6.07
CA ILE K 42 -10.38 -24.55 -5.66
C ILE K 42 -10.71 -23.67 -4.46
N ASP K 43 -11.96 -23.23 -4.34
CA ASP K 43 -12.33 -22.37 -3.20
C ASP K 43 -12.26 -23.16 -1.90
N GLU K 44 -12.59 -24.45 -1.96
CA GLU K 44 -12.53 -25.29 -0.78
C GLU K 44 -11.05 -25.56 -0.45
N LEU K 45 -10.23 -25.70 -1.49
CA LEU K 45 -8.80 -25.93 -1.30
C LEU K 45 -8.15 -24.75 -0.60
N LEU K 46 -8.50 -23.54 -1.05
CA LEU K 46 -7.94 -22.32 -0.49
C LEU K 46 -8.41 -21.98 0.92
N THR K 47 -9.56 -22.53 1.33
CA THR K 47 -10.07 -22.23 2.67
C THR K 47 -9.88 -23.38 3.66
N TYR K 48 -9.02 -24.32 3.26
CA TYR K 48 -8.64 -25.47 4.08
C TYR K 48 -8.19 -24.80 5.39
N HIS K 49 -8.55 -25.35 6.55
CA HIS K 49 -8.16 -24.67 7.79
C HIS K 49 -6.65 -24.48 7.96
N TYR K 50 -5.85 -25.33 7.34
CA TYR K 50 -4.39 -25.19 7.41
C TYR K 50 -4.01 -23.82 6.83
N LEU K 51 -4.72 -23.39 5.79
CA LEU K 51 -4.44 -22.10 5.16
C LEU K 51 -5.05 -20.95 5.94
N VAL K 52 -6.12 -21.21 6.69
CA VAL K 52 -6.73 -20.16 7.48
C VAL K 52 -5.75 -19.75 8.60
N ALA K 53 -5.16 -20.75 9.25
CA ALA K 53 -4.21 -20.46 10.32
C ALA K 53 -3.06 -19.63 9.75
N GLU K 54 -2.56 -20.02 8.57
CA GLU K 54 -1.45 -19.32 7.95
C GLU K 54 -1.77 -17.89 7.51
N VAL K 55 -2.96 -17.67 6.95
CA VAL K 55 -3.28 -16.33 6.49
C VAL K 55 -3.41 -15.36 7.67
N MET K 56 -3.90 -15.86 8.80
CA MET K 56 -4.08 -15.00 9.97
C MET K 56 -2.76 -14.47 10.52
N ARG K 57 -1.64 -15.07 10.11
CA ARG K 57 -0.35 -14.59 10.56
C ARG K 57 0.06 -13.35 9.76
N TRP K 58 -0.58 -13.15 8.61
CA TRP K 58 -0.25 -12.00 7.76
C TRP K 58 -1.32 -10.93 7.65
N THR K 59 -2.54 -11.33 7.31
CA THR K 59 -3.65 -10.40 7.09
C THR K 59 -4.05 -9.45 8.24
N ASP K 60 -4.56 -8.28 7.86
CA ASP K 60 -5.02 -7.29 8.83
C ASP K 60 -6.50 -7.52 9.07
N VAL K 61 -7.07 -8.46 8.32
CA VAL K 61 -8.48 -8.79 8.45
C VAL K 61 -8.69 -9.57 9.74
N SER K 62 -9.63 -9.12 10.56
CA SER K 62 -9.92 -9.80 11.83
C SER K 62 -10.52 -11.17 11.56
N ILE K 63 -10.30 -12.10 12.49
CA ILE K 63 -10.82 -13.44 12.34
C ILE K 63 -12.35 -13.41 12.22
N GLU K 64 -12.98 -12.46 12.92
CA GLU K 64 -14.43 -12.31 12.89
C GLU K 64 -14.86 -11.90 11.48
N ALA K 65 -14.17 -10.92 10.92
CA ALA K 65 -14.48 -10.43 9.59
C ALA K 65 -14.26 -11.56 8.59
N PHE K 66 -13.18 -12.32 8.78
CA PHE K 66 -12.88 -13.42 7.88
C PHE K 66 -14.05 -14.42 7.85
N TRP K 67 -14.53 -14.82 9.03
CA TRP K 67 -15.64 -15.77 9.09
C TRP K 67 -16.93 -15.19 8.50
N ALA K 68 -17.01 -13.86 8.44
CA ALA K 68 -18.18 -13.20 7.90
C ALA K 68 -18.16 -13.19 6.37
N MET K 69 -16.96 -13.15 5.81
CA MET K 69 -16.83 -13.16 4.35
C MET K 69 -17.43 -14.43 3.77
N SER K 70 -17.74 -14.37 2.48
CA SER K 70 -18.27 -15.53 1.78
C SER K 70 -17.08 -16.44 1.48
N LYS K 71 -17.35 -17.70 1.15
CA LYS K 71 -16.30 -18.64 0.86
C LYS K 71 -15.42 -18.11 -0.28
N ARG K 72 -16.04 -17.52 -1.28
CA ARG K 72 -15.28 -16.97 -2.41
C ARG K 72 -14.40 -15.82 -1.96
N GLU K 73 -14.90 -15.00 -1.04
CA GLU K 73 -14.13 -13.88 -0.55
C GLU K 73 -12.95 -14.35 0.32
N GLN K 74 -13.18 -15.38 1.12
CA GLN K 74 -12.12 -15.92 1.96
C GLN K 74 -11.03 -16.46 1.04
N ALA K 75 -11.43 -17.17 -0.01
CA ALA K 75 -10.48 -17.73 -0.98
C ALA K 75 -9.67 -16.64 -1.65
N ASP K 76 -10.34 -15.53 -2.00
CA ASP K 76 -9.65 -14.42 -2.64
C ASP K 76 -8.59 -13.81 -1.73
N LEU K 77 -8.93 -13.67 -0.45
CA LEU K 77 -8.02 -13.11 0.54
C LEU K 77 -6.77 -13.99 0.73
N ILE K 78 -7.01 -15.28 0.95
CA ILE K 78 -5.92 -16.21 1.17
C ILE K 78 -5.00 -16.25 -0.05
N TRP K 79 -5.58 -16.30 -1.24
CA TRP K 79 -4.79 -16.31 -2.45
C TRP K 79 -3.86 -15.09 -2.47
N GLU K 80 -4.45 -13.91 -2.26
CA GLU K 80 -3.70 -12.65 -2.26
C GLU K 80 -2.63 -12.59 -1.15
N GLU K 81 -3.00 -12.95 0.07
CA GLU K 81 -2.07 -12.90 1.20
C GLU K 81 -0.94 -13.93 1.18
N LEU K 82 -1.27 -15.17 0.87
CA LEU K 82 -0.28 -16.24 0.88
C LEU K 82 0.41 -16.62 -0.44
N PHE K 83 -0.22 -16.28 -1.56
CA PHE K 83 0.35 -16.60 -2.88
C PHE K 83 0.88 -15.39 -3.63
N ILE K 84 0.17 -14.27 -3.52
CA ILE K 84 0.57 -13.05 -4.23
C ILE K 84 1.51 -12.11 -3.47
N LYS K 85 1.15 -11.76 -2.23
CA LYS K 85 1.98 -10.86 -1.43
C LYS K 85 3.27 -11.51 -0.91
N ARG K 86 3.29 -12.83 -0.85
CA ARG K 86 4.47 -13.58 -0.42
C ARG K 86 4.45 -14.88 -1.22
N SER K 87 5.61 -15.46 -1.47
CA SER K 87 5.68 -16.69 -2.24
C SER K 87 5.02 -17.82 -1.45
N PRO K 88 4.22 -18.64 -2.14
CA PRO K 88 3.52 -19.76 -1.50
C PRO K 88 4.43 -20.95 -1.22
N VAL K 89 5.49 -20.73 -0.45
CA VAL K 89 6.44 -21.79 -0.14
C VAL K 89 6.06 -22.81 0.94
N SER K 90 5.05 -22.50 1.76
CA SER K 90 4.65 -23.44 2.82
C SER K 90 4.10 -24.73 2.19
N GLU K 91 4.11 -25.83 2.95
CA GLU K 91 3.61 -27.11 2.44
C GLU K 91 2.14 -27.06 2.01
N ALA K 92 1.28 -26.49 2.84
CA ALA K 92 -0.14 -26.40 2.50
C ALA K 92 -0.38 -25.57 1.25
N CYS K 93 0.35 -24.46 1.10
CA CYS K 93 0.19 -23.63 -0.08
C CYS K 93 0.76 -24.37 -1.30
N ARG K 94 1.93 -24.96 -1.14
CA ARG K 94 2.56 -25.73 -2.21
C ARG K 94 1.54 -26.77 -2.68
N GLY K 95 0.84 -27.36 -1.71
CA GLY K 95 -0.17 -28.36 -1.99
C GLY K 95 -1.25 -27.90 -2.93
N VAL K 96 -1.72 -26.67 -2.75
CA VAL K 96 -2.77 -26.13 -3.61
C VAL K 96 -2.28 -26.07 -5.04
N LEU K 97 -1.03 -25.66 -5.23
CA LEU K 97 -0.45 -25.58 -6.55
C LEU K 97 -0.36 -26.94 -7.22
N THR K 98 0.13 -27.93 -6.48
CA THR K 98 0.26 -29.27 -7.02
C THR K 98 -1.10 -29.80 -7.50
N CYS K 99 -2.16 -29.48 -6.78
CA CYS K 99 -3.49 -29.91 -7.18
C CYS K 99 -3.85 -29.27 -8.52
N LEU K 100 -3.69 -27.95 -8.59
CA LEU K 100 -3.99 -27.21 -9.81
C LEU K 100 -3.26 -27.80 -11.00
N GLN K 101 -1.94 -27.95 -10.89
CA GLN K 101 -1.14 -28.50 -11.96
C GLN K 101 -1.62 -29.89 -12.33
N GLY K 102 -1.89 -30.72 -11.32
CA GLY K 102 -2.34 -32.07 -11.57
C GLY K 102 -3.66 -32.15 -12.35
N LEU K 103 -4.52 -31.15 -12.14
CA LEU K 103 -5.81 -31.12 -12.82
C LEU K 103 -5.71 -30.56 -14.23
N GLY K 104 -4.49 -30.24 -14.66
CA GLY K 104 -4.30 -29.71 -15.99
C GLY K 104 -4.32 -28.19 -16.04
N LEU K 105 -4.61 -27.55 -14.91
CA LEU K 105 -4.64 -26.09 -14.85
C LEU K 105 -3.22 -25.55 -14.81
N ASP K 106 -3.06 -24.26 -15.09
CA ASP K 106 -1.74 -23.63 -15.15
C ASP K 106 -1.52 -22.60 -14.05
N PRO K 107 -0.71 -22.94 -13.03
CA PRO K 107 -0.39 -22.06 -11.90
C PRO K 107 0.37 -20.80 -12.32
N ALA K 108 1.12 -20.90 -13.41
CA ALA K 108 1.90 -19.77 -13.90
C ALA K 108 1.08 -18.53 -14.23
N THR K 109 -0.18 -18.70 -14.63
CA THR K 109 -1.02 -17.55 -14.96
C THR K 109 -1.61 -16.89 -13.71
N ARG K 110 -1.74 -17.65 -12.62
CA ARG K 110 -2.31 -17.11 -11.38
C ARG K 110 -3.73 -16.60 -11.65
N ASP K 111 -4.38 -17.19 -12.65
CA ASP K 111 -5.72 -16.80 -13.04
C ASP K 111 -6.75 -17.59 -12.23
N LEU K 112 -7.04 -17.08 -11.03
CA LEU K 112 -7.98 -17.74 -10.12
C LEU K 112 -9.36 -17.90 -10.73
N GLN K 113 -9.80 -16.93 -11.53
CA GLN K 113 -11.11 -17.03 -12.16
C GLN K 113 -11.16 -18.19 -13.15
N VAL K 114 -10.08 -18.38 -13.90
CA VAL K 114 -10.01 -19.47 -14.86
C VAL K 114 -10.02 -20.81 -14.12
N TYR K 115 -9.33 -20.89 -12.98
CA TYR K 115 -9.30 -22.15 -12.24
C TYR K 115 -10.70 -22.48 -11.73
N ARG K 116 -11.42 -21.46 -11.31
CA ARG K 116 -12.78 -21.65 -10.79
C ARG K 116 -13.72 -22.18 -11.88
N GLU K 117 -13.49 -21.73 -13.11
CA GLU K 117 -14.33 -22.16 -14.23
C GLU K 117 -14.19 -23.65 -14.49
N TYR K 118 -13.03 -24.21 -14.17
CA TYR K 118 -12.80 -25.63 -14.38
C TYR K 118 -13.78 -26.47 -13.56
N PHE K 119 -13.98 -26.08 -12.31
CA PHE K 119 -14.85 -26.81 -11.39
C PHE K 119 -16.36 -26.62 -11.59
N ALA K 120 -16.76 -25.44 -12.04
CA ALA K 120 -18.18 -25.16 -12.23
C ALA K 120 -18.84 -26.02 -13.30
N LYS K 121 -18.05 -26.54 -14.23
CA LYS K 121 -18.62 -27.35 -15.30
C LYS K 121 -18.55 -28.86 -15.05
N LYS K 122 -18.28 -29.26 -13.81
CA LYS K 122 -18.20 -30.68 -13.48
C LYS K 122 -19.13 -31.06 -12.33
N THR K 123 -19.48 -32.33 -12.25
CA THR K 123 -20.33 -32.82 -11.18
C THR K 123 -19.46 -33.52 -10.15
N SER K 124 -19.95 -33.62 -8.92
CA SER K 124 -19.22 -34.27 -7.84
C SER K 124 -18.70 -35.65 -8.23
N GLU K 125 -19.60 -36.48 -8.77
CA GLU K 125 -19.23 -37.82 -9.19
C GLU K 125 -18.12 -37.77 -10.24
N GLU K 126 -18.19 -36.80 -11.13
CA GLU K 126 -17.17 -36.67 -12.17
C GLU K 126 -15.82 -36.30 -11.57
N GLN K 127 -15.82 -35.34 -10.64
CA GLN K 127 -14.57 -34.91 -10.02
C GLN K 127 -13.95 -36.04 -9.21
N VAL K 128 -14.78 -36.85 -8.56
CA VAL K 128 -14.28 -37.97 -7.77
C VAL K 128 -13.56 -38.96 -8.70
N ASP K 129 -14.16 -39.25 -9.85
CA ASP K 129 -13.53 -40.15 -10.81
C ASP K 129 -12.21 -39.57 -11.26
N THR K 130 -12.23 -38.27 -11.59
CA THR K 130 -11.03 -37.58 -12.05
C THR K 130 -9.92 -37.59 -11.02
N VAL K 131 -10.25 -37.16 -9.81
CA VAL K 131 -9.26 -37.10 -8.73
C VAL K 131 -8.70 -38.47 -8.35
N LEU K 132 -9.55 -39.48 -8.19
CA LEU K 132 -9.06 -40.79 -7.81
C LEU K 132 -8.12 -41.34 -8.87
N GLN K 133 -8.37 -40.99 -10.12
CA GLN K 133 -7.52 -41.45 -11.20
C GLN K 133 -6.16 -40.77 -11.14
N LEU K 134 -6.17 -39.44 -11.03
CA LEU K 134 -4.93 -38.65 -10.98
C LEU K 134 -4.05 -39.00 -9.77
N ALA K 135 -4.67 -39.16 -8.62
CA ALA K 135 -3.94 -39.48 -7.40
C ALA K 135 -3.67 -40.97 -7.29
N ASN K 136 -4.25 -41.75 -8.20
CA ASN K 136 -4.09 -43.20 -8.20
C ASN K 136 -4.49 -43.78 -6.85
N VAL K 137 -5.66 -43.36 -6.36
CA VAL K 137 -6.17 -43.86 -5.09
C VAL K 137 -7.32 -44.82 -5.40
N SER K 138 -7.16 -46.08 -5.00
CA SER K 138 -8.18 -47.07 -5.24
C SER K 138 -9.21 -47.14 -4.12
N ASP K 139 -8.75 -46.92 -2.88
CA ASP K 139 -9.63 -46.99 -1.73
C ASP K 139 -9.45 -45.84 -0.74
N VAL K 140 -10.58 -45.29 -0.31
CA VAL K 140 -10.60 -44.18 0.63
C VAL K 140 -11.33 -44.57 1.90
N VAL K 141 -10.70 -44.30 3.05
CA VAL K 141 -11.35 -44.57 4.31
C VAL K 141 -11.87 -43.23 4.83
N MET K 142 -13.18 -43.19 5.09
CA MET K 142 -13.82 -41.98 5.56
C MET K 142 -13.75 -41.92 7.08
N THR K 143 -14.20 -40.80 7.61
CA THR K 143 -14.27 -40.57 9.04
C THR K 143 -15.77 -40.35 9.21
N ASN K 144 -16.45 -41.35 9.75
CA ASN K 144 -17.90 -41.25 9.91
C ASN K 144 -18.32 -41.09 11.35
N ASP K 145 -18.77 -39.88 11.66
CA ASP K 145 -19.22 -39.48 13.00
C ASP K 145 -20.74 -39.56 13.15
N PRO K 146 -21.23 -40.60 13.85
CA PRO K 146 -22.67 -40.77 14.06
C PRO K 146 -23.29 -39.64 14.87
N PHE K 147 -22.44 -38.80 15.45
CA PHE K 147 -22.92 -37.68 16.25
C PHE K 147 -23.16 -36.40 15.45
N ASP K 148 -22.72 -36.38 14.19
CA ASP K 148 -22.97 -35.22 13.36
C ASP K 148 -24.32 -35.43 12.68
N ASP K 149 -25.28 -34.56 13.01
CA ASP K 149 -26.62 -34.67 12.46
C ASP K 149 -26.72 -34.92 10.97
N ASN K 150 -26.08 -34.07 10.18
CA ASN K 150 -26.13 -34.23 8.74
C ASN K 150 -25.73 -35.63 8.30
N GLU K 151 -24.52 -36.04 8.67
CA GLU K 151 -24.02 -37.35 8.29
C GLU K 151 -24.87 -38.49 8.84
N ARG K 152 -25.30 -38.37 10.09
CA ARG K 152 -26.12 -39.42 10.70
C ARG K 152 -27.36 -39.70 9.86
N ILE K 153 -28.00 -38.64 9.38
CA ILE K 153 -29.20 -38.78 8.57
C ILE K 153 -28.95 -39.58 7.29
N SER K 154 -27.80 -39.34 6.65
CA SER K 154 -27.47 -40.07 5.43
C SER K 154 -27.42 -41.57 5.69
N TRP K 155 -26.93 -41.96 6.87
CA TRP K 155 -26.85 -43.38 7.21
C TRP K 155 -28.23 -43.93 7.57
N LEU K 156 -28.98 -43.17 8.36
CA LEU K 156 -30.31 -43.60 8.75
C LEU K 156 -31.23 -43.74 7.54
N GLU K 157 -30.91 -43.00 6.47
CA GLU K 157 -31.72 -43.06 5.26
C GLU K 157 -31.44 -44.31 4.45
N GLY K 158 -30.35 -45.00 4.79
CA GLY K 158 -30.00 -46.22 4.08
C GLY K 158 -28.91 -46.02 3.04
N LYS K 159 -28.38 -44.81 2.93
CA LYS K 159 -27.32 -44.53 1.98
C LYS K 159 -26.10 -45.38 2.30
N GLN K 160 -25.44 -45.87 1.26
CA GLN K 160 -24.24 -46.68 1.40
C GLN K 160 -23.16 -46.07 0.52
N PRO K 161 -21.91 -46.06 0.98
CA PRO K 161 -20.86 -45.48 0.14
C PRO K 161 -20.56 -46.46 -0.99
N ASP K 162 -20.10 -45.97 -2.14
CA ASP K 162 -19.80 -46.91 -3.21
C ASP K 162 -18.58 -47.73 -2.79
N SER K 163 -18.26 -48.74 -3.60
CA SER K 163 -17.15 -49.65 -3.31
C SER K 163 -15.77 -49.04 -3.08
N ARG K 164 -15.54 -47.82 -3.57
CA ARG K 164 -14.24 -47.19 -3.39
C ARG K 164 -14.08 -46.54 -2.01
N PHE K 165 -15.19 -46.28 -1.34
CA PHE K 165 -15.15 -45.65 -0.03
C PHE K 165 -15.49 -46.59 1.11
N HIS K 166 -14.72 -46.50 2.19
CA HIS K 166 -14.92 -47.35 3.35
C HIS K 166 -15.20 -46.50 4.58
N ALA K 167 -15.99 -47.05 5.48
CA ALA K 167 -16.36 -46.32 6.68
C ALA K 167 -15.46 -46.64 7.85
N ALA K 168 -15.40 -45.70 8.77
CA ALA K 168 -14.62 -45.84 10.00
C ALA K 168 -15.49 -45.14 11.03
N LEU K 169 -15.83 -45.84 12.10
CA LEU K 169 -16.69 -45.28 13.12
C LEU K 169 -15.90 -44.36 14.06
N ARG K 170 -16.11 -43.05 13.92
CA ARG K 170 -15.44 -42.05 14.72
C ARG K 170 -16.22 -41.80 16.02
N LEU K 171 -15.55 -41.96 17.15
CA LEU K 171 -16.21 -41.84 18.45
C LEU K 171 -15.77 -40.74 19.41
N ASP K 172 -15.16 -39.68 18.90
CA ASP K 172 -14.70 -38.60 19.79
C ASP K 172 -15.75 -38.12 20.80
N PRO K 173 -16.98 -37.80 20.35
CA PRO K 173 -18.03 -37.34 21.26
C PRO K 173 -18.34 -38.32 22.40
N LEU K 174 -18.48 -39.59 22.05
CA LEU K 174 -18.78 -40.62 23.03
C LEU K 174 -17.68 -40.79 24.07
N LEU K 175 -16.45 -40.97 23.59
CA LEU K 175 -15.30 -41.19 24.47
C LEU K 175 -14.75 -39.96 25.19
N ASN K 176 -14.78 -38.80 24.55
CA ASN K 176 -14.24 -37.58 25.16
C ASN K 176 -15.25 -36.64 25.79
N GLU K 177 -16.53 -36.75 25.44
CA GLU K 177 -17.55 -35.86 26.01
C GLU K 177 -18.77 -36.67 26.43
N TYR K 178 -18.53 -37.79 27.10
CA TYR K 178 -19.63 -38.64 27.53
C TYR K 178 -20.70 -37.90 28.34
N GLU K 179 -20.28 -37.09 29.31
CA GLU K 179 -21.25 -36.37 30.14
C GLU K 179 -22.32 -35.63 29.34
N GLN K 180 -21.95 -35.08 28.20
CA GLN K 180 -22.91 -34.37 27.37
C GLN K 180 -23.54 -35.35 26.38
N THR K 181 -22.71 -36.21 25.81
CA THR K 181 -23.16 -37.17 24.82
C THR K 181 -24.19 -38.19 25.33
N LYS K 182 -24.08 -38.59 26.59
CA LYS K 182 -25.00 -39.58 27.14
C LYS K 182 -26.47 -39.17 27.03
N HIS K 183 -26.73 -37.87 27.00
CA HIS K 183 -28.10 -37.37 26.90
C HIS K 183 -28.66 -37.60 25.50
N ARG K 184 -27.79 -37.60 24.50
CA ARG K 184 -28.22 -37.81 23.13
C ARG K 184 -28.43 -39.30 22.90
N LEU K 185 -27.63 -40.13 23.57
CA LEU K 185 -27.77 -41.57 23.44
C LEU K 185 -29.17 -41.96 23.90
N ARG K 186 -29.66 -41.27 24.92
CA ARG K 186 -30.98 -41.52 25.47
C ARG K 186 -32.08 -41.16 24.49
N ASP K 187 -31.96 -39.98 23.88
CA ASP K 187 -32.95 -39.57 22.89
C ASP K 187 -33.00 -40.57 21.76
N TRP K 188 -31.90 -41.29 21.54
CA TRP K 188 -31.84 -42.27 20.47
C TRP K 188 -32.23 -43.68 20.90
N GLY K 189 -32.73 -43.82 22.13
CA GLY K 189 -33.15 -45.13 22.58
C GLY K 189 -32.16 -45.89 23.42
N TYR K 190 -30.95 -45.34 23.58
CA TYR K 190 -29.94 -46.00 24.39
C TYR K 190 -30.10 -45.54 25.81
N LYS K 191 -30.68 -46.43 26.63
CA LYS K 191 -30.95 -46.11 28.01
C LYS K 191 -29.76 -46.22 28.94
N VAL K 192 -28.87 -45.25 28.86
CA VAL K 192 -27.70 -45.22 29.72
C VAL K 192 -28.13 -44.53 31.01
N ASN K 193 -27.59 -44.98 32.14
CA ASN K 193 -27.96 -44.42 33.43
C ASN K 193 -26.95 -43.39 33.94
N ASP K 194 -27.28 -42.76 35.07
CA ASP K 194 -26.39 -41.77 35.66
C ASP K 194 -25.17 -42.47 36.21
N GLU K 195 -25.36 -43.71 36.64
CA GLU K 195 -24.29 -44.51 37.20
C GLU K 195 -23.77 -45.50 36.16
N TRP K 196 -22.46 -45.75 36.17
CA TRP K 196 -21.86 -46.66 35.21
C TRP K 196 -22.11 -48.10 35.66
N ASN K 197 -23.33 -48.57 35.41
CA ASN K 197 -23.74 -49.93 35.79
C ASN K 197 -23.87 -50.85 34.58
N GLU K 198 -24.33 -52.06 34.86
CA GLU K 198 -24.53 -53.08 33.83
C GLU K 198 -25.37 -52.54 32.67
N GLY K 199 -26.39 -51.76 33.00
CA GLY K 199 -27.26 -51.21 31.98
C GLY K 199 -26.58 -50.20 31.06
N SER K 200 -25.83 -49.29 31.64
CA SER K 200 -25.13 -48.27 30.87
C SER K 200 -24.12 -48.94 29.95
N ILE K 201 -23.36 -49.88 30.52
CA ILE K 201 -22.35 -50.62 29.78
C ILE K 201 -22.96 -51.37 28.61
N GLN K 202 -24.11 -51.99 28.84
CA GLN K 202 -24.78 -52.75 27.78
C GLN K 202 -25.40 -51.86 26.71
N GLU K 203 -25.93 -50.72 27.10
CA GLU K 203 -26.52 -49.82 26.12
C GLU K 203 -25.43 -49.20 25.25
N VAL K 204 -24.30 -48.83 25.89
CA VAL K 204 -23.18 -48.25 25.15
C VAL K 204 -22.69 -49.26 24.13
N LYS K 205 -22.51 -50.51 24.57
CA LYS K 205 -22.08 -51.56 23.67
C LYS K 205 -23.09 -51.67 22.53
N ARG K 206 -24.37 -51.64 22.90
CA ARG K 206 -25.45 -51.73 21.93
C ARG K 206 -25.33 -50.62 20.88
N PHE K 207 -25.03 -49.40 21.32
CA PHE K 207 -24.86 -48.26 20.42
C PHE K 207 -23.73 -48.58 19.44
N LEU K 208 -22.61 -49.08 19.97
CA LEU K 208 -21.46 -49.41 19.11
C LEU K 208 -21.81 -50.48 18.08
N THR K 209 -22.40 -51.58 18.55
CA THR K 209 -22.77 -52.67 17.66
C THR K 209 -23.76 -52.19 16.60
N ASP K 210 -24.74 -51.38 17.00
CA ASP K 210 -25.72 -50.88 16.04
C ASP K 210 -25.02 -50.15 14.89
N TRP K 211 -24.11 -49.25 15.22
CA TRP K 211 -23.42 -48.52 14.17
C TRP K 211 -22.43 -49.38 13.39
N ILE K 212 -21.79 -50.34 14.05
CA ILE K 212 -20.86 -51.21 13.34
C ILE K 212 -21.65 -51.98 12.29
N GLU K 213 -22.88 -52.36 12.64
CA GLU K 213 -23.71 -53.11 11.72
C GLU K 213 -24.18 -52.26 10.55
N ARG K 214 -24.44 -50.98 10.80
CA ARG K 214 -24.90 -50.09 9.75
C ARG K 214 -23.79 -49.56 8.85
N MET K 215 -22.61 -49.34 9.42
CA MET K 215 -21.48 -48.82 8.63
C MET K 215 -20.52 -49.87 8.11
N ASP K 216 -20.40 -50.98 8.83
CA ASP K 216 -19.44 -52.04 8.47
C ASP K 216 -18.08 -51.35 8.35
N PRO K 217 -17.67 -50.61 9.40
CA PRO K 217 -16.40 -49.88 9.46
C PRO K 217 -15.18 -50.77 9.47
N VAL K 218 -14.09 -50.27 8.90
CA VAL K 218 -12.85 -51.02 8.87
C VAL K 218 -12.16 -50.89 10.23
N TYR K 219 -12.56 -49.88 10.99
CA TYR K 219 -12.05 -49.67 12.34
C TYR K 219 -12.83 -48.60 13.08
N MET K 220 -12.68 -48.57 14.40
CA MET K 220 -13.33 -47.56 15.23
C MET K 220 -12.17 -46.64 15.59
N ALA K 221 -12.42 -45.34 15.57
CA ALA K 221 -11.36 -44.37 15.83
C ALA K 221 -11.71 -43.25 16.81
N VAL K 222 -10.66 -42.61 17.32
CA VAL K 222 -10.82 -41.50 18.25
C VAL K 222 -9.52 -40.71 18.33
N SER K 223 -9.63 -39.39 18.49
CA SER K 223 -8.45 -38.55 18.63
C SER K 223 -8.40 -38.25 20.12
N LEU K 224 -7.21 -38.33 20.70
CA LEU K 224 -6.99 -38.14 22.13
C LEU K 224 -5.99 -37.03 22.45
N PRO K 225 -6.08 -36.45 23.66
CA PRO K 225 -5.19 -35.37 24.11
C PRO K 225 -3.82 -35.87 24.56
N PRO K 226 -2.85 -34.96 24.66
CA PRO K 226 -1.52 -35.39 25.09
C PRO K 226 -1.50 -35.98 26.51
N THR K 227 -2.57 -35.73 27.26
CA THR K 227 -2.68 -36.25 28.62
C THR K 227 -3.36 -37.61 28.67
N PHE K 228 -3.64 -38.20 27.50
CA PHE K 228 -4.30 -39.50 27.46
C PHE K 228 -3.62 -40.53 28.34
N SER K 229 -4.43 -41.21 29.15
CA SER K 229 -3.95 -42.24 30.07
C SER K 229 -4.89 -43.43 30.09
N PHE K 230 -4.35 -44.60 30.42
CA PHE K 230 -5.15 -45.83 30.52
C PHE K 230 -4.32 -46.89 31.24
N PRO K 231 -4.93 -47.56 32.22
CA PRO K 231 -6.30 -47.40 32.68
C PRO K 231 -6.58 -46.03 33.27
N GLU K 232 -7.87 -45.72 33.42
CA GLU K 232 -8.26 -44.44 33.99
C GLU K 232 -9.72 -44.48 34.43
N GLU K 233 -9.95 -44.01 35.65
CA GLU K 233 -11.31 -43.98 36.18
C GLU K 233 -11.98 -42.70 35.69
N SER K 234 -12.34 -42.71 34.42
CA SER K 234 -13.01 -41.57 33.81
C SER K 234 -14.01 -42.22 32.88
N ASN K 235 -14.89 -41.43 32.27
CA ASN K 235 -15.85 -42.01 31.36
C ASN K 235 -15.11 -42.64 30.17
N ARG K 236 -14.03 -41.99 29.72
CA ARG K 236 -13.27 -42.51 28.60
C ARG K 236 -12.59 -43.84 28.92
N GLY K 237 -11.94 -43.91 30.08
CA GLY K 237 -11.26 -45.13 30.47
C GLY K 237 -12.21 -46.30 30.67
N ARG K 238 -13.37 -46.00 31.27
CA ARG K 238 -14.36 -47.05 31.52
C ARG K 238 -15.05 -47.48 30.24
N ILE K 239 -15.39 -46.53 29.37
CA ILE K 239 -16.05 -46.87 28.13
C ILE K 239 -15.14 -47.73 27.27
N ILE K 240 -13.86 -47.38 27.24
CA ILE K 240 -12.90 -48.13 26.45
C ILE K 240 -12.69 -49.52 27.05
N ARG K 241 -12.57 -49.58 28.37
CA ARG K 241 -12.36 -50.85 29.07
C ARG K 241 -13.57 -51.78 29.02
N ASP K 242 -14.74 -51.27 29.35
CA ASP K 242 -15.94 -52.10 29.39
C ASP K 242 -16.76 -52.21 28.11
N CYS K 243 -16.59 -51.28 27.17
CA CYS K 243 -17.39 -51.34 25.96
C CYS K 243 -16.62 -51.48 24.65
N LEU K 244 -15.84 -50.46 24.32
CA LEU K 244 -15.07 -50.41 23.08
C LEU K 244 -14.21 -51.66 22.82
N LEU K 245 -13.28 -51.94 23.72
CA LEU K 245 -12.37 -53.07 23.57
C LEU K 245 -13.09 -54.42 23.43
N PRO K 246 -14.05 -54.71 24.33
CA PRO K 246 -14.77 -55.98 24.25
C PRO K 246 -15.48 -56.11 22.90
N VAL K 247 -16.18 -55.04 22.49
CA VAL K 247 -16.87 -55.05 21.21
C VAL K 247 -15.88 -55.21 20.07
N ALA K 248 -14.78 -54.45 20.12
CA ALA K 248 -13.76 -54.51 19.07
C ALA K 248 -13.20 -55.92 18.89
N GLU K 249 -13.00 -56.63 20.00
CA GLU K 249 -12.46 -57.98 19.93
C GLU K 249 -13.45 -58.93 19.24
N LYS K 250 -14.69 -58.93 19.71
CA LYS K 250 -15.73 -59.79 19.15
C LYS K 250 -15.87 -59.63 17.63
N HIS K 251 -15.83 -58.39 17.15
CA HIS K 251 -15.94 -58.15 15.71
C HIS K 251 -14.59 -58.14 15.01
N ASN K 252 -13.52 -58.35 15.78
CA ASN K 252 -12.17 -58.35 15.23
C ASN K 252 -11.93 -57.06 14.46
N ILE K 253 -12.34 -55.94 15.08
CA ILE K 253 -12.18 -54.61 14.48
C ILE K 253 -11.09 -53.86 15.23
N PRO K 254 -10.12 -53.30 14.51
CA PRO K 254 -9.07 -52.57 15.22
C PRO K 254 -9.54 -51.24 15.79
N PHE K 255 -8.83 -50.76 16.81
CA PHE K 255 -9.13 -49.49 17.45
C PHE K 255 -8.02 -48.51 17.05
N ALA K 256 -8.39 -47.47 16.33
CA ALA K 256 -7.41 -46.46 15.89
C ALA K 256 -7.34 -45.29 16.89
N MET K 257 -6.15 -45.02 17.40
CA MET K 257 -5.98 -43.92 18.34
C MET K 257 -5.05 -42.86 17.75
N MET K 258 -5.57 -41.64 17.61
CA MET K 258 -4.78 -40.53 17.08
C MET K 258 -4.54 -39.61 18.27
N ILE K 259 -3.39 -39.82 18.91
CA ILE K 259 -2.98 -39.12 20.13
C ILE K 259 -2.09 -37.89 20.01
N GLY K 260 -2.35 -36.89 20.85
CA GLY K 260 -1.53 -35.69 20.86
C GLY K 260 -2.18 -34.35 20.60
N VAL K 261 -3.47 -34.34 20.26
CA VAL K 261 -4.13 -33.07 19.97
C VAL K 261 -4.76 -32.40 21.18
N LYS K 262 -4.46 -31.11 21.35
CA LYS K 262 -5.01 -30.31 22.44
C LYS K 262 -6.03 -29.42 21.74
N LYS K 263 -7.31 -29.74 21.93
CA LYS K 263 -8.39 -29.02 21.28
C LYS K 263 -8.68 -27.60 21.72
N ARG K 264 -8.98 -26.77 20.73
CA ARG K 264 -9.39 -25.39 20.95
C ARG K 264 -8.48 -24.49 21.78
N VAL K 265 -7.18 -24.46 21.53
CA VAL K 265 -6.31 -23.57 22.30
C VAL K 265 -6.60 -22.15 21.82
N HIS K 266 -7.18 -22.04 20.64
CA HIS K 266 -7.56 -20.75 20.07
C HIS K 266 -8.94 -20.98 19.43
N PRO K 267 -10.00 -20.91 20.24
CA PRO K 267 -11.41 -21.09 19.85
C PRO K 267 -11.90 -20.39 18.57
N ALA K 268 -11.60 -19.10 18.46
CA ALA K 268 -12.03 -18.31 17.31
C ALA K 268 -11.56 -18.88 15.97
N LEU K 269 -10.43 -19.58 15.96
CA LEU K 269 -9.92 -20.15 14.71
C LEU K 269 -10.70 -21.37 14.21
N GLY K 270 -11.70 -21.82 14.96
CA GLY K 270 -12.47 -22.99 14.53
C GLY K 270 -11.61 -24.22 14.39
N ASP K 271 -11.77 -24.95 13.28
CA ASP K 271 -10.98 -26.17 13.07
C ASP K 271 -9.47 -25.91 13.08
N ALA K 272 -9.07 -24.66 12.87
CA ALA K 272 -7.66 -24.29 12.86
C ALA K 272 -7.12 -23.91 14.24
N GLY K 273 -7.93 -24.11 15.28
CA GLY K 273 -7.48 -23.72 16.61
C GLY K 273 -6.94 -24.79 17.54
N ASP K 274 -6.53 -25.93 16.98
CA ASP K 274 -6.00 -27.01 17.80
C ASP K 274 -4.47 -26.98 17.85
N PHE K 275 -3.94 -27.40 18.99
CA PHE K 275 -2.51 -27.40 19.26
C PHE K 275 -2.01 -28.85 19.44
N VAL K 276 -0.75 -29.00 19.84
CA VAL K 276 -0.14 -30.32 20.02
C VAL K 276 0.65 -30.40 21.31
N GLY K 277 0.83 -31.62 21.79
CA GLY K 277 1.60 -31.86 23.01
C GLY K 277 2.11 -33.29 23.02
N LYS K 278 3.29 -33.51 23.62
CA LYS K 278 3.87 -34.84 23.71
C LYS K 278 3.07 -35.68 24.71
N ALA K 279 2.80 -36.93 24.35
CA ALA K 279 2.05 -37.82 25.23
C ALA K 279 2.94 -38.87 25.86
N SER K 280 2.44 -39.46 26.94
CA SER K 280 3.13 -40.54 27.62
C SER K 280 2.80 -41.79 26.81
N MET K 281 3.73 -42.73 26.73
CA MET K 281 3.47 -43.95 25.99
C MET K 281 2.86 -45.02 26.91
N ASP K 282 2.77 -44.72 28.20
CA ASP K 282 2.25 -45.67 29.18
C ASP K 282 0.90 -46.29 28.84
N GLY K 283 -0.08 -45.45 28.56
CA GLY K 283 -1.40 -45.95 28.22
C GLY K 283 -1.43 -46.83 26.97
N VAL K 284 -0.66 -46.46 25.95
CA VAL K 284 -0.63 -47.25 24.73
C VAL K 284 0.07 -48.57 25.01
N GLU K 285 1.14 -48.51 25.79
CA GLU K 285 1.90 -49.69 26.17
C GLU K 285 0.97 -50.67 26.92
N HIS K 286 0.22 -50.14 27.87
CA HIS K 286 -0.69 -50.95 28.67
C HIS K 286 -1.74 -51.63 27.79
N LEU K 287 -2.37 -50.85 26.92
CA LEU K 287 -3.39 -51.38 26.03
C LEU K 287 -2.87 -52.52 25.16
N LEU K 288 -1.70 -52.32 24.55
CA LEU K 288 -1.11 -53.33 23.70
C LEU K 288 -0.78 -54.61 24.45
N ARG K 289 -0.18 -54.49 25.62
CA ARG K 289 0.19 -55.67 26.39
C ARG K 289 -0.99 -56.38 27.03
N GLU K 290 -1.84 -55.64 27.73
CA GLU K 290 -2.97 -56.25 28.41
C GLU K 290 -4.17 -56.69 27.54
N TYR K 291 -4.23 -56.24 26.29
CA TYR K 291 -5.31 -56.63 25.38
C TYR K 291 -4.72 -57.19 24.10
N PRO K 292 -3.99 -58.31 24.21
CA PRO K 292 -3.34 -58.98 23.07
C PRO K 292 -4.27 -59.42 21.94
N ASN K 293 -5.56 -59.55 22.23
CA ASN K 293 -6.51 -59.98 21.22
C ASN K 293 -7.17 -58.80 20.52
N ASN K 294 -6.72 -57.59 20.85
CA ASN K 294 -7.25 -56.40 20.21
C ASN K 294 -6.17 -55.84 19.28
N LYS K 295 -6.60 -55.26 18.17
CA LYS K 295 -5.69 -54.68 17.21
C LYS K 295 -5.74 -53.16 17.36
N PHE K 296 -4.57 -52.51 17.30
CA PHE K 296 -4.52 -51.07 17.47
C PHE K 296 -3.77 -50.38 16.34
N LEU K 297 -4.40 -49.34 15.79
CA LEU K 297 -3.80 -48.52 14.76
C LEU K 297 -3.48 -47.21 15.49
N VAL K 298 -2.21 -46.81 15.48
CA VAL K 298 -1.82 -45.59 16.16
C VAL K 298 -1.02 -44.59 15.33
N THR K 299 -1.28 -43.31 15.56
CA THR K 299 -0.55 -42.23 14.91
C THR K 299 -0.52 -41.16 16.00
N MET K 300 0.59 -40.45 16.11
CA MET K 300 0.73 -39.43 17.14
C MET K 300 1.10 -38.09 16.53
N LEU K 301 0.72 -37.02 17.22
CA LEU K 301 0.90 -35.68 16.71
C LEU K 301 2.22 -34.99 17.02
N SER K 302 2.82 -35.32 18.15
CA SER K 302 4.06 -34.68 18.55
C SER K 302 5.30 -35.30 17.92
N ARG K 303 6.18 -34.45 17.41
CA ARG K 303 7.41 -34.92 16.79
C ARG K 303 8.24 -35.72 17.80
N GLU K 304 8.17 -35.33 19.06
CA GLU K 304 8.94 -35.98 20.12
C GLU K 304 8.43 -37.37 20.52
N ASN K 305 7.26 -37.76 20.02
CA ASN K 305 6.68 -39.08 20.31
C ASN K 305 7.02 -40.10 19.23
N GLN K 306 7.43 -39.63 18.05
CA GLN K 306 7.69 -40.53 16.92
C GLN K 306 8.68 -41.68 17.05
N HIS K 307 9.86 -41.41 17.61
CA HIS K 307 10.83 -42.49 17.73
C HIS K 307 10.38 -43.56 18.74
N GLU K 308 9.93 -43.14 19.92
CA GLU K 308 9.50 -44.12 20.91
C GLU K 308 8.28 -44.91 20.43
N LEU K 309 7.48 -44.33 19.54
CA LEU K 309 6.32 -45.04 19.01
C LEU K 309 6.82 -46.17 18.12
N VAL K 310 7.87 -45.90 17.34
CA VAL K 310 8.44 -46.92 16.48
C VAL K 310 8.98 -48.07 17.34
N VAL K 311 9.64 -47.73 18.45
CA VAL K 311 10.18 -48.76 19.33
C VAL K 311 9.03 -49.58 19.93
N LEU K 312 7.92 -48.94 20.24
CA LEU K 312 6.78 -49.67 20.80
C LEU K 312 6.23 -50.67 19.78
N ALA K 313 6.30 -50.31 18.49
CA ALA K 313 5.85 -51.21 17.43
C ALA K 313 6.77 -52.44 17.36
N ARG K 314 8.02 -52.27 17.76
CA ARG K 314 8.98 -53.37 17.76
C ARG K 314 8.59 -54.39 18.85
N LYS K 315 7.92 -53.92 19.89
CA LYS K 315 7.50 -54.75 21.01
C LYS K 315 6.19 -55.49 20.80
N PHE K 316 5.25 -54.86 20.11
CA PHE K 316 3.93 -55.46 19.95
C PHE K 316 3.42 -55.59 18.52
N SER K 317 3.12 -56.82 18.12
CA SER K 317 2.60 -57.09 16.80
C SER K 317 1.14 -56.66 16.65
N ASN K 318 0.43 -56.45 17.77
CA ASN K 318 -0.96 -55.99 17.66
C ASN K 318 -1.00 -54.48 17.50
N LEU K 319 0.17 -53.88 17.30
CA LEU K 319 0.28 -52.43 17.08
C LEU K 319 0.70 -52.16 15.64
N MET K 320 -0.14 -51.41 14.93
CA MET K 320 0.18 -51.02 13.56
C MET K 320 0.23 -49.49 13.56
N ILE K 321 1.41 -48.94 13.34
CA ILE K 321 1.53 -47.48 13.31
C ILE K 321 1.31 -47.02 11.88
N PHE K 322 0.70 -45.84 11.71
CA PHE K 322 0.42 -45.33 10.38
C PHE K 322 0.52 -43.82 10.26
N GLY K 323 0.87 -43.38 9.06
CA GLY K 323 0.97 -41.97 8.72
C GLY K 323 1.81 -40.97 9.48
N CYS K 324 1.83 -39.77 8.90
CA CYS K 324 2.54 -38.62 9.43
C CYS K 324 1.38 -37.63 9.56
N TRP K 325 0.78 -37.64 10.73
CA TRP K 325 -0.41 -36.87 11.04
C TRP K 325 -0.38 -35.36 11.27
N TRP K 326 -1.16 -34.64 10.46
CA TRP K 326 -1.34 -33.21 10.65
C TRP K 326 -0.03 -32.41 10.70
N PHE K 327 0.35 -31.99 11.91
CA PHE K 327 1.56 -31.20 12.10
C PHE K 327 2.81 -31.99 11.74
N MET K 328 2.67 -33.30 11.59
CA MET K 328 3.78 -34.17 11.23
C MET K 328 3.81 -34.25 9.69
N ASN K 329 2.69 -33.89 9.05
CA ASN K 329 2.57 -33.98 7.59
C ASN K 329 3.31 -32.91 6.80
N ASN K 330 4.60 -32.77 7.06
CA ASN K 330 5.46 -31.82 6.40
C ASN K 330 6.71 -32.60 5.98
N PRO K 331 7.27 -32.30 4.80
CA PRO K 331 8.45 -32.99 4.28
C PRO K 331 9.56 -33.32 5.27
N GLU K 332 10.02 -32.31 6.02
CA GLU K 332 11.09 -32.53 6.99
C GLU K 332 10.77 -33.64 8.00
N ILE K 333 9.53 -33.69 8.46
CA ILE K 333 9.12 -34.70 9.44
C ILE K 333 8.79 -36.02 8.76
N ILE K 334 8.02 -35.98 7.67
CA ILE K 334 7.67 -37.19 6.94
C ILE K 334 8.94 -37.99 6.61
N ASN K 335 9.97 -37.28 6.19
CA ASN K 335 11.22 -37.94 5.84
C ASN K 335 11.91 -38.59 7.03
N GLU K 336 12.11 -37.85 8.12
CA GLU K 336 12.79 -38.42 9.28
C GLU K 336 11.96 -39.55 9.91
N MET K 337 10.64 -39.44 9.85
CA MET K 337 9.77 -40.46 10.43
C MET K 337 9.84 -41.75 9.63
N THR K 338 9.67 -41.62 8.32
CA THR K 338 9.69 -42.76 7.44
C THR K 338 11.03 -43.48 7.49
N ARG K 339 12.12 -42.74 7.67
CA ARG K 339 13.44 -43.36 7.75
C ARG K 339 13.63 -44.12 9.08
N MET K 340 13.15 -43.56 10.18
CA MET K 340 13.26 -44.24 11.49
C MET K 340 12.40 -45.50 11.48
N ARG K 341 11.21 -45.40 10.91
CA ARG K 341 10.28 -46.52 10.85
C ARG K 341 10.83 -47.67 9.99
N MET K 342 11.34 -47.36 8.80
CA MET K 342 11.87 -48.42 7.94
C MET K 342 13.14 -49.06 8.53
N GLU K 343 13.97 -48.24 9.17
CA GLU K 343 15.21 -48.74 9.76
C GLU K 343 14.93 -49.68 10.94
N MET K 344 13.83 -49.45 11.65
CA MET K 344 13.49 -50.28 12.80
C MET K 344 12.34 -51.27 12.60
N LEU K 345 11.60 -51.13 11.50
CA LEU K 345 10.47 -52.01 11.24
C LEU K 345 10.46 -52.62 9.84
N GLY K 346 11.49 -52.35 9.03
CA GLY K 346 11.50 -52.87 7.68
C GLY K 346 10.29 -52.32 6.96
N THR K 347 9.41 -53.19 6.47
CA THR K 347 8.20 -52.73 5.79
C THR K 347 6.92 -53.02 6.60
N SER K 348 7.05 -53.33 7.87
CA SER K 348 5.88 -53.64 8.69
C SER K 348 5.17 -52.43 9.30
N PHE K 349 4.80 -51.47 8.45
CA PHE K 349 4.09 -50.28 8.92
C PHE K 349 3.38 -49.62 7.74
N ILE K 350 2.57 -48.61 8.03
CA ILE K 350 1.81 -47.89 7.01
C ILE K 350 2.42 -46.49 7.01
N PRO K 351 3.23 -46.16 6.00
CA PRO K 351 3.83 -44.84 5.98
C PRO K 351 2.97 -43.60 5.94
N GLN K 352 1.85 -43.66 5.23
CA GLN K 352 1.07 -42.44 5.11
C GLN K 352 -0.43 -42.56 4.85
N HIS K 353 -1.12 -41.47 5.16
CA HIS K 353 -2.55 -41.28 4.91
C HIS K 353 -2.62 -39.80 4.56
N SER K 354 -3.69 -39.36 3.90
CA SER K 354 -3.79 -37.96 3.47
C SER K 354 -4.52 -37.02 4.40
N ASP K 355 -5.51 -37.55 5.12
CA ASP K 355 -6.32 -36.73 6.02
C ASP K 355 -7.06 -35.66 5.20
N ALA K 356 -7.19 -35.90 3.91
CA ALA K 356 -7.86 -34.95 3.03
C ALA K 356 -9.25 -34.53 3.48
N ARG K 357 -9.44 -33.22 3.60
CA ARG K 357 -10.74 -32.66 3.97
C ARG K 357 -11.45 -32.25 2.69
N VAL K 358 -10.64 -31.94 1.67
CA VAL K 358 -11.12 -31.52 0.35
C VAL K 358 -10.64 -32.56 -0.67
N LEU K 359 -11.57 -33.04 -1.49
CA LEU K 359 -11.29 -34.06 -2.50
C LEU K 359 -9.97 -33.93 -3.25
N GLU K 360 -9.74 -32.79 -3.90
CA GLU K 360 -8.52 -32.58 -4.67
C GLU K 360 -7.22 -32.76 -3.92
N GLN K 361 -7.24 -32.58 -2.59
CA GLN K 361 -6.00 -32.73 -1.81
C GLN K 361 -5.37 -34.11 -2.01
N LEU K 362 -6.17 -35.10 -2.40
CA LEU K 362 -5.64 -36.44 -2.63
C LEU K 362 -4.46 -36.35 -3.58
N ILE K 363 -4.55 -35.42 -4.52
CA ILE K 363 -3.50 -35.24 -5.51
C ILE K 363 -2.16 -34.85 -4.90
N TYR K 364 -2.13 -33.75 -4.15
CA TYR K 364 -0.88 -33.29 -3.57
C TYR K 364 -0.41 -34.09 -2.37
N LYS K 365 -1.33 -34.51 -1.51
CA LYS K 365 -0.95 -35.30 -0.33
C LYS K 365 -0.16 -36.52 -0.80
N TRP K 366 -0.73 -37.25 -1.76
CA TRP K 366 -0.05 -38.44 -2.25
C TRP K 366 1.15 -38.16 -3.14
N HIS K 367 1.08 -37.12 -3.96
CA HIS K 367 2.22 -36.82 -4.80
C HIS K 367 3.42 -36.40 -3.93
N HIS K 368 3.19 -35.50 -2.99
CA HIS K 368 4.26 -35.05 -2.11
C HIS K 368 4.85 -36.16 -1.25
N SER K 369 4.00 -37.02 -0.72
CA SER K 369 4.46 -38.12 0.15
C SER K 369 5.12 -39.25 -0.61
N LYS K 370 4.61 -39.56 -1.80
CA LYS K 370 5.18 -40.62 -2.60
C LYS K 370 6.62 -40.31 -3.01
N SER K 371 6.93 -39.04 -3.27
CA SER K 371 8.30 -38.69 -3.68
C SER K 371 9.30 -38.85 -2.54
N ILE K 372 8.87 -38.54 -1.32
CA ILE K 372 9.73 -38.67 -0.15
C ILE K 372 9.91 -40.16 0.14
N ILE K 373 8.80 -40.87 0.19
CA ILE K 373 8.83 -42.31 0.47
C ILE K 373 9.66 -43.04 -0.59
N ALA K 374 9.54 -42.64 -1.86
CA ALA K 374 10.33 -43.27 -2.91
C ALA K 374 11.81 -43.06 -2.63
N GLU K 375 12.19 -41.86 -2.19
CA GLU K 375 13.60 -41.57 -1.91
C GLU K 375 14.13 -42.45 -0.78
N VAL K 376 13.33 -42.62 0.27
CA VAL K 376 13.73 -43.45 1.39
C VAL K 376 13.96 -44.88 0.90
N LEU K 377 13.03 -45.39 0.09
CA LEU K 377 13.13 -46.74 -0.44
C LEU K 377 14.36 -46.94 -1.32
N ILE K 378 14.67 -45.95 -2.16
CA ILE K 378 15.84 -46.05 -3.03
C ILE K 378 17.09 -46.19 -2.15
N ASP K 379 17.17 -45.37 -1.11
CA ASP K 379 18.30 -45.45 -0.19
C ASP K 379 18.40 -46.83 0.45
N LYS K 380 17.31 -47.32 1.02
CA LYS K 380 17.37 -48.61 1.69
C LYS K 380 17.68 -49.78 0.76
N TYR K 381 17.15 -49.75 -0.46
CA TYR K 381 17.42 -50.81 -1.44
C TYR K 381 18.88 -50.73 -1.87
N ASP K 382 19.36 -49.51 -2.07
CA ASP K 382 20.73 -49.33 -2.48
C ASP K 382 21.69 -49.90 -1.43
N ASP K 383 21.40 -49.66 -0.15
CA ASP K 383 22.25 -50.16 0.91
C ASP K 383 22.36 -51.69 0.92
N ILE K 384 21.27 -52.38 0.61
CA ILE K 384 21.37 -53.84 0.59
C ILE K 384 21.96 -54.35 -0.72
N LEU K 385 21.78 -53.58 -1.80
CA LEU K 385 22.38 -53.96 -3.08
C LEU K 385 23.89 -53.90 -2.82
N GLN K 386 24.31 -52.88 -2.09
CA GLN K 386 25.72 -52.69 -1.74
C GLN K 386 26.22 -53.86 -0.89
N ALA K 387 25.31 -54.47 -0.12
CA ALA K 387 25.68 -55.59 0.74
C ALA K 387 25.64 -56.91 -0.04
N GLY K 388 25.43 -56.82 -1.35
CA GLY K 388 25.41 -58.01 -2.17
C GLY K 388 24.04 -58.62 -2.44
N TRP K 389 23.02 -58.06 -1.82
CA TRP K 389 21.68 -58.58 -2.03
C TRP K 389 21.23 -58.25 -3.43
N GLU K 390 20.43 -59.12 -4.01
CA GLU K 390 19.94 -58.90 -5.36
C GLU K 390 18.44 -58.74 -5.32
N VAL K 391 17.98 -57.50 -5.23
CA VAL K 391 16.55 -57.23 -5.19
C VAL K 391 15.99 -57.21 -6.60
N THR K 392 14.81 -57.79 -6.79
CA THR K 392 14.21 -57.81 -8.11
C THR K 392 13.13 -56.75 -8.20
N GLU K 393 12.78 -56.39 -9.43
CA GLU K 393 11.75 -55.39 -9.63
C GLU K 393 10.41 -55.88 -9.09
N GLU K 394 10.19 -57.20 -9.11
CA GLU K 394 8.95 -57.76 -8.61
C GLU K 394 8.87 -57.66 -7.09
N GLU K 395 10.02 -57.78 -6.42
CA GLU K 395 10.05 -57.67 -4.97
C GLU K 395 9.78 -56.21 -4.58
N ILE K 396 10.29 -55.27 -5.39
CA ILE K 396 10.07 -53.86 -5.13
C ILE K 396 8.57 -53.55 -5.21
N LYS K 397 7.91 -54.02 -6.27
CA LYS K 397 6.48 -53.81 -6.43
C LYS K 397 5.72 -54.40 -5.25
N ARG K 398 6.14 -55.57 -4.82
CA ARG K 398 5.52 -56.23 -3.69
C ARG K 398 5.66 -55.38 -2.41
N ASP K 399 6.87 -54.92 -2.14
CA ASP K 399 7.13 -54.10 -0.95
C ASP K 399 6.27 -52.83 -1.00
N VAL K 400 6.23 -52.19 -2.17
CA VAL K 400 5.46 -50.97 -2.39
C VAL K 400 3.97 -51.22 -2.17
N ALA K 401 3.47 -52.37 -2.63
CA ALA K 401 2.06 -52.69 -2.44
C ALA K 401 1.78 -52.84 -0.94
N ASP K 402 2.70 -53.44 -0.21
CA ASP K 402 2.51 -53.61 1.23
C ASP K 402 2.37 -52.25 1.92
N LEU K 403 3.34 -51.37 1.69
CA LEU K 403 3.35 -50.05 2.29
C LEU K 403 2.15 -49.16 1.97
N PHE K 404 1.76 -49.10 0.70
CA PHE K 404 0.64 -48.24 0.30
C PHE K 404 -0.75 -48.88 0.30
N SER K 405 -0.84 -50.18 0.54
CA SER K 405 -2.16 -50.80 0.53
C SER K 405 -2.36 -52.08 1.36
N ARG K 406 -1.61 -53.12 1.03
CA ARG K 406 -1.74 -54.40 1.70
C ARG K 406 -1.54 -54.45 3.21
N ASN K 407 -0.54 -53.75 3.74
CA ASN K 407 -0.35 -53.80 5.18
C ASN K 407 -1.63 -53.42 5.91
N PHE K 408 -2.31 -52.39 5.41
CA PHE K 408 -3.55 -51.93 6.04
C PHE K 408 -4.66 -52.99 5.98
N TRP K 409 -4.95 -53.50 4.79
CA TRP K 409 -5.99 -54.51 4.63
C TRP K 409 -5.67 -55.79 5.38
N ARG K 410 -4.39 -56.13 5.42
CA ARG K 410 -3.95 -57.33 6.12
C ARG K 410 -4.17 -57.16 7.64
N PHE K 411 -3.95 -55.94 8.14
CA PHE K 411 -4.12 -55.68 9.57
C PHE K 411 -5.59 -55.62 9.99
N VAL K 412 -6.43 -54.97 9.20
CA VAL K 412 -7.85 -54.89 9.57
C VAL K 412 -8.59 -56.17 9.23
N GLY K 413 -7.87 -57.15 8.69
CA GLY K 413 -8.48 -58.42 8.34
C GLY K 413 -9.67 -58.32 7.40
N ARG K 414 -9.54 -57.46 6.39
CA ARG K 414 -10.60 -57.25 5.40
C ARG K 414 -10.04 -57.04 3.99
N SER L 2 14.23 -15.72 -17.26
CA SER L 2 13.15 -16.30 -16.42
C SER L 2 13.72 -17.44 -15.58
N ILE L 3 13.20 -17.60 -14.37
CA ILE L 3 13.66 -18.65 -13.47
C ILE L 3 12.82 -19.89 -13.77
N ASN L 4 13.41 -20.83 -14.50
CA ASN L 4 12.67 -22.04 -14.89
C ASN L 4 13.38 -23.36 -14.60
N SER L 5 14.30 -23.37 -13.64
CA SER L 5 15.00 -24.60 -13.27
C SER L 5 15.58 -24.43 -11.86
N ARG L 6 15.87 -25.54 -11.20
CA ARG L 6 16.44 -25.47 -9.86
C ARG L 6 17.78 -24.76 -9.95
N GLU L 7 18.49 -25.02 -11.05
CA GLU L 7 19.80 -24.44 -11.28
C GLU L 7 19.78 -22.91 -11.32
N VAL L 8 18.85 -22.34 -12.08
CA VAL L 8 18.77 -20.88 -12.16
C VAL L 8 18.32 -20.37 -10.80
N LEU L 9 17.39 -21.09 -10.20
CA LEU L 9 16.85 -20.74 -8.90
C LEU L 9 17.97 -20.62 -7.85
N ALA L 10 18.85 -21.62 -7.81
CA ALA L 10 19.96 -21.61 -6.87
C ALA L 10 20.81 -20.32 -7.01
N GLU L 11 21.06 -19.90 -8.25
CA GLU L 11 21.83 -18.67 -8.48
C GLU L 11 21.14 -17.45 -7.92
N LYS L 12 19.88 -17.26 -8.33
CA LYS L 12 19.10 -16.13 -7.89
C LYS L 12 18.92 -16.10 -6.38
N VAL L 13 18.58 -17.25 -5.79
CA VAL L 13 18.38 -17.29 -4.34
C VAL L 13 19.68 -16.91 -3.62
N LYS L 14 20.76 -17.62 -3.94
CA LYS L 14 22.04 -17.33 -3.30
C LYS L 14 22.45 -15.86 -3.43
N ASN L 15 22.33 -15.31 -4.64
CA ASN L 15 22.71 -13.91 -4.84
C ASN L 15 21.86 -13.01 -3.97
N ALA L 16 20.54 -13.25 -3.97
CA ALA L 16 19.61 -12.45 -3.18
C ALA L 16 19.92 -12.55 -1.69
N VAL L 17 20.11 -13.77 -1.20
CA VAL L 17 20.43 -13.95 0.20
C VAL L 17 21.77 -13.25 0.54
N ASN L 18 22.78 -13.43 -0.30
CA ASN L 18 24.07 -12.81 -0.05
C ASN L 18 24.03 -11.29 -0.06
N ASN L 19 23.19 -10.72 -0.92
CA ASN L 19 23.11 -9.27 -1.03
C ASN L 19 22.14 -8.58 -0.08
N GLN L 20 21.21 -9.33 0.50
CA GLN L 20 20.24 -8.77 1.41
C GLN L 20 20.86 -8.20 2.70
N PRO L 21 20.70 -6.90 2.95
CA PRO L 21 21.27 -6.30 4.17
C PRO L 21 20.58 -6.91 5.38
N VAL L 22 21.37 -7.36 6.35
CA VAL L 22 20.84 -8.01 7.53
C VAL L 22 20.57 -7.16 8.77
N THR L 23 19.40 -7.38 9.37
CA THR L 23 19.04 -6.74 10.64
C THR L 23 19.21 -7.89 11.64
N ASP L 24 20.17 -7.75 12.55
CA ASP L 24 20.46 -8.78 13.57
C ASP L 24 19.66 -8.38 14.81
N MET L 25 18.48 -8.98 15.02
CA MET L 25 17.66 -8.56 16.14
C MET L 25 17.99 -9.00 17.57
N HIS L 26 19.15 -9.63 17.74
CA HIS L 26 19.61 -10.00 19.08
C HIS L 26 21.08 -10.32 19.11
N THR L 27 21.86 -9.44 19.74
CA THR L 27 23.29 -9.61 19.86
C THR L 27 23.74 -9.05 21.21
N HIS L 28 25.03 -9.20 21.50
CA HIS L 28 25.58 -8.66 22.73
C HIS L 28 26.69 -7.67 22.36
N LEU L 29 26.44 -6.96 21.26
CA LEU L 29 27.36 -5.95 20.76
C LEU L 29 26.85 -4.58 21.20
N PHE L 30 27.71 -3.58 21.11
CA PHE L 30 27.36 -2.21 21.50
C PHE L 30 27.95 -1.24 20.47
N SER L 31 27.26 -0.12 20.22
CA SER L 31 27.78 0.85 19.28
C SER L 31 29.17 1.22 19.80
N PRO L 32 30.13 1.44 18.88
CA PRO L 32 31.51 1.77 19.24
C PRO L 32 31.72 2.93 20.24
N ASN L 33 30.84 3.93 20.20
CA ASN L 33 30.99 5.06 21.11
C ASN L 33 30.73 4.70 22.57
N PHE L 34 30.24 3.49 22.84
CA PHE L 34 29.97 3.07 24.21
C PHE L 34 31.27 2.65 24.90
N GLY L 35 32.33 2.47 24.13
CA GLY L 35 33.61 2.11 24.71
C GLY L 35 34.05 0.66 24.71
N GLU L 36 34.91 0.33 25.67
CA GLU L 36 35.47 -1.01 25.87
C GLU L 36 34.46 -2.15 25.95
N ILE L 37 33.22 -1.81 26.31
CA ILE L 37 32.19 -2.82 26.43
C ILE L 37 32.03 -3.58 25.11
N LEU L 38 32.35 -2.91 24.00
CA LEU L 38 32.28 -3.54 22.69
C LEU L 38 33.54 -4.38 22.51
N LEU L 39 33.38 -5.70 22.53
CA LEU L 39 34.52 -6.60 22.40
C LEU L 39 34.85 -6.94 20.94
N TRP L 40 36.15 -6.95 20.62
CA TRP L 40 36.60 -7.30 19.28
C TRP L 40 38.09 -7.64 19.23
N ASP L 41 38.45 -8.29 18.12
CA ASP L 41 39.78 -8.77 17.75
C ASP L 41 39.91 -10.27 17.95
N ILE L 42 40.95 -10.85 17.36
CA ILE L 42 41.17 -12.29 17.41
C ILE L 42 41.28 -12.92 18.80
N ASP L 43 41.78 -12.17 19.77
CA ASP L 43 41.89 -12.71 21.13
C ASP L 43 40.50 -12.85 21.75
N GLU L 44 39.62 -11.89 21.47
CA GLU L 44 38.26 -11.93 21.99
C GLU L 44 37.50 -13.10 21.36
N LEU L 45 37.70 -13.30 20.06
CA LEU L 45 37.05 -14.40 19.36
C LEU L 45 37.44 -15.73 19.95
N LEU L 46 38.73 -15.89 20.23
CA LEU L 46 39.24 -17.14 20.77
C LEU L 46 38.83 -17.41 22.21
N THR L 47 38.53 -16.37 22.97
CA THR L 47 38.14 -16.55 24.36
C THR L 47 36.63 -16.46 24.54
N TYR L 48 35.92 -16.53 23.42
CA TYR L 48 34.45 -16.52 23.40
C TYR L 48 34.11 -17.70 24.32
N HIS L 49 33.16 -17.52 25.22
CA HIS L 49 32.87 -18.60 26.16
C HIS L 49 32.46 -19.93 25.54
N TYR L 50 31.91 -19.92 24.33
CA TYR L 50 31.55 -21.19 23.70
C TYR L 50 32.86 -21.97 23.61
N LEU L 51 33.95 -21.28 23.28
CA LEU L 51 35.25 -21.93 23.17
C LEU L 51 35.87 -22.29 24.53
N VAL L 52 35.55 -21.52 25.57
CA VAL L 52 36.09 -21.84 26.88
C VAL L 52 35.53 -23.20 27.31
N ALA L 53 34.25 -23.43 27.04
CA ALA L 53 33.62 -24.71 27.40
C ALA L 53 34.33 -25.84 26.66
N GLU L 54 34.56 -25.64 25.37
CA GLU L 54 35.22 -26.67 24.57
C GLU L 54 36.65 -26.96 24.99
N VAL L 55 37.43 -25.92 25.27
CA VAL L 55 38.82 -26.14 25.65
C VAL L 55 38.95 -26.89 26.97
N MET L 56 37.98 -26.72 27.87
CA MET L 56 38.04 -27.41 29.15
C MET L 56 37.84 -28.93 29.07
N ARG L 57 37.36 -29.41 27.93
CA ARG L 57 37.17 -30.85 27.75
C ARG L 57 38.49 -31.48 27.33
N TRP L 58 39.46 -30.65 26.96
CA TRP L 58 40.73 -31.17 26.50
C TRP L 58 41.94 -30.85 27.38
N THR L 59 42.06 -29.59 27.78
CA THR L 59 43.20 -29.11 28.56
C THR L 59 43.37 -29.61 29.98
N ASP L 60 44.63 -29.69 30.39
CA ASP L 60 45.00 -30.11 31.73
C ASP L 60 44.98 -28.89 32.64
N VAL L 61 44.99 -27.71 32.04
CA VAL L 61 44.97 -26.49 32.83
C VAL L 61 43.65 -26.46 33.58
N SER L 62 43.72 -26.22 34.89
CA SER L 62 42.52 -26.16 35.72
C SER L 62 41.73 -24.92 35.33
N ILE L 63 40.43 -24.93 35.64
CA ILE L 63 39.60 -23.79 35.31
C ILE L 63 40.08 -22.55 36.08
N GLU L 64 40.49 -22.75 37.34
CA GLU L 64 40.98 -21.65 38.17
C GLU L 64 42.19 -20.98 37.51
N ALA L 65 43.12 -21.82 37.05
CA ALA L 65 44.32 -21.33 36.38
C ALA L 65 43.98 -20.61 35.08
N PHE L 66 42.99 -21.14 34.36
CA PHE L 66 42.59 -20.51 33.10
C PHE L 66 42.18 -19.07 33.37
N TRP L 67 41.25 -18.91 34.31
CA TRP L 67 40.75 -17.60 34.69
C TRP L 67 41.85 -16.66 35.17
N ALA L 68 42.90 -17.22 35.73
CA ALA L 68 44.02 -16.43 36.25
C ALA L 68 44.93 -15.95 35.12
N MET L 69 44.84 -16.61 33.96
CA MET L 69 45.67 -16.23 32.81
C MET L 69 45.20 -14.91 32.21
N SER L 70 46.09 -14.30 31.43
CA SER L 70 45.76 -13.05 30.76
C SER L 70 44.95 -13.45 29.53
N LYS L 71 44.23 -12.51 28.95
CA LYS L 71 43.42 -12.84 27.78
C LYS L 71 44.31 -13.37 26.67
N ARG L 72 45.56 -12.91 26.64
CA ARG L 72 46.51 -13.35 25.63
C ARG L 72 46.83 -14.83 25.82
N GLU L 73 47.14 -15.20 27.05
CA GLU L 73 47.48 -16.59 27.38
C GLU L 73 46.31 -17.52 27.14
N GLN L 74 45.11 -17.07 27.50
CA GLN L 74 43.91 -17.87 27.31
C GLN L 74 43.76 -18.16 25.82
N ALA L 75 43.82 -17.10 25.01
CA ALA L 75 43.70 -17.23 23.57
C ALA L 75 44.76 -18.20 23.03
N ASP L 76 45.99 -18.08 23.53
CA ASP L 76 47.06 -18.97 23.08
C ASP L 76 46.71 -20.42 23.43
N LEU L 77 46.24 -20.62 24.66
CA LEU L 77 45.88 -21.95 25.14
C LEU L 77 44.79 -22.55 24.26
N ILE L 78 43.70 -21.81 24.07
CA ILE L 78 42.59 -22.29 23.27
C ILE L 78 43.02 -22.61 21.83
N TRP L 79 43.80 -21.72 21.23
CA TRP L 79 44.29 -21.93 19.87
C TRP L 79 45.11 -23.23 19.79
N GLU L 80 45.94 -23.44 20.79
CA GLU L 80 46.79 -24.63 20.83
C GLU L 80 45.99 -25.93 21.07
N GLU L 81 45.05 -25.88 22.00
CA GLU L 81 44.25 -27.05 22.33
C GLU L 81 43.18 -27.43 21.29
N LEU L 82 42.48 -26.42 20.76
CA LEU L 82 41.40 -26.67 19.81
C LEU L 82 41.71 -26.56 18.33
N PHE L 83 42.81 -25.89 17.98
CA PHE L 83 43.15 -25.71 16.58
C PHE L 83 44.38 -26.48 16.13
N ILE L 84 45.36 -26.62 17.03
CA ILE L 84 46.59 -27.32 16.68
C ILE L 84 46.65 -28.76 17.16
N LYS L 85 46.24 -29.02 18.40
CA LYS L 85 46.26 -30.37 18.93
C LYS L 85 45.17 -31.28 18.36
N ARG L 86 44.07 -30.67 17.91
CA ARG L 86 42.95 -31.38 17.28
C ARG L 86 42.43 -30.42 16.21
N SER L 87 41.90 -30.95 15.11
CA SER L 87 41.39 -30.08 14.06
C SER L 87 40.20 -29.27 14.56
N PRO L 88 40.16 -27.96 14.24
CA PRO L 88 39.08 -27.05 14.66
C PRO L 88 37.77 -27.28 13.91
N VAL L 89 37.22 -28.49 14.02
CA VAL L 89 35.99 -28.84 13.31
C VAL L 89 34.66 -28.43 13.95
N SER L 90 34.67 -28.05 15.23
CA SER L 90 33.43 -27.66 15.89
C SER L 90 32.90 -26.38 15.24
N GLU L 91 31.61 -26.11 15.42
CA GLU L 91 31.00 -24.92 14.84
C GLU L 91 31.68 -23.65 15.34
N ALA L 92 31.89 -23.58 16.64
CA ALA L 92 32.52 -22.42 17.25
C ALA L 92 33.92 -22.17 16.69
N CYS L 93 34.73 -23.23 16.56
CA CYS L 93 36.08 -23.09 16.05
C CYS L 93 36.07 -22.73 14.56
N ARG L 94 35.20 -23.39 13.81
CA ARG L 94 35.06 -23.13 12.38
C ARG L 94 34.75 -21.64 12.24
N GLY L 95 33.89 -21.14 13.13
CA GLY L 95 33.52 -19.74 13.12
C GLY L 95 34.68 -18.77 13.16
N VAL L 96 35.65 -19.07 14.03
CA VAL L 96 36.83 -18.24 14.17
C VAL L 96 37.56 -18.16 12.82
N LEU L 97 37.68 -19.30 12.16
CA LEU L 97 38.36 -19.36 10.88
C LEU L 97 37.61 -18.51 9.84
N THR L 98 36.30 -18.68 9.77
CA THR L 98 35.49 -17.92 8.82
C THR L 98 35.72 -16.42 9.03
N CYS L 99 35.83 -15.98 10.27
CA CYS L 99 36.06 -14.57 10.57
C CYS L 99 37.41 -14.12 10.04
N LEU L 100 38.45 -14.91 10.28
CA LEU L 100 39.78 -14.58 9.80
C LEU L 100 39.78 -14.46 8.28
N GLN L 101 39.35 -15.52 7.61
CA GLN L 101 39.31 -15.51 6.15
C GLN L 101 38.57 -14.28 5.64
N GLY L 102 37.41 -14.00 6.24
CA GLY L 102 36.62 -12.85 5.82
C GLY L 102 37.32 -11.50 5.95
N LEU L 103 38.21 -11.37 6.92
CA LEU L 103 38.93 -10.13 7.14
C LEU L 103 40.15 -10.05 6.21
N GLY L 104 40.34 -11.07 5.39
CA GLY L 104 41.45 -11.08 4.47
C GLY L 104 42.69 -11.75 5.04
N LEU L 105 42.58 -12.24 6.28
CA LEU L 105 43.69 -12.93 6.92
C LEU L 105 43.66 -14.37 6.41
N ASP L 106 44.79 -15.06 6.43
CA ASP L 106 44.81 -16.42 5.91
C ASP L 106 44.99 -17.53 6.95
N PRO L 107 43.93 -18.31 7.18
CA PRO L 107 43.99 -19.41 8.16
C PRO L 107 44.98 -20.50 7.76
N ALA L 108 45.25 -20.62 6.47
CA ALA L 108 46.17 -21.63 5.96
C ALA L 108 47.53 -21.51 6.64
N THR L 109 47.90 -20.28 6.99
CA THR L 109 49.19 -20.00 7.62
C THR L 109 49.23 -20.34 9.12
N ARG L 110 48.09 -20.24 9.80
CA ARG L 110 48.02 -20.52 11.23
C ARG L 110 48.92 -19.54 11.97
N ASP L 111 49.25 -18.43 11.31
CA ASP L 111 50.11 -17.41 11.89
C ASP L 111 49.34 -16.50 12.84
N LEU L 112 49.11 -16.99 14.06
CA LEU L 112 48.37 -16.22 15.05
C LEU L 112 48.92 -14.83 15.32
N GLN L 113 50.24 -14.68 15.31
CA GLN L 113 50.84 -13.38 15.55
C GLN L 113 50.51 -12.39 14.45
N VAL L 114 50.51 -12.86 13.21
CA VAL L 114 50.17 -12.00 12.09
C VAL L 114 48.70 -11.56 12.20
N TYR L 115 47.82 -12.50 12.56
CA TYR L 115 46.40 -12.15 12.68
C TYR L 115 46.23 -11.04 13.72
N ARG L 116 47.00 -11.13 14.79
CA ARG L 116 46.91 -10.15 15.87
C ARG L 116 47.39 -8.76 15.45
N GLU L 117 48.38 -8.69 14.58
CA GLU L 117 48.89 -7.41 14.12
C GLU L 117 47.80 -6.64 13.37
N TYR L 118 46.96 -7.38 12.65
CA TYR L 118 45.86 -6.77 11.88
C TYR L 118 44.97 -5.88 12.74
N PHE L 119 44.54 -6.41 13.88
CA PHE L 119 43.64 -5.70 14.79
C PHE L 119 44.29 -4.54 15.53
N ALA L 120 45.54 -4.74 15.94
CA ALA L 120 46.27 -3.72 16.68
C ALA L 120 46.32 -2.38 15.95
N LYS L 121 46.39 -2.42 14.62
CA LYS L 121 46.48 -1.20 13.82
C LYS L 121 45.16 -0.52 13.45
N LYS L 122 44.09 -0.87 14.13
CA LYS L 122 42.78 -0.28 13.83
C LYS L 122 42.08 0.22 15.07
N THR L 123 41.12 1.14 14.89
CA THR L 123 40.35 1.67 16.00
C THR L 123 39.01 0.92 15.98
N SER L 124 38.23 1.07 17.04
CA SER L 124 36.94 0.39 17.14
C SER L 124 35.98 0.82 16.03
N GLU L 125 35.88 2.12 15.83
CA GLU L 125 34.99 2.66 14.79
C GLU L 125 35.33 2.05 13.43
N GLU L 126 36.62 1.90 13.16
CA GLU L 126 37.07 1.36 11.89
C GLU L 126 36.66 -0.11 11.73
N GLN L 127 36.95 -0.92 12.75
CA GLN L 127 36.62 -2.32 12.70
C GLN L 127 35.11 -2.53 12.56
N VAL L 128 34.31 -1.70 13.22
CA VAL L 128 32.87 -1.81 13.10
C VAL L 128 32.48 -1.56 11.65
N ASP L 129 33.02 -0.50 11.06
CA ASP L 129 32.71 -0.20 9.67
C ASP L 129 33.07 -1.38 8.80
N THR L 130 34.25 -1.93 9.02
CA THR L 130 34.74 -3.06 8.25
C THR L 130 33.84 -4.28 8.42
N VAL L 131 33.64 -4.71 9.66
CA VAL L 131 32.81 -5.88 9.93
C VAL L 131 31.39 -5.77 9.40
N LEU L 132 30.68 -4.71 9.74
CA LEU L 132 29.30 -4.57 9.26
C LEU L 132 29.26 -4.62 7.72
N GLN L 133 30.35 -4.16 7.10
CA GLN L 133 30.46 -4.14 5.66
C GLN L 133 30.62 -5.59 5.16
N LEU L 134 31.61 -6.30 5.68
CA LEU L 134 31.86 -7.67 5.29
C LEU L 134 30.66 -8.59 5.56
N ALA L 135 30.03 -8.41 6.71
CA ALA L 135 28.89 -9.24 7.10
C ALA L 135 27.59 -8.75 6.49
N ASN L 136 27.64 -7.60 5.83
CA ASN L 136 26.47 -7.01 5.20
C ASN L 136 25.31 -6.92 6.21
N VAL L 137 25.62 -6.39 7.39
CA VAL L 137 24.63 -6.18 8.44
C VAL L 137 24.38 -4.68 8.50
N SER L 138 23.13 -4.26 8.28
CA SER L 138 22.80 -2.85 8.31
C SER L 138 22.36 -2.40 9.69
N ASP L 139 21.79 -3.32 10.46
CA ASP L 139 21.30 -2.97 11.78
C ASP L 139 21.61 -4.04 12.83
N VAL L 140 22.06 -3.58 13.99
CA VAL L 140 22.39 -4.44 15.10
C VAL L 140 21.54 -4.08 16.31
N VAL L 141 20.86 -5.07 16.88
CA VAL L 141 20.05 -4.83 18.08
C VAL L 141 20.93 -5.28 19.24
N MET L 142 21.14 -4.39 20.21
CA MET L 142 21.97 -4.69 21.37
C MET L 142 21.12 -5.28 22.49
N THR L 143 21.81 -5.72 23.54
CA THR L 143 21.17 -6.23 24.75
C THR L 143 21.60 -5.18 25.78
N ASN L 144 20.64 -4.40 26.28
CA ASN L 144 20.98 -3.34 27.22
C ASN L 144 20.42 -3.56 28.62
N ASP L 145 21.31 -3.96 29.51
CA ASP L 145 20.98 -4.26 30.88
C ASP L 145 21.22 -3.08 31.81
N PRO L 146 20.14 -2.39 32.22
CA PRO L 146 20.22 -1.25 33.12
C PRO L 146 20.62 -1.62 34.54
N PHE L 147 20.77 -2.92 34.80
CA PHE L 147 21.16 -3.41 36.11
C PHE L 147 22.68 -3.60 36.20
N ASP L 148 23.35 -3.44 35.07
CA ASP L 148 24.80 -3.55 35.04
C ASP L 148 25.30 -2.13 35.30
N ASP L 149 26.10 -1.97 36.34
CA ASP L 149 26.62 -0.65 36.70
C ASP L 149 27.28 0.12 35.56
N ASN L 150 28.16 -0.53 34.82
CA ASN L 150 28.84 0.15 33.72
C ASN L 150 27.91 0.57 32.60
N GLU L 151 27.01 -0.30 32.18
CA GLU L 151 26.09 0.05 31.10
C GLU L 151 25.17 1.18 31.54
N ARG L 152 24.62 1.05 32.73
CA ARG L 152 23.69 2.06 33.25
C ARG L 152 24.29 3.47 33.27
N ILE L 153 25.47 3.60 33.85
CA ILE L 153 26.12 4.90 33.93
C ILE L 153 26.31 5.50 32.54
N SER L 154 26.68 4.66 31.58
CA SER L 154 26.87 5.13 30.22
C SER L 154 25.59 5.80 29.71
N TRP L 155 24.44 5.15 29.93
CA TRP L 155 23.16 5.70 29.50
C TRP L 155 22.80 6.95 30.29
N LEU L 156 23.05 6.91 31.59
CA LEU L 156 22.73 8.04 32.44
C LEU L 156 23.51 9.29 32.03
N GLU L 157 24.72 9.10 31.53
CA GLU L 157 25.54 10.22 31.10
C GLU L 157 25.19 10.72 29.70
N GLY L 158 24.15 10.15 29.11
CA GLY L 158 23.73 10.60 27.78
C GLY L 158 24.21 9.84 26.57
N LYS L 159 25.08 8.85 26.75
CA LYS L 159 25.57 8.07 25.61
C LYS L 159 24.41 7.52 24.79
N GLN L 160 24.43 7.83 23.49
CA GLN L 160 23.40 7.37 22.56
C GLN L 160 24.11 6.57 21.48
N PRO L 161 23.55 5.40 21.09
CA PRO L 161 24.20 4.60 20.04
C PRO L 161 24.01 5.27 18.69
N ASP L 162 24.88 4.98 17.72
CA ASP L 162 24.68 5.58 16.41
C ASP L 162 23.50 4.85 15.74
N SER L 163 22.99 5.42 14.65
CA SER L 163 21.83 4.89 13.94
C SER L 163 21.89 3.43 13.49
N ARG L 164 23.08 2.82 13.52
CA ARG L 164 23.21 1.43 13.11
C ARG L 164 22.88 0.48 14.26
N PHE L 165 22.91 1.00 15.48
CA PHE L 165 22.63 0.21 16.67
C PHE L 165 21.34 0.58 17.36
N HIS L 166 20.55 -0.43 17.71
CA HIS L 166 19.28 -0.23 18.38
C HIS L 166 19.28 -0.91 19.74
N ALA L 167 18.58 -0.30 20.69
CA ALA L 167 18.53 -0.84 22.04
C ALA L 167 17.40 -1.83 22.29
N ALA L 168 17.62 -2.67 23.29
CA ALA L 168 16.65 -3.65 23.74
C ALA L 168 16.81 -3.68 25.26
N LEU L 169 15.74 -3.35 25.97
CA LEU L 169 15.77 -3.32 27.45
C LEU L 169 15.74 -4.73 28.04
N ARG L 170 16.90 -5.19 28.52
CA ARG L 170 17.05 -6.53 29.12
C ARG L 170 16.66 -6.49 30.60
N LEU L 171 15.73 -7.36 30.99
CA LEU L 171 15.22 -7.34 32.37
C LEU L 171 15.39 -8.57 33.25
N ASP L 172 16.39 -9.40 32.98
CA ASP L 172 16.58 -10.61 33.79
C ASP L 172 16.65 -10.39 35.30
N PRO L 173 17.43 -9.40 35.77
CA PRO L 173 17.52 -9.17 37.21
C PRO L 173 16.19 -8.78 37.87
N LEU L 174 15.38 -8.00 37.16
CA LEU L 174 14.09 -7.58 37.67
C LEU L 174 13.09 -8.73 37.79
N LEU L 175 12.94 -9.48 36.70
CA LEU L 175 12.00 -10.59 36.65
C LEU L 175 12.46 -11.87 37.34
N ASN L 176 13.76 -12.16 37.32
CA ASN L 176 14.25 -13.39 37.92
C ASN L 176 14.90 -13.29 39.29
N GLU L 177 15.24 -12.09 39.74
CA GLU L 177 15.88 -11.92 41.05
C GLU L 177 15.32 -10.70 41.78
N TYR L 178 13.99 -10.54 41.76
CA TYR L 178 13.35 -9.39 42.37
C TYR L 178 13.67 -9.18 43.85
N GLU L 179 13.71 -10.26 44.62
CA GLU L 179 14.00 -10.14 46.04
C GLU L 179 15.32 -9.41 46.25
N GLN L 180 16.27 -9.62 45.35
CA GLN L 180 17.56 -8.97 45.45
C GLN L 180 17.56 -7.61 44.76
N THR L 181 16.84 -7.52 43.65
CA THR L 181 16.79 -6.29 42.87
C THR L 181 15.95 -5.15 43.45
N LYS L 182 14.92 -5.47 44.22
CA LYS L 182 14.06 -4.42 44.77
C LYS L 182 14.84 -3.44 45.64
N HIS L 183 15.92 -3.90 46.26
CA HIS L 183 16.72 -3.02 47.10
C HIS L 183 17.53 -2.09 46.22
N ARG L 184 17.89 -2.56 45.02
CA ARG L 184 18.65 -1.71 44.11
C ARG L 184 17.72 -0.66 43.51
N LEU L 185 16.49 -1.04 43.22
CA LEU L 185 15.52 -0.09 42.67
C LEU L 185 15.37 1.06 43.66
N ARG L 186 15.28 0.72 44.94
CA ARG L 186 15.14 1.72 45.99
C ARG L 186 16.32 2.69 46.00
N ASP L 187 17.53 2.17 45.88
CA ASP L 187 18.71 3.03 45.86
C ASP L 187 18.63 4.02 44.71
N TRP L 188 18.01 3.60 43.62
CA TRP L 188 17.88 4.44 42.44
C TRP L 188 16.72 5.41 42.52
N GLY L 189 15.90 5.29 43.55
CA GLY L 189 14.78 6.20 43.68
C GLY L 189 13.41 5.63 43.36
N TYR L 190 13.32 4.32 43.17
CA TYR L 190 12.04 3.68 42.89
C TYR L 190 11.57 3.05 44.19
N LYS L 191 10.51 3.62 44.75
CA LYS L 191 9.98 3.17 46.03
C LYS L 191 9.11 1.93 46.02
N VAL L 192 9.72 0.78 45.73
CA VAL L 192 8.98 -0.47 45.75
C VAL L 192 8.86 -0.86 47.22
N ASN L 193 7.66 -1.24 47.64
CA ASN L 193 7.44 -1.63 49.03
C ASN L 193 7.75 -3.10 49.26
N ASP L 194 7.82 -3.50 50.53
CA ASP L 194 8.10 -4.90 50.84
C ASP L 194 7.01 -5.78 50.24
N GLU L 195 5.76 -5.37 50.37
CA GLU L 195 4.68 -6.15 49.81
C GLU L 195 4.38 -5.67 48.39
N TRP L 196 3.80 -6.56 47.59
CA TRP L 196 3.45 -6.23 46.22
C TRP L 196 2.08 -5.56 46.24
N ASN L 197 2.07 -4.24 46.41
CA ASN L 197 0.83 -3.48 46.43
C ASN L 197 0.87 -2.47 45.29
N GLU L 198 -0.18 -1.66 45.19
CA GLU L 198 -0.26 -0.66 44.14
C GLU L 198 0.99 0.20 44.04
N GLY L 199 1.51 0.61 45.20
CA GLY L 199 2.70 1.44 45.21
C GLY L 199 3.86 0.78 44.47
N SER L 200 4.11 -0.49 44.79
CA SER L 200 5.19 -1.23 44.15
C SER L 200 4.92 -1.43 42.66
N ILE L 201 3.67 -1.75 42.32
CA ILE L 201 3.28 -1.95 40.94
C ILE L 201 3.57 -0.68 40.15
N GLN L 202 3.12 0.46 40.65
CA GLN L 202 3.35 1.72 39.98
C GLN L 202 4.83 2.06 39.82
N GLU L 203 5.62 1.88 40.87
CA GLU L 203 7.03 2.18 40.78
C GLU L 203 7.77 1.29 39.79
N VAL L 204 7.41 0.01 39.72
CA VAL L 204 8.09 -0.88 38.77
C VAL L 204 7.73 -0.40 37.36
N LYS L 205 6.47 -0.03 37.16
CA LYS L 205 6.02 0.49 35.88
C LYS L 205 6.80 1.76 35.52
N ARG L 206 7.01 2.61 36.52
CA ARG L 206 7.75 3.86 36.30
C ARG L 206 9.19 3.53 35.92
N PHE L 207 9.74 2.50 36.54
CA PHE L 207 11.10 2.10 36.25
C PHE L 207 11.21 1.68 34.78
N LEU L 208 10.27 0.87 34.32
CA LEU L 208 10.27 0.41 32.94
C LEU L 208 10.06 1.59 31.99
N THR L 209 9.10 2.43 32.33
CA THR L 209 8.78 3.59 31.53
C THR L 209 9.98 4.53 31.42
N ASP L 210 10.66 4.76 32.54
CA ASP L 210 11.81 5.64 32.53
C ASP L 210 12.89 5.09 31.58
N TRP L 211 13.10 3.77 31.62
CA TRP L 211 14.12 3.20 30.74
C TRP L 211 13.72 3.11 29.29
N ILE L 212 12.41 3.01 29.04
CA ILE L 212 11.90 2.97 27.68
C ILE L 212 12.10 4.34 27.02
N GLU L 213 11.89 5.39 27.79
CA GLU L 213 12.08 6.74 27.29
C GLU L 213 13.56 7.01 27.08
N ARG L 214 14.39 6.49 27.98
CA ARG L 214 15.83 6.69 27.89
C ARG L 214 16.53 5.86 26.79
N MET L 215 16.07 4.63 26.57
CA MET L 215 16.68 3.77 25.56
C MET L 215 15.93 3.69 24.22
N ASP L 216 14.63 3.97 24.23
CA ASP L 216 13.81 3.86 23.02
C ASP L 216 14.05 2.46 22.44
N PRO L 217 13.97 1.42 23.27
CA PRO L 217 14.20 0.03 22.86
C PRO L 217 13.21 -0.51 21.85
N VAL L 218 13.66 -1.44 21.01
CA VAL L 218 12.76 -2.04 20.03
C VAL L 218 11.91 -3.13 20.68
N TYR L 219 12.36 -3.60 21.85
CA TYR L 219 11.63 -4.60 22.63
C TYR L 219 12.24 -4.78 24.01
N MET L 220 11.46 -5.34 24.93
CA MET L 220 11.92 -5.65 26.29
C MET L 220 12.17 -7.16 26.27
N ALA L 221 13.28 -7.59 26.84
CA ALA L 221 13.64 -9.01 26.82
C ALA L 221 13.94 -9.66 28.16
N VAL L 222 13.91 -10.98 28.17
CA VAL L 222 14.22 -11.76 29.36
C VAL L 222 14.50 -13.20 28.97
N SER L 223 15.51 -13.80 29.60
CA SER L 223 15.81 -15.20 29.35
C SER L 223 15.15 -15.90 30.53
N LEU L 224 14.52 -17.04 30.26
CA LEU L 224 13.80 -17.78 31.29
C LEU L 224 14.21 -19.25 31.39
N PRO L 225 13.99 -19.87 32.57
CA PRO L 225 14.35 -21.27 32.77
C PRO L 225 13.35 -22.26 32.19
N PRO L 226 13.75 -23.54 32.08
CA PRO L 226 12.88 -24.59 31.54
C PRO L 226 11.54 -24.67 32.30
N THR L 227 11.59 -24.32 33.59
CA THR L 227 10.42 -24.37 34.45
C THR L 227 9.51 -23.16 34.37
N PHE L 228 9.74 -22.26 33.41
CA PHE L 228 8.90 -21.07 33.28
C PHE L 228 7.40 -21.38 33.21
N SER L 229 6.62 -20.68 34.03
CA SER L 229 5.17 -20.87 34.06
C SER L 229 4.46 -19.54 34.20
N PHE L 230 3.23 -19.48 33.73
CA PHE L 230 2.43 -18.27 33.82
C PHE L 230 0.98 -18.61 33.47
N PRO L 231 0.02 -18.10 34.26
CA PRO L 231 0.21 -17.25 35.44
C PRO L 231 0.98 -17.97 36.55
N GLU L 232 1.43 -17.20 37.53
CA GLU L 232 2.17 -17.76 38.67
C GLU L 232 2.26 -16.72 39.77
N GLU L 233 1.95 -17.12 41.01
CA GLU L 233 2.05 -16.19 42.13
C GLU L 233 3.48 -16.18 42.67
N SER L 234 4.34 -15.51 41.91
CA SER L 234 5.75 -15.36 42.24
C SER L 234 6.06 -13.93 41.80
N ASN L 235 7.23 -13.42 42.15
CA ASN L 235 7.56 -12.06 41.74
C ASN L 235 7.53 -11.96 40.22
N ARG L 236 8.14 -12.92 39.54
CA ARG L 236 8.16 -12.91 38.08
C ARG L 236 6.74 -12.86 37.50
N GLY L 237 5.88 -13.75 38.00
CA GLY L 237 4.51 -13.79 37.52
C GLY L 237 3.75 -12.52 37.80
N ARG L 238 3.98 -11.91 38.97
CA ARG L 238 3.26 -10.70 39.30
C ARG L 238 3.77 -9.49 38.52
N ILE L 239 5.09 -9.39 38.36
CA ILE L 239 5.66 -8.27 37.63
C ILE L 239 5.25 -8.31 36.15
N ILE L 240 5.25 -9.50 35.55
CA ILE L 240 4.87 -9.65 34.15
C ILE L 240 3.40 -9.25 33.96
N ARG L 241 2.54 -9.76 34.83
CA ARG L 241 1.11 -9.49 34.76
C ARG L 241 0.75 -8.03 35.05
N ASP L 242 1.21 -7.52 36.19
CA ASP L 242 0.88 -6.16 36.58
C ASP L 242 1.73 -5.03 36.02
N CYS L 243 2.94 -5.32 35.55
CA CYS L 243 3.78 -4.23 35.06
C CYS L 243 4.26 -4.30 33.62
N LEU L 244 5.00 -5.34 33.28
CA LEU L 244 5.55 -5.48 31.94
C LEU L 244 4.52 -5.49 30.82
N LEU L 245 3.53 -6.39 30.89
CA LEU L 245 2.52 -6.45 29.83
C LEU L 245 1.75 -5.14 29.62
N PRO L 246 1.18 -4.56 30.69
CA PRO L 246 0.45 -3.30 30.51
C PRO L 246 1.32 -2.24 29.86
N VAL L 247 2.56 -2.11 30.34
CA VAL L 247 3.48 -1.13 29.80
C VAL L 247 3.84 -1.47 28.36
N ALA L 248 4.12 -2.74 28.09
CA ALA L 248 4.48 -3.16 26.75
C ALA L 248 3.32 -2.87 25.80
N GLU L 249 2.09 -3.02 26.27
CA GLU L 249 0.93 -2.76 25.43
C GLU L 249 0.77 -1.27 25.15
N LYS L 250 0.83 -0.47 26.21
CA LYS L 250 0.68 0.98 26.09
C LYS L 250 1.67 1.58 25.08
N HIS L 251 2.91 1.08 25.09
CA HIS L 251 3.94 1.58 24.17
C HIS L 251 4.04 0.76 22.88
N ASN L 252 3.20 -0.26 22.75
CA ASN L 252 3.20 -1.12 21.58
C ASN L 252 4.60 -1.70 21.35
N ILE L 253 5.23 -2.14 22.42
CA ILE L 253 6.56 -2.74 22.34
C ILE L 253 6.47 -4.23 22.65
N PRO L 254 7.05 -5.08 21.78
CA PRO L 254 7.00 -6.52 22.01
C PRO L 254 7.85 -7.02 23.17
N PHE L 255 7.42 -8.14 23.74
CA PHE L 255 8.09 -8.78 24.86
C PHE L 255 8.82 -10.00 24.32
N ALA L 256 10.15 -9.99 24.40
CA ALA L 256 10.94 -11.10 23.90
C ALA L 256 11.27 -12.08 25.03
N MET L 257 10.87 -13.33 24.84
CA MET L 257 11.14 -14.35 25.84
C MET L 257 12.06 -15.39 25.23
N MET L 258 13.22 -15.57 25.84
CA MET L 258 14.19 -16.56 25.40
C MET L 258 14.13 -17.60 26.52
N ILE L 259 13.39 -18.67 26.24
CA ILE L 259 13.10 -19.73 27.19
C ILE L 259 13.87 -21.04 27.11
N GLY L 260 14.24 -21.57 28.27
CA GLY L 260 14.94 -22.83 28.33
C GLY L 260 16.32 -22.88 28.94
N VAL L 261 16.85 -21.75 29.39
CA VAL L 261 18.19 -21.76 29.97
C VAL L 261 18.19 -22.08 31.47
N LYS L 262 19.05 -23.02 31.86
CA LYS L 262 19.19 -23.43 33.25
C LYS L 262 20.52 -22.81 33.67
N LYS L 263 20.45 -21.71 34.40
CA LYS L 263 21.63 -20.97 34.80
C LYS L 263 22.59 -21.66 35.78
N ARG L 264 23.87 -21.39 35.55
CA ARG L 264 24.97 -21.87 36.37
C ARG L 264 24.94 -23.28 36.93
N VAL L 265 24.88 -24.29 36.06
CA VAL L 265 24.90 -25.66 36.55
C VAL L 265 26.37 -25.96 36.84
N HIS L 266 27.26 -25.17 36.25
CA HIS L 266 28.70 -25.30 36.54
C HIS L 266 29.19 -23.88 36.79
N PRO L 267 28.95 -23.37 38.00
CA PRO L 267 29.33 -22.02 38.42
C PRO L 267 30.76 -21.59 38.06
N ALA L 268 31.73 -22.48 38.20
CA ALA L 268 33.11 -22.14 37.89
C ALA L 268 33.35 -21.78 36.42
N LEU L 269 32.50 -22.25 35.52
CA LEU L 269 32.68 -21.93 34.09
C LEU L 269 32.22 -20.53 33.73
N GLY L 270 31.66 -19.82 34.69
CA GLY L 270 31.20 -18.47 34.41
C GLY L 270 30.11 -18.45 33.36
N ASP L 271 30.30 -17.62 32.33
CA ASP L 271 29.31 -17.52 31.26
C ASP L 271 29.13 -18.82 30.48
N ALA L 272 30.11 -19.72 30.58
CA ALA L 272 30.06 -21.00 29.89
C ALA L 272 29.44 -22.11 30.74
N GLY L 273 28.87 -21.73 31.87
CA GLY L 273 28.31 -22.74 32.75
C GLY L 273 26.80 -22.90 32.76
N ASP L 274 26.12 -22.50 31.67
CA ASP L 274 24.67 -22.63 31.60
C ASP L 274 24.25 -23.87 30.80
N PHE L 275 23.18 -24.51 31.26
CA PHE L 275 22.66 -25.73 30.64
C PHE L 275 21.29 -25.47 29.99
N VAL L 276 20.62 -26.53 29.53
CA VAL L 276 19.33 -26.41 28.84
C VAL L 276 18.30 -27.43 29.33
N GLY L 277 17.02 -27.12 29.10
CA GLY L 277 15.97 -28.04 29.48
C GLY L 277 14.72 -27.70 28.69
N LYS L 278 13.93 -28.72 28.34
CA LYS L 278 12.71 -28.50 27.58
C LYS L 278 11.67 -27.84 28.47
N ALA L 279 10.95 -26.88 27.93
CA ALA L 279 9.93 -26.19 28.72
C ALA L 279 8.53 -26.62 28.33
N SER L 280 7.57 -26.28 29.18
CA SER L 280 6.17 -26.54 28.92
C SER L 280 5.75 -25.34 28.08
N MET L 281 4.83 -25.54 27.15
CA MET L 281 4.36 -24.46 26.31
C MET L 281 3.14 -23.74 26.91
N ASP L 282 2.59 -24.31 27.99
CA ASP L 282 1.42 -23.73 28.66
C ASP L 282 1.52 -22.24 28.97
N GLY L 283 2.65 -21.83 29.55
CA GLY L 283 2.82 -20.42 29.89
C GLY L 283 2.81 -19.52 28.67
N VAL L 284 3.51 -19.95 27.62
CA VAL L 284 3.57 -19.18 26.39
C VAL L 284 2.17 -19.17 25.75
N GLU L 285 1.50 -20.31 25.78
CA GLU L 285 0.16 -20.43 25.23
C GLU L 285 -0.80 -19.45 25.91
N HIS L 286 -0.75 -19.42 27.24
CA HIS L 286 -1.62 -18.55 28.03
C HIS L 286 -1.39 -17.09 27.69
N LEU L 287 -0.13 -16.69 27.68
CA LEU L 287 0.23 -15.31 27.38
C LEU L 287 -0.28 -14.86 26.01
N LEU L 288 -0.08 -15.69 25.00
CA LEU L 288 -0.52 -15.37 23.65
C LEU L 288 -2.04 -15.25 23.56
N ARG L 289 -2.75 -16.22 24.12
CA ARG L 289 -4.21 -16.20 24.07
C ARG L 289 -4.83 -15.12 24.94
N GLU L 290 -4.37 -15.01 26.18
CA GLU L 290 -4.94 -14.04 27.11
C GLU L 290 -4.55 -12.58 26.92
N TYR L 291 -3.48 -12.32 26.19
CA TYR L 291 -3.04 -10.93 25.96
C TYR L 291 -2.92 -10.67 24.45
N PRO L 292 -4.06 -10.72 23.73
CA PRO L 292 -4.10 -10.50 22.29
C PRO L 292 -3.54 -9.17 21.80
N ASN L 293 -3.50 -8.17 22.68
CA ASN L 293 -2.99 -6.86 22.29
C ASN L 293 -1.50 -6.68 22.58
N ASN L 294 -0.85 -7.73 23.08
CA ASN L 294 0.59 -7.69 23.35
C ASN L 294 1.29 -8.50 22.28
N LYS L 295 2.51 -8.11 21.93
CA LYS L 295 3.27 -8.83 20.90
C LYS L 295 4.38 -9.61 21.59
N PHE L 296 4.63 -10.81 21.10
CA PHE L 296 5.65 -11.65 21.71
C PHE L 296 6.67 -12.20 20.74
N LEU L 297 7.94 -12.01 21.07
CA LEU L 297 9.04 -12.55 20.29
C LEU L 297 9.53 -13.71 21.13
N VAL L 298 9.57 -14.91 20.56
CA VAL L 298 10.03 -16.07 21.31
C VAL L 298 11.06 -16.94 20.61
N THR L 299 12.05 -17.39 21.37
CA THR L 299 13.04 -18.32 20.86
C THR L 299 13.26 -19.29 22.02
N MET L 300 13.46 -20.57 21.74
CA MET L 300 13.64 -21.54 22.81
C MET L 300 14.94 -22.32 22.65
N LEU L 301 15.53 -22.67 23.79
CA LEU L 301 16.81 -23.34 23.84
C LEU L 301 16.82 -24.85 23.59
N SER L 302 15.71 -25.52 23.88
CA SER L 302 15.66 -26.97 23.72
C SER L 302 15.30 -27.45 22.32
N ARG L 303 16.07 -28.41 21.82
CA ARG L 303 15.78 -28.97 20.51
C ARG L 303 14.35 -29.51 20.49
N GLU L 304 13.95 -30.11 21.61
CA GLU L 304 12.63 -30.72 21.72
C GLU L 304 11.42 -29.79 21.84
N ASN L 305 11.68 -28.48 21.89
CA ASN L 305 10.62 -27.48 21.97
C ASN L 305 10.34 -26.85 20.58
N GLN L 306 11.29 -27.01 19.67
CA GLN L 306 11.18 -26.37 18.35
C GLN L 306 9.95 -26.62 17.49
N HIS L 307 9.58 -27.88 17.29
CA HIS L 307 8.42 -28.16 16.47
C HIS L 307 7.12 -27.61 17.05
N GLU L 308 6.87 -27.85 18.34
CA GLU L 308 5.63 -27.37 18.93
C GLU L 308 5.58 -25.84 18.99
N LEU L 309 6.74 -25.20 19.04
CA LEU L 309 6.77 -23.73 19.06
C LEU L 309 6.25 -23.27 17.69
N VAL L 310 6.62 -23.97 16.64
CA VAL L 310 6.17 -23.63 15.29
C VAL L 310 4.65 -23.76 15.18
N VAL L 311 4.10 -24.85 15.73
CA VAL L 311 2.65 -25.07 15.70
C VAL L 311 1.93 -24.00 16.52
N LEU L 312 2.54 -23.57 17.62
CA LEU L 312 1.92 -22.54 18.45
C LEU L 312 1.85 -21.22 17.66
N ALA L 313 2.86 -20.97 16.83
CA ALA L 313 2.88 -19.77 16.00
C ALA L 313 1.74 -19.83 14.97
N ARG L 314 1.38 -21.05 14.56
CA ARG L 314 0.27 -21.23 13.62
C ARG L 314 -1.03 -20.82 14.29
N LYS L 315 -1.08 -20.95 15.61
CA LYS L 315 -2.27 -20.61 16.39
C LYS L 315 -2.43 -19.13 16.70
N PHE L 316 -1.32 -18.45 16.96
CA PHE L 316 -1.39 -17.04 17.33
C PHE L 316 -0.51 -16.08 16.51
N SER L 317 -1.14 -15.06 15.95
CA SER L 317 -0.43 -14.10 15.13
C SER L 317 0.35 -13.08 15.97
N ASN L 318 0.09 -13.04 17.27
CA ASN L 318 0.84 -12.12 18.13
C ASN L 318 2.11 -12.79 18.65
N LEU L 319 2.45 -13.92 18.04
CA LEU L 319 3.67 -14.65 18.34
C LEU L 319 4.58 -14.61 17.13
N MET L 320 5.77 -14.06 17.29
CA MET L 320 6.74 -14.02 16.19
C MET L 320 7.95 -14.81 16.70
N ILE L 321 8.21 -15.98 16.11
CA ILE L 321 9.36 -16.76 16.56
C ILE L 321 10.61 -16.27 15.84
N PHE L 322 11.75 -16.41 16.50
CA PHE L 322 13.01 -15.97 15.93
C PHE L 322 14.24 -16.78 16.32
N GLY L 323 15.21 -16.81 15.41
CA GLY L 323 16.48 -17.48 15.60
C GLY L 323 16.59 -18.94 16.01
N CYS L 324 17.85 -19.38 16.02
CA CYS L 324 18.26 -20.71 16.41
C CYS L 324 19.26 -20.32 17.48
N TRP L 325 18.75 -20.25 18.69
CA TRP L 325 19.46 -19.80 19.87
C TRP L 325 20.48 -20.68 20.57
N TRP L 326 21.68 -20.13 20.73
CA TRP L 326 22.73 -20.75 21.50
C TRP L 326 23.00 -22.21 21.11
N PHE L 327 22.55 -23.14 21.94
CA PHE L 327 22.76 -24.56 21.65
C PHE L 327 22.00 -25.03 20.40
N MET L 328 21.10 -24.19 19.89
CA MET L 328 20.35 -24.50 18.67
C MET L 328 21.15 -23.97 17.47
N ASN L 329 22.09 -23.06 17.76
CA ASN L 329 22.88 -22.42 16.71
C ASN L 329 23.98 -23.27 16.10
N ASN L 330 23.58 -24.44 15.62
CA ASN L 330 24.48 -25.39 14.98
C ASN L 330 23.83 -25.86 13.68
N PRO L 331 24.63 -25.99 12.61
CA PRO L 331 24.12 -26.41 11.29
C PRO L 331 23.05 -27.50 11.30
N GLU L 332 23.32 -28.63 11.96
CA GLU L 332 22.34 -29.71 11.98
C GLU L 332 20.98 -29.20 12.47
N ILE L 333 20.99 -28.42 13.54
CA ILE L 333 19.73 -27.90 14.10
C ILE L 333 19.16 -26.72 13.35
N ILE L 334 20.04 -25.81 12.93
CA ILE L 334 19.60 -24.63 12.19
C ILE L 334 18.83 -25.12 10.98
N ASN L 335 19.37 -26.16 10.35
CA ASN L 335 18.73 -26.72 9.19
C ASN L 335 17.33 -27.28 9.47
N GLU L 336 17.22 -28.21 10.42
CA GLU L 336 15.92 -28.80 10.69
C GLU L 336 14.89 -27.78 11.17
N MET L 337 15.32 -26.81 11.96
CA MET L 337 14.41 -25.78 12.45
C MET L 337 13.87 -24.91 11.32
N THR L 338 14.77 -24.43 10.46
CA THR L 338 14.36 -23.58 9.36
C THR L 338 13.40 -24.30 8.41
N ARG L 339 13.63 -25.59 8.20
CA ARG L 339 12.75 -26.35 7.31
C ARG L 339 11.36 -26.56 7.92
N MET L 340 11.31 -26.92 9.21
CA MET L 340 10.02 -27.11 9.88
C MET L 340 9.27 -25.77 9.90
N ARG L 341 9.99 -24.71 10.22
CA ARG L 341 9.40 -23.37 10.28
C ARG L 341 8.82 -22.93 8.95
N MET L 342 9.57 -23.10 7.87
CA MET L 342 9.07 -22.68 6.58
C MET L 342 7.92 -23.55 6.10
N GLU L 343 8.02 -24.85 6.34
CA GLU L 343 6.96 -25.75 5.91
C GLU L 343 5.60 -25.44 6.56
N MET L 344 5.62 -24.96 7.80
CA MET L 344 4.37 -24.65 8.51
C MET L 344 4.02 -23.16 8.61
N LEU L 345 4.98 -22.29 8.35
CA LEU L 345 4.74 -20.85 8.46
C LEU L 345 5.05 -20.07 7.19
N GLY L 346 5.57 -20.74 6.18
CA GLY L 346 5.91 -20.04 4.96
C GLY L 346 7.03 -19.07 5.31
N THR L 347 6.81 -17.77 5.14
CA THR L 347 7.83 -16.79 5.45
C THR L 347 7.49 -15.92 6.65
N SER L 348 6.52 -16.33 7.46
CA SER L 348 6.11 -15.52 8.60
C SER L 348 6.88 -15.79 9.90
N PHE L 349 8.20 -15.69 9.83
CA PHE L 349 9.07 -15.90 10.99
C PHE L 349 10.43 -15.29 10.72
N ILE L 350 11.21 -15.10 11.78
CA ILE L 350 12.56 -14.54 11.67
C ILE L 350 13.49 -15.71 11.87
N PRO L 351 14.12 -16.20 10.79
CA PRO L 351 15.03 -17.34 10.86
C PRO L 351 16.24 -17.30 11.77
N GLN L 352 16.91 -16.17 11.86
CA GLN L 352 18.13 -16.16 12.65
C GLN L 352 18.55 -14.81 13.23
N HIS L 353 19.40 -14.89 14.26
CA HIS L 353 20.01 -13.75 14.93
C HIS L 353 21.39 -14.31 15.27
N SER L 354 22.38 -13.45 15.42
CA SER L 354 23.75 -13.91 15.68
C SER L 354 24.11 -14.13 17.15
N ASP L 355 23.53 -13.32 18.03
CA ASP L 355 23.84 -13.42 19.45
C ASP L 355 25.32 -13.08 19.68
N ALA L 356 25.92 -12.38 18.73
CA ALA L 356 27.32 -12.01 18.81
C ALA L 356 27.75 -11.26 20.07
N ARG L 357 28.77 -11.80 20.74
CA ARG L 357 29.33 -11.20 21.93
C ARG L 357 30.61 -10.49 21.50
N VAL L 358 31.16 -10.90 20.36
CA VAL L 358 32.37 -10.31 19.81
C VAL L 358 32.10 -9.81 18.39
N LEU L 359 32.44 -8.55 18.15
CA LEU L 359 32.23 -7.90 16.86
C LEU L 359 32.40 -8.75 15.61
N GLU L 360 33.58 -9.30 15.43
CA GLU L 360 33.88 -10.11 14.25
C GLU L 360 32.97 -11.32 14.03
N GLN L 361 32.31 -11.80 15.09
CA GLN L 361 31.44 -12.96 14.95
C GLN L 361 30.29 -12.72 13.96
N LEU L 362 29.92 -11.47 13.77
CA LEU L 362 28.85 -11.15 12.83
C LEU L 362 29.17 -11.76 11.48
N ILE L 363 30.45 -11.87 11.18
CA ILE L 363 30.89 -12.44 9.91
C ILE L 363 30.55 -13.92 9.75
N TYR L 364 30.97 -14.75 10.70
CA TYR L 364 30.69 -16.18 10.57
C TYR L 364 29.24 -16.55 10.91
N LYS L 365 28.65 -15.84 11.85
CA LYS L 365 27.27 -16.12 12.24
C LYS L 365 26.39 -16.01 11.01
N TRP L 366 26.49 -14.88 10.30
CA TRP L 366 25.66 -14.70 9.12
C TRP L 366 26.09 -15.52 7.92
N HIS L 367 27.39 -15.72 7.76
CA HIS L 367 27.86 -16.51 6.64
C HIS L 367 27.41 -17.97 6.77
N HIS L 368 27.64 -18.57 7.93
CA HIS L 368 27.26 -19.96 8.16
C HIS L 368 25.74 -20.14 8.06
N SER L 369 24.98 -19.18 8.58
CA SER L 369 23.53 -19.26 8.56
C SER L 369 22.90 -18.97 7.20
N LYS L 370 23.41 -17.96 6.50
CA LYS L 370 22.85 -17.63 5.20
C LYS L 370 22.96 -18.78 4.23
N SER L 371 24.09 -19.49 4.24
CA SER L 371 24.25 -20.60 3.30
C SER L 371 23.21 -21.71 3.56
N ILE L 372 22.89 -21.92 4.83
CA ILE L 372 21.90 -22.94 5.19
C ILE L 372 20.50 -22.47 4.77
N ILE L 373 20.15 -21.25 5.16
CA ILE L 373 18.85 -20.68 4.83
C ILE L 373 18.67 -20.60 3.31
N ALA L 374 19.75 -20.30 2.59
CA ALA L 374 19.69 -20.21 1.13
C ALA L 374 19.32 -21.59 0.54
N GLU L 375 19.93 -22.65 1.07
CA GLU L 375 19.65 -23.99 0.58
C GLU L 375 18.20 -24.37 0.87
N VAL L 376 17.70 -23.96 2.03
CA VAL L 376 16.31 -24.25 2.37
C VAL L 376 15.37 -23.51 1.39
N LEU L 377 15.69 -22.24 1.10
CA LEU L 377 14.87 -21.46 0.19
C LEU L 377 14.90 -22.10 -1.20
N ILE L 378 16.06 -22.52 -1.66
CA ILE L 378 16.17 -23.13 -2.98
C ILE L 378 15.24 -24.34 -3.07
N ASP L 379 15.26 -25.22 -2.06
CA ASP L 379 14.39 -26.39 -2.07
C ASP L 379 12.92 -26.02 -2.12
N LYS L 380 12.50 -25.09 -1.26
CA LYS L 380 11.10 -24.67 -1.24
C LYS L 380 10.67 -23.93 -2.50
N TYR L 381 11.54 -23.10 -3.05
CA TYR L 381 11.20 -22.39 -4.28
C TYR L 381 11.11 -23.41 -5.42
N ASP L 382 11.99 -24.40 -5.40
CA ASP L 382 11.95 -25.39 -6.47
C ASP L 382 10.69 -26.25 -6.43
N ASP L 383 10.20 -26.54 -5.23
CA ASP L 383 8.99 -27.35 -5.11
C ASP L 383 7.78 -26.68 -5.72
N ILE L 384 7.64 -25.37 -5.57
CA ILE L 384 6.50 -24.70 -6.19
C ILE L 384 6.79 -24.42 -7.66
N LEU L 385 8.07 -24.25 -7.99
CA LEU L 385 8.47 -24.02 -9.38
C LEU L 385 8.09 -25.24 -10.20
N GLN L 386 8.42 -26.43 -9.70
CA GLN L 386 8.09 -27.66 -10.41
C GLN L 386 6.58 -27.90 -10.42
N ALA L 387 5.88 -27.32 -9.45
CA ALA L 387 4.43 -27.47 -9.39
C ALA L 387 3.78 -26.50 -10.38
N GLY L 388 4.60 -25.76 -11.11
CA GLY L 388 4.07 -24.84 -12.11
C GLY L 388 4.03 -23.38 -11.76
N TRP L 389 4.46 -23.02 -10.56
CA TRP L 389 4.42 -21.63 -10.13
C TRP L 389 5.53 -20.76 -10.71
N GLU L 390 5.17 -19.53 -11.09
CA GLU L 390 6.14 -18.58 -11.61
C GLU L 390 6.79 -17.87 -10.43
N VAL L 391 8.10 -18.01 -10.28
CA VAL L 391 8.80 -17.33 -9.21
C VAL L 391 9.72 -16.28 -9.86
N THR L 392 9.50 -15.02 -9.51
CA THR L 392 10.30 -13.95 -10.08
C THR L 392 11.41 -13.52 -9.14
N GLU L 393 12.46 -12.96 -9.71
CA GLU L 393 13.59 -12.50 -8.92
C GLU L 393 13.17 -11.43 -7.92
N GLU L 394 12.20 -10.62 -8.29
CA GLU L 394 11.72 -9.57 -7.40
C GLU L 394 10.98 -10.15 -6.22
N GLU L 395 10.28 -11.26 -6.43
CA GLU L 395 9.54 -11.88 -5.33
C GLU L 395 10.53 -12.54 -4.36
N ILE L 396 11.60 -13.11 -4.91
CA ILE L 396 12.60 -13.75 -4.07
C ILE L 396 13.29 -12.66 -3.24
N LYS L 397 13.55 -11.52 -3.86
CA LYS L 397 14.20 -10.42 -3.14
C LYS L 397 13.30 -9.94 -2.02
N ARG L 398 12.01 -9.88 -2.30
CA ARG L 398 11.01 -9.46 -1.33
C ARG L 398 10.93 -10.42 -0.15
N ASP L 399 10.83 -11.73 -0.44
CA ASP L 399 10.75 -12.75 0.59
C ASP L 399 12.02 -12.75 1.45
N VAL L 400 13.17 -12.70 0.81
CA VAL L 400 14.44 -12.70 1.52
C VAL L 400 14.57 -11.49 2.44
N ALA L 401 14.07 -10.34 1.98
CA ALA L 401 14.13 -9.13 2.80
C ALA L 401 13.22 -9.31 4.00
N ASP L 402 12.10 -9.99 3.81
CA ASP L 402 11.18 -10.23 4.92
C ASP L 402 11.87 -11.05 6.00
N LEU L 403 12.46 -12.17 5.61
CA LEU L 403 13.13 -13.08 6.54
C LEU L 403 14.30 -12.47 7.31
N PHE L 404 15.16 -11.75 6.61
CA PHE L 404 16.34 -11.15 7.23
C PHE L 404 16.19 -9.73 7.76
N SER L 405 15.05 -9.09 7.52
CA SER L 405 14.92 -7.73 8.02
C SER L 405 13.51 -7.17 8.24
N ARG L 406 12.68 -7.20 7.21
CA ARG L 406 11.34 -6.62 7.29
C ARG L 406 10.35 -7.25 8.26
N ASN L 407 10.42 -8.56 8.47
CA ASN L 407 9.47 -9.19 9.40
C ASN L 407 9.68 -8.62 10.78
N PHE L 408 10.94 -8.46 11.17
CA PHE L 408 11.25 -7.93 12.49
C PHE L 408 10.75 -6.51 12.67
N TRP L 409 11.18 -5.60 11.79
CA TRP L 409 10.77 -4.20 11.89
C TRP L 409 9.26 -4.04 11.83
N ARG L 410 8.61 -4.82 10.98
CA ARG L 410 7.17 -4.78 10.84
C ARG L 410 6.55 -5.23 12.17
N PHE L 411 7.13 -6.27 12.78
CA PHE L 411 6.59 -6.78 14.03
C PHE L 411 6.76 -5.81 15.20
N VAL L 412 7.94 -5.22 15.34
CA VAL L 412 8.18 -4.29 16.44
C VAL L 412 7.43 -2.97 16.23
N GLY L 413 6.74 -2.84 15.10
CA GLY L 413 5.96 -1.65 14.82
C GLY L 413 6.76 -0.39 14.59
N ARG L 414 7.90 -0.52 13.92
CA ARG L 414 8.75 0.62 13.63
C ARG L 414 9.62 0.34 12.40
O1A RAT M . 59.26 -29.85 -31.72
C1 RAT M . 58.84 -30.05 -30.54
O1B RAT M . 59.11 -31.05 -29.85
C2 RAT M . 57.92 -28.98 -29.92
O2 RAT M . 57.24 -29.58 -28.80
C3 RAT M . 58.70 -27.73 -29.44
O3 RAT M . 59.53 -28.08 -28.33
C4 RAT M . 57.76 -26.54 -29.02
O4 RAT M . 58.48 -25.30 -29.01
C5 RAT M . 57.11 -26.72 -27.62
O5A RAT M . 57.52 -26.00 -26.68
O5B RAT M . 56.20 -27.58 -27.51
C CO3 N . 54.08 -20.39 -29.12
O1 CO3 N . 53.04 -19.79 -29.67
O2 CO3 N . 54.67 -19.87 -28.08
O3 CO3 N . 54.56 -21.47 -29.65
C CO3 O . 36.23 -49.53 -39.25
O1 CO3 O . 37.15 -48.81 -38.68
O2 CO3 O . 35.88 -50.67 -38.73
O3 CO3 O . 35.54 -49.04 -40.23
ZN ZN P . 58.29 -31.06 -27.77
NA NA Q . 32.89 -29.20 -28.55
O1A RAT R . 30.20 -9.40 -46.13
C1 RAT R . 29.59 -9.11 -45.06
O1B RAT R . 29.73 -8.06 -44.42
C2 RAT R . 28.60 -10.15 -44.52
O2 RAT R . 28.58 -10.02 -43.09
C3 RAT R . 27.18 -9.96 -45.09
O3 RAT R . 26.61 -8.71 -44.67
C4 RAT R . 26.21 -11.13 -44.69
O4 RAT R . 25.14 -11.23 -45.63
C5 RAT R . 25.61 -10.97 -43.27
O5A RAT R . 24.38 -10.70 -43.17
O5B RAT R . 26.39 -11.15 -42.29
ZN ZN S . 28.87 -8.04 -42.19
CL CL T . 39.96 -28.83 -42.75
O1A RAT U . 29.18 -47.63 -47.62
C1 RAT U . 28.43 -47.68 -46.61
O1B RAT U . 27.19 -47.66 -46.64
C2 RAT U . 29.10 -47.78 -45.24
O2 RAT U . 28.12 -47.44 -44.23
C3 RAT U . 29.67 -49.20 -44.97
O3 RAT U . 28.59 -50.18 -44.89
C4 RAT U . 30.52 -49.28 -43.67
O4 RAT U . 31.36 -50.43 -43.71
C5 RAT U . 29.65 -49.36 -42.38
O5A RAT U . 29.45 -50.47 -41.86
O5B RAT U . 29.20 -48.27 -41.92
C CO3 V . 22.39 -17.19 -45.17
O1 CO3 V . 22.33 -18.49 -45.33
O2 CO3 V . 21.27 -16.51 -45.10
O3 CO3 V . 23.50 -16.56 -45.41
ZN ZN W . 26.12 -47.98 -44.77
O1A RAT X . 8.83 33.66 -13.20
C1 RAT X . 8.41 33.47 -12.03
O1B RAT X . 8.69 32.51 -11.29
C2 RAT X . 7.47 34.54 -11.45
O2 RAT X . 6.70 33.93 -10.38
C3 RAT X . 8.24 35.76 -10.90
O3 RAT X . 9.03 35.38 -9.77
C4 RAT X . 7.33 36.95 -10.51
O4 RAT X . 8.08 38.17 -10.45
C5 RAT X . 6.65 36.77 -9.13
O5A RAT X . 7.09 37.39 -8.14
O5B RAT X . 5.66 35.99 -9.10
C CO3 Y . -14.42 14.09 -20.77
O1 CO3 Y . -13.44 14.76 -20.25
O2 CO3 Y . -14.69 12.91 -20.31
O3 CO3 Y . -14.99 14.52 -21.85
ZN ZN Z . 7.77 32.48 -9.27
NA NA AA . -17.61 34.36 -10.13
O1A RAT BA . -20.12 54.33 -27.61
C1 RAT BA . -20.70 54.62 -26.53
O1B RAT BA . -20.55 55.67 -25.87
C2 RAT BA . -21.68 53.57 -25.97
O2 RAT BA . -21.76 53.73 -24.54
C3 RAT BA . -23.09 53.70 -26.59
O3 RAT BA . -23.71 54.94 -26.19
C4 RAT BA . -24.04 52.53 -26.22
O4 RAT BA . -25.09 52.41 -27.20
C5 RAT BA . -24.70 52.69 -24.82
O5A RAT BA . -25.91 53.00 -24.75
O5B RAT BA . -23.95 52.50 -23.82
C CO3 CA . 3.60 43.12 -10.58
O1 CO3 CA . 2.60 43.78 -11.10
O2 CO3 CA . 4.21 43.60 -9.53
O3 CO3 CA . 4.11 42.12 -11.21
C CO3 DA . -27.91 46.60 -26.83
O1 CO3 DA . -27.81 45.31 -26.85
O2 CO3 DA . -29.05 47.17 -26.61
O3 CO3 DA . -26.89 47.32 -27.16
ZN ZN EA . -21.45 55.67 -23.76
CL CL FA . -10.48 34.72 -24.26
O1A RAT GA . -21.23 15.95 -29.33
C1 RAT GA . -21.98 15.88 -28.32
O1B RAT GA . -23.22 15.83 -28.34
C2 RAT GA . -21.30 15.83 -26.95
O2 RAT GA . -22.26 16.26 -25.97
C3 RAT GA . -20.79 14.42 -26.62
O3 RAT GA . -21.87 13.49 -26.57
C4 RAT GA . -19.98 14.35 -25.27
O4 RAT GA . -19.14 13.20 -25.26
C5 RAT GA . -20.89 14.28 -24.02
O5A RAT GA . -20.98 13.19 -23.39
O5B RAT GA . -21.48 15.36 -23.68
ZN ZN HA . -24.37 15.66 -26.38
O1A RAT IA . -28.48 10.89 47.02
C1 RAT IA . -27.83 10.59 46.00
O1B RAT IA . -26.59 10.35 45.98
C2 RAT IA . -28.58 10.51 44.67
O2 RAT IA . -27.72 11.00 43.62
C3 RAT IA . -29.04 9.08 44.34
O3 RAT IA . -27.90 8.23 44.16
C4 RAT IA . -29.94 8.99 43.06
O4 RAT IA . -30.77 7.82 43.09
C5 RAT IA . -29.13 8.96 41.74
O5A RAT IA . -28.98 7.86 41.17
O5B RAT IA . -28.68 10.06 41.32
C CO3 JA . -22.10 41.08 44.68
O1 CO3 JA . -22.16 39.78 44.76
O2 CO3 JA . -20.96 41.69 44.46
O3 CO3 JA . -23.16 41.79 44.97
ZN ZN KA . -25.48 10.35 43.89
CL CL LA . -39.75 29.24 42.86
O1A RAT MA . -59.58 28.17 32.78
C1 RAT MA . -59.12 27.97 31.64
O1B RAT MA . -59.33 26.96 30.94
C2 RAT MA . -58.22 29.06 31.05
O2 RAT MA . -57.50 28.50 29.94
C3 RAT MA . -59.05 30.28 30.59
O3 RAT MA . -59.92 29.88 29.53
C4 RAT MA . -58.18 31.49 30.12
O4 RAT MA . -58.96 32.70 30.15
C5 RAT MA . -57.64 31.29 28.69
O5A RAT MA . -58.22 31.90 27.75
O5B RAT MA . -56.64 30.53 28.54
C CO3 NA . -35.78 8.72 38.80
O1 CO3 NA . -36.82 9.35 38.40
O2 CO3 NA . -35.45 7.57 38.24
O3 CO3 NA . -35.16 9.11 39.88
ZN ZN OA . -58.69 26.95 28.81
NA NA PA . -33.32 29.05 28.43
O1A RAT QA . -30.00 48.74 45.94
C1 RAT QA . -29.50 49.04 44.82
O1B RAT QA . -29.76 50.07 44.17
C2 RAT QA . -28.50 48.07 44.20
O2 RAT QA . -28.42 48.35 42.79
C3 RAT QA . -27.08 48.20 44.85
O3 RAT QA . -26.51 49.47 44.52
C4 RAT QA . -26.07 47.07 44.44
O4 RAT QA . -24.93 47.06 45.31
C5 RAT QA . -25.55 47.20 42.98
O5A RAT QA . -24.36 47.55 42.81
O5B RAT QA . -26.36 46.92 42.06
C CO3 RA . -54.58 37.83 30.14
O1 CO3 RA . -53.47 38.28 30.63
O2 CO3 RA . -54.99 38.26 28.98
O3 CO3 RA . -55.07 36.73 30.63
ZN ZN SA . -28.84 50.30 42.06
O1A RAT TA . 21.95 -53.13 28.59
C1 RAT TA . 22.64 -53.34 27.58
O1B RAT TA . 23.87 -53.54 27.57
C2 RAT TA . 21.91 -53.34 26.22
O2 RAT TA . 22.85 -52.92 25.20
C3 RAT TA . 21.32 -54.73 25.89
O3 RAT TA . 22.39 -55.67 25.71
C4 RAT TA . 20.42 -54.73 24.61
O4 RAT TA . 19.53 -55.85 24.63
C5 RAT TA . 21.22 -54.80 23.29
O5A RAT TA . 21.37 -55.90 22.74
O5B RAT TA . 21.67 -53.70 22.86
C CO3 UA . 28.56 -22.69 26.52
O1 CO3 UA . 28.48 -23.99 26.42
O2 CO3 UA . 29.68 -22.09 26.26
O3 CO3 UA . 27.47 -22.00 26.64
ZN ZN VA . 24.89 -53.51 25.53
CL CL WA . 10.83 -34.54 24.51
O1A RAT XA . -8.99 -35.43 14.37
C1 RAT XA . -8.56 -35.61 13.20
O1B RAT XA . -8.83 -36.58 12.48
C2 RAT XA . -7.65 -34.52 12.62
O2 RAT XA . -6.93 -35.07 11.51
C3 RAT XA . -8.46 -33.29 12.14
O3 RAT XA . -9.29 -33.68 11.04
C4 RAT XA . -7.57 -32.08 11.72
O4 RAT XA . -8.33 -30.86 11.81
C5 RAT XA . -7.02 -32.20 10.28
O5A RAT XA . -7.51 -31.48 9.39
O5B RAT XA . -6.09 -33.04 10.11
C CO3 YA . 14.61 -54.98 20.39
O1 CO3 YA . 13.54 -54.41 19.93
O2 CO3 YA . 14.98 -56.13 19.90
O3 CO3 YA . 15.16 -54.55 21.49
C CO3 ZA . -3.99 -25.85 11.82
O1 CO3 ZA . -2.88 -25.33 12.22
O2 CO3 ZA . -4.59 -25.39 10.76
O3 CO3 ZA . -4.43 -26.95 12.38
ZN ZN AB . -8.10 -36.60 10.39
O1A RAT BB . 20.75 -14.83 27.68
C1 RAT BB . 21.23 -14.67 26.52
O1B RAT BB . 21.02 -13.69 25.78
C2 RAT BB . 22.17 -15.77 25.99
O2 RAT BB . 22.16 -15.70 24.55
C3 RAT BB . 23.62 -15.59 26.53
O3 RAT BB . 24.16 -14.33 26.11
C4 RAT BB . 24.60 -16.72 26.12
O4 RAT BB . 25.73 -16.73 27.00
C5 RAT BB . 25.15 -16.59 24.67
O5A RAT BB . 26.36 -16.30 24.52
O5B RAT BB . 24.33 -16.80 23.72
ZN ZN CB . 21.95 -13.51 23.77
NA NA DB . 17.42 -34.59 10.12
#